data_6PAR
#
_entry.id   6PAR
#
_cell.length_a   169.648
_cell.length_b   92.498
_cell.length_c   237.691
_cell.angle_alpha   90.000
_cell.angle_beta   110.340
_cell.angle_gamma   90.000
#
_symmetry.space_group_name_H-M   'P 1 21 1'
#
loop_
_entity.id
_entity.type
_entity.pdbx_description
1 polymer 'ATM1-type heavy metal exporter'
2 non-polymer 'PHOSPHOAMINOPHOSPHONIC ACID-ADENYLATE ESTER'
3 non-polymer 'MAGNESIUM ION'
#
_entity_poly.entity_id   1
_entity_poly.type   'polypeptide(L)'
_entity_poly.pdbx_seq_one_letter_code
;MPPETATNPKDARHDGWQTLKRFLPYLWPADNAVLRRRVVGAILMVLLGKATTLALPFAYKKAVDAMTLGGGAQPALTVA
LAFVLAYALGRFSGVLFDNLRNIVFERVGQDATRHLAENVFARLHKLSLRFHLARRTGEVTKVIERGTKSIDTMLYFLLF
NIAPTVIELTAVIVIFWLNFGLGLVTATILAVIAYVWTTRTITEWRTHLREKMNRLDGQALARAVDSLLNYETVKYFGAE
SREEARYASAARAYADAAVKSENSLGLLNIAQALIVNLLMAGAMAWTVYGWSQGKLTVGDLVFVNTYLTQLFRPLDMLGM
VYRTIRQGLIDMAEMFRLIDTHIEVADVPNAPALVVNRPSVTFDNVVFGYDRDREILHGLSFEVAAGSRVAIVGPSGAGK
STIARLLFRFYDPWEGRILIDGQDIAHVTQTSLRAALGIVPQDSVLFNDTIGYNIAYGRDGASRAEVDAAAKGAAIADFI
ARLPQGYDTEVGERGLKLSGGEKQRVAIARTLVKNPPILLFDEATSALDTRTEQDILSTMRAVASHRTTISIAHRLSTIA
DSDTILVLDQGRLAEQGSHLDLLRRDGLYAEMWARQAAESAEVSEAAEHHHHHH
;
_entity_poly.pdbx_strand_id   A,B,C,D,E,F
#
loop_
_chem_comp.id
_chem_comp.type
_chem_comp.name
_chem_comp.formula
ANP non-polymer 'PHOSPHOAMINOPHOSPHONIC ACID-ADENYLATE ESTER' 'C10 H17 N6 O12 P3'
MG non-polymer 'MAGNESIUM ION' 'Mg 2'
#
# COMPACT_ATOMS: atom_id res chain seq x y z
N ARG A 22 -13.35 27.19 35.71
CA ARG A 22 -13.62 25.76 35.71
C ARG A 22 -15.09 25.47 35.40
N PHE A 23 -15.37 25.18 34.14
CA PHE A 23 -16.70 24.80 33.67
C PHE A 23 -16.57 23.44 32.99
N LEU A 24 -16.30 22.41 33.79
CA LEU A 24 -15.96 21.07 33.31
C LEU A 24 -17.12 20.28 32.72
N PRO A 25 -18.28 20.15 33.42
CA PRO A 25 -19.29 19.17 32.98
C PRO A 25 -19.90 19.42 31.60
N TYR A 26 -19.53 20.53 30.95
CA TYR A 26 -20.19 20.90 29.70
C TYR A 26 -19.74 20.06 28.53
N LEU A 27 -18.47 19.62 28.51
CA LEU A 27 -17.99 18.77 27.42
C LEU A 27 -18.32 17.30 27.64
N TRP A 28 -18.66 16.92 28.87
CA TRP A 28 -18.91 15.52 29.17
C TRP A 28 -20.06 14.88 28.39
N PRO A 29 -21.14 15.58 28.01
CA PRO A 29 -22.14 14.95 27.14
C PRO A 29 -21.58 14.49 25.80
N ALA A 30 -20.36 14.88 25.45
CA ALA A 30 -19.82 14.56 24.13
C ALA A 30 -19.67 13.06 23.91
N ASP A 31 -19.35 12.30 24.96
CA ASP A 31 -19.13 10.87 24.79
C ASP A 31 -20.41 10.11 24.46
N ASN A 32 -21.58 10.77 24.54
CA ASN A 32 -22.81 10.17 24.05
C ASN A 32 -22.72 9.87 22.56
N ALA A 33 -21.92 10.64 21.83
CA ALA A 33 -21.81 10.48 20.39
C ALA A 33 -20.60 9.59 20.06
N VAL A 34 -20.23 9.55 18.78
CA VAL A 34 -19.13 8.72 18.32
C VAL A 34 -17.83 9.54 18.37
N LEU A 35 -17.87 10.66 19.11
CA LEU A 35 -16.71 11.53 19.20
C LEU A 35 -15.47 10.79 19.68
N ARG A 36 -15.65 9.80 20.57
CA ARG A 36 -14.56 8.89 20.93
C ARG A 36 -13.81 8.45 19.69
N ARG A 37 -14.51 7.72 18.80
CA ARG A 37 -13.94 7.25 17.55
C ARG A 37 -13.23 8.36 16.80
N ARG A 38 -13.78 9.58 16.85
CA ARG A 38 -13.17 10.69 16.13
C ARG A 38 -11.94 11.23 16.83
N VAL A 39 -11.97 11.36 18.16
CA VAL A 39 -10.82 11.94 18.84
C VAL A 39 -9.67 10.93 18.93
N VAL A 40 -9.97 9.69 19.30
CA VAL A 40 -8.93 8.67 19.47
C VAL A 40 -8.13 8.53 18.19
N GLY A 41 -8.83 8.25 17.09
CA GLY A 41 -8.14 8.18 15.80
C GLY A 41 -7.31 9.41 15.53
N ALA A 42 -7.88 10.59 15.77
CA ALA A 42 -7.12 11.82 15.60
C ALA A 42 -5.84 11.78 16.40
N ILE A 43 -5.97 11.50 17.71
CA ILE A 43 -4.79 11.37 18.55
C ILE A 43 -3.85 10.31 17.97
N LEU A 44 -4.42 9.15 17.60
CA LEU A 44 -3.64 8.10 16.98
C LEU A 44 -2.83 8.64 15.82
N MET A 45 -3.50 9.37 14.93
CA MET A 45 -2.81 9.94 13.77
C MET A 45 -1.59 10.74 14.21
N VAL A 46 -1.79 11.66 15.16
CA VAL A 46 -0.68 12.47 15.67
C VAL A 46 0.48 11.57 16.06
N LEU A 47 0.21 10.57 16.90
CA LEU A 47 1.28 9.72 17.37
C LEU A 47 2.03 9.08 16.21
N LEU A 48 1.29 8.53 15.24
CA LEU A 48 1.93 7.91 14.10
C LEU A 48 2.80 8.93 13.36
N GLY A 49 2.27 10.13 13.15
CA GLY A 49 3.07 11.17 12.52
C GLY A 49 4.34 11.45 13.28
N LYS A 50 4.22 11.59 14.61
CA LYS A 50 5.41 11.83 15.42
C LYS A 50 6.36 10.66 15.32
N ALA A 51 5.81 9.43 15.25
CA ALA A 51 6.68 8.27 15.11
C ALA A 51 7.54 8.38 13.86
N THR A 52 6.92 8.80 12.74
CA THR A 52 7.72 8.93 11.52
C THR A 52 8.76 10.03 11.68
N THR A 53 8.41 11.10 12.40
CA THR A 53 9.37 12.18 12.62
C THR A 53 10.55 11.71 13.47
N LEU A 54 10.38 10.65 14.26
CA LEU A 54 11.50 10.09 14.98
C LEU A 54 12.30 9.12 14.12
N ALA A 55 11.67 8.51 13.12
CA ALA A 55 12.33 7.58 12.22
C ALA A 55 12.84 8.26 10.95
N LEU A 56 12.99 9.58 10.98
CA LEU A 56 13.43 10.35 9.82
C LEU A 56 14.94 10.61 9.84
N PRO A 57 15.56 10.93 10.99
CA PRO A 57 17.02 11.08 10.99
C PRO A 57 17.75 9.75 10.97
N PHE A 58 17.19 8.73 11.63
CA PHE A 58 17.71 7.38 11.46
C PHE A 58 17.67 6.97 9.98
N ALA A 59 16.62 7.40 9.28
CA ALA A 59 16.56 7.21 7.84
C ALA A 59 17.66 7.95 7.11
N TYR A 60 18.21 8.99 7.71
CA TYR A 60 19.23 9.83 7.08
C TYR A 60 20.65 9.44 7.46
N LYS A 61 20.81 8.47 8.36
CA LYS A 61 22.12 7.88 8.61
C LYS A 61 22.46 6.80 7.59
N LYS A 62 21.65 6.65 6.56
CA LYS A 62 22.03 5.88 5.39
C LYS A 62 23.14 6.55 4.60
N ALA A 63 23.41 7.82 4.89
CA ALA A 63 24.61 8.47 4.38
C ALA A 63 25.86 7.88 5.02
N VAL A 64 25.74 7.33 6.23
CA VAL A 64 26.85 6.59 6.82
C VAL A 64 27.23 5.42 5.92
N ASP A 65 26.23 4.70 5.42
CA ASP A 65 26.50 3.63 4.47
C ASP A 65 26.99 4.18 3.14
N ALA A 66 26.81 5.47 2.89
CA ALA A 66 27.35 6.13 1.72
C ALA A 66 28.80 6.58 1.91
N MET A 67 29.37 6.35 3.09
CA MET A 67 30.74 6.78 3.36
C MET A 67 31.46 5.75 4.24
N THR A 68 30.86 5.38 5.37
CA THR A 68 31.49 4.46 6.30
C THR A 68 31.04 3.04 6.01
N LEU A 69 32.01 2.16 5.70
CA LEU A 69 31.79 0.73 5.53
C LEU A 69 31.02 0.39 4.25
N GLY A 70 30.38 1.37 3.62
CA GLY A 70 29.64 1.07 2.41
C GLY A 70 28.35 0.35 2.75
N GLY A 71 28.05 -0.72 2.02
CA GLY A 71 26.83 -1.47 2.22
C GLY A 71 27.10 -2.95 2.45
N GLY A 72 26.22 -3.56 3.22
CA GLY A 72 26.34 -4.99 3.48
C GLY A 72 26.17 -5.83 2.23
N ALA A 73 25.11 -5.55 1.48
CA ALA A 73 24.88 -6.23 0.19
C ALA A 73 25.62 -5.50 -0.92
N GLN A 74 25.14 -4.31 -1.28
CA GLN A 74 25.82 -3.44 -2.22
C GLN A 74 25.97 -2.06 -1.60
N PRO A 75 27.10 -1.38 -1.81
CA PRO A 75 27.31 -0.09 -1.15
C PRO A 75 26.32 0.98 -1.56
N ALA A 76 26.01 1.10 -2.86
CA ALA A 76 25.13 2.16 -3.31
C ALA A 76 23.68 1.72 -3.44
N LEU A 77 23.39 0.42 -3.28
CA LEU A 77 22.02 -0.03 -3.38
C LEU A 77 21.30 0.15 -2.05
N THR A 78 21.94 -0.24 -0.95
CA THR A 78 21.39 0.04 0.36
C THR A 78 21.10 1.53 0.50
N VAL A 79 22.07 2.38 0.14
CA VAL A 79 21.90 3.81 0.33
C VAL A 79 20.76 4.33 -0.55
N ALA A 80 20.86 4.09 -1.86
CA ALA A 80 19.83 4.60 -2.76
C ALA A 80 18.43 4.16 -2.35
N LEU A 81 18.20 2.84 -2.33
CA LEU A 81 16.84 2.35 -2.12
C LEU A 81 16.34 2.64 -0.71
N ALA A 82 17.11 2.24 0.31
CA ALA A 82 16.67 2.43 1.67
C ALA A 82 16.43 3.90 1.96
N PHE A 83 17.31 4.77 1.47
CA PHE A 83 17.18 6.19 1.73
C PHE A 83 15.99 6.81 1.03
N VAL A 84 15.81 6.54 -0.27
CA VAL A 84 14.66 7.13 -0.96
C VAL A 84 13.38 6.71 -0.26
N LEU A 85 13.23 5.41 -0.01
CA LEU A 85 12.00 4.92 0.62
C LEU A 85 11.81 5.57 1.98
N ALA A 86 12.85 5.54 2.82
CA ALA A 86 12.66 5.91 4.21
C ALA A 86 12.45 7.41 4.34
N TYR A 87 13.35 8.22 3.77
CA TYR A 87 13.21 9.67 3.93
C TYR A 87 11.95 10.19 3.26
N ALA A 88 11.74 9.84 1.97
CA ALA A 88 10.56 10.34 1.26
C ALA A 88 9.28 9.92 1.96
N LEU A 89 9.14 8.62 2.23
CA LEU A 89 7.92 8.13 2.86
C LEU A 89 7.76 8.71 4.26
N GLY A 90 8.85 8.96 4.97
CA GLY A 90 8.73 9.52 6.31
C GLY A 90 8.19 10.93 6.30
N ARG A 91 8.75 11.80 5.45
CA ARG A 91 8.24 13.17 5.41
C ARG A 91 6.81 13.20 4.88
N PHE A 92 6.53 12.43 3.82
CA PHE A 92 5.18 12.41 3.26
C PHE A 92 4.18 11.87 4.26
N SER A 93 4.52 10.79 4.97
CA SER A 93 3.62 10.21 5.96
C SER A 93 3.43 11.13 7.15
N GLY A 94 4.45 11.89 7.54
CA GLY A 94 4.27 12.87 8.60
C GLY A 94 3.24 13.91 8.22
N VAL A 95 3.40 14.53 7.05
CA VAL A 95 2.43 15.53 6.61
C VAL A 95 1.06 14.90 6.41
N LEU A 96 1.04 13.67 5.89
CA LEU A 96 -0.21 12.97 5.64
C LEU A 96 -0.97 12.67 6.93
N PHE A 97 -0.25 12.26 7.98
CA PHE A 97 -0.90 11.98 9.25
C PHE A 97 -1.38 13.27 9.92
N ASP A 98 -0.59 14.34 9.83
CA ASP A 98 -1.06 15.62 10.35
C ASP A 98 -2.37 16.04 9.69
N ASN A 99 -2.40 16.01 8.35
CA ASN A 99 -3.61 16.44 7.66
C ASN A 99 -4.76 15.45 7.83
N LEU A 100 -4.46 14.16 8.04
CA LEU A 100 -5.52 13.21 8.33
C LEU A 100 -6.16 13.50 9.69
N ARG A 101 -5.33 13.82 10.69
CA ARG A 101 -5.87 14.27 11.97
C ARG A 101 -6.78 15.48 11.78
N ASN A 102 -6.30 16.49 11.07
CA ASN A 102 -7.13 17.66 10.80
C ASN A 102 -8.45 17.27 10.14
N ILE A 103 -8.39 16.39 9.15
CA ILE A 103 -9.56 16.08 8.34
C ILE A 103 -10.59 15.31 9.16
N VAL A 104 -10.13 14.37 10.00
CA VAL A 104 -11.06 13.60 10.81
C VAL A 104 -11.57 14.37 12.03
N PHE A 105 -10.84 15.38 12.50
CA PHE A 105 -11.27 16.14 13.66
C PHE A 105 -12.01 17.43 13.33
N GLU A 106 -12.02 17.85 12.06
CA GLU A 106 -12.64 19.13 11.73
C GLU A 106 -14.11 19.18 12.12
N ARG A 107 -14.84 18.09 11.92
CA ARG A 107 -16.26 18.06 12.29
C ARG A 107 -16.43 18.29 13.78
N VAL A 108 -15.68 17.57 14.61
CA VAL A 108 -15.77 17.72 16.05
C VAL A 108 -15.39 19.14 16.47
N GLY A 109 -14.35 19.69 15.85
CA GLY A 109 -13.91 21.03 16.22
C GLY A 109 -14.95 22.09 15.88
N GLN A 110 -15.55 21.99 14.69
CA GLN A 110 -16.58 22.95 14.31
C GLN A 110 -17.81 22.80 15.19
N ASP A 111 -18.17 21.57 15.55
CA ASP A 111 -19.31 21.36 16.44
C ASP A 111 -19.04 21.93 17.83
N ALA A 112 -17.81 21.80 18.32
CA ALA A 112 -17.47 22.37 19.62
C ALA A 112 -17.53 23.90 19.60
N THR A 113 -16.95 24.51 18.55
CA THR A 113 -17.02 25.97 18.43
C THR A 113 -18.47 26.43 18.35
N ARG A 114 -19.30 25.72 17.59
CA ARG A 114 -20.70 26.09 17.45
C ARG A 114 -21.43 25.99 18.78
N HIS A 115 -21.19 24.91 19.54
CA HIS A 115 -21.86 24.75 20.83
C HIS A 115 -21.42 25.85 21.79
N LEU A 116 -20.14 26.21 21.77
CA LEU A 116 -19.68 27.30 22.62
C LEU A 116 -20.37 28.61 22.25
N ALA A 117 -20.48 28.90 20.95
CA ALA A 117 -21.16 30.12 20.53
C ALA A 117 -22.63 30.13 20.92
N GLU A 118 -23.30 28.99 20.77
CA GLU A 118 -24.71 28.89 21.15
C GLU A 118 -24.90 29.12 22.64
N ASN A 119 -24.07 28.48 23.47
CA ASN A 119 -24.20 28.66 24.91
C ASN A 119 -23.87 30.09 25.32
N VAL A 120 -22.88 30.71 24.68
CA VAL A 120 -22.57 32.11 24.97
C VAL A 120 -23.76 33.00 24.62
N PHE A 121 -24.38 32.76 23.46
CA PHE A 121 -25.54 33.54 23.06
C PHE A 121 -26.69 33.38 24.06
N ALA A 122 -26.95 32.14 24.48
CA ALA A 122 -28.04 31.90 25.44
C ALA A 122 -27.75 32.59 26.77
N ARG A 123 -26.54 32.44 27.29
CA ARG A 123 -26.17 33.12 28.53
C ARG A 123 -26.23 34.63 28.38
N LEU A 124 -26.00 35.14 27.17
CA LEU A 124 -26.10 36.58 26.94
C LEU A 124 -27.56 37.04 26.99
N HIS A 125 -28.47 36.22 26.46
CA HIS A 125 -29.88 36.52 26.62
C HIS A 125 -30.40 36.25 28.02
N LYS A 126 -29.61 35.56 28.86
CA LYS A 126 -30.00 35.32 30.24
C LYS A 126 -29.71 36.50 31.15
N LEU A 127 -28.94 37.49 30.69
CA LEU A 127 -28.51 38.58 31.54
C LEU A 127 -29.67 39.54 31.81
N SER A 128 -29.48 40.40 32.81
CA SER A 128 -30.51 41.29 33.31
C SER A 128 -30.75 42.45 32.36
N LEU A 129 -31.88 43.14 32.58
CA LEU A 129 -32.20 44.31 31.77
C LEU A 129 -31.24 45.46 32.02
N ARG A 130 -30.75 45.61 33.25
CA ARG A 130 -29.81 46.68 33.56
C ARG A 130 -28.56 46.58 32.70
N PHE A 131 -28.03 45.37 32.54
CA PHE A 131 -26.85 45.17 31.70
C PHE A 131 -27.12 45.61 30.27
N HIS A 132 -28.20 45.12 29.67
CA HIS A 132 -28.48 45.44 28.27
C HIS A 132 -28.84 46.90 28.07
N LEU A 133 -29.37 47.57 29.10
CA LEU A 133 -29.60 49.00 28.99
C LEU A 133 -28.30 49.78 29.08
N ALA A 134 -27.34 49.29 29.86
CA ALA A 134 -26.06 49.96 30.02
C ALA A 134 -24.97 49.37 29.13
N ARG A 135 -25.30 48.43 28.24
CA ARG A 135 -24.30 47.76 27.45
C ARG A 135 -23.77 48.68 26.34
N ARG A 136 -22.69 48.23 25.71
CA ARG A 136 -22.15 48.83 24.49
C ARG A 136 -22.03 47.71 23.48
N THR A 137 -22.81 47.80 22.39
CA THR A 137 -22.95 46.66 21.49
C THR A 137 -21.61 46.27 20.85
N GLY A 138 -20.84 47.26 20.39
CA GLY A 138 -19.55 46.94 19.77
C GLY A 138 -18.58 46.29 20.75
N GLU A 139 -18.52 46.81 21.97
CA GLU A 139 -17.65 46.23 22.99
C GLU A 139 -18.05 44.79 23.29
N VAL A 140 -19.35 44.54 23.45
CA VAL A 140 -19.83 43.19 23.72
C VAL A 140 -19.49 42.27 22.54
N THR A 141 -19.67 42.76 21.32
CA THR A 141 -19.36 41.96 20.14
C THR A 141 -17.89 41.55 20.13
N LYS A 142 -17.00 42.53 20.32
CA LYS A 142 -15.57 42.22 20.28
C LYS A 142 -15.18 41.28 21.41
N VAL A 143 -15.72 41.50 22.62
CA VAL A 143 -15.35 40.66 23.75
C VAL A 143 -15.83 39.23 23.53
N ILE A 144 -17.06 39.06 23.05
CA ILE A 144 -17.58 37.71 22.81
C ILE A 144 -16.75 37.00 21.75
N GLU A 145 -16.50 37.67 20.62
CA GLU A 145 -15.72 37.06 19.55
C GLU A 145 -14.34 36.64 20.04
N ARG A 146 -13.62 37.57 20.67
CA ARG A 146 -12.25 37.28 21.11
C ARG A 146 -12.23 36.18 22.17
N GLY A 147 -13.18 36.19 23.11
CA GLY A 147 -13.19 35.16 24.14
C GLY A 147 -13.52 33.79 23.59
N THR A 148 -14.46 33.71 22.64
CA THR A 148 -14.77 32.42 22.02
C THR A 148 -13.57 31.88 21.25
N LYS A 149 -12.89 32.74 20.48
CA LYS A 149 -11.67 32.29 19.81
C LYS A 149 -10.62 31.82 20.82
N SER A 150 -10.49 32.54 21.94
CA SER A 150 -9.49 32.16 22.94
C SER A 150 -9.80 30.79 23.53
N ILE A 151 -11.06 30.54 23.88
CA ILE A 151 -11.42 29.26 24.46
C ILE A 151 -11.26 28.13 23.45
N ASP A 152 -11.65 28.37 22.19
CA ASP A 152 -11.51 27.34 21.18
C ASP A 152 -10.04 26.97 20.96
N THR A 153 -9.18 27.97 20.77
CA THR A 153 -7.76 27.68 20.56
C THR A 153 -7.14 27.07 21.81
N MET A 154 -7.60 27.45 22.99
CA MET A 154 -7.09 26.87 24.23
C MET A 154 -7.40 25.38 24.31
N LEU A 155 -8.66 25.01 24.04
CA LEU A 155 -9.02 23.60 24.06
C LEU A 155 -8.29 22.82 22.96
N TYR A 156 -8.16 23.42 21.78
CA TYR A 156 -7.44 22.77 20.69
C TYR A 156 -6.00 22.50 21.08
N PHE A 157 -5.34 23.46 21.72
CA PHE A 157 -3.95 23.27 22.13
C PHE A 157 -3.85 22.26 23.27
N LEU A 158 -4.84 22.23 24.16
CA LEU A 158 -4.82 21.24 25.23
C LEU A 158 -5.00 19.83 24.69
N LEU A 159 -5.71 19.68 23.57
CA LEU A 159 -5.92 18.35 23.01
C LEU A 159 -4.83 17.92 22.04
N PHE A 160 -4.23 18.84 21.28
CA PHE A 160 -3.31 18.46 20.22
C PHE A 160 -1.91 19.06 20.33
N ASN A 161 -1.60 19.80 21.40
CA ASN A 161 -0.29 20.44 21.45
C ASN A 161 0.36 20.36 22.83
N ILE A 162 -0.08 19.46 23.70
CA ILE A 162 0.56 19.37 25.01
C ILE A 162 1.22 18.01 25.18
N ALA A 163 0.44 16.95 24.98
CA ALA A 163 1.00 15.60 25.08
C ALA A 163 1.95 15.28 23.92
N PRO A 164 1.60 15.52 22.65
CA PRO A 164 2.55 15.18 21.57
C PRO A 164 3.88 15.92 21.66
N THR A 165 3.84 17.20 22.04
CA THR A 165 5.08 17.97 22.15
C THR A 165 5.98 17.41 23.25
N VAL A 166 5.39 17.09 24.40
CA VAL A 166 6.15 16.48 25.49
C VAL A 166 6.72 15.14 25.05
N ILE A 167 5.93 14.37 24.31
CA ILE A 167 6.40 13.07 23.82
C ILE A 167 7.63 13.25 22.93
N GLU A 168 7.55 14.18 21.97
CA GLU A 168 8.71 14.42 21.10
C GLU A 168 9.91 14.89 21.90
N LEU A 169 9.70 15.83 22.83
CA LEU A 169 10.81 16.35 23.63
C LEU A 169 11.51 15.24 24.39
N THR A 170 10.74 14.44 25.12
CA THR A 170 11.33 13.37 25.92
C THR A 170 11.96 12.30 25.04
N ALA A 171 11.32 11.96 23.92
CA ALA A 171 11.86 10.94 23.03
C ALA A 171 13.19 11.38 22.43
N VAL A 172 13.29 12.64 22.00
CA VAL A 172 14.53 13.10 21.40
C VAL A 172 15.63 13.20 22.46
N ILE A 173 15.25 13.58 23.68
CA ILE A 173 16.21 13.59 24.78
C ILE A 173 16.72 12.18 25.06
N VAL A 174 15.82 11.19 25.05
CA VAL A 174 16.22 9.81 25.29
C VAL A 174 17.13 9.31 24.17
N ILE A 175 16.83 9.68 22.93
CA ILE A 175 17.68 9.25 21.81
C ILE A 175 19.07 9.85 21.93
N PHE A 176 19.15 11.13 22.31
CA PHE A 176 20.46 11.74 22.54
C PHE A 176 21.19 11.06 23.69
N TRP A 177 20.46 10.73 24.76
CA TRP A 177 21.05 9.98 25.87
C TRP A 177 21.65 8.66 25.40
N LEU A 178 20.91 7.93 24.57
CA LEU A 178 21.34 6.59 24.16
C LEU A 178 22.54 6.67 23.22
N ASN A 179 22.46 7.53 22.21
CA ASN A 179 23.46 7.52 21.14
C ASN A 179 24.56 8.56 21.31
N PHE A 180 24.54 9.35 22.39
CA PHE A 180 25.54 10.39 22.53
C PHE A 180 25.97 10.65 23.97
N GLY A 181 25.67 9.76 24.92
CA GLY A 181 26.10 9.95 26.28
C GLY A 181 25.26 10.93 27.07
N LEU A 182 25.90 11.77 27.89
CA LEU A 182 25.18 12.70 28.76
C LEU A 182 25.54 14.16 28.53
N GLY A 183 26.40 14.47 27.57
CA GLY A 183 26.71 15.85 27.28
C GLY A 183 25.63 16.51 26.46
N LEU A 184 25.16 15.80 25.43
CA LEU A 184 24.14 16.35 24.55
C LEU A 184 22.83 16.58 25.31
N VAL A 185 22.46 15.64 26.19
CA VAL A 185 21.20 15.79 26.91
C VAL A 185 21.28 16.95 27.89
N THR A 186 22.44 17.15 28.54
CA THR A 186 22.57 18.28 29.45
C THR A 186 22.52 19.60 28.69
N ALA A 187 23.23 19.69 27.57
CA ALA A 187 23.16 20.91 26.76
C ALA A 187 21.74 21.17 26.26
N THR A 188 21.04 20.11 25.86
CA THR A 188 19.68 20.27 25.32
C THR A 188 18.70 20.70 26.41
N ILE A 189 18.79 20.11 27.61
CA ILE A 189 17.88 20.51 28.66
C ILE A 189 18.21 21.91 29.15
N LEU A 190 19.48 22.30 29.13
CA LEU A 190 19.82 23.69 29.46
C LEU A 190 19.23 24.65 28.44
N ALA A 191 19.33 24.31 27.15
CA ALA A 191 18.74 25.15 26.11
C ALA A 191 17.22 25.23 26.27
N VAL A 192 16.58 24.10 26.56
CA VAL A 192 15.13 24.07 26.72
C VAL A 192 14.70 24.89 27.93
N ILE A 193 15.48 24.84 29.00
CA ILE A 193 15.09 25.53 30.23
C ILE A 193 15.29 27.04 30.05
N ALA A 194 16.37 27.43 29.37
CA ALA A 194 16.54 28.85 29.05
C ALA A 194 15.49 29.31 28.05
N TYR A 195 15.00 28.41 27.21
CA TYR A 195 13.97 28.76 26.25
C TYR A 195 12.66 29.04 26.96
N VAL A 196 12.25 28.13 27.85
CA VAL A 196 10.99 28.33 28.58
C VAL A 196 11.10 29.55 29.49
N TRP A 197 12.29 29.82 30.03
CA TRP A 197 12.46 30.97 30.90
C TRP A 197 12.34 32.27 30.12
N THR A 198 13.07 32.38 29.00
CA THR A 198 12.96 33.59 28.16
C THR A 198 11.54 33.77 27.67
N THR A 199 10.88 32.68 27.26
CA THR A 199 9.50 32.77 26.80
C THR A 199 8.60 33.31 27.88
N ARG A 200 8.69 32.76 29.10
CA ARG A 200 7.88 33.26 30.21
C ARG A 200 8.15 34.73 30.47
N THR A 201 9.42 35.13 30.50
CA THR A 201 9.77 36.52 30.79
C THR A 201 9.18 37.47 29.75
N ILE A 202 9.38 37.16 28.47
CA ILE A 202 8.90 38.05 27.42
C ILE A 202 7.37 38.07 27.39
N THR A 203 6.73 36.92 27.58
CA THR A 203 5.27 36.87 27.61
C THR A 203 4.72 37.70 28.76
N GLU A 204 5.34 37.60 29.94
CA GLU A 204 4.90 38.42 31.07
C GLU A 204 5.12 39.89 30.81
N TRP A 205 6.18 40.25 30.08
CA TRP A 205 6.39 41.64 29.70
C TRP A 205 5.33 42.11 28.72
N ARG A 206 4.89 41.23 27.82
CA ARG A 206 3.97 41.58 26.76
C ARG A 206 2.50 41.54 27.20
N THR A 207 2.20 40.86 28.32
CA THR A 207 0.82 40.72 28.77
C THR A 207 0.17 42.08 29.00
N HIS A 208 0.89 43.04 29.59
CA HIS A 208 0.31 44.36 29.87
C HIS A 208 -0.05 45.08 28.58
N LEU A 209 0.88 45.10 27.62
CA LEU A 209 0.63 45.76 26.35
C LEU A 209 -0.53 45.10 25.61
N ARG A 210 -0.61 43.77 25.65
CA ARG A 210 -1.69 43.07 24.96
C ARG A 210 -3.04 43.33 25.61
N GLU A 211 -3.08 43.38 26.95
CA GLU A 211 -4.33 43.68 27.64
C GLU A 211 -4.82 45.09 27.30
N LYS A 212 -3.91 46.07 27.35
CA LYS A 212 -4.28 47.43 26.99
C LYS A 212 -4.72 47.51 25.53
N MET A 213 -4.06 46.75 24.65
CA MET A 213 -4.40 46.72 23.24
C MET A 213 -5.81 46.18 23.03
N ASN A 214 -6.14 45.07 23.70
CA ASN A 214 -7.49 44.50 23.59
C ASN A 214 -8.53 45.48 24.10
N ARG A 215 -8.25 46.15 25.22
CA ARG A 215 -9.21 47.10 25.78
C ARG A 215 -9.44 48.28 24.82
N LEU A 216 -8.36 48.81 24.23
CA LEU A 216 -8.50 49.93 23.31
C LEU A 216 -9.23 49.52 22.05
N ASP A 217 -8.97 48.31 21.54
CA ASP A 217 -9.70 47.83 20.37
C ASP A 217 -11.19 47.69 20.66
N GLY A 218 -11.52 47.14 21.83
CA GLY A 218 -12.92 47.05 22.21
C GLY A 218 -13.59 48.41 22.28
N GLN A 219 -12.92 49.39 22.88
CA GLN A 219 -13.50 50.72 22.96
C GLN A 219 -13.68 51.34 21.57
N ALA A 220 -12.71 51.14 20.68
CA ALA A 220 -12.82 51.70 19.34
C ALA A 220 -14.00 51.09 18.58
N LEU A 221 -14.15 49.77 18.65
CA LEU A 221 -15.27 49.14 17.95
C LEU A 221 -16.60 49.56 18.56
N ALA A 222 -16.65 49.70 19.89
CA ALA A 222 -17.88 50.15 20.53
C ALA A 222 -18.25 51.56 20.08
N ARG A 223 -17.25 52.45 20.00
CA ARG A 223 -17.52 53.81 19.54
C ARG A 223 -18.01 53.82 18.09
N ALA A 224 -17.41 52.99 17.24
CA ALA A 224 -17.85 52.92 15.85
C ALA A 224 -19.29 52.42 15.73
N VAL A 225 -19.64 51.38 16.50
CA VAL A 225 -21.00 50.85 16.45
C VAL A 225 -21.99 51.89 16.99
N ASP A 226 -21.59 52.62 18.04
CA ASP A 226 -22.46 53.66 18.56
C ASP A 226 -22.68 54.77 17.55
N SER A 227 -21.64 55.11 16.78
CA SER A 227 -21.81 56.09 15.71
C SER A 227 -22.74 55.55 14.62
N LEU A 228 -22.66 54.25 14.34
CA LEU A 228 -23.59 53.66 13.37
C LEU A 228 -25.03 53.77 13.86
N LEU A 229 -25.27 53.48 15.14
CA LEU A 229 -26.64 53.53 15.65
C LEU A 229 -27.21 54.95 15.59
N ASN A 230 -26.35 55.96 15.67
CA ASN A 230 -26.76 57.36 15.61
C ASN A 230 -26.46 58.01 14.26
N TYR A 231 -26.55 57.24 13.17
CA TYR A 231 -26.29 57.81 11.84
C TYR A 231 -27.20 59.00 11.58
N GLU A 232 -28.49 58.86 11.87
CA GLU A 232 -29.42 59.96 11.67
C GLU A 232 -29.07 61.15 12.55
N THR A 233 -28.60 60.90 13.78
CA THR A 233 -28.20 62.00 14.65
C THR A 233 -27.02 62.77 14.07
N VAL A 234 -25.98 62.03 13.66
CA VAL A 234 -24.81 62.65 13.05
C VAL A 234 -25.21 63.46 11.83
N LYS A 235 -26.13 62.93 11.02
CA LYS A 235 -26.61 63.67 9.86
C LYS A 235 -27.39 64.91 10.29
N TYR A 236 -28.17 64.81 11.36
CA TYR A 236 -28.98 65.93 11.82
C TYR A 236 -28.12 67.08 12.30
N PHE A 237 -26.95 66.78 12.88
CA PHE A 237 -26.09 67.83 13.43
C PHE A 237 -24.79 68.00 12.65
N GLY A 238 -24.66 67.36 11.50
CA GLY A 238 -23.49 67.57 10.64
C GLY A 238 -22.18 67.33 11.34
N ALA A 239 -22.12 66.31 12.20
CA ALA A 239 -20.93 65.99 12.97
C ALA A 239 -20.22 64.74 12.44
N GLU A 240 -20.11 64.63 11.12
CA GLU A 240 -19.38 63.50 10.54
C GLU A 240 -17.90 63.56 10.91
N SER A 241 -17.28 64.73 10.72
CA SER A 241 -15.86 64.87 11.04
C SER A 241 -15.60 64.67 12.53
N ARG A 242 -16.53 65.08 13.39
CA ARG A 242 -16.33 64.90 14.83
C ARG A 242 -16.30 63.41 15.18
N GLU A 243 -17.22 62.63 14.63
CA GLU A 243 -17.21 61.19 14.88
C GLU A 243 -15.99 60.53 14.25
N GLU A 244 -15.58 60.99 13.06
CA GLU A 244 -14.37 60.47 12.44
C GLU A 244 -13.15 60.67 13.34
N ALA A 245 -13.02 61.87 13.90
CA ALA A 245 -11.87 62.16 14.77
C ALA A 245 -11.94 61.38 16.07
N ARG A 246 -13.14 61.28 16.67
CA ARG A 246 -13.26 60.54 17.92
C ARG A 246 -13.05 59.04 17.72
N TYR A 247 -13.25 58.52 16.52
CA TYR A 247 -12.86 57.14 16.26
C TYR A 247 -11.37 57.03 15.98
N ALA A 248 -10.81 58.01 15.25
CA ALA A 248 -9.40 57.97 14.92
C ALA A 248 -8.53 58.05 16.17
N SER A 249 -9.02 58.70 17.22
CA SER A 249 -8.27 58.75 18.48
C SER A 249 -8.02 57.36 19.02
N ALA A 250 -9.10 56.58 19.24
CA ALA A 250 -8.95 55.22 19.73
C ALA A 250 -8.20 54.35 18.73
N ALA A 251 -8.38 54.60 17.42
CA ALA A 251 -7.64 53.85 16.42
C ALA A 251 -6.13 54.04 16.57
N ARG A 252 -5.71 55.29 16.77
CA ARG A 252 -4.29 55.60 16.90
C ARG A 252 -3.72 55.07 18.21
N ALA A 253 -4.52 55.10 19.28
CA ALA A 253 -4.09 54.47 20.53
C ALA A 253 -3.85 52.97 20.35
N TYR A 254 -4.83 52.29 19.73
CA TYR A 254 -4.67 50.87 19.44
C TYR A 254 -3.46 50.62 18.56
N ALA A 255 -3.20 51.51 17.59
CA ALA A 255 -2.07 51.33 16.69
C ALA A 255 -0.75 51.37 17.46
N ASP A 256 -0.61 52.34 18.36
CA ASP A 256 0.61 52.41 19.17
C ASP A 256 0.77 51.16 20.03
N ALA A 257 -0.31 50.75 20.69
CA ALA A 257 -0.24 49.56 21.54
C ALA A 257 0.14 48.32 20.73
N ALA A 258 -0.44 48.17 19.53
CA ALA A 258 -0.15 47.02 18.70
C ALA A 258 1.29 47.04 18.20
N VAL A 259 1.81 48.22 17.88
CA VAL A 259 3.22 48.32 17.48
C VAL A 259 4.11 47.80 18.61
N LYS A 260 3.83 48.26 19.84
CA LYS A 260 4.62 47.81 20.98
C LYS A 260 4.53 46.30 21.16
N SER A 261 3.32 45.74 21.06
CA SER A 261 3.13 44.31 21.28
C SER A 261 3.85 43.48 20.22
N GLU A 262 3.74 43.87 18.95
CA GLU A 262 4.37 43.08 17.90
C GLU A 262 5.89 43.22 17.93
N ASN A 263 6.41 44.37 18.35
CA ASN A 263 7.86 44.48 18.55
C ASN A 263 8.31 43.56 19.67
N SER A 264 7.53 43.48 20.75
CA SER A 264 7.83 42.52 21.82
C SER A 264 7.87 41.10 21.29
N LEU A 265 6.89 40.74 20.45
CA LEU A 265 6.87 39.40 19.88
C LEU A 265 8.11 39.13 19.01
N GLY A 266 8.51 40.12 18.21
CA GLY A 266 9.70 39.96 17.40
C GLY A 266 10.96 39.77 18.22
N LEU A 267 11.07 40.52 19.32
CA LEU A 267 12.22 40.35 20.22
C LEU A 267 12.22 38.95 20.83
N LEU A 268 11.05 38.45 21.21
CA LEU A 268 10.95 37.09 21.70
C LEU A 268 11.42 36.09 20.65
N ASN A 269 11.05 36.33 19.39
CA ASN A 269 11.44 35.42 18.33
C ASN A 269 12.96 35.40 18.14
N ILE A 270 13.59 36.58 18.17
CA ILE A 270 15.03 36.62 17.97
C ILE A 270 15.75 35.96 19.15
N ALA A 271 15.23 36.13 20.38
CA ALA A 271 15.85 35.47 21.52
C ALA A 271 15.73 33.96 21.42
N GLN A 272 14.55 33.46 21.04
CA GLN A 272 14.37 32.02 20.88
C GLN A 272 15.31 31.46 19.81
N ALA A 273 15.45 32.18 18.70
CA ALA A 273 16.35 31.73 17.64
C ALA A 273 17.79 31.71 18.12
N LEU A 274 18.19 32.74 18.89
CA LEU A 274 19.54 32.78 19.44
C LEU A 274 19.81 31.55 20.31
N ILE A 275 18.87 31.23 21.21
CA ILE A 275 19.08 30.09 22.11
C ILE A 275 19.19 28.80 21.31
N VAL A 276 18.24 28.56 20.41
CA VAL A 276 18.22 27.32 19.65
C VAL A 276 19.49 27.17 18.80
N ASN A 277 19.95 28.27 18.19
CA ASN A 277 21.09 28.16 17.30
C ASN A 277 22.41 28.08 18.07
N LEU A 278 22.49 28.64 19.27
CA LEU A 278 23.64 28.36 20.14
C LEU A 278 23.69 26.89 20.48
N LEU A 279 22.54 26.30 20.82
CA LEU A 279 22.51 24.85 21.05
C LEU A 279 22.94 24.09 19.81
N MET A 280 22.49 24.54 18.63
CA MET A 280 22.88 23.92 17.37
C MET A 280 24.39 23.92 17.20
N ALA A 281 25.01 25.09 17.32
CA ALA A 281 26.46 25.20 17.19
C ALA A 281 27.16 24.27 18.16
N GLY A 282 26.77 24.32 19.44
CA GLY A 282 27.43 23.49 20.43
C GLY A 282 27.31 22.00 20.12
N ALA A 283 26.09 21.57 19.75
CA ALA A 283 25.86 20.15 19.50
C ALA A 283 26.66 19.67 18.30
N MET A 284 26.60 20.39 17.18
CA MET A 284 27.31 19.93 16.00
C MET A 284 28.83 20.03 16.20
N ALA A 285 29.29 21.00 16.98
CA ALA A 285 30.72 21.09 17.28
C ALA A 285 31.18 19.89 18.10
N TRP A 286 30.41 19.53 19.13
CA TRP A 286 30.77 18.38 19.93
C TRP A 286 30.74 17.09 19.10
N THR A 287 29.77 16.98 18.18
CA THR A 287 29.70 15.76 17.36
C THR A 287 30.88 15.68 16.39
N VAL A 288 31.24 16.79 15.75
CA VAL A 288 32.37 16.73 14.81
C VAL A 288 33.68 16.57 15.57
N TYR A 289 33.78 17.12 16.79
CA TYR A 289 34.96 16.88 17.61
C TYR A 289 35.06 15.41 17.98
N GLY A 290 33.92 14.77 18.26
CA GLY A 290 33.93 13.33 18.46
C GLY A 290 34.38 12.59 17.21
N TRP A 291 33.95 13.06 16.04
CA TRP A 291 34.46 12.48 14.80
C TRP A 291 35.96 12.72 14.67
N SER A 292 36.41 13.94 14.94
CA SER A 292 37.83 14.27 14.82
C SER A 292 38.66 13.56 15.86
N GLN A 293 38.04 13.08 16.93
CA GLN A 293 38.70 12.23 17.92
C GLN A 293 38.53 10.76 17.61
N GLY A 294 37.82 10.42 16.54
CA GLY A 294 37.57 9.03 16.18
C GLY A 294 36.37 8.42 16.85
N LYS A 295 35.63 9.17 17.66
CA LYS A 295 34.50 8.63 18.40
C LYS A 295 33.26 8.48 17.54
N LEU A 296 32.93 9.53 16.79
CA LEU A 296 31.67 9.64 16.07
C LEU A 296 31.89 9.69 14.57
N THR A 297 30.81 9.55 13.82
CA THR A 297 30.84 9.61 12.37
C THR A 297 30.24 10.92 11.88
N VAL A 298 30.44 11.20 10.59
CA VAL A 298 29.83 12.38 9.99
C VAL A 298 28.32 12.22 9.88
N GLY A 299 27.85 10.99 9.66
CA GLY A 299 26.43 10.74 9.70
C GLY A 299 25.79 11.15 11.01
N ASP A 300 26.54 11.10 12.11
CA ASP A 300 26.03 11.61 13.37
C ASP A 300 25.82 13.11 13.31
N LEU A 301 26.59 13.83 12.50
CA LEU A 301 26.39 15.26 12.33
C LEU A 301 25.00 15.55 11.78
N VAL A 302 24.66 14.94 10.64
CA VAL A 302 23.32 15.14 10.07
C VAL A 302 22.26 14.57 10.99
N PHE A 303 22.59 13.50 11.72
CA PHE A 303 21.69 12.96 12.73
C PHE A 303 21.27 14.03 13.73
N VAL A 304 22.26 14.64 14.39
CA VAL A 304 21.97 15.69 15.37
C VAL A 304 21.34 16.89 14.72
N ASN A 305 21.73 17.21 13.47
CA ASN A 305 21.13 18.31 12.74
C ASN A 305 19.62 18.13 12.61
N THR A 306 19.23 17.00 12.03
CA THR A 306 17.81 16.76 11.78
C THR A 306 17.05 16.66 13.10
N TYR A 307 17.64 16.04 14.11
CA TYR A 307 16.94 15.92 15.39
C TYR A 307 16.79 17.29 16.06
N LEU A 308 17.79 18.17 15.91
CA LEU A 308 17.68 19.50 16.51
C LEU A 308 16.66 20.36 15.76
N THR A 309 16.55 20.22 14.45
CA THR A 309 15.50 20.94 13.73
C THR A 309 14.11 20.41 14.11
N GLN A 310 13.96 19.09 14.17
CA GLN A 310 12.71 18.46 14.54
C GLN A 310 12.38 18.68 16.01
N LEU A 311 13.35 19.13 16.82
CA LEU A 311 13.12 19.56 18.18
C LEU A 311 12.88 21.07 18.28
N PHE A 312 13.38 21.83 17.31
CA PHE A 312 13.18 23.27 17.28
C PHE A 312 11.76 23.62 16.83
N ARG A 313 11.17 22.79 15.99
CA ARG A 313 9.76 23.01 15.63
C ARG A 313 8.82 22.90 16.84
N PRO A 314 8.86 21.84 17.66
CA PRO A 314 7.94 21.76 18.79
C PRO A 314 8.18 22.79 19.87
N LEU A 315 9.42 23.23 20.10
CA LEU A 315 9.63 24.30 21.08
C LEU A 315 9.05 25.61 20.59
N ASP A 316 9.20 25.89 19.30
CA ASP A 316 8.55 27.05 18.70
C ASP A 316 7.04 26.92 18.80
N MET A 317 6.53 25.70 18.78
CA MET A 317 5.09 25.48 18.98
C MET A 317 4.70 25.73 20.43
N LEU A 318 5.51 25.26 21.38
CA LEU A 318 5.19 25.42 22.80
C LEU A 318 5.24 26.87 23.25
N GLY A 319 6.13 27.67 22.66
CA GLY A 319 6.12 29.09 22.97
C GLY A 319 4.78 29.75 22.69
N MET A 320 4.26 29.54 21.47
CA MET A 320 2.97 30.10 21.13
C MET A 320 1.84 29.41 21.88
N VAL A 321 2.00 28.13 22.24
CA VAL A 321 0.98 27.45 23.03
C VAL A 321 0.86 28.12 24.40
N TYR A 322 1.99 28.39 25.05
CA TYR A 322 1.97 29.05 26.35
C TYR A 322 1.39 30.46 26.23
N ARG A 323 1.83 31.22 25.21
CA ARG A 323 1.32 32.57 25.03
C ARG A 323 -0.20 32.55 24.83
N THR A 324 -0.67 31.63 23.98
CA THR A 324 -2.09 31.54 23.67
C THR A 324 -2.89 31.11 24.87
N ILE A 325 -2.38 30.17 25.68
CA ILE A 325 -3.11 29.73 26.85
C ILE A 325 -3.20 30.86 27.89
N ARG A 326 -2.10 31.61 28.07
CA ARG A 326 -2.11 32.72 29.01
C ARG A 326 -3.12 33.79 28.60
N GLN A 327 -3.02 34.29 27.36
CA GLN A 327 -3.96 35.32 26.95
C GLN A 327 -5.36 34.77 26.78
N GLY A 328 -5.51 33.49 26.44
CA GLY A 328 -6.83 32.90 26.39
C GLY A 328 -7.47 32.85 27.76
N LEU A 329 -6.67 32.60 28.80
CA LEU A 329 -7.20 32.65 30.15
C LEU A 329 -7.64 34.06 30.51
N ILE A 330 -6.84 35.08 30.15
CA ILE A 330 -7.25 36.44 30.51
C ILE A 330 -8.48 36.88 29.71
N ASP A 331 -8.56 36.50 28.43
CA ASP A 331 -9.74 36.83 27.63
C ASP A 331 -10.97 36.07 28.09
N MET A 332 -10.79 34.81 28.48
CA MET A 332 -11.88 34.03 29.06
C MET A 332 -12.38 34.66 30.33
N ALA A 333 -11.47 35.14 31.19
CA ALA A 333 -11.86 35.83 32.40
C ALA A 333 -12.64 37.10 32.07
N GLU A 334 -12.19 37.85 31.07
CA GLU A 334 -12.91 39.06 30.64
C GLU A 334 -14.33 38.72 30.20
N MET A 335 -14.46 37.80 29.24
CA MET A 335 -15.77 37.47 28.70
C MET A 335 -16.69 36.92 29.77
N PHE A 336 -16.20 36.02 30.63
CA PHE A 336 -17.03 35.48 31.69
C PHE A 336 -17.43 36.56 32.68
N ARG A 337 -16.49 37.44 33.06
CA ARG A 337 -16.81 38.58 33.90
C ARG A 337 -17.93 39.42 33.28
N LEU A 338 -18.04 39.42 31.96
CA LEU A 338 -19.17 40.10 31.34
C LEU A 338 -20.46 39.28 31.45
N ILE A 339 -20.36 37.96 31.33
CA ILE A 339 -21.53 37.07 31.43
C ILE A 339 -21.70 36.46 32.82
N ASP A 340 -21.01 36.96 33.84
CA ASP A 340 -21.16 36.33 35.15
C ASP A 340 -22.19 37.04 36.02
N THR A 341 -21.85 38.21 36.55
CA THR A 341 -22.60 38.83 37.65
C THR A 341 -23.69 39.79 37.18
N HIS A 342 -24.44 39.45 36.13
CA HIS A 342 -25.49 40.34 35.67
C HIS A 342 -26.84 39.64 35.65
N ILE A 343 -27.21 39.02 36.76
CA ILE A 343 -28.53 38.41 36.91
C ILE A 343 -29.16 38.85 38.23
N GLU A 344 -30.07 39.82 38.16
CA GLU A 344 -30.71 40.32 39.38
C GLU A 344 -31.89 39.43 39.78
N VAL A 345 -32.86 39.31 38.88
CA VAL A 345 -34.09 38.57 39.16
C VAL A 345 -33.85 37.09 38.90
N ALA A 346 -34.20 36.26 39.87
CA ALA A 346 -34.07 34.81 39.76
C ALA A 346 -35.23 34.14 40.47
N ASP A 347 -35.55 32.92 40.02
CA ASP A 347 -36.64 32.18 40.61
C ASP A 347 -36.24 31.62 41.97
N VAL A 348 -37.18 31.65 42.91
CA VAL A 348 -36.97 31.09 44.24
C VAL A 348 -36.97 29.57 44.10
N PRO A 349 -36.33 28.84 45.02
CA PRO A 349 -36.30 27.37 44.90
C PRO A 349 -37.70 26.77 44.90
N ASN A 350 -37.94 25.87 43.94
CA ASN A 350 -39.24 25.22 43.75
C ASN A 350 -40.35 26.26 43.60
N ALA A 351 -40.14 27.20 42.69
CA ALA A 351 -41.14 28.23 42.46
C ALA A 351 -42.33 27.63 41.71
N PRO A 352 -43.55 27.88 42.16
CA PRO A 352 -44.73 27.37 41.45
C PRO A 352 -45.04 28.25 40.24
N ALA A 353 -46.07 27.85 39.50
CA ALA A 353 -46.50 28.60 38.34
C ALA A 353 -47.61 29.57 38.71
N LEU A 354 -47.66 30.69 37.99
CA LEU A 354 -48.70 31.68 38.23
C LEU A 354 -50.03 31.17 37.68
N VAL A 355 -51.06 31.19 38.52
CA VAL A 355 -52.40 30.73 38.14
C VAL A 355 -53.29 31.95 38.05
N VAL A 356 -53.62 32.37 36.83
CA VAL A 356 -54.38 33.59 36.60
C VAL A 356 -55.83 33.17 36.41
N ASN A 357 -56.55 33.06 37.52
CA ASN A 357 -57.99 32.82 37.46
C ASN A 357 -58.74 34.14 37.30
N ARG A 358 -58.31 35.18 38.01
CA ARG A 358 -58.90 36.51 37.90
C ARG A 358 -57.77 37.49 37.65
N PRO A 359 -57.60 38.02 36.43
CA PRO A 359 -56.41 38.81 36.11
C PRO A 359 -56.41 40.19 36.75
N SER A 360 -56.19 40.24 38.06
CA SER A 360 -56.06 41.48 38.81
C SER A 360 -54.59 41.81 39.05
N VAL A 361 -54.33 43.09 39.30
CA VAL A 361 -52.97 43.57 39.58
C VAL A 361 -53.00 44.35 40.88
N THR A 362 -51.98 44.15 41.71
CA THR A 362 -51.92 44.79 43.02
C THR A 362 -50.51 45.29 43.28
N PHE A 363 -50.39 46.58 43.57
CA PHE A 363 -49.13 47.19 44.02
C PHE A 363 -49.27 47.47 45.50
N ASP A 364 -48.56 46.71 46.33
CA ASP A 364 -48.65 46.78 47.79
C ASP A 364 -47.41 47.48 48.32
N ASN A 365 -47.53 48.79 48.53
CA ASN A 365 -46.49 49.63 49.14
C ASN A 365 -45.13 49.42 48.49
N VAL A 366 -45.13 49.41 47.16
CA VAL A 366 -43.90 49.16 46.40
C VAL A 366 -43.00 50.38 46.51
N VAL A 367 -41.79 50.15 47.02
CA VAL A 367 -40.74 51.17 47.06
C VAL A 367 -39.63 50.67 46.16
N PHE A 368 -39.29 51.45 45.13
CA PHE A 368 -38.30 50.99 44.18
C PHE A 368 -37.54 52.17 43.60
N GLY A 369 -36.26 51.93 43.34
CA GLY A 369 -35.46 52.84 42.53
C GLY A 369 -34.47 52.02 41.75
N TYR A 370 -34.04 52.57 40.61
CA TYR A 370 -33.09 51.85 39.77
C TYR A 370 -31.72 51.77 40.44
N ASP A 371 -31.22 52.90 40.93
CA ASP A 371 -30.00 52.94 41.71
C ASP A 371 -30.33 53.42 43.12
N ARG A 372 -29.53 52.97 44.08
CA ARG A 372 -29.84 53.24 45.49
C ARG A 372 -29.73 54.71 45.85
N ASP A 373 -29.06 55.52 45.04
CA ASP A 373 -28.89 56.93 45.34
C ASP A 373 -30.05 57.79 44.86
N ARG A 374 -31.01 57.23 44.12
CA ARG A 374 -32.18 57.98 43.67
C ARG A 374 -33.38 57.04 43.67
N GLU A 375 -34.35 57.33 44.54
CA GLU A 375 -35.56 56.53 44.66
C GLU A 375 -36.67 57.14 43.81
N ILE A 376 -37.38 56.30 43.07
CA ILE A 376 -38.40 56.73 42.13
C ILE A 376 -39.81 56.46 42.66
N LEU A 377 -40.04 55.26 43.20
CA LEU A 377 -41.33 54.86 43.73
C LEU A 377 -41.27 54.87 45.26
N HIS A 378 -42.11 55.70 45.88
CA HIS A 378 -42.12 55.87 47.33
C HIS A 378 -43.41 55.25 47.89
N GLY A 379 -43.42 53.93 48.03
CA GLY A 379 -44.58 53.26 48.61
C GLY A 379 -45.86 53.40 47.82
N LEU A 380 -45.86 52.88 46.59
CA LEU A 380 -47.01 52.96 45.70
C LEU A 380 -47.93 51.76 45.92
N SER A 381 -49.22 52.04 46.02
CA SER A 381 -50.23 51.00 46.26
C SER A 381 -51.45 51.28 45.42
N PHE A 382 -51.86 50.30 44.62
CA PHE A 382 -53.11 50.42 43.87
C PHE A 382 -53.62 49.04 43.51
N GLU A 383 -54.90 49.00 43.12
CA GLU A 383 -55.60 47.75 42.83
C GLU A 383 -56.30 47.87 41.48
N VAL A 384 -55.75 47.21 40.47
CA VAL A 384 -56.38 47.09 39.16
C VAL A 384 -57.27 45.86 39.19
N ALA A 385 -58.58 46.07 39.14
CA ALA A 385 -59.52 44.98 39.26
C ALA A 385 -59.49 44.10 38.01
N ALA A 386 -59.79 42.81 38.21
CA ALA A 386 -59.75 41.86 37.11
C ALA A 386 -60.79 42.22 36.06
N GLY A 387 -60.37 42.22 34.79
CA GLY A 387 -61.26 42.55 33.71
C GLY A 387 -61.50 44.03 33.50
N SER A 388 -60.99 44.89 34.37
CA SER A 388 -61.21 46.32 34.24
C SER A 388 -60.28 46.90 33.18
N ARG A 389 -60.49 48.19 32.89
CA ARG A 389 -59.74 48.93 31.87
C ARG A 389 -59.21 50.19 32.55
N VAL A 390 -58.03 50.06 33.17
CA VAL A 390 -57.47 51.09 34.02
C VAL A 390 -56.39 51.86 33.27
N ALA A 391 -56.32 53.16 33.50
CA ALA A 391 -55.31 54.03 32.93
C ALA A 391 -54.37 54.53 34.01
N ILE A 392 -53.16 54.92 33.59
CA ILE A 392 -52.14 55.48 34.49
C ILE A 392 -51.62 56.77 33.88
N VAL A 393 -51.84 57.89 34.57
CA VAL A 393 -51.38 59.20 34.12
C VAL A 393 -50.42 59.77 35.14
N GLY A 394 -49.73 60.83 34.72
CA GLY A 394 -48.80 61.53 35.55
C GLY A 394 -47.84 62.35 34.70
N PRO A 395 -47.08 63.23 35.34
CA PRO A 395 -46.10 64.02 34.59
C PRO A 395 -44.94 63.15 34.14
N SER A 396 -44.10 63.74 33.28
CA SER A 396 -42.96 63.00 32.75
C SER A 396 -41.93 62.80 33.87
N GLY A 397 -41.68 61.53 34.21
CA GLY A 397 -40.78 61.19 35.28
C GLY A 397 -41.45 60.70 36.55
N ALA A 398 -42.78 60.55 36.56
CA ALA A 398 -43.48 60.11 37.76
C ALA A 398 -43.20 58.65 38.07
N GLY A 399 -42.89 57.83 37.06
CA GLY A 399 -42.56 56.44 37.28
C GLY A 399 -43.60 55.46 36.77
N LYS A 400 -44.22 55.77 35.63
CA LYS A 400 -45.22 54.89 35.04
C LYS A 400 -44.58 53.73 34.30
N SER A 401 -43.62 54.02 33.41
CA SER A 401 -42.87 52.95 32.76
C SER A 401 -42.11 52.12 33.79
N THR A 402 -41.78 52.71 34.94
CA THR A 402 -41.20 51.93 36.03
C THR A 402 -42.20 50.93 36.56
N ILE A 403 -43.47 51.33 36.68
CA ILE A 403 -44.53 50.38 37.03
C ILE A 403 -44.58 49.26 36.01
N ALA A 404 -44.49 49.62 34.72
CA ALA A 404 -44.53 48.60 33.67
C ALA A 404 -43.37 47.62 33.80
N ARG A 405 -42.15 48.13 34.05
CA ARG A 405 -40.98 47.27 34.14
C ARG A 405 -41.03 46.39 35.39
N LEU A 406 -41.56 46.92 36.49
CA LEU A 406 -41.66 46.13 37.71
C LEU A 406 -42.73 45.04 37.58
N LEU A 407 -43.82 45.34 36.87
CA LEU A 407 -44.84 44.33 36.64
C LEU A 407 -44.30 43.16 35.85
N PHE A 408 -43.42 43.43 34.88
CA PHE A 408 -42.79 42.39 34.09
C PHE A 408 -41.61 41.76 34.81
N ARG A 409 -41.27 42.25 36.00
CA ARG A 409 -40.17 41.75 36.82
C ARG A 409 -38.84 41.81 36.07
N PHE A 410 -38.60 42.94 35.42
CA PHE A 410 -37.23 43.24 35.00
C PHE A 410 -36.38 43.62 36.19
N TYR A 411 -37.00 44.18 37.23
CA TYR A 411 -36.35 44.48 38.50
C TYR A 411 -37.25 44.01 39.64
N ASP A 412 -36.65 43.87 40.82
CA ASP A 412 -37.43 43.59 42.01
C ASP A 412 -37.53 44.86 42.87
N PRO A 413 -38.66 45.09 43.52
CA PRO A 413 -38.80 46.30 44.34
C PRO A 413 -37.98 46.20 45.61
N TRP A 414 -37.59 47.38 46.13
CA TRP A 414 -36.89 47.42 47.41
C TRP A 414 -37.79 46.99 48.55
N GLU A 415 -38.98 47.59 48.64
CA GLU A 415 -39.98 47.26 49.65
C GLU A 415 -41.32 47.06 48.95
N GLY A 416 -42.26 46.48 49.69
CA GLY A 416 -43.56 46.18 49.13
C GLY A 416 -43.49 45.01 48.16
N ARG A 417 -44.62 44.73 47.51
CA ARG A 417 -44.64 43.63 46.57
C ARG A 417 -45.69 43.89 45.49
N ILE A 418 -45.70 43.01 44.49
CA ILE A 418 -46.62 43.08 43.38
C ILE A 418 -47.34 41.74 43.25
N LEU A 419 -48.65 41.79 43.11
CA LEU A 419 -49.49 40.60 43.09
C LEU A 419 -50.26 40.54 41.78
N ILE A 420 -50.36 39.35 41.20
CA ILE A 420 -51.23 39.08 40.07
C ILE A 420 -52.17 37.96 40.52
N ASP A 421 -53.46 38.31 40.67
CA ASP A 421 -54.46 37.42 41.27
C ASP A 421 -54.02 36.96 42.66
N GLY A 422 -53.54 37.93 43.45
CA GLY A 422 -53.16 37.69 44.82
C GLY A 422 -51.86 36.94 45.03
N GLN A 423 -51.12 36.63 43.98
CA GLN A 423 -49.89 35.86 44.08
C GLN A 423 -48.70 36.79 43.86
N ASP A 424 -47.71 36.71 44.73
CA ASP A 424 -46.52 37.54 44.60
C ASP A 424 -45.74 37.11 43.37
N ILE A 425 -45.49 38.06 42.47
CA ILE A 425 -44.77 37.75 41.23
C ILE A 425 -43.36 37.26 41.54
N ALA A 426 -42.77 37.74 42.63
CA ALA A 426 -41.41 37.34 42.98
C ALA A 426 -41.31 35.89 43.47
N HIS A 427 -42.43 35.25 43.78
CA HIS A 427 -42.43 33.88 44.27
C HIS A 427 -42.96 32.88 43.23
N VAL A 428 -43.00 33.29 41.96
CA VAL A 428 -43.47 32.44 40.87
C VAL A 428 -42.44 32.47 39.76
N THR A 429 -42.41 31.38 38.98
CA THR A 429 -41.51 31.31 37.84
C THR A 429 -41.71 32.49 36.91
N GLN A 430 -40.59 33.05 36.43
CA GLN A 430 -40.66 34.20 35.53
C GLN A 430 -41.38 33.85 34.22
N THR A 431 -41.25 32.61 33.77
CA THR A 431 -41.88 32.21 32.51
C THR A 431 -43.39 32.32 32.60
N SER A 432 -43.98 31.78 33.67
CA SER A 432 -45.42 31.83 33.84
C SER A 432 -45.90 33.26 34.04
N LEU A 433 -45.15 34.05 34.81
CA LEU A 433 -45.50 35.45 35.01
C LEU A 433 -45.55 36.20 33.68
N ARG A 434 -44.48 36.10 32.90
CA ARG A 434 -44.41 36.82 31.62
C ARG A 434 -45.35 36.23 30.58
N ALA A 435 -45.82 34.99 30.75
CA ALA A 435 -46.80 34.45 29.84
C ALA A 435 -48.17 35.09 30.05
N ALA A 436 -48.47 35.53 31.27
CA ALA A 436 -49.73 36.18 31.58
C ALA A 436 -49.73 37.66 31.22
N LEU A 437 -48.61 38.23 30.84
CA LEU A 437 -48.50 39.66 30.54
C LEU A 437 -48.20 39.88 29.06
N GLY A 438 -48.78 40.94 28.51
CA GLY A 438 -48.47 41.37 27.16
C GLY A 438 -48.24 42.86 27.13
N ILE A 439 -47.01 43.28 26.80
CA ILE A 439 -46.60 44.67 26.95
C ILE A 439 -46.36 45.26 25.57
N VAL A 440 -46.96 46.41 25.30
CA VAL A 440 -46.58 47.27 24.19
C VAL A 440 -45.71 48.39 24.77
N PRO A 441 -44.40 48.36 24.57
CA PRO A 441 -43.51 49.28 25.29
C PRO A 441 -43.57 50.70 24.73
N GLN A 442 -43.04 51.62 25.52
CA GLN A 442 -42.92 53.01 25.07
C GLN A 442 -41.94 53.12 23.90
N ASP A 443 -40.87 52.33 23.95
CA ASP A 443 -39.88 52.27 22.87
C ASP A 443 -40.12 50.96 22.13
N SER A 444 -40.87 51.03 21.04
CA SER A 444 -41.21 49.84 20.25
C SER A 444 -40.07 49.52 19.30
N VAL A 445 -39.58 48.27 19.36
CA VAL A 445 -38.49 47.80 18.51
C VAL A 445 -38.95 46.55 17.79
N LEU A 446 -38.75 46.52 16.47
CA LEU A 446 -39.13 45.39 15.64
C LEU A 446 -37.89 44.69 15.13
N PHE A 447 -38.06 43.43 14.74
CA PHE A 447 -36.95 42.68 14.17
C PHE A 447 -36.71 43.13 12.73
N ASN A 448 -35.45 43.02 12.30
CA ASN A 448 -35.08 43.41 10.94
C ASN A 448 -35.55 42.33 9.97
N ASP A 449 -36.86 42.25 9.84
CA ASP A 449 -37.51 41.23 9.02
C ASP A 449 -38.77 41.84 8.42
N THR A 450 -39.74 40.99 8.07
CA THR A 450 -40.97 41.46 7.45
C THR A 450 -42.05 41.74 8.49
N ILE A 451 -43.11 42.43 8.04
CA ILE A 451 -44.24 42.73 8.92
C ILE A 451 -44.89 41.43 9.37
N GLY A 452 -45.00 40.45 8.48
CA GLY A 452 -45.61 39.19 8.84
C GLY A 452 -44.85 38.48 9.95
N TYR A 453 -43.51 38.44 9.84
CA TYR A 453 -42.70 37.81 10.88
C TYR A 453 -42.87 38.53 12.22
N ASN A 454 -42.86 39.86 12.20
CA ASN A 454 -43.00 40.61 13.44
C ASN A 454 -44.35 40.36 14.09
N ILE A 455 -45.44 40.43 13.31
CA ILE A 455 -46.76 40.23 13.88
C ILE A 455 -46.93 38.79 14.37
N ALA A 456 -46.40 37.82 13.63
CA ALA A 456 -46.52 36.43 14.05
C ALA A 456 -45.62 36.10 15.23
N TYR A 457 -44.63 36.95 15.52
CA TYR A 457 -43.74 36.73 16.65
C TYR A 457 -44.48 36.68 17.98
N GLY A 458 -45.73 37.16 18.02
CA GLY A 458 -46.48 37.17 19.28
C GLY A 458 -46.67 35.80 19.86
N ARG A 459 -46.87 34.79 19.01
CA ARG A 459 -47.02 33.42 19.47
C ARG A 459 -46.22 32.49 18.55
N ASP A 460 -45.53 31.54 19.16
CA ASP A 460 -44.71 30.59 18.41
C ASP A 460 -45.62 29.70 17.57
N GLY A 461 -45.40 29.72 16.26
CA GLY A 461 -46.24 28.95 15.36
C GLY A 461 -47.61 29.54 15.13
N ALA A 462 -47.71 30.87 15.12
CA ALA A 462 -48.99 31.51 14.89
C ALA A 462 -49.47 31.27 13.48
N SER A 463 -50.78 31.09 13.32
CA SER A 463 -51.35 30.83 12.01
C SER A 463 -51.64 32.13 11.28
N ARG A 464 -51.81 32.01 9.96
CA ARG A 464 -52.16 33.18 9.15
C ARG A 464 -53.47 33.80 9.60
N ALA A 465 -54.39 32.97 10.10
CA ALA A 465 -55.65 33.50 10.61
C ALA A 465 -55.41 34.40 11.80
N GLU A 466 -54.55 33.98 12.73
CA GLU A 466 -54.23 34.81 13.89
C GLU A 466 -53.55 36.10 13.48
N VAL A 467 -52.64 36.02 12.52
CA VAL A 467 -51.94 37.22 12.05
C VAL A 467 -52.92 38.21 11.43
N ASP A 468 -53.84 37.71 10.60
CA ASP A 468 -54.84 38.59 9.99
C ASP A 468 -55.77 39.18 11.05
N ALA A 469 -56.17 38.37 12.04
CA ALA A 469 -57.05 38.89 13.09
C ALA A 469 -56.37 39.99 13.88
N ALA A 470 -55.08 39.81 14.19
CA ALA A 470 -54.36 40.84 14.93
C ALA A 470 -54.14 42.08 14.09
N ALA A 471 -53.84 41.91 12.80
CA ALA A 471 -53.65 43.06 11.93
C ALA A 471 -54.94 43.86 11.79
N LYS A 472 -56.09 43.16 11.78
CA LYS A 472 -57.37 43.87 11.74
C LYS A 472 -57.64 44.56 13.07
N GLY A 473 -57.35 43.89 14.18
CA GLY A 473 -57.55 44.50 15.49
C GLY A 473 -56.62 45.65 15.76
N ALA A 474 -55.42 45.64 15.17
CA ALA A 474 -54.45 46.70 15.33
C ALA A 474 -54.56 47.78 14.25
N ALA A 475 -55.57 47.67 13.38
CA ALA A 475 -55.84 48.68 12.35
C ALA A 475 -54.68 48.84 11.37
N ILE A 476 -54.08 47.71 10.99
CA ILE A 476 -53.07 47.69 9.93
C ILE A 476 -53.37 46.68 8.84
N ALA A 477 -54.48 45.94 8.93
CA ALA A 477 -54.84 45.02 7.86
C ALA A 477 -55.00 45.76 6.54
N ASP A 478 -55.69 46.90 6.55
CA ASP A 478 -55.84 47.68 5.33
C ASP A 478 -54.51 48.25 4.85
N PHE A 479 -53.67 48.70 5.79
CA PHE A 479 -52.36 49.21 5.43
C PHE A 479 -51.52 48.13 4.76
N ILE A 480 -51.49 46.94 5.35
CA ILE A 480 -50.72 45.84 4.77
C ILE A 480 -51.30 45.45 3.41
N ALA A 481 -52.64 45.51 3.27
CA ALA A 481 -53.26 45.15 2.00
C ALA A 481 -52.83 46.08 0.88
N ARG A 482 -52.73 47.38 1.17
CA ARG A 482 -52.32 48.37 0.18
C ARG A 482 -50.82 48.40 -0.05
N LEU A 483 -50.06 47.53 0.62
CA LEU A 483 -48.62 47.59 0.38
C LEU A 483 -48.25 46.72 -0.81
N PRO A 484 -47.34 47.20 -1.67
CA PRO A 484 -46.96 46.42 -2.85
C PRO A 484 -46.41 45.05 -2.53
N GLN A 485 -45.70 44.89 -1.42
CA GLN A 485 -45.20 43.58 -1.00
C GLN A 485 -46.02 42.96 0.11
N GLY A 486 -47.01 43.67 0.63
CA GLY A 486 -47.93 43.12 1.63
C GLY A 486 -47.24 42.70 2.91
N TYR A 487 -47.55 41.49 3.37
CA TYR A 487 -46.95 40.96 4.60
C TYR A 487 -45.46 40.75 4.47
N ASP A 488 -44.92 40.76 3.25
CA ASP A 488 -43.50 40.52 3.02
C ASP A 488 -42.69 41.82 2.97
N THR A 489 -43.31 42.96 3.29
CA THR A 489 -42.56 44.22 3.30
C THR A 489 -41.53 44.21 4.42
N GLU A 490 -40.30 44.51 4.08
CA GLU A 490 -39.22 44.59 5.07
C GLU A 490 -39.38 45.88 5.87
N VAL A 491 -39.26 45.75 7.20
CA VAL A 491 -39.41 46.92 8.07
C VAL A 491 -38.09 47.60 8.37
N GLY A 492 -36.96 47.00 8.01
CA GLY A 492 -35.66 47.57 8.31
C GLY A 492 -35.25 47.33 9.75
N GLU A 493 -34.09 47.88 10.10
CA GLU A 493 -33.58 47.75 11.45
C GLU A 493 -34.43 48.58 12.41
N ARG A 494 -34.93 47.91 13.45
CA ARG A 494 -35.83 48.51 14.46
C ARG A 494 -37.12 49.03 13.84
N GLY A 495 -37.50 48.52 12.67
CA GLY A 495 -38.74 48.92 12.04
C GLY A 495 -38.81 50.35 11.57
N LEU A 496 -37.68 51.02 11.39
CA LEU A 496 -37.68 52.44 11.05
C LEU A 496 -38.14 52.72 9.62
N LYS A 497 -38.33 51.69 8.79
CA LYS A 497 -38.86 51.90 7.45
C LYS A 497 -40.37 52.07 7.45
N LEU A 498 -41.04 51.68 8.53
CA LEU A 498 -42.45 51.98 8.74
C LEU A 498 -42.58 53.33 9.43
N SER A 499 -43.77 53.89 9.38
CA SER A 499 -44.03 55.13 10.12
C SER A 499 -44.16 54.82 11.61
N GLY A 500 -44.22 55.87 12.42
CA GLY A 500 -44.33 55.67 13.86
C GLY A 500 -45.60 54.95 14.26
N GLY A 501 -46.73 55.42 13.74
CA GLY A 501 -48.00 54.76 14.05
C GLY A 501 -48.07 53.34 13.52
N GLU A 502 -47.49 53.11 12.34
CA GLU A 502 -47.46 51.76 11.78
C GLU A 502 -46.64 50.83 12.65
N LYS A 503 -45.49 51.29 13.16
CA LYS A 503 -44.69 50.48 14.07
C LYS A 503 -45.44 50.20 15.37
N GLN A 504 -46.09 51.21 15.93
CA GLN A 504 -46.86 51.02 17.15
C GLN A 504 -47.97 49.99 16.94
N ARG A 505 -48.64 50.07 15.79
CA ARG A 505 -49.71 49.12 15.51
C ARG A 505 -49.17 47.72 15.26
N VAL A 506 -47.96 47.60 14.69
CA VAL A 506 -47.35 46.28 14.56
C VAL A 506 -47.07 45.69 15.94
N ALA A 507 -46.60 46.52 16.87
CA ALA A 507 -46.37 46.03 18.24
C ALA A 507 -47.69 45.60 18.89
N ILE A 508 -48.75 46.39 18.70
CA ILE A 508 -50.05 46.02 19.21
C ILE A 508 -50.51 44.70 18.62
N ALA A 509 -50.27 44.49 17.32
CA ALA A 509 -50.64 43.24 16.68
C ALA A 509 -49.87 42.07 17.25
N ARG A 510 -48.59 42.26 17.56
CA ARG A 510 -47.82 41.22 18.22
C ARG A 510 -48.46 40.83 19.55
N THR A 511 -48.73 41.83 20.39
CA THR A 511 -49.29 41.52 21.70
C THR A 511 -50.69 40.93 21.60
N LEU A 512 -51.42 41.24 20.51
CA LEU A 512 -52.73 40.63 20.32
C LEU A 512 -52.60 39.18 19.86
N VAL A 513 -51.60 38.88 19.03
CA VAL A 513 -51.32 37.49 18.67
C VAL A 513 -50.98 36.70 19.93
N LYS A 514 -50.18 37.29 20.82
CA LYS A 514 -49.89 36.62 22.08
C LYS A 514 -51.15 36.37 22.89
N ASN A 515 -52.05 37.36 22.94
CA ASN A 515 -53.34 37.30 23.63
C ASN A 515 -53.19 36.82 25.06
N PRO A 516 -52.58 37.61 25.94
CA PRO A 516 -52.47 37.21 27.34
C PRO A 516 -53.65 37.73 28.14
N PRO A 517 -53.82 37.27 29.39
CA PRO A 517 -54.93 37.80 30.19
C PRO A 517 -54.73 39.25 30.60
N ILE A 518 -53.50 39.69 30.81
CA ILE A 518 -53.20 41.06 31.23
C ILE A 518 -52.45 41.75 30.10
N LEU A 519 -52.86 42.97 29.77
CA LEU A 519 -52.31 43.75 28.68
C LEU A 519 -51.91 45.11 29.22
N LEU A 520 -50.73 45.58 28.82
CA LEU A 520 -50.21 46.86 29.29
C LEU A 520 -49.70 47.64 28.08
N PHE A 521 -50.38 48.75 27.78
CA PHE A 521 -50.03 49.62 26.67
C PHE A 521 -49.31 50.84 27.24
N ASP A 522 -47.97 50.80 27.23
CA ASP A 522 -47.17 51.92 27.71
C ASP A 522 -46.98 52.87 26.53
N GLU A 523 -47.84 53.88 26.44
CA GLU A 523 -47.79 54.89 25.38
C GLU A 523 -47.85 54.21 24.01
N ALA A 524 -48.83 53.32 23.84
CA ALA A 524 -48.88 52.45 22.67
C ALA A 524 -49.46 53.14 21.44
N THR A 525 -50.31 54.14 21.62
CA THR A 525 -50.97 54.80 20.50
C THR A 525 -50.61 56.28 20.41
N SER A 526 -49.45 56.67 20.95
CA SER A 526 -49.06 58.07 20.94
C SER A 526 -48.77 58.59 19.54
N ALA A 527 -48.32 57.72 18.64
CA ALA A 527 -48.01 58.10 17.27
C ALA A 527 -49.16 57.81 16.31
N LEU A 528 -50.38 57.72 16.81
CA LEU A 528 -51.57 57.47 16.01
C LEU A 528 -52.51 58.66 16.09
N ASP A 529 -53.16 58.95 14.97
CA ASP A 529 -54.28 59.89 15.01
C ASP A 529 -55.40 59.31 15.87
N THR A 530 -56.22 60.20 16.41
CA THR A 530 -57.24 59.76 17.37
C THR A 530 -58.24 58.81 16.73
N ARG A 531 -58.48 58.93 15.42
CA ARG A 531 -59.44 58.06 14.76
C ARG A 531 -58.98 56.61 14.74
N THR A 532 -57.76 56.37 14.25
CA THR A 532 -57.21 55.01 14.24
C THR A 532 -57.10 54.46 15.65
N GLU A 533 -56.70 55.29 16.61
CA GLU A 533 -56.62 54.89 18.00
C GLU A 533 -57.96 54.39 18.50
N GLN A 534 -59.03 55.16 18.23
CA GLN A 534 -60.35 54.77 18.68
C GLN A 534 -60.84 53.53 17.95
N ASP A 535 -60.45 53.35 16.68
CA ASP A 535 -60.75 52.09 15.99
C ASP A 535 -60.16 50.91 16.73
N ILE A 536 -58.87 50.99 17.07
CA ILE A 536 -58.21 49.90 17.77
C ILE A 536 -58.87 49.64 19.11
N LEU A 537 -59.13 50.71 19.87
CA LEU A 537 -59.66 50.56 21.21
C LEU A 537 -61.08 50.01 21.20
N SER A 538 -61.93 50.47 20.26
CA SER A 538 -63.28 49.96 20.16
C SER A 538 -63.30 48.50 19.73
N THR A 539 -62.45 48.13 18.76
CA THR A 539 -62.36 46.74 18.35
C THR A 539 -61.94 45.87 19.53
N MET A 540 -60.97 46.33 20.32
CA MET A 540 -60.54 45.56 21.49
C MET A 540 -61.66 45.41 22.50
N ARG A 541 -62.34 46.51 22.83
CA ARG A 541 -63.44 46.43 23.80
C ARG A 541 -64.57 45.53 23.29
N ALA A 542 -64.73 45.42 21.97
CA ALA A 542 -65.77 44.55 21.44
C ALA A 542 -65.37 43.09 21.51
N VAL A 543 -64.17 42.74 21.01
CA VAL A 543 -63.80 41.33 20.93
C VAL A 543 -63.29 40.78 22.26
N ALA A 544 -62.77 41.63 23.14
CA ALA A 544 -62.27 41.18 24.43
C ALA A 544 -63.40 41.11 25.44
N SER A 545 -63.33 40.12 26.33
CA SER A 545 -64.36 39.91 27.34
C SER A 545 -63.83 40.09 28.75
N HIS A 546 -62.79 39.35 29.13
CA HIS A 546 -62.26 39.40 30.49
C HIS A 546 -60.78 39.82 30.50
N ARG A 547 -60.38 40.64 29.53
CA ARG A 547 -59.01 41.11 29.47
C ARG A 547 -58.83 42.32 30.37
N THR A 548 -57.76 42.32 31.16
CA THR A 548 -57.36 43.48 31.94
C THR A 548 -56.43 44.34 31.09
N THR A 549 -56.69 45.64 31.05
CA THR A 549 -55.97 46.55 30.15
C THR A 549 -55.49 47.77 30.94
N ILE A 550 -54.21 47.81 31.26
CA ILE A 550 -53.57 48.96 31.88
C ILE A 550 -52.94 49.80 30.77
N SER A 551 -53.24 51.09 30.74
CA SER A 551 -52.78 51.97 29.69
C SER A 551 -52.12 53.21 30.27
N ILE A 552 -51.00 53.61 29.68
CA ILE A 552 -50.27 54.81 30.08
C ILE A 552 -50.25 55.75 28.89
N ALA A 553 -50.62 57.02 29.11
CA ALA A 553 -50.68 57.97 28.01
C ALA A 553 -50.65 59.39 28.55
N HIS A 554 -49.94 60.27 27.82
CA HIS A 554 -49.99 61.69 28.10
C HIS A 554 -51.18 62.35 27.42
N ARG A 555 -51.61 61.81 26.29
CA ARG A 555 -52.83 62.27 25.63
C ARG A 555 -54.03 61.78 26.43
N LEU A 556 -54.69 62.69 27.15
CA LEU A 556 -55.74 62.26 28.07
C LEU A 556 -56.95 61.73 27.31
N SER A 557 -57.16 62.19 26.08
CA SER A 557 -58.27 61.70 25.27
C SER A 557 -58.17 60.22 24.98
N THR A 558 -56.97 59.66 25.01
CA THR A 558 -56.79 58.23 24.76
C THR A 558 -57.47 57.39 25.84
N ILE A 559 -57.50 57.88 27.07
CA ILE A 559 -57.90 57.07 28.21
C ILE A 559 -59.09 57.67 28.96
N ALA A 560 -59.78 58.65 28.37
CA ALA A 560 -60.87 59.30 29.08
C ALA A 560 -61.98 58.31 29.40
N ASP A 561 -62.23 57.35 28.50
CA ASP A 561 -63.29 56.37 28.68
C ASP A 561 -62.83 55.14 29.47
N SER A 562 -61.76 55.28 30.26
CA SER A 562 -61.30 54.17 31.08
C SER A 562 -62.24 53.97 32.27
N ASP A 563 -62.23 52.75 32.81
CA ASP A 563 -63.02 52.47 33.99
C ASP A 563 -62.52 53.29 35.17
N THR A 564 -61.21 53.30 35.39
CA THR A 564 -60.58 54.12 36.42
C THR A 564 -59.28 54.70 35.89
N ILE A 565 -58.92 55.85 36.42
CA ILE A 565 -57.68 56.54 36.08
C ILE A 565 -56.87 56.69 37.35
N LEU A 566 -55.60 56.29 37.29
CA LEU A 566 -54.69 56.38 38.42
C LEU A 566 -53.74 57.54 38.15
N VAL A 567 -53.82 58.57 38.99
CA VAL A 567 -52.94 59.73 38.88
C VAL A 567 -51.72 59.45 39.74
N LEU A 568 -50.54 59.48 39.13
CA LEU A 568 -49.29 59.21 39.81
C LEU A 568 -48.55 60.54 40.00
N ASP A 569 -48.14 60.80 41.24
CA ASP A 569 -47.45 62.04 41.56
C ASP A 569 -46.44 61.74 42.66
N GLN A 570 -45.21 62.24 42.47
CA GLN A 570 -44.14 62.08 43.46
C GLN A 570 -43.94 60.60 43.81
N GLY A 571 -44.05 59.74 42.80
CA GLY A 571 -43.86 58.32 43.01
C GLY A 571 -44.93 57.63 43.81
N ARG A 572 -46.03 58.31 44.13
CA ARG A 572 -47.14 57.70 44.86
C ARG A 572 -48.42 57.91 44.06
N LEU A 573 -49.51 57.34 44.58
CA LEU A 573 -50.83 57.43 43.95
C LEU A 573 -51.59 58.59 44.58
N ALA A 574 -51.81 59.65 43.80
CA ALA A 574 -52.49 60.84 44.30
C ALA A 574 -54.00 60.73 44.21
N GLU A 575 -54.53 60.41 43.03
CA GLU A 575 -55.96 60.32 42.80
C GLU A 575 -56.31 59.05 42.05
N GLN A 576 -57.60 58.71 42.10
CA GLN A 576 -58.11 57.53 41.40
C GLN A 576 -59.61 57.71 41.20
N GLY A 577 -60.09 57.35 40.01
CA GLY A 577 -61.51 57.42 39.72
C GLY A 577 -61.74 57.63 38.25
N SER A 578 -63.02 57.74 37.90
CA SER A 578 -63.43 57.91 36.52
C SER A 578 -63.12 59.34 36.05
N HIS A 579 -63.24 59.53 34.74
CA HIS A 579 -62.97 60.84 34.15
C HIS A 579 -63.91 61.90 34.73
N LEU A 580 -65.21 61.59 34.78
CA LEU A 580 -66.17 62.56 35.31
C LEU A 580 -65.94 62.80 36.79
N ASP A 581 -65.65 61.75 37.56
CA ASP A 581 -65.39 61.91 38.99
C ASP A 581 -64.17 62.80 39.22
N LEU A 582 -63.07 62.50 38.51
CA LEU A 582 -61.85 63.28 38.71
C LEU A 582 -62.03 64.72 38.24
N LEU A 583 -62.83 64.94 37.19
CA LEU A 583 -63.12 66.32 36.79
C LEU A 583 -63.95 67.05 37.84
N ARG A 584 -64.92 66.36 38.45
CA ARG A 584 -65.76 67.00 39.45
C ARG A 584 -65.01 67.21 40.76
N ARG A 585 -64.05 66.34 41.06
CA ARG A 585 -63.24 66.45 42.28
C ARG A 585 -62.25 67.60 42.23
N ASP A 586 -62.09 68.24 41.08
CA ASP A 586 -61.23 69.42 40.91
C ASP A 586 -59.85 69.17 41.48
N GLY A 587 -59.27 68.04 41.11
CA GLY A 587 -57.96 67.68 41.62
C GLY A 587 -56.84 67.84 40.62
N LEU A 588 -55.88 66.92 40.65
CA LEU A 588 -54.74 66.99 39.76
C LEU A 588 -55.11 66.59 38.34
N TYR A 589 -55.89 65.51 38.18
CA TYR A 589 -56.34 65.10 36.85
C TYR A 589 -57.20 66.17 36.20
N ALA A 590 -58.03 66.86 36.99
CA ALA A 590 -58.84 67.94 36.44
C ALA A 590 -57.96 69.04 35.87
N GLU A 591 -56.86 69.35 36.55
CA GLU A 591 -55.93 70.36 36.03
C GLU A 591 -55.30 69.89 34.73
N MET A 592 -54.89 68.62 34.65
CA MET A 592 -54.32 68.07 33.42
C MET A 592 -55.31 68.20 32.27
N TRP A 593 -56.56 67.79 32.49
CA TRP A 593 -57.53 67.80 31.40
C TRP A 593 -57.94 69.21 31.03
N ALA A 594 -57.96 70.13 32.00
CA ALA A 594 -58.27 71.52 31.67
C ALA A 594 -57.16 72.16 30.86
N ARG A 595 -55.90 71.86 31.20
CA ARG A 595 -54.79 72.44 30.44
C ARG A 595 -54.67 71.82 29.06
N GLN A 596 -55.05 70.55 28.91
CA GLN A 596 -54.91 69.92 27.60
C GLN A 596 -56.11 70.17 26.69
N ALA A 597 -57.32 70.23 27.25
CA ALA A 597 -58.51 70.54 26.47
C ALA A 597 -58.75 72.04 26.33
N ALA A 598 -57.72 72.86 26.51
CA ALA A 598 -57.86 74.30 26.41
C ALA A 598 -57.75 74.73 24.96
N GLU A 599 -58.74 75.47 24.48
CA GLU A 599 -58.80 75.88 23.09
C GLU A 599 -57.74 76.94 22.80
N TRP B 17 -7.17 43.40 -11.46
CA TRP B 17 -8.30 44.05 -12.11
C TRP B 17 -8.11 45.56 -12.16
N GLN B 18 -9.06 46.25 -12.80
CA GLN B 18 -9.03 47.70 -12.84
C GLN B 18 -9.40 48.33 -11.51
N THR B 19 -9.96 47.54 -10.58
CA THR B 19 -10.21 48.07 -9.24
C THR B 19 -8.90 48.46 -8.56
N LEU B 20 -7.85 47.66 -8.74
CA LEU B 20 -6.55 48.00 -8.16
C LEU B 20 -5.97 49.24 -8.82
N LYS B 21 -6.20 49.41 -10.13
CA LYS B 21 -5.80 50.65 -10.79
C LYS B 21 -6.63 51.84 -10.30
N ARG B 22 -7.89 51.59 -9.92
CA ARG B 22 -8.72 52.64 -9.37
C ARG B 22 -8.43 52.86 -7.89
N PHE B 23 -7.94 51.83 -7.20
CA PHE B 23 -7.62 51.95 -5.77
C PHE B 23 -6.26 52.60 -5.54
N LEU B 24 -5.35 52.47 -6.51
CA LEU B 24 -3.98 52.96 -6.34
C LEU B 24 -3.85 54.47 -6.09
N PRO B 25 -4.71 55.34 -6.62
CA PRO B 25 -4.59 56.77 -6.28
C PRO B 25 -4.60 57.07 -4.79
N TYR B 26 -5.06 56.14 -3.94
CA TYR B 26 -5.12 56.39 -2.51
C TYR B 26 -3.85 55.97 -1.78
N LEU B 27 -3.17 54.92 -2.25
CA LEU B 27 -1.84 54.59 -1.75
C LEU B 27 -0.76 55.53 -2.29
N TRP B 28 -1.15 56.52 -3.08
CA TRP B 28 -0.22 57.50 -3.66
C TRP B 28 0.12 58.58 -2.64
N PRO B 29 -0.85 59.10 -1.87
CA PRO B 29 -0.46 59.99 -0.75
C PRO B 29 0.41 59.31 0.28
N ALA B 30 0.31 57.99 0.44
CA ALA B 30 1.17 57.29 1.39
C ALA B 30 2.64 57.40 1.01
N ASP B 31 2.93 57.54 -0.29
CA ASP B 31 4.30 57.66 -0.76
C ASP B 31 5.02 58.87 -0.16
N ASN B 32 4.28 59.85 0.34
CA ASN B 32 4.88 61.07 0.89
C ASN B 32 4.99 60.92 2.41
N ALA B 33 6.07 60.27 2.83
CA ALA B 33 6.42 60.12 4.23
C ALA B 33 7.81 59.47 4.29
N VAL B 34 8.30 59.30 5.51
CA VAL B 34 9.61 58.71 5.73
C VAL B 34 9.41 57.21 5.61
N LEU B 35 8.17 56.79 5.37
CA LEU B 35 7.91 55.38 5.21
C LEU B 35 8.61 54.82 4.00
N ARG B 36 9.06 55.69 3.08
CA ARG B 36 9.98 55.24 2.04
C ARG B 36 11.18 54.54 2.65
N ARG B 37 11.78 55.17 3.66
CA ARG B 37 12.95 54.58 4.32
C ARG B 37 12.59 53.28 5.01
N ARG B 38 11.45 53.23 5.70
CA ARG B 38 11.08 52.02 6.43
C ARG B 38 10.80 50.86 5.49
N VAL B 39 10.13 51.11 4.36
CA VAL B 39 9.82 50.02 3.44
C VAL B 39 11.09 49.59 2.72
N VAL B 40 11.93 50.53 2.32
CA VAL B 40 13.21 50.18 1.70
C VAL B 40 14.04 49.32 2.64
N GLY B 41 14.21 49.77 3.88
CA GLY B 41 14.89 48.96 4.89
C GLY B 41 14.30 47.57 5.05
N ALA B 42 12.96 47.48 5.12
CA ALA B 42 12.31 46.19 5.22
C ALA B 42 12.68 45.28 4.05
N ILE B 43 12.54 45.78 2.83
CA ILE B 43 12.91 45.02 1.64
C ILE B 43 14.38 44.58 1.71
N LEU B 44 15.26 45.51 2.08
CA LEU B 44 16.68 45.20 2.26
C LEU B 44 16.87 44.04 3.23
N MET B 45 16.22 44.12 4.39
CA MET B 45 16.27 43.05 5.38
C MET B 45 15.86 41.71 4.78
N VAL B 46 14.72 41.71 4.08
CA VAL B 46 14.25 40.51 3.39
C VAL B 46 15.34 39.95 2.48
N LEU B 47 15.90 40.81 1.64
CA LEU B 47 16.93 40.38 0.69
C LEU B 47 18.13 39.77 1.42
N LEU B 48 18.60 40.42 2.48
CA LEU B 48 19.72 39.89 3.26
C LEU B 48 19.38 38.52 3.84
N GLY B 49 18.18 38.38 4.41
CA GLY B 49 17.76 37.09 4.92
C GLY B 49 17.73 36.01 3.86
N LYS B 50 17.20 36.32 2.68
CA LYS B 50 17.17 35.36 1.59
C LYS B 50 18.58 34.99 1.13
N ALA B 51 19.48 35.98 1.07
CA ALA B 51 20.87 35.69 0.71
C ALA B 51 21.49 34.74 1.72
N THR B 52 21.27 34.98 3.02
CA THR B 52 21.81 34.09 4.04
C THR B 52 21.21 32.70 3.95
N THR B 53 19.93 32.61 3.63
CA THR B 53 19.29 31.31 3.46
C THR B 53 19.89 30.57 2.28
N LEU B 54 20.19 31.28 1.20
CA LEU B 54 20.82 30.64 0.06
C LEU B 54 22.22 30.15 0.43
N ALA B 55 22.96 30.97 1.18
CA ALA B 55 24.34 30.63 1.49
C ALA B 55 24.44 29.54 2.57
N LEU B 56 23.38 29.30 3.33
CA LEU B 56 23.37 28.31 4.39
C LEU B 56 23.81 26.92 3.92
N PRO B 57 23.16 26.30 2.92
CA PRO B 57 23.60 24.96 2.51
C PRO B 57 24.85 24.96 1.66
N PHE B 58 25.28 26.12 1.15
CA PHE B 58 26.56 26.19 0.47
C PHE B 58 27.71 25.79 1.40
N ALA B 59 27.61 26.18 2.67
CA ALA B 59 28.66 25.88 3.63
C ALA B 59 28.25 24.80 4.63
N TYR B 60 26.98 24.41 4.68
CA TYR B 60 26.69 23.09 5.23
C TYR B 60 27.24 22.00 4.32
N LYS B 61 27.54 22.33 3.06
CA LYS B 61 28.22 21.42 2.15
C LYS B 61 29.73 21.45 2.43
N LYS B 62 30.10 21.65 3.68
CA LYS B 62 31.47 21.38 4.11
C LYS B 62 31.51 20.11 4.98
N ALA B 63 30.49 19.28 4.86
CA ALA B 63 30.55 17.91 5.35
C ALA B 63 31.49 17.10 4.47
N VAL B 64 31.67 17.53 3.22
CA VAL B 64 32.68 16.94 2.35
C VAL B 64 34.05 17.09 2.98
N ASP B 65 34.34 18.29 3.51
CA ASP B 65 35.62 18.55 4.18
C ASP B 65 35.74 17.77 5.47
N ALA B 66 34.66 17.17 5.96
CA ALA B 66 34.74 16.28 7.10
C ALA B 66 35.29 14.93 6.65
N MET B 67 34.65 14.28 5.69
CA MET B 67 35.14 12.98 5.25
C MET B 67 36.27 13.13 4.25
N THR B 68 36.05 13.89 3.19
CA THR B 68 37.05 14.03 2.15
C THR B 68 37.97 15.19 2.51
N LEU B 69 39.28 14.94 2.41
CA LEU B 69 40.27 15.74 3.12
C LEU B 69 39.95 15.73 4.62
N GLY B 70 40.12 14.52 5.20
CA GLY B 70 39.70 14.28 6.56
C GLY B 70 40.66 13.34 7.27
N GLY B 71 40.42 13.17 8.56
CA GLY B 71 41.28 12.33 9.38
C GLY B 71 42.52 13.03 9.89
N GLY B 72 42.42 14.32 10.22
CA GLY B 72 43.57 15.06 10.69
C GLY B 72 43.14 16.28 11.47
N ALA B 73 44.10 17.18 11.69
CA ALA B 73 43.87 18.38 12.47
C ALA B 73 43.35 19.54 11.61
N GLN B 74 43.89 19.70 10.41
CA GLN B 74 43.37 20.71 9.48
C GLN B 74 41.91 20.46 9.08
N PRO B 75 41.49 19.23 8.74
CA PRO B 75 40.07 19.02 8.43
C PRO B 75 39.14 19.41 9.55
N ALA B 76 39.50 19.10 10.81
CA ALA B 76 38.62 19.41 11.91
C ALA B 76 38.51 20.90 12.14
N LEU B 77 39.52 21.65 11.71
CA LEU B 77 39.48 23.11 11.81
C LEU B 77 38.58 23.68 10.74
N THR B 78 38.76 23.20 9.51
CA THR B 78 37.87 23.60 8.42
C THR B 78 36.42 23.35 8.78
N VAL B 79 36.10 22.13 9.23
CA VAL B 79 34.70 21.79 9.50
C VAL B 79 34.15 22.57 10.69
N ALA B 80 34.84 22.52 11.84
CA ALA B 80 34.36 23.22 13.03
C ALA B 80 34.04 24.66 12.69
N LEU B 81 35.05 25.38 12.17
CA LEU B 81 34.86 26.79 11.89
C LEU B 81 33.80 26.97 10.82
N ALA B 82 33.81 26.12 9.80
CA ALA B 82 32.92 26.25 8.68
C ALA B 82 31.46 26.21 9.10
N PHE B 83 31.06 25.17 9.83
CA PHE B 83 29.65 25.09 10.20
C PHE B 83 29.32 26.11 11.28
N VAL B 84 30.17 26.24 12.32
CA VAL B 84 29.88 27.21 13.38
C VAL B 84 29.67 28.60 12.79
N LEU B 85 30.60 29.03 11.94
CA LEU B 85 30.50 30.35 11.32
C LEU B 85 29.29 30.44 10.40
N ALA B 86 29.15 29.50 9.47
CA ALA B 86 28.15 29.66 8.42
C ALA B 86 26.76 29.16 8.79
N TYR B 87 26.63 27.88 9.18
CA TYR B 87 25.30 27.30 9.39
C TYR B 87 24.55 27.93 10.56
N ALA B 88 25.13 27.84 11.76
CA ALA B 88 24.43 28.36 12.94
C ALA B 88 24.19 29.85 12.82
N LEU B 89 25.26 30.61 12.57
CA LEU B 89 25.14 32.06 12.49
C LEU B 89 24.26 32.48 11.32
N GLY B 90 24.27 31.71 10.22
CA GLY B 90 23.46 32.04 9.07
C GLY B 90 21.97 31.88 9.34
N ARG B 91 21.58 30.74 9.92
CA ARG B 91 20.16 30.58 10.22
C ARG B 91 19.73 31.62 11.26
N PHE B 92 20.60 31.90 12.24
CA PHE B 92 20.25 32.93 13.22
C PHE B 92 20.09 34.29 12.56
N SER B 93 20.99 34.65 11.65
CA SER B 93 20.89 35.93 10.97
C SER B 93 19.68 35.98 10.04
N GLY B 94 19.31 34.85 9.44
CA GLY B 94 18.09 34.82 8.64
C GLY B 94 16.86 35.11 9.47
N VAL B 95 16.71 34.42 10.60
CA VAL B 95 15.56 34.68 11.47
C VAL B 95 15.61 36.10 12.01
N LEU B 96 16.82 36.57 12.33
CA LEU B 96 17.00 37.92 12.86
C LEU B 96 16.60 38.97 11.83
N PHE B 97 16.94 38.75 10.56
CA PHE B 97 16.57 39.70 9.51
C PHE B 97 15.08 39.66 9.23
N ASP B 98 14.47 38.47 9.27
CA ASP B 98 13.02 38.39 9.13
C ASP B 98 12.33 39.22 10.21
N ASN B 99 12.73 39.02 11.47
CA ASN B 99 12.10 39.76 12.55
C ASN B 99 12.48 41.23 12.53
N LEU B 100 13.66 41.57 12.00
CA LEU B 100 14.02 42.98 11.85
C LEU B 100 13.12 43.66 10.83
N ARG B 101 12.84 42.98 9.71
CA ARG B 101 11.85 43.50 8.77
C ARG B 101 10.52 43.73 9.46
N ASN B 102 10.06 42.73 10.22
CA ASN B 102 8.81 42.88 10.96
C ASN B 102 8.84 44.12 11.85
N ILE B 103 9.94 44.30 12.58
CA ILE B 103 10.01 45.36 13.58
C ILE B 103 10.07 46.73 12.92
N VAL B 104 10.80 46.85 11.82
CA VAL B 104 10.90 48.15 11.15
C VAL B 104 9.65 48.47 10.33
N PHE B 105 8.87 47.47 9.92
CA PHE B 105 7.66 47.71 9.15
C PHE B 105 6.40 47.76 9.99
N GLU B 106 6.47 47.40 11.28
CA GLU B 106 5.27 47.34 12.10
C GLU B 106 4.56 48.69 12.17
N ARG B 107 5.30 49.79 12.31
CA ARG B 107 4.67 51.10 12.41
C ARG B 107 3.93 51.45 11.12
N VAL B 108 4.59 51.24 9.98
CA VAL B 108 3.95 51.54 8.70
C VAL B 108 2.72 50.67 8.50
N GLY B 109 2.80 49.39 8.87
CA GLY B 109 1.66 48.51 8.70
C GLY B 109 0.49 48.90 9.58
N GLN B 110 0.76 49.24 10.84
CA GLN B 110 -0.33 49.64 11.73
C GLN B 110 -0.95 50.96 11.29
N ASP B 111 -0.11 51.89 10.80
CA ASP B 111 -0.65 53.15 10.28
C ASP B 111 -1.50 52.92 9.03
N ALA B 112 -1.09 51.98 8.18
CA ALA B 112 -1.88 51.65 6.99
C ALA B 112 -3.22 51.06 7.39
N THR B 113 -3.21 50.12 8.33
CA THR B 113 -4.46 49.53 8.82
C THR B 113 -5.37 50.60 9.41
N ARG B 114 -4.79 51.52 10.20
CA ARG B 114 -5.58 52.57 10.83
C ARG B 114 -6.17 53.52 9.79
N HIS B 115 -5.39 53.93 8.79
CA HIS B 115 -5.91 54.82 7.76
C HIS B 115 -7.00 54.14 6.94
N LEU B 116 -6.82 52.85 6.63
CA LEU B 116 -7.87 52.13 5.91
C LEU B 116 -9.14 52.07 6.74
N ALA B 117 -9.02 51.78 8.05
CA ALA B 117 -10.21 51.74 8.89
C ALA B 117 -10.89 53.10 8.97
N GLU B 118 -10.11 54.17 9.08
CA GLU B 118 -10.68 55.51 9.14
C GLU B 118 -11.44 55.84 7.87
N ASN B 119 -10.84 55.54 6.71
CA ASN B 119 -11.51 55.83 5.45
C ASN B 119 -12.76 54.98 5.27
N VAL B 120 -12.70 53.70 5.69
CA VAL B 120 -13.89 52.86 5.60
C VAL B 120 -15.01 53.42 6.48
N PHE B 121 -14.68 53.84 7.70
CA PHE B 121 -15.68 54.44 8.58
C PHE B 121 -16.28 55.70 7.98
N ALA B 122 -15.43 56.56 7.41
CA ALA B 122 -15.92 57.80 6.81
C ALA B 122 -16.85 57.51 5.64
N ARG B 123 -16.45 56.59 4.74
CA ARG B 123 -17.31 56.24 3.61
C ARG B 123 -18.61 55.62 4.09
N LEU B 124 -18.55 54.83 5.17
CA LEU B 124 -19.76 54.23 5.72
C LEU B 124 -20.72 55.30 6.22
N HIS B 125 -20.18 56.36 6.82
CA HIS B 125 -21.03 57.49 7.18
C HIS B 125 -21.42 58.35 5.98
N LYS B 126 -20.76 58.16 4.83
CA LYS B 126 -21.12 58.90 3.62
C LYS B 126 -22.28 58.27 2.86
N LEU B 127 -22.68 57.04 3.20
CA LEU B 127 -23.71 56.36 2.45
C LEU B 127 -25.09 56.99 2.73
N SER B 128 -26.05 56.63 1.89
CA SER B 128 -27.37 57.25 1.94
C SER B 128 -28.17 56.75 3.13
N LEU B 129 -29.26 57.47 3.43
CA LEU B 129 -30.14 57.08 4.52
C LEU B 129 -30.86 55.78 4.22
N ARG B 130 -31.18 55.53 2.94
CA ARG B 130 -31.86 54.29 2.58
C ARG B 130 -31.05 53.07 3.00
N PHE B 131 -29.74 53.11 2.76
CA PHE B 131 -28.86 52.00 3.14
C PHE B 131 -28.91 51.77 4.65
N HIS B 132 -28.71 52.82 5.44
CA HIS B 132 -28.68 52.66 6.90
C HIS B 132 -30.03 52.26 7.46
N LEU B 133 -31.12 52.64 6.79
CA LEU B 133 -32.44 52.18 7.24
C LEU B 133 -32.65 50.70 6.91
N ALA B 134 -32.08 50.22 5.81
CA ALA B 134 -32.20 48.83 5.43
C ALA B 134 -30.99 47.99 5.84
N ARG B 135 -30.05 48.56 6.59
CA ARG B 135 -28.82 47.85 6.92
C ARG B 135 -29.07 46.77 7.98
N ARG B 136 -28.05 45.93 8.17
CA ARG B 136 -28.00 44.97 9.27
C ARG B 136 -26.69 45.21 10.01
N THR B 137 -26.78 45.66 11.26
CA THR B 137 -25.59 46.15 11.97
C THR B 137 -24.55 45.07 12.14
N GLY B 138 -24.97 43.87 12.56
CA GLY B 138 -24.01 42.79 12.76
C GLY B 138 -23.36 42.36 11.47
N GLU B 139 -24.14 42.23 10.39
CA GLU B 139 -23.59 41.87 9.10
C GLU B 139 -22.61 42.94 8.62
N VAL B 140 -22.97 44.21 8.77
CA VAL B 140 -22.07 45.30 8.37
C VAL B 140 -20.77 45.23 9.16
N THR B 141 -20.87 44.98 10.47
CA THR B 141 -19.67 44.89 11.30
C THR B 141 -18.76 43.77 10.83
N LYS B 142 -19.32 42.57 10.65
CA LYS B 142 -18.51 41.43 10.25
C LYS B 142 -17.89 41.65 8.86
N VAL B 143 -18.67 42.21 7.93
CA VAL B 143 -18.17 42.45 6.59
C VAL B 143 -17.06 43.49 6.59
N ILE B 144 -17.22 44.57 7.36
CA ILE B 144 -16.19 45.59 7.42
C ILE B 144 -14.90 45.01 7.98
N GLU B 145 -15.02 44.26 9.08
CA GLU B 145 -13.84 43.64 9.68
C GLU B 145 -13.12 42.74 8.68
N ARG B 146 -13.86 41.81 8.06
CA ARG B 146 -13.22 40.85 7.15
C ARG B 146 -12.62 41.56 5.94
N GLY B 147 -13.34 42.53 5.37
CA GLY B 147 -12.84 43.20 4.18
C GLY B 147 -11.61 44.04 4.44
N THR B 148 -11.59 44.77 5.55
CA THR B 148 -10.40 45.54 5.88
C THR B 148 -9.21 44.63 6.14
N LYS B 149 -9.43 43.54 6.89
CA LYS B 149 -8.34 42.60 7.14
C LYS B 149 -7.83 41.99 5.83
N SER B 150 -8.75 41.65 4.92
CA SER B 150 -8.35 41.06 3.65
C SER B 150 -7.55 42.04 2.80
N ILE B 151 -7.98 43.30 2.73
CA ILE B 151 -7.25 44.28 1.93
C ILE B 151 -5.86 44.52 2.53
N ASP B 152 -5.77 44.58 3.87
CA ASP B 152 -4.48 44.77 4.51
C ASP B 152 -3.53 43.61 4.19
N THR B 153 -4.01 42.37 4.36
CA THR B 153 -3.17 41.22 4.06
C THR B 153 -2.83 41.14 2.58
N MET B 154 -3.73 41.57 1.69
CA MET B 154 -3.42 41.57 0.27
C MET B 154 -2.27 42.52 -0.04
N LEU B 155 -2.34 43.74 0.49
CA LEU B 155 -1.25 44.69 0.26
C LEU B 155 0.05 44.17 0.88
N TYR B 156 -0.03 43.58 2.08
CA TYR B 156 1.16 43.03 2.71
C TYR B 156 1.79 41.93 1.87
N PHE B 157 0.98 41.04 1.32
CA PHE B 157 1.53 39.95 0.50
C PHE B 157 2.04 40.46 -0.83
N LEU B 158 1.41 41.49 -1.39
CA LEU B 158 1.90 42.06 -2.64
C LEU B 158 3.23 42.76 -2.43
N LEU B 159 3.48 43.30 -1.24
CA LEU B 159 4.74 43.98 -0.99
C LEU B 159 5.86 43.07 -0.46
N PHE B 160 5.51 42.03 0.31
CA PHE B 160 6.52 41.23 1.00
C PHE B 160 6.52 39.75 0.66
N ASN B 161 5.70 39.30 -0.29
CA ASN B 161 5.63 37.88 -0.59
C ASN B 161 5.60 37.59 -2.09
N ILE B 162 5.98 38.54 -2.93
CA ILE B 162 6.02 38.36 -4.37
C ILE B 162 7.44 38.41 -4.90
N ALA B 163 8.17 39.49 -4.59
CA ALA B 163 9.57 39.57 -5.02
C ALA B 163 10.47 38.59 -4.28
N PRO B 164 10.40 38.43 -2.95
CA PRO B 164 11.32 37.48 -2.29
C PRO B 164 11.17 36.05 -2.75
N THR B 165 9.93 35.59 -2.96
CA THR B 165 9.73 34.22 -3.41
C THR B 165 10.28 34.00 -4.80
N VAL B 166 10.04 34.93 -5.71
CA VAL B 166 10.58 34.82 -7.07
C VAL B 166 12.10 34.83 -7.03
N ILE B 167 12.68 35.70 -6.19
CA ILE B 167 14.13 35.78 -6.08
C ILE B 167 14.70 34.45 -5.61
N GLU B 168 14.13 33.89 -4.54
CA GLU B 168 14.62 32.60 -4.05
C GLU B 168 14.44 31.50 -5.08
N LEU B 169 13.29 31.46 -5.74
CA LEU B 169 13.03 30.43 -6.75
C LEU B 169 14.07 30.49 -7.86
N THR B 170 14.28 31.68 -8.43
CA THR B 170 15.24 31.81 -9.53
C THR B 170 16.66 31.56 -9.05
N ALA B 171 17.02 32.02 -7.85
CA ALA B 171 18.37 31.80 -7.34
C ALA B 171 18.64 30.32 -7.13
N VAL B 172 17.68 29.59 -6.57
CA VAL B 172 17.87 28.17 -6.33
C VAL B 172 17.92 27.42 -7.66
N ILE B 173 17.13 27.87 -8.65
CA ILE B 173 17.22 27.29 -9.98
C ILE B 173 18.60 27.50 -10.58
N VAL B 174 19.16 28.70 -10.42
CA VAL B 174 20.49 28.99 -10.96
C VAL B 174 21.55 28.15 -10.24
N ILE B 175 21.41 27.99 -8.92
CA ILE B 175 22.38 27.20 -8.16
C ILE B 175 22.32 25.74 -8.59
N PHE B 176 21.11 25.20 -8.79
CA PHE B 176 20.98 23.84 -9.29
C PHE B 176 21.54 23.72 -10.70
N TRP B 177 21.31 24.73 -11.53
CA TRP B 177 21.90 24.77 -12.87
C TRP B 177 23.41 24.64 -12.80
N LEU B 178 24.02 25.38 -11.87
CA LEU B 178 25.48 25.41 -11.79
C LEU B 178 26.03 24.10 -11.24
N ASN B 179 25.46 23.61 -10.14
CA ASN B 179 26.06 22.51 -9.39
C ASN B 179 25.47 21.14 -9.72
N PHE B 180 24.49 21.08 -10.62
CA PHE B 180 23.83 19.79 -10.89
C PHE B 180 23.41 19.64 -12.34
N GLY B 181 23.88 20.49 -13.25
CA GLY B 181 23.54 20.38 -14.67
C GLY B 181 22.16 20.91 -15.00
N LEU B 182 21.46 20.25 -15.92
CA LEU B 182 20.16 20.71 -16.37
C LEU B 182 19.03 19.70 -16.19
N GLY B 183 19.31 18.53 -15.61
CA GLY B 183 18.27 17.58 -15.32
C GLY B 183 17.51 17.99 -14.07
N LEU B 184 18.27 18.38 -13.04
CA LEU B 184 17.67 18.76 -11.78
C LEU B 184 16.80 20.01 -11.93
N VAL B 185 17.24 20.98 -12.74
CA VAL B 185 16.46 22.20 -12.89
C VAL B 185 15.17 21.92 -13.64
N THR B 186 15.22 21.03 -14.64
CA THR B 186 13.99 20.67 -15.35
C THR B 186 13.03 19.93 -14.43
N ALA B 187 13.54 18.99 -13.64
CA ALA B 187 12.68 18.30 -12.67
C ALA B 187 12.08 19.29 -11.66
N THR B 188 12.88 20.26 -11.23
CA THR B 188 12.40 21.23 -10.24
C THR B 188 11.33 22.14 -10.83
N ILE B 189 11.52 22.62 -12.06
CA ILE B 189 10.49 23.48 -12.64
C ILE B 189 9.23 22.69 -12.96
N LEU B 190 9.38 21.41 -13.33
CA LEU B 190 8.19 20.58 -13.53
C LEU B 190 7.44 20.40 -12.21
N ALA B 191 8.15 20.14 -11.13
CA ALA B 191 7.52 20.01 -9.82
C ALA B 191 6.83 21.31 -9.42
N VAL B 192 7.49 22.45 -9.66
CA VAL B 192 6.91 23.74 -9.30
C VAL B 192 5.65 24.02 -10.11
N ILE B 193 5.65 23.63 -11.39
CA ILE B 193 4.50 23.91 -12.23
C ILE B 193 3.33 23.02 -11.84
N ALA B 194 3.61 21.74 -11.52
CA ALA B 194 2.54 20.88 -11.05
C ALA B 194 2.04 21.32 -9.67
N TYR B 195 2.91 21.95 -8.88
CA TYR B 195 2.54 22.44 -7.56
C TYR B 195 1.57 23.61 -7.68
N VAL B 196 1.94 24.60 -8.51
CA VAL B 196 1.06 25.76 -8.69
C VAL B 196 -0.24 25.32 -9.36
N TRP B 197 -0.19 24.31 -10.22
CA TRP B 197 -1.41 23.83 -10.89
C TRP B 197 -2.36 23.18 -9.89
N THR B 198 -1.85 22.27 -9.07
CA THR B 198 -2.68 21.64 -8.04
C THR B 198 -3.24 22.68 -7.08
N THR B 199 -2.41 23.65 -6.70
CA THR B 199 -2.89 24.70 -5.78
C THR B 199 -4.03 25.49 -6.40
N ARG B 200 -3.87 25.95 -7.64
CA ARG B 200 -4.95 26.69 -8.30
C ARG B 200 -6.21 25.85 -8.40
N THR B 201 -6.07 24.60 -8.81
CA THR B 201 -7.25 23.75 -8.99
C THR B 201 -8.01 23.58 -7.69
N ILE B 202 -7.32 23.24 -6.62
CA ILE B 202 -7.99 23.01 -5.34
C ILE B 202 -8.58 24.31 -4.80
N THR B 203 -7.85 25.42 -4.93
CA THR B 203 -8.35 26.70 -4.45
C THR B 203 -9.64 27.10 -5.16
N GLU B 204 -9.66 26.96 -6.48
CA GLU B 204 -10.89 27.26 -7.22
C GLU B 204 -11.99 26.25 -6.90
N TRP B 205 -11.62 25.03 -6.50
CA TRP B 205 -12.63 24.06 -6.07
C TRP B 205 -13.32 24.52 -4.80
N ARG B 206 -12.57 25.13 -3.88
CA ARG B 206 -13.10 25.52 -2.57
C ARG B 206 -13.63 26.96 -2.52
N THR B 207 -13.33 27.79 -3.53
CA THR B 207 -13.70 29.21 -3.49
C THR B 207 -15.21 29.41 -3.26
N HIS B 208 -16.05 28.62 -3.94
CA HIS B 208 -17.50 28.78 -3.76
C HIS B 208 -17.90 28.49 -2.32
N LEU B 209 -17.36 27.41 -1.75
CA LEU B 209 -17.64 27.09 -0.36
C LEU B 209 -17.20 28.23 0.55
N ARG B 210 -16.07 28.86 0.23
CA ARG B 210 -15.59 29.95 1.08
C ARG B 210 -16.50 31.17 1.00
N GLU B 211 -17.00 31.48 -0.21
CA GLU B 211 -17.92 32.60 -0.34
C GLU B 211 -19.22 32.33 0.43
N LYS B 212 -19.77 31.12 0.26
CA LYS B 212 -20.98 30.76 0.99
C LYS B 212 -20.74 30.79 2.50
N MET B 213 -19.56 30.36 2.93
CA MET B 213 -19.22 30.34 4.35
C MET B 213 -19.16 31.75 4.93
N ASN B 214 -18.49 32.67 4.22
CA ASN B 214 -18.45 34.06 4.68
C ASN B 214 -19.84 34.66 4.73
N ARG B 215 -20.66 34.36 3.72
CA ARG B 215 -22.03 34.88 3.69
C ARG B 215 -22.83 34.36 4.87
N LEU B 216 -22.72 33.07 5.18
CA LEU B 216 -23.44 32.49 6.30
C LEU B 216 -22.97 33.07 7.63
N ASP B 217 -21.65 33.29 7.77
CA ASP B 217 -21.12 33.88 8.99
C ASP B 217 -21.66 35.29 9.20
N GLY B 218 -21.67 36.09 8.13
CA GLY B 218 -22.25 37.42 8.23
C GLY B 218 -23.71 37.40 8.61
N GLN B 219 -24.48 36.49 7.99
CA GLN B 219 -25.90 36.39 8.30
C GLN B 219 -26.13 35.97 9.74
N ALA B 220 -25.33 35.01 10.24
CA ALA B 220 -25.48 34.56 11.61
C ALA B 220 -25.17 35.67 12.60
N LEU B 221 -24.08 36.40 12.38
CA LEU B 221 -23.76 37.49 13.29
C LEU B 221 -24.81 38.59 13.23
N ALA B 222 -25.34 38.86 12.04
CA ALA B 222 -26.41 39.85 11.92
C ALA B 222 -27.65 39.42 12.69
N ARG B 223 -28.00 38.14 12.60
CA ARG B 223 -29.15 37.63 13.33
C ARG B 223 -28.94 37.74 14.84
N ALA B 224 -27.74 37.42 15.30
CA ALA B 224 -27.44 37.53 16.73
C ALA B 224 -27.52 38.98 17.20
N VAL B 225 -26.95 39.91 16.43
CA VAL B 225 -26.99 41.31 16.82
C VAL B 225 -28.41 41.85 16.80
N ASP B 226 -29.22 41.42 15.84
CA ASP B 226 -30.62 41.84 15.81
C ASP B 226 -31.37 41.31 17.01
N SER B 227 -31.06 40.07 17.43
CA SER B 227 -31.66 39.54 18.65
C SER B 227 -31.23 40.35 19.87
N LEU B 228 -29.97 40.81 19.88
CA LEU B 228 -29.50 41.66 20.97
C LEU B 228 -30.27 42.99 21.01
N LEU B 229 -30.48 43.61 19.84
CA LEU B 229 -31.20 44.87 19.81
C LEU B 229 -32.63 44.72 20.28
N ASN B 230 -33.21 43.53 20.10
CA ASN B 230 -34.58 43.22 20.52
C ASN B 230 -34.62 42.40 21.79
N TYR B 231 -33.68 42.64 22.71
CA TYR B 231 -33.68 41.91 23.98
C TYR B 231 -34.99 42.08 24.72
N GLU B 232 -35.48 43.33 24.79
CA GLU B 232 -36.75 43.58 25.47
C GLU B 232 -37.91 42.90 24.75
N THR B 233 -37.88 42.85 23.43
CA THR B 233 -38.94 42.18 22.68
C THR B 233 -38.95 40.68 22.98
N VAL B 234 -37.78 40.05 22.90
CA VAL B 234 -37.67 38.63 23.20
C VAL B 234 -38.17 38.34 24.61
N LYS B 235 -37.83 39.23 25.56
CA LYS B 235 -38.33 39.05 26.92
C LYS B 235 -39.84 39.21 27.00
N TYR B 236 -40.40 40.16 26.23
CA TYR B 236 -41.83 40.41 26.25
C TYR B 236 -42.62 39.24 25.70
N PHE B 237 -42.06 38.50 24.75
CA PHE B 237 -42.79 37.40 24.13
C PHE B 237 -42.20 36.04 24.44
N GLY B 238 -41.24 35.97 25.38
CA GLY B 238 -40.70 34.71 25.84
C GLY B 238 -40.15 33.82 24.74
N ALA B 239 -39.50 34.42 23.75
CA ALA B 239 -38.96 33.70 22.60
C ALA B 239 -37.44 33.58 22.67
N GLU B 240 -36.91 33.31 23.87
CA GLU B 240 -35.48 33.12 24.01
C GLU B 240 -35.02 31.90 23.24
N SER B 241 -35.70 30.76 23.44
CA SER B 241 -35.35 29.54 22.73
C SER B 241 -35.53 29.70 21.22
N ARG B 242 -36.53 30.49 20.81
CA ARG B 242 -36.76 30.70 19.38
C ARG B 242 -35.58 31.45 18.74
N GLU B 243 -35.09 32.49 19.40
CA GLU B 243 -33.91 33.20 18.90
C GLU B 243 -32.66 32.31 18.96
N GLU B 244 -32.54 31.51 20.01
CA GLU B 244 -31.42 30.57 20.10
C GLU B 244 -31.41 29.62 18.91
N ALA B 245 -32.58 29.08 18.56
CA ALA B 245 -32.64 28.14 17.45
C ALA B 245 -32.40 28.84 16.12
N ARG B 246 -32.95 30.05 15.94
CA ARG B 246 -32.75 30.75 14.68
C ARG B 246 -31.29 31.18 14.49
N TYR B 247 -30.54 31.33 15.58
CA TYR B 247 -29.11 31.56 15.45
C TYR B 247 -28.35 30.25 15.21
N ALA B 248 -28.75 29.19 15.92
CA ALA B 248 -28.07 27.90 15.78
C ALA B 248 -28.18 27.33 14.39
N SER B 249 -29.28 27.62 13.68
CA SER B 249 -29.43 27.15 12.31
C SER B 249 -28.31 27.68 11.42
N ALA B 250 -28.15 29.00 11.38
CA ALA B 250 -27.08 29.59 10.58
C ALA B 250 -25.71 29.18 11.10
N ALA B 251 -25.57 29.00 12.42
CA ALA B 251 -24.29 28.57 12.97
C ALA B 251 -23.87 27.21 12.44
N ARG B 252 -24.80 26.24 12.45
CA ARG B 252 -24.47 24.90 11.95
C ARG B 252 -24.34 24.88 10.43
N ALA B 253 -25.07 25.72 9.71
CA ALA B 253 -24.83 25.84 8.28
C ALA B 253 -23.39 26.29 8.01
N TYR B 254 -22.95 27.34 8.71
CA TYR B 254 -21.56 27.78 8.61
C TYR B 254 -20.60 26.67 9.00
N ALA B 255 -20.97 25.87 10.01
CA ALA B 255 -20.10 24.78 10.44
C ALA B 255 -19.91 23.75 9.33
N ASP B 256 -20.99 23.37 8.65
CA ASP B 256 -20.89 22.43 7.54
C ASP B 256 -20.00 22.99 6.44
N ALA B 257 -20.22 24.25 6.06
CA ALA B 257 -19.41 24.86 5.02
C ALA B 257 -17.94 24.89 5.40
N ALA B 258 -17.65 25.23 6.67
CA ALA B 258 -16.26 25.29 7.12
C ALA B 258 -15.61 23.91 7.16
N VAL B 259 -16.37 22.89 7.54
CA VAL B 259 -15.84 21.53 7.50
C VAL B 259 -15.43 21.16 6.08
N LYS B 260 -16.30 21.44 5.11
CA LYS B 260 -15.96 21.13 3.72
C LYS B 260 -14.70 21.89 3.28
N SER B 261 -14.61 23.18 3.64
CA SER B 261 -13.48 23.99 3.20
C SER B 261 -12.17 23.48 3.82
N GLU B 262 -12.18 23.16 5.11
CA GLU B 262 -10.95 22.72 5.76
C GLU B 262 -10.53 21.33 5.29
N ASN B 263 -11.49 20.46 4.96
CA ASN B 263 -11.12 19.18 4.36
C ASN B 263 -10.50 19.38 2.99
N SER B 264 -11.04 20.32 2.20
CA SER B 264 -10.40 20.67 0.93
C SER B 264 -8.97 21.14 1.14
N LEU B 265 -8.75 21.97 2.17
CA LEU B 265 -7.40 22.44 2.47
C LEU B 265 -6.49 21.27 2.84
N GLY B 266 -6.99 20.31 3.61
CA GLY B 266 -6.18 19.15 3.96
C GLY B 266 -5.77 18.33 2.75
N LEU B 267 -6.71 18.12 1.82
CA LEU B 267 -6.33 17.44 0.58
C LEU B 267 -5.29 18.23 -0.20
N LEU B 268 -5.43 19.56 -0.23
CA LEU B 268 -4.41 20.38 -0.89
C LEU B 268 -3.05 20.18 -0.26
N ASN B 269 -3.00 20.12 1.08
CA ASN B 269 -1.72 19.94 1.76
C ASN B 269 -1.12 18.57 1.44
N ILE B 270 -1.93 17.52 1.43
CA ILE B 270 -1.36 16.20 1.15
C ILE B 270 -0.87 16.12 -0.30
N ALA B 271 -1.58 16.77 -1.23
CA ALA B 271 -1.11 16.78 -2.62
C ALA B 271 0.19 17.54 -2.76
N GLN B 272 0.30 18.70 -2.10
CA GLN B 272 1.55 19.46 -2.14
C GLN B 272 2.70 18.65 -1.55
N ALA B 273 2.43 17.95 -0.43
CA ALA B 273 3.48 17.14 0.17
C ALA B 273 3.90 16.00 -0.75
N LEU B 274 2.93 15.38 -1.44
CA LEU B 274 3.25 14.33 -2.39
C LEU B 274 4.19 14.85 -3.47
N ILE B 275 3.86 16.00 -4.05
CA ILE B 275 4.70 16.56 -5.12
C ILE B 275 6.09 16.87 -4.59
N VAL B 276 6.17 17.57 -3.45
CA VAL B 276 7.45 17.99 -2.91
C VAL B 276 8.33 16.79 -2.59
N ASN B 277 7.74 15.76 -1.99
CA ASN B 277 8.54 14.61 -1.57
C ASN B 277 8.89 13.69 -2.74
N LEU B 278 8.07 13.64 -3.78
CA LEU B 278 8.48 12.95 -4.99
C LEU B 278 9.69 13.63 -5.61
N LEU B 279 9.66 14.97 -5.70
CA LEU B 279 10.85 15.67 -6.19
C LEU B 279 12.04 15.43 -5.28
N MET B 280 11.81 15.42 -3.96
CA MET B 280 12.87 15.14 -2.99
C MET B 280 13.53 13.79 -3.27
N ALA B 281 12.72 12.73 -3.33
CA ALA B 281 13.23 11.39 -3.59
C ALA B 281 14.00 11.35 -4.90
N GLY B 282 13.41 11.86 -5.98
CA GLY B 282 14.08 11.83 -7.26
C GLY B 282 15.42 12.54 -7.25
N ALA B 283 15.44 13.75 -6.69
CA ALA B 283 16.65 14.57 -6.68
C ALA B 283 17.75 13.91 -5.86
N MET B 284 17.42 13.48 -4.64
CA MET B 284 18.45 12.90 -3.79
C MET B 284 18.90 11.53 -4.29
N ALA B 285 18.01 10.78 -4.95
CA ALA B 285 18.43 9.53 -5.58
C ALA B 285 19.40 9.80 -6.71
N TRP B 286 19.11 10.81 -7.53
CA TRP B 286 20.04 11.19 -8.59
C TRP B 286 21.37 11.64 -8.00
N THR B 287 21.33 12.33 -6.87
CA THR B 287 22.56 12.78 -6.23
C THR B 287 23.40 11.61 -5.74
N VAL B 288 22.75 10.61 -5.13
CA VAL B 288 23.53 9.46 -4.64
C VAL B 288 24.02 8.62 -5.81
N TYR B 289 23.27 8.57 -6.91
CA TYR B 289 23.75 7.87 -8.10
C TYR B 289 24.97 8.57 -8.71
N GLY B 290 24.93 9.90 -8.75
CA GLY B 290 26.10 10.65 -9.20
C GLY B 290 27.30 10.43 -8.29
N TRP B 291 27.05 10.36 -6.98
CA TRP B 291 28.11 10.02 -6.04
C TRP B 291 28.68 8.63 -6.35
N SER B 292 27.80 7.65 -6.57
CA SER B 292 28.24 6.29 -6.84
C SER B 292 28.99 6.19 -8.16
N GLN B 293 28.81 7.16 -9.06
CA GLN B 293 29.62 7.26 -10.26
C GLN B 293 30.85 8.12 -10.07
N GLY B 294 31.04 8.69 -8.88
CA GLY B 294 32.16 9.59 -8.63
C GLY B 294 31.93 11.02 -9.03
N LYS B 295 30.73 11.34 -9.53
CA LYS B 295 30.44 12.69 -10.01
C LYS B 295 30.16 13.65 -8.87
N LEU B 296 29.33 13.22 -7.91
CA LEU B 296 28.88 14.07 -6.84
C LEU B 296 29.38 13.56 -5.50
N THR B 297 29.30 14.42 -4.50
CA THR B 297 29.72 14.14 -3.14
C THR B 297 28.51 13.99 -2.22
N VAL B 298 28.78 13.53 -0.99
CA VAL B 298 27.71 13.46 0.01
C VAL B 298 27.29 14.88 0.40
N GLY B 299 28.22 15.82 0.36
CA GLY B 299 27.87 17.21 0.55
C GLY B 299 26.83 17.66 -0.46
N ASP B 300 26.85 17.10 -1.67
CA ASP B 300 25.80 17.40 -2.63
C ASP B 300 24.45 16.84 -2.18
N LEU B 301 24.46 15.70 -1.48
CA LEU B 301 23.23 15.15 -0.93
C LEU B 301 22.63 16.10 0.10
N VAL B 302 23.43 16.47 1.11
CA VAL B 302 22.94 17.40 2.12
C VAL B 302 22.60 18.76 1.52
N PHE B 303 23.36 19.16 0.49
CA PHE B 303 23.11 20.36 -0.28
C PHE B 303 21.70 20.39 -0.86
N VAL B 304 21.37 19.39 -1.68
CA VAL B 304 20.07 19.33 -2.31
C VAL B 304 18.98 19.16 -1.27
N ASN B 305 19.25 18.44 -0.18
CA ASN B 305 18.27 18.29 0.90
C ASN B 305 17.86 19.65 1.45
N THR B 306 18.84 20.43 1.92
CA THR B 306 18.53 21.70 2.54
C THR B 306 17.94 22.67 1.52
N TYR B 307 18.45 22.65 0.28
CA TYR B 307 17.93 23.58 -0.72
C TYR B 307 16.48 23.25 -1.10
N LEU B 308 16.12 21.97 -1.17
CA LEU B 308 14.75 21.63 -1.52
C LEU B 308 13.79 21.97 -0.38
N THR B 309 14.23 21.79 0.87
CA THR B 309 13.37 22.21 1.98
C THR B 309 13.20 23.73 2.00
N GLN B 310 14.30 24.47 1.83
CA GLN B 310 14.25 25.92 1.81
C GLN B 310 13.56 26.47 0.57
N LEU B 311 13.37 25.65 -0.47
CA LEU B 311 12.62 26.10 -1.62
C LEU B 311 11.14 25.79 -1.53
N PHE B 312 10.76 24.70 -0.88
CA PHE B 312 9.34 24.43 -0.73
C PHE B 312 8.70 25.01 0.53
N ARG B 313 9.50 25.54 1.46
CA ARG B 313 8.88 26.26 2.57
C ARG B 313 8.12 27.51 2.15
N PRO B 314 8.63 28.37 1.25
CA PRO B 314 7.81 29.53 0.84
C PRO B 314 6.59 29.14 0.01
N LEU B 315 6.67 28.06 -0.76
CA LEU B 315 5.51 27.61 -1.55
C LEU B 315 4.39 27.09 -0.65
N ASP B 316 4.74 26.50 0.50
CA ASP B 316 3.75 26.04 1.47
C ASP B 316 2.82 27.16 1.93
N MET B 317 3.13 28.42 1.65
CA MET B 317 2.26 29.54 1.99
C MET B 317 1.71 30.28 0.78
N LEU B 318 2.41 30.26 -0.36
CA LEU B 318 1.87 30.89 -1.56
C LEU B 318 0.51 30.32 -1.96
N GLY B 319 0.26 29.05 -1.61
CA GLY B 319 -1.08 28.52 -1.81
C GLY B 319 -2.14 29.37 -1.13
N MET B 320 -1.92 29.69 0.15
CA MET B 320 -2.84 30.61 0.84
C MET B 320 -2.69 32.03 0.33
N VAL B 321 -1.50 32.42 -0.13
CA VAL B 321 -1.30 33.78 -0.62
C VAL B 321 -2.17 34.05 -1.83
N TYR B 322 -2.29 33.09 -2.74
CA TYR B 322 -3.17 33.25 -3.90
C TYR B 322 -4.62 33.41 -3.46
N ARG B 323 -5.07 32.56 -2.53
CA ARG B 323 -6.41 32.68 -1.98
C ARG B 323 -6.65 34.05 -1.36
N THR B 324 -5.68 34.54 -0.58
CA THR B 324 -5.84 35.82 0.09
C THR B 324 -5.87 36.98 -0.90
N ILE B 325 -5.03 36.92 -1.94
CA ILE B 325 -5.02 38.00 -2.93
C ILE B 325 -6.32 38.00 -3.73
N ARG B 326 -6.82 36.81 -4.08
CA ARG B 326 -8.09 36.72 -4.82
C ARG B 326 -9.23 37.29 -3.98
N GLN B 327 -9.34 36.85 -2.73
CA GLN B 327 -10.44 37.34 -1.89
C GLN B 327 -10.30 38.81 -1.56
N GLY B 328 -9.07 39.31 -1.41
CA GLY B 328 -8.89 40.74 -1.20
C GLY B 328 -9.30 41.56 -2.41
N LEU B 329 -8.99 41.07 -3.61
CA LEU B 329 -9.40 41.78 -4.82
C LEU B 329 -10.92 41.79 -4.94
N ILE B 330 -11.58 40.66 -4.65
CA ILE B 330 -13.03 40.63 -4.80
C ILE B 330 -13.70 41.50 -3.72
N ASP B 331 -13.13 41.54 -2.52
CA ASP B 331 -13.69 42.40 -1.48
C ASP B 331 -13.48 43.88 -1.80
N MET B 332 -12.33 44.23 -2.37
CA MET B 332 -12.12 45.61 -2.80
C MET B 332 -13.11 46.01 -3.89
N ALA B 333 -13.35 45.11 -4.86
CA ALA B 333 -14.36 45.39 -5.88
C ALA B 333 -15.74 45.52 -5.26
N GLU B 334 -16.04 44.71 -4.23
CA GLU B 334 -17.30 44.83 -3.52
C GLU B 334 -17.42 46.19 -2.84
N MET B 335 -16.33 46.67 -2.24
CA MET B 335 -16.34 47.99 -1.62
C MET B 335 -16.65 49.07 -2.64
N PHE B 336 -15.99 49.00 -3.79
CA PHE B 336 -16.24 50.02 -4.82
C PHE B 336 -17.67 49.94 -5.35
N ARG B 337 -18.22 48.73 -5.45
CA ARG B 337 -19.63 48.60 -5.85
C ARG B 337 -20.55 49.21 -4.79
N LEU B 338 -20.25 48.99 -3.50
CA LEU B 338 -21.09 49.52 -2.44
C LEU B 338 -21.05 51.04 -2.38
N ILE B 339 -19.91 51.65 -2.74
CA ILE B 339 -19.86 53.11 -2.72
C ILE B 339 -20.30 53.75 -4.03
N ASP B 340 -20.28 53.02 -5.14
CA ASP B 340 -20.83 53.56 -6.38
C ASP B 340 -22.34 53.40 -6.50
N THR B 341 -22.99 52.73 -5.54
CA THR B 341 -24.42 52.45 -5.65
C THR B 341 -25.25 52.93 -4.47
N HIS B 342 -24.66 53.17 -3.31
CA HIS B 342 -25.41 53.51 -2.10
C HIS B 342 -25.20 54.97 -1.69
N ILE B 343 -25.05 55.86 -2.66
CA ILE B 343 -25.03 57.30 -2.43
C ILE B 343 -25.94 57.92 -3.48
N GLU B 344 -27.18 58.21 -3.11
CA GLU B 344 -28.18 58.69 -4.06
C GLU B 344 -28.33 60.21 -4.08
N VAL B 345 -28.04 60.89 -2.98
CA VAL B 345 -28.07 62.35 -2.93
C VAL B 345 -26.64 62.84 -3.02
N ALA B 346 -26.38 63.77 -3.95
CA ALA B 346 -25.05 64.32 -4.12
C ALA B 346 -25.15 65.79 -4.53
N ASP B 347 -24.09 66.53 -4.23
CA ASP B 347 -24.03 67.94 -4.59
C ASP B 347 -23.78 68.10 -6.08
N VAL B 348 -24.44 69.08 -6.69
CA VAL B 348 -24.24 69.38 -8.10
C VAL B 348 -22.85 70.02 -8.26
N PRO B 349 -22.24 69.94 -9.45
CA PRO B 349 -20.91 70.52 -9.64
C PRO B 349 -20.90 72.01 -9.35
N ASN B 350 -19.90 72.44 -8.57
CA ASN B 350 -19.74 73.83 -8.15
C ASN B 350 -21.02 74.36 -7.49
N ALA B 351 -21.52 73.61 -6.52
CA ALA B 351 -22.74 74.00 -5.83
C ALA B 351 -22.43 75.16 -4.87
N PRO B 352 -23.24 76.20 -4.87
CA PRO B 352 -23.05 77.30 -3.92
C PRO B 352 -23.59 76.94 -2.54
N ALA B 353 -23.42 77.87 -1.61
CA ALA B 353 -23.90 77.70 -0.25
C ALA B 353 -25.28 78.32 -0.08
N LEU B 354 -26.07 77.74 0.83
CA LEU B 354 -27.41 78.26 1.10
C LEU B 354 -27.31 79.56 1.89
N VAL B 355 -27.99 80.59 1.40
CA VAL B 355 -27.99 81.90 2.04
C VAL B 355 -29.40 82.10 2.59
N VAL B 356 -29.56 81.95 3.90
CA VAL B 356 -30.87 82.03 4.55
C VAL B 356 -30.96 83.43 5.13
N ASN B 357 -31.42 84.39 4.31
CA ASN B 357 -31.71 85.72 4.81
C ASN B 357 -33.10 85.80 5.41
N ARG B 358 -34.07 85.15 4.77
CA ARG B 358 -35.44 85.09 5.27
C ARG B 358 -35.86 83.62 5.29
N PRO B 359 -35.96 82.99 6.45
CA PRO B 359 -36.14 81.53 6.51
C PRO B 359 -37.51 81.06 6.07
N SER B 360 -37.79 81.11 4.77
CA SER B 360 -39.03 80.60 4.21
C SER B 360 -38.81 79.21 3.63
N VAL B 361 -39.91 78.45 3.55
CA VAL B 361 -39.89 77.09 3.01
C VAL B 361 -40.96 76.98 1.94
N THR B 362 -40.64 76.29 0.84
CA THR B 362 -41.57 76.17 -0.28
C THR B 362 -41.55 74.75 -0.83
N PHE B 363 -42.72 74.13 -0.89
CA PHE B 363 -42.89 72.85 -1.57
C PHE B 363 -43.62 73.12 -2.88
N ASP B 364 -42.91 72.98 -3.99
CA ASP B 364 -43.42 73.32 -5.32
C ASP B 364 -43.70 72.02 -6.07
N ASN B 365 -44.96 71.59 -6.02
CA ASN B 365 -45.45 70.44 -6.78
C ASN B 365 -44.59 69.20 -6.56
N VAL B 366 -44.26 68.95 -5.29
CA VAL B 366 -43.38 67.84 -4.94
C VAL B 366 -44.10 66.51 -5.14
N VAL B 367 -43.54 65.66 -5.99
CA VAL B 367 -43.99 64.29 -6.18
C VAL B 367 -42.86 63.38 -5.71
N PHE B 368 -43.12 62.54 -4.72
CA PHE B 368 -42.06 61.72 -4.16
C PHE B 368 -42.61 60.39 -3.65
N GLY B 369 -41.80 59.36 -3.79
CA GLY B 369 -42.04 58.10 -3.13
C GLY B 369 -40.70 57.47 -2.80
N TYR B 370 -40.69 56.63 -1.77
CA TYR B 370 -39.45 55.98 -1.39
C TYR B 370 -39.04 54.94 -2.43
N ASP B 371 -39.98 54.09 -2.81
CA ASP B 371 -39.78 53.14 -3.89
C ASP B 371 -40.76 53.47 -5.02
N ARG B 372 -40.37 53.14 -6.25
CA ARG B 372 -41.16 53.54 -7.41
C ARG B 372 -42.52 52.85 -7.47
N ASP B 373 -42.71 51.75 -6.74
CA ASP B 373 -43.98 51.03 -6.79
C ASP B 373 -45.03 51.60 -5.84
N ARG B 374 -44.67 52.58 -5.02
CA ARG B 374 -45.64 53.20 -4.12
C ARG B 374 -45.30 54.68 -3.96
N GLU B 375 -46.19 55.55 -4.42
CA GLU B 375 -45.99 57.00 -4.33
C GLU B 375 -46.62 57.52 -3.04
N ILE B 376 -45.88 58.36 -2.33
CA ILE B 376 -46.30 58.87 -1.03
C ILE B 376 -46.77 60.32 -1.12
N LEU B 377 -46.02 61.17 -1.80
CA LEU B 377 -46.37 62.57 -1.98
C LEU B 377 -46.86 62.77 -3.42
N HIS B 378 -48.10 63.22 -3.57
CA HIS B 378 -48.74 63.35 -4.88
C HIS B 378 -48.88 64.84 -5.20
N GLY B 379 -47.77 65.44 -5.67
CA GLY B 379 -47.80 66.83 -6.07
C GLY B 379 -48.15 67.77 -4.93
N LEU B 380 -47.30 67.82 -3.91
CA LEU B 380 -47.54 68.63 -2.73
C LEU B 380 -46.96 70.02 -2.92
N SER B 381 -47.74 71.05 -2.57
CA SER B 381 -47.32 72.43 -2.71
C SER B 381 -47.81 73.20 -1.50
N PHE B 382 -46.89 73.87 -0.81
CA PHE B 382 -47.28 74.75 0.29
C PHE B 382 -46.16 75.76 0.53
N GLU B 383 -46.49 76.80 1.28
CA GLU B 383 -45.60 77.92 1.53
C GLU B 383 -45.54 78.19 3.03
N VAL B 384 -44.44 77.81 3.66
CA VAL B 384 -44.19 78.14 5.05
C VAL B 384 -43.50 79.50 5.07
N ALA B 385 -44.20 80.52 5.57
CA ALA B 385 -43.69 81.88 5.55
C ALA B 385 -42.52 82.04 6.51
N ALA B 386 -41.62 82.96 6.16
CA ALA B 386 -40.44 83.20 6.99
C ALA B 386 -40.86 83.75 8.35
N GLY B 387 -40.31 83.16 9.41
CA GLY B 387 -40.62 83.58 10.75
C GLY B 387 -41.93 83.06 11.31
N SER B 388 -42.74 82.37 10.51
CA SER B 388 -44.01 81.86 10.97
C SER B 388 -43.82 80.57 11.77
N ARG B 389 -44.92 80.09 12.34
CA ARG B 389 -44.93 78.89 13.17
C ARG B 389 -46.04 77.99 12.63
N VAL B 390 -45.68 77.14 11.67
CA VAL B 390 -46.64 76.34 10.92
C VAL B 390 -46.66 74.93 11.47
N ALA B 391 -47.84 74.32 11.51
CA ALA B 391 -48.01 72.95 11.93
C ALA B 391 -48.41 72.08 10.75
N ILE B 392 -48.12 70.78 10.86
CA ILE B 392 -48.48 69.80 9.85
C ILE B 392 -49.16 68.65 10.56
N VAL B 393 -50.45 68.45 10.31
CA VAL B 393 -51.21 67.39 10.96
C VAL B 393 -51.79 66.47 9.89
N GLY B 394 -52.24 65.31 10.34
CA GLY B 394 -52.82 64.31 9.47
C GLY B 394 -52.80 62.93 10.10
N PRO B 395 -53.48 61.98 9.47
CA PRO B 395 -53.51 60.61 10.00
C PRO B 395 -52.17 59.92 9.83
N SER B 396 -52.07 58.75 10.47
CA SER B 396 -50.83 57.98 10.45
C SER B 396 -50.59 57.41 9.05
N GLY B 397 -49.49 57.83 8.43
CA GLY B 397 -49.16 57.41 7.08
C GLY B 397 -49.40 58.44 6.01
N ALA B 398 -49.81 59.66 6.37
CA ALA B 398 -50.10 60.66 5.35
C ALA B 398 -48.82 61.16 4.67
N GLY B 399 -47.68 61.10 5.36
CA GLY B 399 -46.43 61.51 4.77
C GLY B 399 -45.86 62.80 5.33
N LYS B 400 -46.05 63.02 6.64
CA LYS B 400 -45.51 64.21 7.27
C LYS B 400 -44.02 64.07 7.56
N SER B 401 -43.62 62.96 8.17
CA SER B 401 -42.20 62.70 8.35
C SER B 401 -41.50 62.58 7.00
N THR B 402 -42.24 62.20 5.95
CA THR B 402 -41.67 62.23 4.61
C THR B 402 -41.37 63.67 4.18
N ILE B 403 -42.26 64.61 4.50
CA ILE B 403 -41.96 66.02 4.28
C ILE B 403 -40.71 66.42 5.03
N ALA B 404 -40.59 65.97 6.29
CA ALA B 404 -39.41 66.31 7.09
C ALA B 404 -38.14 65.76 6.46
N ARG B 405 -38.16 64.51 5.99
CA ARG B 405 -36.96 63.92 5.41
C ARG B 405 -36.62 64.55 4.06
N LEU B 406 -37.62 64.97 3.29
CA LEU B 406 -37.33 65.62 2.03
C LEU B 406 -36.76 67.02 2.25
N LEU B 407 -37.22 67.72 3.30
CA LEU B 407 -36.67 69.04 3.60
C LEU B 407 -35.20 68.96 3.96
N PHE B 408 -34.80 67.90 4.65
CA PHE B 408 -33.39 67.67 4.99
C PHE B 408 -32.60 67.04 3.85
N ARG B 409 -33.27 66.74 2.73
CA ARG B 409 -32.64 66.14 1.55
C ARG B 409 -31.95 64.82 1.89
N PHE B 410 -32.65 63.97 2.63
CA PHE B 410 -32.27 62.57 2.70
C PHE B 410 -32.59 61.84 1.41
N TYR B 411 -33.62 62.31 0.70
CA TYR B 411 -33.99 61.83 -0.62
C TYR B 411 -34.27 63.02 -1.51
N ASP B 412 -34.24 62.77 -2.83
CA ASP B 412 -34.65 63.79 -3.78
C ASP B 412 -36.02 63.46 -4.35
N PRO B 413 -36.85 64.48 -4.58
CA PRO B 413 -38.20 64.22 -5.11
C PRO B 413 -38.16 63.78 -6.56
N TRP B 414 -39.19 63.00 -6.93
CA TRP B 414 -39.32 62.59 -8.33
C TRP B 414 -39.64 63.79 -9.22
N GLU B 415 -40.63 64.58 -8.83
CA GLU B 415 -41.01 65.79 -9.54
C GLU B 415 -41.12 66.94 -8.53
N GLY B 416 -41.20 68.16 -9.03
CA GLY B 416 -41.28 69.31 -8.15
C GLY B 416 -39.94 69.63 -7.49
N ARG B 417 -40.00 70.59 -6.58
CA ARG B 417 -38.79 71.04 -5.90
C ARG B 417 -39.11 71.58 -4.52
N ILE B 418 -38.05 71.83 -3.75
CA ILE B 418 -38.14 72.37 -2.40
C ILE B 418 -37.20 73.56 -2.32
N LEU B 419 -37.70 74.67 -1.78
CA LEU B 419 -36.96 75.92 -1.72
C LEU B 419 -36.83 76.40 -0.29
N ILE B 420 -35.65 76.91 0.06
CA ILE B 420 -35.42 77.61 1.31
C ILE B 420 -34.90 79.00 0.95
N ASP B 421 -35.71 80.02 1.21
CA ASP B 421 -35.42 81.39 0.80
C ASP B 421 -35.19 81.48 -0.71
N GLY B 422 -36.08 80.83 -1.47
CA GLY B 422 -36.04 80.92 -2.92
C GLY B 422 -34.94 80.13 -3.58
N GLN B 423 -34.17 79.35 -2.83
CA GLN B 423 -33.03 78.61 -3.35
C GLN B 423 -33.39 77.13 -3.41
N ASP B 424 -33.15 76.50 -4.55
CA ASP B 424 -33.48 75.08 -4.71
C ASP B 424 -32.56 74.22 -3.85
N ILE B 425 -33.17 73.38 -3.02
CA ILE B 425 -32.41 72.54 -2.10
C ILE B 425 -31.46 71.61 -2.86
N ALA B 426 -31.90 71.12 -4.01
CA ALA B 426 -31.07 70.18 -4.78
C ALA B 426 -29.88 70.85 -5.46
N HIS B 427 -29.85 72.18 -5.53
CA HIS B 427 -28.77 72.90 -6.19
C HIS B 427 -27.84 73.60 -5.19
N VAL B 428 -27.86 73.17 -3.94
CA VAL B 428 -27.04 73.72 -2.87
C VAL B 428 -26.30 72.59 -2.17
N THR B 429 -25.12 72.92 -1.64
CA THR B 429 -24.33 71.96 -0.87
C THR B 429 -25.15 71.45 0.31
N GLN B 430 -25.06 70.14 0.54
CA GLN B 430 -25.82 69.52 1.63
C GLN B 430 -25.40 70.07 2.98
N THR B 431 -24.12 70.41 3.15
CA THR B 431 -23.64 70.89 4.45
C THR B 431 -24.32 72.20 4.83
N SER B 432 -24.36 73.16 3.91
CA SER B 432 -24.98 74.45 4.20
C SER B 432 -26.48 74.30 4.42
N LEU B 433 -27.14 73.48 3.60
CA LEU B 433 -28.57 73.24 3.78
C LEU B 433 -28.86 72.67 5.16
N ARG B 434 -28.17 71.59 5.54
CA ARG B 434 -28.41 70.94 6.81
C ARG B 434 -27.95 71.78 7.99
N ALA B 435 -27.04 72.74 7.76
CA ALA B 435 -26.66 73.66 8.84
C ALA B 435 -27.75 74.66 9.15
N ALA B 436 -28.59 75.00 8.16
CA ALA B 436 -29.69 75.92 8.37
C ALA B 436 -30.91 75.26 8.98
N LEU B 437 -30.92 73.93 9.12
CA LEU B 437 -32.06 73.20 9.64
C LEU B 437 -31.72 72.55 10.96
N GLY B 438 -32.68 72.54 11.88
CA GLY B 438 -32.56 71.80 13.12
C GLY B 438 -33.83 71.03 13.41
N ILE B 439 -33.77 69.72 13.37
CA ILE B 439 -34.96 68.89 13.45
C ILE B 439 -34.87 68.00 14.69
N VAL B 440 -35.96 67.92 15.44
CA VAL B 440 -36.15 66.92 16.48
C VAL B 440 -36.94 65.77 15.86
N PRO B 441 -36.32 64.63 15.58
CA PRO B 441 -36.97 63.58 14.80
C PRO B 441 -38.02 62.84 15.62
N GLN B 442 -38.85 62.08 14.89
CA GLN B 442 -39.83 61.24 15.55
C GLN B 442 -39.17 60.15 16.38
N ASP B 443 -38.07 59.59 15.89
CA ASP B 443 -37.30 58.58 16.61
C ASP B 443 -36.03 59.24 17.13
N SER B 444 -36.07 59.66 18.39
CA SER B 444 -34.93 60.32 19.02
C SER B 444 -33.95 59.26 19.53
N VAL B 445 -32.69 59.38 19.11
CA VAL B 445 -31.64 58.46 19.51
C VAL B 445 -30.49 59.26 20.10
N LEU B 446 -30.02 58.85 21.27
CA LEU B 446 -28.94 59.51 21.97
C LEU B 446 -27.68 58.64 21.96
N PHE B 447 -26.54 59.29 22.15
CA PHE B 447 -25.28 58.55 22.25
C PHE B 447 -25.18 57.89 23.62
N ASN B 448 -24.46 56.76 23.65
CA ASN B 448 -24.26 56.02 24.91
C ASN B 448 -23.23 56.77 25.75
N ASP B 449 -23.65 57.92 26.25
CA ASP B 449 -22.79 58.81 27.01
C ASP B 449 -23.65 59.49 28.08
N THR B 450 -23.22 60.66 28.53
CA THR B 450 -23.94 61.40 29.56
C THR B 450 -24.92 62.39 28.95
N ILE B 451 -25.81 62.90 29.79
CA ILE B 451 -26.78 63.90 29.34
C ILE B 451 -26.06 65.15 28.86
N GLY B 452 -24.99 65.54 29.55
CA GLY B 452 -24.24 66.72 29.14
C GLY B 452 -23.63 66.58 27.76
N TYR B 453 -23.02 65.43 27.47
CA TYR B 453 -22.44 65.21 26.16
C TYR B 453 -23.50 65.24 25.07
N ASN B 454 -24.64 64.62 25.32
CA ASN B 454 -25.72 64.61 24.31
C ASN B 454 -26.25 66.01 24.06
N ILE B 455 -26.51 66.78 25.13
CA ILE B 455 -27.02 68.13 24.94
C ILE B 455 -25.99 69.02 24.26
N ALA B 456 -24.72 68.86 24.61
CA ALA B 456 -23.67 69.67 24.00
C ALA B 456 -23.36 69.25 22.57
N TYR B 457 -23.80 68.06 22.16
CA TYR B 457 -23.56 67.58 20.81
C TYR B 457 -24.22 68.48 19.75
N GLY B 458 -25.15 69.34 20.15
CA GLY B 458 -25.84 70.17 19.18
C GLY B 458 -24.91 71.07 18.40
N ARG B 459 -23.87 71.58 19.06
CA ARG B 459 -22.88 72.41 18.37
C ARG B 459 -21.50 72.04 18.89
N ASP B 460 -20.55 71.93 17.95
CA ASP B 460 -19.18 71.53 18.29
C ASP B 460 -18.52 72.60 19.15
N GLY B 461 -18.06 72.21 20.32
CA GLY B 461 -17.43 73.16 21.23
C GLY B 461 -18.41 74.07 21.93
N ALA B 462 -19.60 73.59 22.26
CA ALA B 462 -20.58 74.41 22.95
C ALA B 462 -20.12 74.68 24.39
N SER B 463 -20.41 75.87 24.87
CA SER B 463 -20.00 76.25 26.22
C SER B 463 -21.04 75.77 27.23
N ARG B 464 -20.61 75.71 28.50
CA ARG B 464 -21.52 75.31 29.57
C ARG B 464 -22.70 76.26 29.68
N ALA B 465 -22.50 77.54 29.36
CA ALA B 465 -23.61 78.50 29.39
C ALA B 465 -24.67 78.13 28.35
N GLU B 466 -24.24 77.78 27.13
CA GLU B 466 -25.19 77.40 26.09
C GLU B 466 -25.93 76.12 26.47
N VAL B 467 -25.22 75.15 27.02
CA VAL B 467 -25.86 73.90 27.42
C VAL B 467 -26.88 74.14 28.52
N ASP B 468 -26.52 74.96 29.51
CA ASP B 468 -27.45 75.26 30.59
C ASP B 468 -28.67 76.02 30.08
N ALA B 469 -28.46 76.99 29.18
CA ALA B 469 -29.58 77.74 28.63
C ALA B 469 -30.51 76.84 27.82
N ALA B 470 -29.94 75.91 27.05
CA ALA B 470 -30.78 74.99 26.28
C ALA B 470 -31.52 74.02 27.18
N ALA B 471 -30.86 73.53 28.23
CA ALA B 471 -31.54 72.65 29.18
C ALA B 471 -32.67 73.38 29.88
N LYS B 472 -32.50 74.68 30.15
CA LYS B 472 -33.59 75.47 30.70
C LYS B 472 -34.71 75.66 29.68
N GLY B 473 -34.35 75.84 28.41
CA GLY B 473 -35.35 76.02 27.38
C GLY B 473 -36.14 74.77 27.08
N ALA B 474 -35.53 73.61 27.27
CA ALA B 474 -36.19 72.33 27.06
C ALA B 474 -36.84 71.79 28.32
N ALA B 475 -36.84 72.57 29.41
CA ALA B 475 -37.51 72.21 30.65
C ALA B 475 -36.98 70.91 31.23
N ILE B 476 -35.66 70.74 31.18
CA ILE B 476 -34.98 69.61 31.80
C ILE B 476 -33.87 70.05 32.74
N ALA B 477 -33.63 71.35 32.88
CA ALA B 477 -32.58 71.83 33.79
C ALA B 477 -32.84 71.41 35.23
N ASP B 478 -34.09 71.53 35.69
CA ASP B 478 -34.41 71.15 37.06
C ASP B 478 -34.24 69.65 37.27
N PHE B 479 -34.61 68.83 36.27
CA PHE B 479 -34.42 67.39 36.38
C PHE B 479 -32.95 67.04 36.52
N ILE B 480 -32.10 67.64 35.66
CA ILE B 480 -30.67 67.37 35.73
C ILE B 480 -30.10 67.84 37.06
N ALA B 481 -30.61 68.96 37.58
CA ALA B 481 -30.12 69.48 38.86
C ALA B 481 -30.41 68.50 39.99
N ARG B 482 -31.58 67.88 39.98
CA ARG B 482 -31.96 66.92 41.02
C ARG B 482 -31.32 65.54 40.83
N LEU B 483 -30.46 65.38 39.83
CA LEU B 483 -29.83 64.09 39.60
C LEU B 483 -28.56 63.94 40.43
N PRO B 484 -28.33 62.75 40.99
CA PRO B 484 -27.14 62.55 41.83
C PRO B 484 -25.83 62.82 41.10
N GLN B 485 -25.76 62.49 39.81
CA GLN B 485 -24.57 62.77 39.00
C GLN B 485 -24.75 63.97 38.08
N GLY B 486 -25.95 64.57 38.05
CA GLY B 486 -26.18 65.76 37.26
C GLY B 486 -25.99 65.51 35.78
N TYR B 487 -25.24 66.40 35.12
CA TYR B 487 -24.98 66.27 33.69
C TYR B 487 -24.19 65.02 33.34
N ASP B 488 -23.58 64.36 34.31
CA ASP B 488 -22.73 63.20 34.07
C ASP B 488 -23.50 61.88 34.18
N THR B 489 -24.81 61.93 34.32
CA THR B 489 -25.60 60.70 34.38
C THR B 489 -25.57 59.98 33.04
N GLU B 490 -25.26 58.68 33.08
CA GLU B 490 -25.24 57.88 31.86
C GLU B 490 -26.66 57.60 31.38
N VAL B 491 -26.89 57.78 30.08
CA VAL B 491 -28.21 57.56 29.49
C VAL B 491 -28.39 56.16 28.92
N GLY B 492 -27.31 55.37 28.83
CA GLY B 492 -27.41 54.05 28.25
C GLY B 492 -27.43 54.08 26.74
N GLU B 493 -27.56 52.88 26.16
CA GLU B 493 -27.58 52.74 24.71
C GLU B 493 -28.89 53.31 24.16
N ARG B 494 -28.77 54.24 23.22
CA ARG B 494 -29.90 54.95 22.61
C ARG B 494 -30.70 55.75 23.64
N GLY B 495 -30.07 56.09 24.77
CA GLY B 495 -30.73 56.87 25.79
C GLY B 495 -31.87 56.18 26.50
N LEU B 496 -31.82 54.85 26.61
CA LEU B 496 -32.92 54.10 27.20
C LEU B 496 -32.95 54.13 28.72
N LYS B 497 -31.94 54.69 29.37
CA LYS B 497 -32.01 54.90 30.81
C LYS B 497 -32.79 56.15 31.19
N LEU B 498 -32.98 57.07 30.25
CA LEU B 498 -33.87 58.19 30.48
C LEU B 498 -35.30 57.79 30.10
N SER B 499 -36.25 58.57 30.59
CA SER B 499 -37.63 58.36 30.19
C SER B 499 -37.86 58.89 28.78
N GLY B 500 -39.03 58.60 28.24
CA GLY B 500 -39.35 59.07 26.89
C GLY B 500 -39.36 60.59 26.81
N GLY B 501 -40.05 61.23 27.74
CA GLY B 501 -40.08 62.68 27.75
C GLY B 501 -38.72 63.30 28.02
N GLU B 502 -37.94 62.69 28.90
CA GLU B 502 -36.59 63.19 29.17
C GLU B 502 -35.72 63.08 27.92
N LYS B 503 -35.82 61.97 27.20
CA LYS B 503 -35.06 61.82 25.96
C LYS B 503 -35.49 62.84 24.91
N GLN B 504 -36.81 63.05 24.76
CA GLN B 504 -37.28 64.06 23.83
C GLN B 504 -36.77 65.45 24.20
N ARG B 505 -36.76 65.76 25.51
CA ARG B 505 -36.27 67.06 25.93
C ARG B 505 -34.77 67.20 25.71
N VAL B 506 -34.02 66.11 25.83
CA VAL B 506 -32.59 66.14 25.50
C VAL B 506 -32.41 66.44 24.01
N ALA B 507 -33.23 65.82 23.16
CA ALA B 507 -33.15 66.09 21.73
C ALA B 507 -33.49 67.54 21.41
N ILE B 508 -34.53 68.07 22.06
CA ILE B 508 -34.88 69.47 21.89
C ILE B 508 -33.73 70.36 22.34
N ALA B 509 -33.06 69.99 23.43
CA ALA B 509 -31.92 70.78 23.91
C ALA B 509 -30.77 70.75 22.91
N ARG B 510 -30.54 69.59 22.27
CA ARG B 510 -29.53 69.53 21.23
C ARG B 510 -29.84 70.51 20.11
N THR B 511 -31.07 70.45 19.58
CA THR B 511 -31.43 71.34 18.48
C THR B 511 -31.44 72.80 18.90
N LEU B 512 -31.66 73.07 20.20
CA LEU B 512 -31.59 74.44 20.68
C LEU B 512 -30.16 74.93 20.81
N VAL B 513 -29.24 74.05 21.23
CA VAL B 513 -27.82 74.38 21.23
C VAL B 513 -27.35 74.70 19.82
N LYS B 514 -27.80 73.92 18.84
CA LYS B 514 -27.45 74.20 17.45
C LYS B 514 -27.95 75.57 17.02
N ASN B 515 -29.18 75.90 17.40
CA ASN B 515 -29.84 77.18 17.13
C ASN B 515 -29.79 77.56 15.65
N PRO B 516 -30.49 76.84 14.78
CA PRO B 516 -30.52 77.21 13.37
C PRO B 516 -31.68 78.15 13.08
N PRO B 517 -31.74 78.73 11.89
CA PRO B 517 -32.89 79.60 11.57
C PRO B 517 -34.20 78.85 11.37
N ILE B 518 -34.15 77.61 10.88
CA ILE B 518 -35.34 76.82 10.63
C ILE B 518 -35.33 75.61 11.56
N LEU B 519 -36.46 75.35 12.19
CA LEU B 519 -36.60 74.30 13.18
C LEU B 519 -37.80 73.43 12.82
N LEU B 520 -37.64 72.11 12.92
CA LEU B 520 -38.69 71.17 12.56
C LEU B 520 -38.83 70.13 13.68
N PHE B 521 -39.98 70.14 14.35
CA PHE B 521 -40.27 69.23 15.46
C PHE B 521 -41.22 68.15 14.95
N ASP B 522 -40.67 67.00 14.57
CA ASP B 522 -41.50 65.89 14.10
C ASP B 522 -41.89 65.07 15.33
N GLU B 523 -43.08 65.36 15.88
CA GLU B 523 -43.60 64.66 17.05
C GLU B 523 -42.62 64.77 18.22
N ALA B 524 -42.17 65.99 18.48
CA ALA B 524 -41.07 66.22 19.43
C ALA B 524 -41.51 66.16 20.88
N THR B 525 -42.77 66.48 21.18
CA THR B 525 -43.26 66.54 22.55
C THR B 525 -44.36 65.52 22.82
N SER B 526 -44.40 64.43 22.06
CA SER B 526 -45.46 63.45 22.22
C SER B 526 -45.39 62.71 23.55
N ALA B 527 -44.18 62.53 24.10
CA ALA B 527 -44.01 61.85 25.37
C ALA B 527 -43.92 62.82 26.55
N LEU B 528 -44.47 64.02 26.39
CA LEU B 528 -44.44 65.04 27.43
C LEU B 528 -45.86 65.36 27.87
N ASP B 529 -46.04 65.61 29.17
CA ASP B 529 -47.29 66.17 29.64
C ASP B 529 -47.49 67.56 29.06
N THR B 530 -48.76 67.98 28.98
CA THR B 530 -49.08 69.24 28.34
C THR B 530 -48.45 70.43 29.05
N ARG B 531 -48.24 70.33 30.37
CA ARG B 531 -47.65 71.44 31.10
C ARG B 531 -46.19 71.68 30.70
N THR B 532 -45.37 70.62 30.75
CA THR B 532 -43.98 70.75 30.34
C THR B 532 -43.86 71.17 28.88
N GLU B 533 -44.73 70.60 28.02
CA GLU B 533 -44.73 70.97 26.61
C GLU B 533 -45.01 72.45 26.43
N GLN B 534 -46.03 72.97 27.12
CA GLN B 534 -46.36 74.38 26.99
C GLN B 534 -45.28 75.27 27.59
N ASP B 535 -44.60 74.81 28.64
CA ASP B 535 -43.44 75.53 29.16
C ASP B 535 -42.38 75.67 28.07
N ILE B 536 -42.04 74.55 27.42
CA ILE B 536 -41.02 74.57 26.37
C ILE B 536 -41.44 75.49 25.24
N LEU B 537 -42.70 75.37 24.79
CA LEU B 537 -43.16 76.15 23.64
C LEU B 537 -43.23 77.64 23.95
N SER B 538 -43.69 78.00 25.15
CA SER B 538 -43.75 79.39 25.54
C SER B 538 -42.36 79.99 25.68
N THR B 539 -41.43 79.24 26.27
CA THR B 539 -40.05 79.70 26.36
C THR B 539 -39.46 79.93 24.97
N MET B 540 -39.74 79.02 24.04
CA MET B 540 -39.24 79.20 22.68
C MET B 540 -39.83 80.45 22.03
N ARG B 541 -41.16 80.59 22.09
CA ARG B 541 -41.80 81.77 21.51
C ARG B 541 -41.29 83.06 22.15
N ALA B 542 -40.92 83.01 23.43
CA ALA B 542 -40.36 84.19 24.08
C ALA B 542 -38.98 84.50 23.53
N VAL B 543 -38.09 83.51 23.50
CA VAL B 543 -36.71 83.79 23.09
C VAL B 543 -36.56 83.88 21.58
N ALA B 544 -37.44 83.23 20.81
CA ALA B 544 -37.36 83.28 19.36
C ALA B 544 -38.10 84.51 18.83
N SER B 545 -37.54 85.11 17.79
CA SER B 545 -38.13 86.29 17.16
C SER B 545 -38.50 86.02 15.71
N HIS B 546 -37.53 85.60 14.89
CA HIS B 546 -37.74 85.35 13.47
C HIS B 546 -37.42 83.91 13.10
N ARG B 547 -37.64 82.98 14.03
CA ARG B 547 -37.40 81.57 13.77
C ARG B 547 -38.62 80.97 13.08
N THR B 548 -38.36 80.18 12.04
CA THR B 548 -39.41 79.40 11.39
C THR B 548 -39.51 78.05 12.10
N THR B 549 -40.74 77.65 12.43
CA THR B 549 -40.98 76.46 13.25
C THR B 549 -42.07 75.60 12.60
N ILE B 550 -41.65 74.51 11.98
CA ILE B 550 -42.59 73.52 11.44
C ILE B 550 -42.78 72.44 12.50
N SER B 551 -44.02 72.13 12.82
CA SER B 551 -44.33 71.19 13.90
C SER B 551 -45.30 70.13 13.40
N ILE B 552 -45.03 68.87 13.75
CA ILE B 552 -45.88 67.74 13.42
C ILE B 552 -46.34 67.11 14.72
N ALA B 553 -47.65 66.89 14.85
CA ALA B 553 -48.19 66.33 16.07
C ALA B 553 -49.57 65.74 15.82
N HIS B 554 -49.85 64.60 16.45
CA HIS B 554 -51.19 64.06 16.46
C HIS B 554 -52.04 64.65 17.56
N ARG B 555 -51.43 65.02 18.69
CA ARG B 555 -52.14 65.71 19.75
C ARG B 555 -52.29 67.16 19.32
N LEU B 556 -53.51 67.55 18.93
CA LEU B 556 -53.73 68.85 18.30
C LEU B 556 -53.52 70.00 19.26
N SER B 557 -53.71 69.78 20.56
CA SER B 557 -53.50 70.84 21.53
C SER B 557 -52.07 71.36 21.51
N THR B 558 -51.11 70.54 21.04
CA THR B 558 -49.74 70.99 20.92
C THR B 558 -49.59 72.11 19.90
N ILE B 559 -50.41 72.10 18.85
CA ILE B 559 -50.21 72.96 17.70
C ILE B 559 -51.41 73.86 17.44
N ALA B 560 -52.33 73.96 18.41
CA ALA B 560 -53.56 74.73 18.18
C ALA B 560 -53.25 76.21 17.96
N ASP B 561 -52.27 76.74 18.67
CA ASP B 561 -51.92 78.15 18.58
C ASP B 561 -50.93 78.45 17.46
N SER B 562 -50.85 77.59 16.45
CA SER B 562 -49.97 77.83 15.32
C SER B 562 -50.53 78.93 14.42
N ASP B 563 -49.64 79.58 13.68
CA ASP B 563 -50.07 80.58 12.70
C ASP B 563 -50.89 79.95 11.61
N THR B 564 -50.42 78.83 11.06
CA THR B 564 -51.16 78.10 10.04
C THR B 564 -51.02 76.60 10.31
N ILE B 565 -52.06 75.86 9.94
CA ILE B 565 -52.09 74.41 10.08
C ILE B 565 -52.29 73.82 8.69
N LEU B 566 -51.43 72.87 8.32
CA LEU B 566 -51.50 72.18 7.05
C LEU B 566 -52.00 70.77 7.31
N VAL B 567 -53.17 70.45 6.78
CA VAL B 567 -53.75 69.11 6.91
C VAL B 567 -53.28 68.27 5.73
N LEU B 568 -52.56 67.19 6.02
CA LEU B 568 -52.07 66.27 5.03
C LEU B 568 -52.87 64.97 5.12
N ASP B 569 -53.32 64.47 3.97
CA ASP B 569 -54.13 63.26 3.94
C ASP B 569 -53.76 62.46 2.71
N GLN B 570 -53.24 61.25 2.93
CA GLN B 570 -52.82 60.35 1.85
C GLN B 570 -51.91 61.05 0.84
N GLY B 571 -51.07 61.95 1.32
CA GLY B 571 -50.07 62.58 0.49
C GLY B 571 -50.48 63.87 -0.21
N ARG B 572 -51.60 64.46 0.17
CA ARG B 572 -52.07 65.70 -0.43
C ARG B 572 -52.51 66.67 0.64
N LEU B 573 -52.31 67.96 0.38
CA LEU B 573 -52.72 69.01 1.31
C LEU B 573 -54.23 69.20 1.17
N ALA B 574 -54.97 68.79 2.21
CA ALA B 574 -56.43 68.85 2.17
C ALA B 574 -56.95 70.21 2.62
N GLU B 575 -56.51 70.68 3.78
CA GLU B 575 -56.98 71.95 4.33
C GLU B 575 -55.79 72.79 4.78
N GLN B 576 -56.05 74.08 4.95
CA GLN B 576 -55.02 75.02 5.35
C GLN B 576 -55.67 76.23 5.98
N GLY B 577 -55.11 76.68 7.10
CA GLY B 577 -55.62 77.85 7.77
C GLY B 577 -55.35 77.77 9.25
N SER B 578 -55.82 78.79 9.97
CA SER B 578 -55.64 78.85 11.40
C SER B 578 -56.56 77.84 12.10
N HIS B 579 -56.34 77.68 13.40
CA HIS B 579 -57.17 76.77 14.19
C HIS B 579 -58.63 77.16 14.11
N LEU B 580 -58.92 78.47 14.28
CA LEU B 580 -60.29 78.94 14.20
C LEU B 580 -60.86 78.78 12.80
N ASP B 581 -60.05 79.06 11.77
CA ASP B 581 -60.53 78.93 10.39
C ASP B 581 -60.87 77.48 10.08
N LEU B 582 -59.97 76.55 10.41
CA LEU B 582 -60.22 75.13 10.12
C LEU B 582 -61.37 74.60 10.95
N LEU B 583 -61.52 75.06 12.19
CA LEU B 583 -62.66 74.64 13.01
C LEU B 583 -63.96 75.17 12.42
N ARG B 584 -63.95 76.40 11.91
CA ARG B 584 -65.15 77.00 11.34
C ARG B 584 -65.53 76.39 10.01
N ARG B 585 -64.54 75.90 9.24
CA ARG B 585 -64.85 75.29 7.95
C ARG B 585 -65.53 73.93 8.08
N ASP B 586 -65.58 73.35 9.28
CA ASP B 586 -66.24 72.06 9.51
C ASP B 586 -65.73 71.00 8.54
N GLY B 587 -64.41 70.94 8.41
CA GLY B 587 -63.78 70.00 7.50
C GLY B 587 -63.12 68.83 8.20
N LEU B 588 -61.95 68.42 7.69
CA LEU B 588 -61.24 67.29 8.27
C LEU B 588 -60.59 67.66 9.59
N TYR B 589 -59.97 68.84 9.67
CA TYR B 589 -59.37 69.28 10.93
C TYR B 589 -60.43 69.43 12.01
N ALA B 590 -61.61 69.95 11.65
CA ALA B 590 -62.70 70.05 12.62
C ALA B 590 -63.11 68.68 13.12
N GLU B 591 -63.14 67.68 12.23
CA GLU B 591 -63.47 66.32 12.65
C GLU B 591 -62.40 65.77 13.59
N MET B 592 -61.12 65.98 13.25
CA MET B 592 -60.04 65.53 14.12
C MET B 592 -60.15 66.16 15.51
N TRP B 593 -60.37 67.48 15.56
CA TRP B 593 -60.40 68.17 16.83
C TRP B 593 -61.64 67.81 17.65
N ALA B 594 -62.76 67.53 16.98
CA ALA B 594 -63.95 67.10 17.70
C ALA B 594 -63.79 65.69 18.25
N ARG B 595 -63.18 64.80 17.48
CA ARG B 595 -62.96 63.44 17.94
C ARG B 595 -61.88 63.38 19.02
N GLN B 596 -60.96 64.35 19.01
CA GLN B 596 -59.89 64.34 20.01
C GLN B 596 -60.37 64.93 21.33
N ALA B 597 -61.30 65.87 21.31
CA ALA B 597 -61.94 66.33 22.54
C ALA B 597 -63.04 65.31 22.80
N ALA B 598 -62.64 64.21 23.44
CA ALA B 598 -63.54 63.08 23.61
C ALA B 598 -64.51 63.25 24.75
N GLU B 599 -64.14 64.03 25.78
CA GLU B 599 -64.97 64.29 26.96
C GLU B 599 -65.80 63.09 27.38
N SER B 600 -65.18 61.91 27.41
CA SER B 600 -65.88 60.65 27.69
C SER B 600 -66.12 60.45 29.18
N TYR C 26 -52.20 -43.05 1.52
CA TYR C 26 -51.29 -43.52 2.56
C TYR C 26 -51.87 -43.27 3.96
N LEU C 27 -52.62 -42.19 4.09
CA LEU C 27 -53.26 -41.83 5.36
C LEU C 27 -54.69 -42.32 5.46
N TRP C 28 -55.18 -43.04 4.45
CA TRP C 28 -56.53 -43.59 4.45
C TRP C 28 -56.66 -44.83 5.36
N PRO C 29 -55.59 -45.60 5.61
CA PRO C 29 -55.69 -46.62 6.66
C PRO C 29 -55.80 -46.04 8.07
N ALA C 30 -55.39 -44.78 8.27
CA ALA C 30 -55.39 -44.22 9.61
C ALA C 30 -56.78 -44.20 10.24
N ASP C 31 -57.82 -44.08 9.42
CA ASP C 31 -59.20 -44.15 9.91
C ASP C 31 -59.57 -45.61 10.15
N ASN C 32 -59.03 -46.13 11.26
CA ASN C 32 -59.25 -47.52 11.65
C ASN C 32 -59.78 -47.59 13.07
N ALA C 33 -59.19 -46.82 13.97
CA ALA C 33 -59.64 -46.78 15.36
C ALA C 33 -60.92 -45.96 15.46
N VAL C 34 -61.35 -45.66 16.68
CA VAL C 34 -62.58 -44.93 16.93
C VAL C 34 -62.34 -43.44 16.72
N LEU C 35 -61.18 -43.10 16.15
CA LEU C 35 -60.74 -41.72 16.02
C LEU C 35 -61.79 -40.84 15.36
N ARG C 36 -62.48 -41.35 14.34
CA ARG C 36 -63.47 -40.54 13.64
C ARG C 36 -64.52 -39.99 14.60
N ARG C 37 -65.03 -40.84 15.50
CA ARG C 37 -66.08 -40.40 16.42
C ARG C 37 -65.62 -39.24 17.29
N ARG C 38 -64.30 -39.03 17.41
CA ARG C 38 -63.78 -37.89 18.15
C ARG C 38 -63.69 -36.66 17.27
N VAL C 39 -63.24 -36.82 16.02
CA VAL C 39 -63.05 -35.66 15.15
C VAL C 39 -64.39 -35.05 14.79
N VAL C 40 -65.40 -35.90 14.55
CA VAL C 40 -66.74 -35.41 14.33
C VAL C 40 -67.16 -34.56 15.53
N GLY C 41 -66.98 -35.11 16.74
CA GLY C 41 -67.24 -34.32 17.93
C GLY C 41 -66.50 -33.00 17.90
N ALA C 42 -65.21 -33.04 17.54
CA ALA C 42 -64.44 -31.82 17.39
C ALA C 42 -65.13 -30.87 16.42
N ILE C 43 -65.47 -31.37 15.23
CA ILE C 43 -66.22 -30.58 14.27
C ILE C 43 -67.52 -30.10 14.91
N LEU C 44 -68.24 -31.00 15.57
CA LEU C 44 -69.44 -30.63 16.30
C LEU C 44 -69.13 -29.47 17.25
N MET C 45 -68.04 -29.60 18.02
CA MET C 45 -67.61 -28.53 18.91
C MET C 45 -67.52 -27.22 18.16
N VAL C 46 -66.84 -27.24 17.00
CA VAL C 46 -66.73 -26.04 16.16
C VAL C 46 -68.12 -25.45 15.93
N LEU C 47 -69.06 -26.28 15.47
CA LEU C 47 -70.40 -25.80 15.23
C LEU C 47 -70.98 -25.20 16.50
N LEU C 48 -70.86 -25.93 17.62
CA LEU C 48 -71.32 -25.39 18.89
C LEU C 48 -70.59 -24.09 19.20
N GLY C 49 -69.27 -24.06 18.94
CA GLY C 49 -68.53 -22.82 19.12
C GLY C 49 -69.14 -21.69 18.31
N LYS C 50 -69.47 -21.95 17.04
CA LYS C 50 -70.10 -20.92 16.24
C LYS C 50 -71.44 -20.52 16.83
N ALA C 51 -72.19 -21.48 17.36
CA ALA C 51 -73.43 -21.15 18.03
C ALA C 51 -73.17 -20.19 19.18
N THR C 52 -72.12 -20.46 19.96
CA THR C 52 -71.80 -19.57 21.07
C THR C 52 -71.40 -18.20 20.55
N THR C 53 -70.76 -18.13 19.38
CA THR C 53 -70.43 -16.83 18.81
C THR C 53 -71.68 -16.06 18.40
N LEU C 54 -72.73 -16.76 17.99
CA LEU C 54 -73.98 -16.09 17.64
C LEU C 54 -74.92 -15.94 18.83
N ALA C 55 -74.50 -16.38 20.01
CA ALA C 55 -75.22 -16.10 21.24
C ALA C 55 -74.59 -14.95 22.01
N LEU C 56 -73.73 -14.16 21.36
CA LEU C 56 -73.07 -12.99 21.90
C LEU C 56 -73.81 -11.71 21.51
N PRO C 57 -74.44 -11.62 20.31
CA PRO C 57 -75.26 -10.43 20.02
C PRO C 57 -76.44 -10.23 20.95
N PHE C 58 -76.59 -11.08 21.97
CA PHE C 58 -77.59 -10.82 22.99
C PHE C 58 -77.37 -9.48 23.68
N ALA C 59 -76.14 -8.95 23.61
CA ALA C 59 -75.90 -7.57 24.04
C ALA C 59 -76.66 -6.58 23.19
N TYR C 60 -76.97 -6.93 21.94
CA TYR C 60 -77.94 -6.14 21.16
C TYR C 60 -79.26 -6.06 21.90
N LYS C 61 -79.74 -7.20 22.40
CA LYS C 61 -80.97 -7.20 23.18
C LYS C 61 -80.83 -6.33 24.42
N LYS C 62 -79.66 -6.34 25.06
CA LYS C 62 -79.53 -5.54 26.27
C LYS C 62 -79.46 -4.04 25.97
N ALA C 63 -78.87 -3.64 24.84
CA ALA C 63 -78.89 -2.23 24.49
C ALA C 63 -80.27 -1.77 24.01
N VAL C 64 -81.00 -2.66 23.32
CA VAL C 64 -82.37 -2.33 22.92
C VAL C 64 -83.25 -2.15 24.14
N ASP C 65 -83.17 -3.09 25.09
CA ASP C 65 -83.93 -2.99 26.33
C ASP C 65 -83.38 -1.90 27.24
N ALA C 66 -82.19 -1.40 26.99
CA ALA C 66 -81.66 -0.30 27.77
C ALA C 66 -82.23 1.03 27.32
N MET C 67 -82.12 1.32 26.04
CA MET C 67 -82.44 2.64 25.54
C MET C 67 -83.93 2.89 25.37
N THR C 68 -84.60 2.02 24.62
CA THR C 68 -85.97 2.31 24.23
C THR C 68 -86.91 1.81 25.32
N LEU C 69 -87.06 2.66 26.34
CA LEU C 69 -88.09 2.55 27.36
C LEU C 69 -88.12 1.15 28.01
N GLY C 70 -86.96 0.50 28.08
CA GLY C 70 -86.90 -0.82 28.67
C GLY C 70 -87.78 -1.83 27.97
N GLY C 71 -89.05 -1.90 28.35
CA GLY C 71 -89.96 -2.86 27.75
C GLY C 71 -90.22 -4.04 28.67
N GLY C 72 -91.45 -4.13 29.16
CA GLY C 72 -91.88 -5.23 29.99
C GLY C 72 -92.40 -4.75 31.30
N ALA C 73 -92.53 -5.69 32.24
CA ALA C 73 -93.07 -5.36 33.55
C ALA C 73 -92.11 -4.49 34.35
N GLN C 74 -90.87 -4.96 34.49
CA GLN C 74 -89.80 -4.18 35.11
C GLN C 74 -88.54 -4.31 34.27
N PRO C 75 -88.08 -3.22 33.66
CA PRO C 75 -87.04 -3.35 32.61
C PRO C 75 -85.67 -3.74 33.14
N ALA C 76 -85.26 -3.19 34.27
CA ALA C 76 -83.87 -3.38 34.66
C ALA C 76 -83.62 -4.67 35.42
N LEU C 77 -84.68 -5.40 35.77
CA LEU C 77 -84.46 -6.71 36.38
C LEU C 77 -84.22 -7.73 35.28
N THR C 78 -85.06 -7.70 34.24
CA THR C 78 -84.81 -8.51 33.06
C THR C 78 -83.42 -8.22 32.51
N VAL C 79 -83.08 -6.93 32.36
CA VAL C 79 -81.80 -6.60 31.76
C VAL C 79 -80.65 -7.10 32.63
N ALA C 80 -80.62 -6.69 33.90
CA ALA C 80 -79.53 -7.07 34.78
C ALA C 80 -79.33 -8.58 34.82
N LEU C 81 -80.35 -9.32 35.26
CA LEU C 81 -80.17 -10.75 35.47
C LEU C 81 -79.95 -11.49 34.16
N ALA C 82 -80.84 -11.28 33.18
CA ALA C 82 -80.73 -12.01 31.94
C ALA C 82 -79.39 -11.75 31.27
N PHE C 83 -78.93 -10.50 31.24
CA PHE C 83 -77.69 -10.19 30.53
C PHE C 83 -76.49 -10.73 31.29
N VAL C 84 -76.44 -10.51 32.62
CA VAL C 84 -75.32 -11.00 33.41
C VAL C 84 -75.13 -12.49 33.16
N LEU C 85 -76.23 -13.26 33.17
CA LEU C 85 -76.09 -14.68 32.88
C LEU C 85 -75.68 -14.92 31.43
N ALA C 86 -76.40 -14.33 30.48
CA ALA C 86 -76.33 -14.76 29.08
C ALA C 86 -75.03 -14.33 28.40
N TYR C 87 -74.67 -13.05 28.48
CA TYR C 87 -73.48 -12.60 27.77
C TYR C 87 -72.22 -13.30 28.27
N ALA C 88 -72.03 -13.29 29.59
CA ALA C 88 -70.86 -13.93 30.18
C ALA C 88 -70.83 -15.41 29.84
N LEU C 89 -71.95 -16.11 30.05
CA LEU C 89 -71.98 -17.54 29.78
C LEU C 89 -71.78 -17.83 28.29
N GLY C 90 -72.24 -16.95 27.41
CA GLY C 90 -72.05 -17.18 25.98
C GLY C 90 -70.60 -17.09 25.58
N ARG C 91 -69.91 -16.02 25.99
CA ARG C 91 -68.50 -15.90 25.64
C ARG C 91 -67.69 -17.01 26.32
N PHE C 92 -68.01 -17.32 27.56
CA PHE C 92 -67.33 -18.39 28.28
C PHE C 92 -67.53 -19.73 27.61
N SER C 93 -68.76 -20.03 27.18
CA SER C 93 -69.03 -21.28 26.48
C SER C 93 -68.35 -21.32 25.13
N GLY C 94 -68.21 -20.18 24.46
CA GLY C 94 -67.44 -20.15 23.22
C GLY C 94 -65.99 -20.55 23.44
N VAL C 95 -65.33 -19.90 24.40
CA VAL C 95 -63.94 -20.25 24.68
C VAL C 95 -63.83 -21.68 25.19
N LEU C 96 -64.80 -22.12 25.99
CA LEU C 96 -64.79 -23.47 26.54
C LEU C 96 -64.94 -24.51 25.45
N PHE C 97 -65.80 -24.27 24.46
CA PHE C 97 -65.94 -25.20 23.35
C PHE C 97 -64.71 -25.20 22.46
N ASP C 98 -64.11 -24.03 22.25
CA ASP C 98 -62.84 -23.98 21.51
C ASP C 98 -61.79 -24.85 22.19
N ASN C 99 -61.60 -24.68 23.50
CA ASN C 99 -60.58 -25.46 24.19
C ASN C 99 -60.97 -26.93 24.33
N LEU C 100 -62.27 -27.23 24.38
CA LEU C 100 -62.70 -28.63 24.40
C LEU C 100 -62.39 -29.31 23.07
N ARG C 101 -62.64 -28.62 21.95
CA ARG C 101 -62.23 -29.11 20.64
C ARG C 101 -60.72 -29.36 20.61
N ASN C 102 -59.94 -28.38 21.07
CA ASN C 102 -58.49 -28.57 21.15
C ASN C 102 -58.14 -29.82 21.96
N ILE C 103 -58.80 -29.99 23.11
CA ILE C 103 -58.44 -31.04 24.05
C ILE C 103 -58.80 -32.40 23.48
N VAL C 104 -59.93 -32.50 22.80
CA VAL C 104 -60.35 -33.78 22.22
C VAL C 104 -59.58 -34.11 20.95
N PHE C 105 -59.01 -33.11 20.27
CA PHE C 105 -58.25 -33.39 19.05
C PHE C 105 -56.75 -33.51 19.32
N GLU C 106 -56.29 -33.18 20.53
CA GLU C 106 -54.85 -33.21 20.83
C GLU C 106 -54.25 -34.59 20.57
N ARG C 107 -54.87 -35.64 21.11
CA ARG C 107 -54.29 -36.97 21.01
C ARG C 107 -54.24 -37.45 19.57
N VAL C 108 -55.34 -37.24 18.82
CA VAL C 108 -55.38 -37.66 17.42
C VAL C 108 -54.35 -36.89 16.60
N GLY C 109 -54.22 -35.59 16.87
CA GLY C 109 -53.26 -34.79 16.12
C GLY C 109 -51.82 -35.20 16.40
N GLN C 110 -51.50 -35.47 17.67
CA GLN C 110 -50.15 -35.90 18.01
C GLN C 110 -49.84 -37.26 17.41
N ASP C 111 -50.81 -38.18 17.39
CA ASP C 111 -50.58 -39.47 16.76
C ASP C 111 -50.40 -39.32 15.26
N ALA C 112 -51.15 -38.41 14.63
CA ALA C 112 -50.98 -38.17 13.19
C ALA C 112 -49.60 -37.59 12.89
N THR C 113 -49.17 -36.61 13.68
CA THR C 113 -47.83 -36.05 13.51
C THR C 113 -46.75 -37.11 13.69
N ARG C 114 -46.91 -37.97 14.71
CA ARG C 114 -45.93 -39.02 14.96
C ARG C 114 -45.87 -40.01 13.81
N HIS C 115 -47.03 -40.43 13.29
CA HIS C 115 -47.05 -41.36 12.17
C HIS C 115 -46.43 -40.74 10.93
N LEU C 116 -46.68 -39.44 10.70
CA LEU C 116 -46.06 -38.76 9.58
C LEU C 116 -44.54 -38.76 9.72
N ALA C 117 -44.04 -38.45 10.93
CA ALA C 117 -42.60 -38.45 11.15
C ALA C 117 -42.00 -39.84 10.96
N GLU C 118 -42.70 -40.87 11.46
CA GLU C 118 -42.22 -42.24 11.31
C GLU C 118 -42.14 -42.63 9.84
N ASN C 119 -43.17 -42.31 9.06
CA ASN C 119 -43.15 -42.66 7.64
C ASN C 119 -42.07 -41.87 6.90
N VAL C 120 -41.86 -40.61 7.28
CA VAL C 120 -40.79 -39.83 6.66
C VAL C 120 -39.44 -40.46 6.94
N PHE C 121 -39.21 -40.89 8.19
CA PHE C 121 -37.95 -41.55 8.53
C PHE C 121 -37.78 -42.85 7.76
N ALA C 122 -38.85 -43.66 7.68
CA ALA C 122 -38.78 -44.94 6.99
C ALA C 122 -38.45 -44.76 5.51
N ARG C 123 -39.13 -43.81 4.85
CA ARG C 123 -38.83 -43.53 3.46
C ARG C 123 -37.49 -42.86 3.27
N LEU C 124 -36.98 -42.18 4.31
CA LEU C 124 -35.63 -41.65 4.26
C LEU C 124 -34.60 -42.77 4.23
N HIS C 125 -34.85 -43.84 4.99
CA HIS C 125 -33.99 -45.02 4.90
C HIS C 125 -34.22 -45.83 3.62
N LYS C 126 -35.27 -45.54 2.86
CA LYS C 126 -35.52 -46.23 1.60
C LYS C 126 -34.67 -45.70 0.45
N LEU C 127 -34.02 -44.55 0.62
CA LEU C 127 -33.30 -43.92 -0.47
C LEU C 127 -32.01 -44.68 -0.78
N SER C 128 -31.45 -44.37 -1.95
CA SER C 128 -30.29 -45.07 -2.48
C SER C 128 -29.01 -44.63 -1.76
N LEU C 129 -27.95 -45.42 -1.96
CA LEU C 129 -26.65 -45.08 -1.37
C LEU C 129 -26.06 -43.80 -1.95
N ARG C 130 -26.30 -43.55 -3.25
CA ARG C 130 -25.76 -42.34 -3.87
C ARG C 130 -26.25 -41.09 -3.17
N PHE C 131 -27.53 -41.04 -2.80
CA PHE C 131 -28.07 -39.88 -2.11
C PHE C 131 -27.34 -39.64 -0.79
N HIS C 132 -27.20 -40.70 0.03
CA HIS C 132 -26.57 -40.54 1.33
C HIS C 132 -25.08 -40.24 1.20
N LEU C 133 -24.45 -40.66 0.10
CA LEU C 133 -23.06 -40.30 -0.13
C LEU C 133 -22.93 -38.84 -0.53
N ALA C 134 -23.92 -38.31 -1.26
CA ALA C 134 -23.91 -36.92 -1.69
C ALA C 134 -24.79 -36.02 -0.82
N ARG C 135 -25.32 -36.53 0.29
CA ARG C 135 -26.26 -35.76 1.09
C ARG C 135 -25.53 -34.67 1.89
N ARG C 136 -26.33 -33.78 2.47
CA ARG C 136 -25.85 -32.78 3.42
C ARG C 136 -26.71 -32.91 4.68
N THR C 137 -26.08 -33.32 5.78
CA THR C 137 -26.83 -33.72 6.97
C THR C 137 -27.67 -32.59 7.53
N GLY C 138 -27.08 -31.40 7.69
CA GLY C 138 -27.82 -30.29 8.25
C GLY C 138 -28.98 -29.85 7.37
N GLU C 139 -28.75 -29.77 6.06
CA GLU C 139 -29.82 -29.40 5.14
C GLU C 139 -30.95 -30.42 5.19
N VAL C 140 -30.62 -31.71 5.18
CA VAL C 140 -31.65 -32.74 5.24
C VAL C 140 -32.44 -32.63 6.54
N THR C 141 -31.75 -32.43 7.66
CA THR C 141 -32.44 -32.29 8.94
C THR C 141 -33.40 -31.11 8.93
N LYS C 142 -32.92 -29.94 8.50
CA LYS C 142 -33.75 -28.75 8.50
C LYS C 142 -34.94 -28.92 7.56
N VAL C 143 -34.72 -29.52 6.39
CA VAL C 143 -35.79 -29.71 5.42
C VAL C 143 -36.84 -30.67 5.97
N ILE C 144 -36.39 -31.77 6.61
CA ILE C 144 -37.34 -32.73 7.18
C ILE C 144 -38.19 -32.05 8.24
N GLU C 145 -37.56 -31.32 9.16
CA GLU C 145 -38.30 -30.63 10.21
C GLU C 145 -39.32 -29.67 9.61
N ARG C 146 -38.87 -28.80 8.70
CA ARG C 146 -39.75 -27.78 8.14
C ARG C 146 -40.89 -28.40 7.35
N GLY C 147 -40.61 -29.44 6.56
CA GLY C 147 -41.65 -30.05 5.76
C GLY C 147 -42.68 -30.80 6.61
N THR C 148 -42.22 -31.49 7.65
CA THR C 148 -43.17 -32.16 8.53
C THR C 148 -44.06 -31.15 9.25
N LYS C 149 -43.47 -30.07 9.76
CA LYS C 149 -44.27 -29.03 10.39
C LYS C 149 -45.27 -28.43 9.41
N SER C 150 -44.83 -28.21 8.16
CA SER C 150 -45.71 -27.63 7.15
C SER C 150 -46.88 -28.55 6.83
N ILE C 151 -46.61 -29.85 6.67
CA ILE C 151 -47.68 -30.79 6.36
C ILE C 151 -48.66 -30.91 7.52
N ASP C 152 -48.14 -30.93 8.76
CA ASP C 152 -49.02 -31.01 9.92
C ASP C 152 -49.93 -29.79 9.99
N THR C 153 -49.36 -28.59 9.88
CA THR C 153 -50.19 -27.39 9.91
C THR C 153 -51.12 -27.32 8.71
N MET C 154 -50.71 -27.85 7.57
CA MET C 154 -51.58 -27.86 6.38
C MET C 154 -52.82 -28.72 6.64
N LEU C 155 -52.62 -29.93 7.16
CA LEU C 155 -53.77 -30.78 7.46
C LEU C 155 -54.65 -30.15 8.55
N TYR C 156 -54.03 -29.58 9.58
CA TYR C 156 -54.80 -28.96 10.65
C TYR C 156 -55.66 -27.82 10.13
N PHE C 157 -55.10 -26.97 9.27
CA PHE C 157 -55.86 -25.86 8.71
C PHE C 157 -56.90 -26.33 7.70
N LEU C 158 -56.61 -27.41 6.96
CA LEU C 158 -57.58 -27.91 6.00
C LEU C 158 -58.80 -28.50 6.70
N LEU C 159 -58.62 -29.09 7.89
CA LEU C 159 -59.78 -29.65 8.57
C LEU C 159 -60.46 -28.66 9.53
N PHE C 160 -59.74 -27.70 10.10
CA PHE C 160 -60.29 -26.82 11.13
C PHE C 160 -60.31 -25.34 10.74
N ASN C 161 -59.94 -24.99 9.50
CA ASN C 161 -59.90 -23.58 9.14
C ASN C 161 -60.48 -23.33 7.77
N ILE C 162 -61.27 -24.26 7.24
CA ILE C 162 -61.90 -24.11 5.93
C ILE C 162 -63.42 -24.06 6.08
N ALA C 163 -64.00 -25.06 6.74
CA ALA C 163 -65.44 -25.05 7.00
C ALA C 163 -65.86 -24.00 8.02
N PRO C 164 -65.19 -23.86 9.17
CA PRO C 164 -65.65 -22.84 10.15
C PRO C 164 -65.65 -21.43 9.60
N THR C 165 -64.60 -21.05 8.86
CA THR C 165 -64.53 -19.70 8.32
C THR C 165 -65.64 -19.46 7.30
N VAL C 166 -65.86 -20.41 6.41
CA VAL C 166 -66.94 -20.27 5.41
C VAL C 166 -68.29 -20.18 6.11
N ILE C 167 -68.50 -21.02 7.13
CA ILE C 167 -69.78 -21.01 7.85
C ILE C 167 -70.02 -19.65 8.51
N GLU C 168 -69.01 -19.13 9.23
CA GLU C 168 -69.18 -17.82 9.86
C GLU C 168 -69.40 -16.73 8.83
N LEU C 169 -68.62 -16.73 7.75
CA LEU C 169 -68.74 -15.70 6.72
C LEU C 169 -70.13 -15.69 6.12
N THR C 170 -70.60 -16.86 5.66
CA THR C 170 -71.91 -16.95 5.03
C THR C 170 -73.03 -16.65 6.02
N ALA C 171 -72.90 -17.11 7.28
CA ALA C 171 -73.93 -16.86 8.27
C ALA C 171 -74.04 -15.37 8.58
N VAL C 172 -72.91 -14.69 8.70
CA VAL C 172 -72.96 -13.26 9.02
C VAL C 172 -73.48 -12.49 7.82
N ILE C 173 -73.15 -12.94 6.60
CA ILE C 173 -73.71 -12.32 5.40
C ILE C 173 -75.22 -12.49 5.37
N VAL C 174 -75.71 -13.68 5.75
CA VAL C 174 -77.14 -13.93 5.77
C VAL C 174 -77.82 -13.06 6.83
N ILE C 175 -77.18 -12.88 7.99
CA ILE C 175 -77.75 -12.04 9.04
C ILE C 175 -77.84 -10.59 8.57
N PHE C 176 -76.79 -10.11 7.91
CA PHE C 176 -76.84 -8.75 7.36
C PHE C 176 -77.90 -8.62 6.28
N TRP C 177 -78.03 -9.64 5.43
CA TRP C 177 -79.09 -9.66 4.42
C TRP C 177 -80.47 -9.55 5.07
N LEU C 178 -80.69 -10.30 6.14
CA LEU C 178 -82.01 -10.32 6.77
C LEU C 178 -82.32 -9.02 7.48
N ASN C 179 -81.39 -8.54 8.30
CA ASN C 179 -81.66 -7.43 9.22
C ASN C 179 -81.20 -6.07 8.70
N PHE C 180 -80.61 -6.00 7.50
CA PHE C 180 -80.09 -4.73 7.03
C PHE C 180 -80.21 -4.53 5.53
N GLY C 181 -81.01 -5.33 4.82
CA GLY C 181 -81.18 -5.14 3.40
C GLY C 181 -80.03 -5.67 2.57
N LEU C 182 -79.64 -4.91 1.55
CA LEU C 182 -78.59 -5.34 0.62
C LEU C 182 -77.40 -4.40 0.56
N GLY C 183 -77.37 -3.35 1.38
CA GLY C 183 -76.21 -2.49 1.41
C GLY C 183 -75.07 -3.09 2.20
N LEU C 184 -75.39 -3.63 3.38
CA LEU C 184 -74.36 -4.23 4.22
C LEU C 184 -73.73 -5.44 3.54
N VAL C 185 -74.53 -6.28 2.88
CA VAL C 185 -73.97 -7.47 2.27
C VAL C 185 -73.08 -7.10 1.10
N THR C 186 -73.46 -6.09 0.31
CA THR C 186 -72.62 -5.66 -0.80
C THR C 186 -71.32 -5.05 -0.31
N ALA C 187 -71.40 -4.16 0.68
CA ALA C 187 -70.18 -3.58 1.23
C ALA C 187 -69.27 -4.65 1.83
N THR C 188 -69.86 -5.63 2.53
CA THR C 188 -69.07 -6.66 3.18
C THR C 188 -68.41 -7.58 2.16
N ILE C 189 -69.13 -7.98 1.11
CA ILE C 189 -68.51 -8.84 0.12
C ILE C 189 -67.46 -8.08 -0.68
N LEU C 190 -67.65 -6.78 -0.90
CA LEU C 190 -66.60 -5.99 -1.55
C LEU C 190 -65.36 -5.92 -0.69
N ALA C 191 -65.53 -5.68 0.61
CA ALA C 191 -64.38 -5.66 1.51
C ALA C 191 -63.69 -7.03 1.56
N VAL C 192 -64.47 -8.11 1.59
CA VAL C 192 -63.88 -9.45 1.68
C VAL C 192 -63.12 -9.78 0.40
N ILE C 193 -63.64 -9.35 -0.76
CA ILE C 193 -62.95 -9.68 -2.01
C ILE C 193 -61.70 -8.83 -2.16
N ALA C 194 -61.75 -7.57 -1.71
CA ALA C 194 -60.51 -6.78 -1.71
C ALA C 194 -59.50 -7.34 -0.72
N TYR C 195 -59.99 -7.98 0.35
CA TYR C 195 -59.09 -8.60 1.32
C TYR C 195 -58.40 -9.80 0.71
N VAL C 196 -59.16 -10.70 0.09
CA VAL C 196 -58.56 -11.89 -0.50
C VAL C 196 -57.63 -11.50 -1.64
N TRP C 197 -57.97 -10.44 -2.38
CA TRP C 197 -57.12 -9.99 -3.47
C TRP C 197 -55.80 -9.44 -2.97
N THR C 198 -55.86 -8.54 -1.98
CA THR C 198 -54.63 -8.00 -1.39
C THR C 198 -53.78 -9.12 -0.80
N THR C 199 -54.41 -10.07 -0.12
CA THR C 199 -53.67 -11.19 0.46
C THR C 199 -52.94 -11.99 -0.62
N ARG C 200 -53.66 -12.36 -1.68
CA ARG C 200 -53.03 -13.10 -2.78
C ARG C 200 -51.87 -12.32 -3.39
N THR C 201 -52.08 -11.02 -3.64
CA THR C 201 -51.04 -10.21 -4.26
C THR C 201 -49.79 -10.16 -3.39
N ILE C 202 -49.96 -9.88 -2.10
CA ILE C 202 -48.80 -9.77 -1.21
C ILE C 202 -48.11 -11.13 -1.06
N THR C 203 -48.89 -12.21 -0.97
CA THR C 203 -48.30 -13.54 -0.87
C THR C 203 -47.47 -13.87 -2.10
N GLU C 204 -47.99 -13.55 -3.30
CA GLU C 204 -47.23 -13.77 -4.52
C GLU C 204 -45.99 -12.89 -4.58
N TRP C 205 -46.05 -11.70 -3.98
CA TRP C 205 -44.89 -10.83 -3.95
C TRP C 205 -43.83 -11.32 -2.95
N ARG C 206 -44.26 -12.04 -1.91
CA ARG C 206 -43.38 -12.45 -0.82
C ARG C 206 -42.84 -13.88 -0.98
N THR C 207 -43.48 -14.70 -1.83
CA THR C 207 -43.07 -16.09 -1.97
C THR C 207 -41.62 -16.23 -2.40
N HIS C 208 -41.16 -15.36 -3.30
CA HIS C 208 -39.79 -15.48 -3.81
C HIS C 208 -38.77 -15.29 -2.69
N LEU C 209 -38.91 -14.21 -1.92
CA LEU C 209 -38.01 -13.97 -0.80
C LEU C 209 -38.13 -15.05 0.26
N ARG C 210 -39.34 -15.56 0.51
CA ARG C 210 -39.51 -16.57 1.53
C ARG C 210 -38.82 -17.88 1.14
N GLU C 211 -38.93 -18.27 -0.14
CA GLU C 211 -38.26 -19.46 -0.63
C GLU C 211 -36.74 -19.30 -0.55
N LYS C 212 -36.23 -18.14 -0.98
CA LYS C 212 -34.79 -17.90 -0.88
C LYS C 212 -34.33 -17.93 0.57
N MET C 213 -35.16 -17.41 1.48
CA MET C 213 -34.83 -17.42 2.90
C MET C 213 -34.72 -18.85 3.42
N ASN C 214 -35.69 -19.70 3.09
CA ASN C 214 -35.64 -21.09 3.51
C ASN C 214 -34.41 -21.80 2.95
N ARG C 215 -34.09 -21.57 1.68
CA ARG C 215 -32.93 -22.21 1.08
C ARG C 215 -31.64 -21.77 1.75
N LEU C 216 -31.51 -20.47 2.02
CA LEU C 216 -30.29 -19.96 2.67
C LEU C 216 -30.16 -20.50 4.10
N ASP C 217 -31.28 -20.59 4.82
CA ASP C 217 -31.24 -21.17 6.16
C ASP C 217 -30.79 -22.62 6.12
N GLY C 218 -31.33 -23.39 5.17
CA GLY C 218 -30.90 -24.78 5.03
C GLY C 218 -29.42 -24.90 4.73
N GLN C 219 -28.92 -24.07 3.81
CA GLN C 219 -27.49 -24.12 3.48
C GLN C 219 -26.64 -23.73 4.68
N ALA C 220 -27.06 -22.72 5.44
CA ALA C 220 -26.29 -22.29 6.61
C ALA C 220 -26.21 -23.40 7.66
N LEU C 221 -27.34 -24.03 7.95
CA LEU C 221 -27.33 -25.11 8.93
C LEU C 221 -26.52 -26.30 8.43
N ALA C 222 -26.60 -26.60 7.13
CA ALA C 222 -25.82 -27.70 6.59
C ALA C 222 -24.32 -27.44 6.71
N ARG C 223 -23.90 -26.21 6.40
CA ARG C 223 -22.48 -25.87 6.54
C ARG C 223 -22.04 -25.90 7.99
N ALA C 224 -22.89 -25.44 8.91
CA ALA C 224 -22.54 -25.52 10.33
C ALA C 224 -22.38 -26.96 10.79
N VAL C 225 -23.29 -27.84 10.36
CA VAL C 225 -23.21 -29.25 10.74
C VAL C 225 -21.96 -29.89 10.13
N ASP C 226 -21.62 -29.51 8.90
CA ASP C 226 -20.41 -30.05 8.28
C ASP C 226 -19.16 -29.59 9.02
N SER C 227 -19.14 -28.33 9.48
CA SER C 227 -18.02 -27.86 10.29
C SER C 227 -17.96 -28.61 11.61
N LEU C 228 -19.11 -28.94 12.20
CA LEU C 228 -19.14 -29.72 13.42
C LEU C 228 -18.56 -31.12 13.19
N LEU C 229 -18.94 -31.76 12.08
CA LEU C 229 -18.44 -33.11 11.80
C LEU C 229 -16.94 -33.12 11.59
N ASN C 230 -16.37 -32.01 11.13
CA ASN C 230 -14.93 -31.90 10.88
C ASN C 230 -14.23 -31.09 11.96
N TYR C 231 -14.67 -31.22 13.22
CA TYR C 231 -14.04 -30.51 14.32
C TYR C 231 -12.55 -30.84 14.42
N GLU C 232 -12.21 -32.13 14.29
CA GLU C 232 -10.80 -32.52 14.37
C GLU C 232 -10.00 -31.90 13.23
N THR C 233 -10.58 -31.82 12.04
CA THR C 233 -9.88 -31.20 10.91
C THR C 233 -9.64 -29.72 11.17
N VAL C 234 -10.68 -29.00 11.59
CA VAL C 234 -10.55 -27.58 11.89
C VAL C 234 -9.47 -27.35 12.95
N LYS C 235 -9.43 -28.21 13.97
CA LYS C 235 -8.37 -28.09 14.97
C LYS C 235 -7.01 -28.39 14.38
N TYR C 236 -6.93 -29.36 13.47
CA TYR C 236 -5.65 -29.72 12.85
C TYR C 236 -5.10 -28.60 12.00
N PHE C 237 -5.97 -27.79 11.37
CA PHE C 237 -5.50 -26.73 10.48
C PHE C 237 -5.80 -25.33 11.01
N GLY C 238 -6.27 -25.22 12.25
CA GLY C 238 -6.45 -23.91 12.87
C GLY C 238 -7.30 -22.96 12.08
N ALA C 239 -8.36 -23.46 11.44
CA ALA C 239 -9.23 -22.66 10.59
C ALA C 239 -10.59 -22.40 11.27
N GLU C 240 -10.55 -22.08 12.56
CA GLU C 240 -11.80 -21.76 13.27
C GLU C 240 -12.43 -20.47 12.73
N SER C 241 -11.63 -19.42 12.60
CA SER C 241 -12.15 -18.15 12.09
C SER C 241 -12.64 -18.27 10.65
N ARG C 242 -11.99 -19.11 9.84
CA ARG C 242 -12.43 -19.29 8.46
C ARG C 242 -13.82 -19.90 8.41
N GLU C 243 -14.05 -20.94 9.22
CA GLU C 243 -15.38 -21.54 9.27
C GLU C 243 -16.41 -20.59 9.86
N GLU C 244 -16.01 -19.80 10.87
CA GLU C 244 -16.92 -18.81 11.43
C GLU C 244 -17.38 -17.82 10.37
N ALA C 245 -16.44 -17.31 9.56
CA ALA C 245 -16.80 -16.35 8.52
C ALA C 245 -17.63 -17.02 7.42
N ARG C 246 -17.27 -18.25 7.05
CA ARG C 246 -18.00 -18.97 6.01
C ARG C 246 -19.42 -19.29 6.45
N TYR C 247 -19.64 -19.39 7.76
CA TYR C 247 -21.01 -19.51 8.28
C TYR C 247 -21.70 -18.16 8.37
N ALA C 248 -20.98 -17.12 8.77
CA ALA C 248 -21.57 -15.79 8.93
C ALA C 248 -22.06 -15.23 7.60
N SER C 249 -21.43 -15.61 6.48
CA SER C 249 -21.90 -15.15 5.18
C SER C 249 -23.35 -15.59 4.93
N ALA C 250 -23.59 -16.91 5.00
CA ALA C 250 -24.94 -17.42 4.85
C ALA C 250 -25.86 -16.91 5.95
N ALA C 251 -25.32 -16.69 7.15
CA ALA C 251 -26.14 -16.17 8.25
C ALA C 251 -26.69 -14.79 7.91
N ARG C 252 -25.85 -13.89 7.41
CA ARG C 252 -26.34 -12.55 7.06
C ARG C 252 -27.22 -12.57 5.83
N ALA C 253 -26.97 -13.49 4.88
CA ALA C 253 -27.89 -13.64 3.77
C ALA C 253 -29.29 -14.01 4.26
N TYR C 254 -29.37 -15.02 5.14
CA TYR C 254 -30.64 -15.38 5.75
C TYR C 254 -31.25 -14.22 6.54
N ALA C 255 -30.42 -13.45 7.22
CA ALA C 255 -30.93 -12.33 8.01
C ALA C 255 -31.59 -11.28 7.12
N ASP C 256 -30.92 -10.93 6.01
CA ASP C 256 -31.51 -9.98 5.07
C ASP C 256 -32.83 -10.51 4.51
N ALA C 257 -32.83 -11.79 4.10
CA ALA C 257 -34.06 -12.37 3.56
C ALA C 257 -35.19 -12.33 4.58
N ALA C 258 -34.89 -12.65 5.84
CA ALA C 258 -35.91 -12.66 6.88
C ALA C 258 -36.43 -11.26 7.17
N VAL C 259 -35.54 -10.27 7.17
CA VAL C 259 -35.97 -8.88 7.36
C VAL C 259 -36.94 -8.50 6.25
N LYS C 260 -36.59 -8.83 5.00
CA LYS C 260 -37.47 -8.51 3.88
C LYS C 260 -38.82 -9.20 4.01
N SER C 261 -38.81 -10.47 4.40
CA SER C 261 -40.05 -11.23 4.52
C SER C 261 -40.95 -10.66 5.61
N GLU C 262 -40.38 -10.33 6.77
CA GLU C 262 -41.21 -9.78 7.84
C GLU C 262 -41.69 -8.38 7.54
N ASN C 263 -40.91 -7.59 6.78
CA ASN C 263 -41.42 -6.30 6.34
C ASN C 263 -42.60 -6.47 5.38
N SER C 264 -42.51 -7.45 4.48
CA SER C 264 -43.64 -7.79 3.63
C SER C 264 -44.86 -8.18 4.46
N LEU C 265 -44.64 -8.98 5.50
CA LEU C 265 -45.75 -9.38 6.39
C LEU C 265 -46.37 -8.17 7.06
N GLY C 266 -45.55 -7.24 7.53
CA GLY C 266 -46.08 -6.04 8.15
C GLY C 266 -46.90 -5.19 7.18
N LEU C 267 -46.43 -5.06 5.95
CA LEU C 267 -47.19 -4.32 4.94
C LEU C 267 -48.52 -5.02 4.66
N LEU C 268 -48.51 -6.36 4.58
CA LEU C 268 -49.76 -7.09 4.40
C LEU C 268 -50.72 -6.83 5.56
N ASN C 269 -50.20 -6.82 6.78
CA ASN C 269 -51.05 -6.59 7.95
C ASN C 269 -51.65 -5.19 7.93
N ILE C 270 -50.85 -4.17 7.58
CA ILE C 270 -51.38 -2.81 7.57
C ILE C 270 -52.41 -2.64 6.45
N ALA C 271 -52.21 -3.30 5.31
CA ALA C 271 -53.20 -3.22 4.25
C ALA C 271 -54.50 -3.90 4.65
N GLN C 272 -54.41 -5.08 5.28
CA GLN C 272 -55.60 -5.76 5.76
C GLN C 272 -56.34 -4.93 6.79
N ALA C 273 -55.61 -4.29 7.70
CA ALA C 273 -56.25 -3.46 8.71
C ALA C 273 -56.93 -2.26 8.07
N LEU C 274 -56.28 -1.65 7.07
CA LEU C 274 -56.88 -0.54 6.35
C LEU C 274 -58.21 -0.95 5.72
N ILE C 275 -58.22 -2.10 5.03
CA ILE C 275 -59.44 -2.56 4.37
C ILE C 275 -60.54 -2.84 5.40
N VAL C 276 -60.19 -3.57 6.45
CA VAL C 276 -61.18 -3.95 7.46
C VAL C 276 -61.76 -2.71 8.12
N ASN C 277 -60.92 -1.72 8.42
CA ASN C 277 -61.42 -0.53 9.10
C ASN C 277 -62.17 0.41 8.17
N LEU C 278 -61.84 0.43 6.87
CA LEU C 278 -62.69 1.15 5.92
C LEU C 278 -64.09 0.55 5.88
N LEU C 279 -64.17 -0.78 5.81
CA LEU C 279 -65.48 -1.43 5.88
C LEU C 279 -66.17 -1.11 7.20
N MET C 280 -65.40 -1.12 8.30
CA MET C 280 -65.93 -0.78 9.61
C MET C 280 -66.56 0.60 9.59
N ALA C 281 -65.80 1.59 9.13
CA ALA C 281 -66.29 2.96 9.06
C ALA C 281 -67.57 3.06 8.24
N GLY C 282 -67.56 2.47 7.04
CA GLY C 282 -68.73 2.56 6.18
C GLY C 282 -69.96 1.95 6.83
N ALA C 283 -69.82 0.74 7.38
CA ALA C 283 -70.96 0.04 7.97
C ALA C 283 -71.50 0.79 9.18
N MET C 284 -70.61 1.22 10.08
CA MET C 284 -71.06 1.86 11.30
C MET C 284 -71.66 3.24 11.01
N ALA C 285 -71.14 3.93 9.98
CA ALA C 285 -71.75 5.19 9.56
C ALA C 285 -73.13 4.96 9.00
N TRP C 286 -73.30 3.95 8.14
CA TRP C 286 -74.60 3.71 7.54
C TRP C 286 -75.63 3.32 8.62
N THR C 287 -75.22 2.49 9.59
CA THR C 287 -76.17 2.10 10.62
C THR C 287 -76.53 3.27 11.52
N VAL C 288 -75.56 4.11 11.89
CA VAL C 288 -75.92 5.23 12.76
C VAL C 288 -76.75 6.27 12.01
N TYR C 289 -76.52 6.43 10.71
CA TYR C 289 -77.39 7.31 9.92
C TYR C 289 -78.80 6.74 9.84
N GLY C 290 -78.92 5.41 9.73
CA GLY C 290 -80.23 4.79 9.80
C GLY C 290 -80.91 5.05 11.13
N TRP C 291 -80.13 5.04 12.22
CA TRP C 291 -80.70 5.41 13.51
C TRP C 291 -81.19 6.85 13.51
N SER C 292 -80.42 7.76 12.92
CA SER C 292 -80.78 9.18 12.94
C SER C 292 -82.07 9.47 12.18
N GLN C 293 -82.50 8.57 11.30
CA GLN C 293 -83.80 8.68 10.65
C GLN C 293 -84.89 7.91 11.38
N GLY C 294 -84.57 7.25 12.50
CA GLY C 294 -85.54 6.43 13.18
C GLY C 294 -85.61 5.02 12.67
N LYS C 295 -84.75 4.63 11.72
CA LYS C 295 -84.81 3.30 11.14
C LYS C 295 -84.22 2.25 12.08
N LEU C 296 -83.08 2.55 12.71
CA LEU C 296 -82.37 1.55 13.46
C LEU C 296 -82.38 1.89 14.94
N THR C 297 -82.07 0.89 15.75
CA THR C 297 -82.06 1.01 17.20
C THR C 297 -80.64 1.06 17.74
N VAL C 298 -80.55 1.29 19.04
CA VAL C 298 -79.24 1.34 19.70
C VAL C 298 -78.60 -0.03 19.71
N GLY C 299 -79.39 -1.11 19.79
CA GLY C 299 -78.82 -2.43 19.67
C GLY C 299 -78.07 -2.63 18.37
N ASP C 300 -78.47 -1.91 17.31
CA ASP C 300 -77.76 -2.03 16.03
C ASP C 300 -76.34 -1.49 16.12
N LEU C 301 -76.09 -0.48 16.93
CA LEU C 301 -74.73 0.06 17.04
C LEU C 301 -73.77 -0.98 17.60
N VAL C 302 -74.05 -1.48 18.80
CA VAL C 302 -73.20 -2.51 19.40
C VAL C 302 -73.26 -3.80 18.60
N PHE C 303 -74.42 -4.08 17.99
CA PHE C 303 -74.60 -5.25 17.14
C PHE C 303 -73.57 -5.28 16.01
N VAL C 304 -73.61 -4.28 15.14
CA VAL C 304 -72.69 -4.22 14.01
C VAL C 304 -71.26 -4.04 14.50
N ASN C 305 -71.08 -3.28 15.59
CA ASN C 305 -69.78 -3.05 16.17
C ASN C 305 -69.09 -4.36 16.51
N THR C 306 -69.74 -5.19 17.34
CA THR C 306 -69.16 -6.45 17.76
C THR C 306 -69.08 -7.46 16.61
N TYR C 307 -70.10 -7.47 15.74
CA TYR C 307 -70.11 -8.43 14.64
C TYR C 307 -68.99 -8.19 13.64
N LEU C 308 -68.62 -6.94 13.40
CA LEU C 308 -67.51 -6.72 12.47
C LEU C 308 -66.18 -7.14 13.10
N THR C 309 -66.03 -7.03 14.42
CA THR C 309 -64.84 -7.59 15.05
C THR C 309 -64.82 -9.11 14.93
N GLN C 310 -65.96 -9.76 15.18
CA GLN C 310 -66.07 -11.20 15.03
C GLN C 310 -65.99 -11.64 13.58
N LEU C 311 -66.09 -10.71 12.63
CA LEU C 311 -65.82 -10.96 11.22
C LEU C 311 -64.38 -10.68 10.84
N PHE C 312 -63.70 -9.81 11.59
CA PHE C 312 -62.30 -9.55 11.34
C PHE C 312 -61.43 -10.69 11.85
N ARG C 313 -61.83 -11.30 12.96
CA ARG C 313 -61.06 -12.43 13.48
C ARG C 313 -60.91 -13.56 12.46
N PRO C 314 -61.97 -14.07 11.82
CA PRO C 314 -61.77 -15.19 10.89
C PRO C 314 -61.06 -14.79 9.60
N LEU C 315 -61.23 -13.56 9.11
CA LEU C 315 -60.48 -13.16 7.92
C LEU C 315 -58.99 -12.99 8.23
N ASP C 316 -58.68 -12.42 9.40
CA ASP C 316 -57.30 -12.34 9.84
C ASP C 316 -56.71 -13.74 10.01
N MET C 317 -57.53 -14.71 10.42
CA MET C 317 -57.05 -16.09 10.49
C MET C 317 -56.87 -16.69 9.09
N LEU C 318 -57.77 -16.38 8.17
CA LEU C 318 -57.72 -17.01 6.84
C LEU C 318 -56.55 -16.48 6.03
N GLY C 319 -56.16 -15.21 6.23
CA GLY C 319 -54.96 -14.71 5.58
C GLY C 319 -53.73 -15.54 5.93
N MET C 320 -53.50 -15.76 7.23
CA MET C 320 -52.37 -16.58 7.64
C MET C 320 -52.57 -18.04 7.25
N VAL C 321 -53.83 -18.51 7.19
CA VAL C 321 -54.08 -19.88 6.74
C VAL C 321 -53.65 -20.05 5.30
N TYR C 322 -53.96 -19.07 4.44
CA TYR C 322 -53.53 -19.16 3.05
C TYR C 322 -52.02 -19.02 2.91
N ARG C 323 -51.41 -18.13 3.72
CA ARG C 323 -49.95 -18.04 3.71
C ARG C 323 -49.34 -19.40 4.05
N THR C 324 -49.88 -20.04 5.09
CA THR C 324 -49.35 -21.32 5.53
C THR C 324 -49.60 -22.40 4.49
N ILE C 325 -50.74 -22.36 3.82
CA ILE C 325 -51.03 -23.37 2.81
C ILE C 325 -50.08 -23.22 1.62
N ARG C 326 -49.83 -21.99 1.19
CA ARG C 326 -48.89 -21.75 0.09
C ARG C 326 -47.47 -22.19 0.46
N GLN C 327 -46.98 -21.71 1.62
CA GLN C 327 -45.61 -22.07 2.00
C GLN C 327 -45.48 -23.55 2.31
N GLY C 328 -46.53 -24.18 2.84
CA GLY C 328 -46.50 -25.60 3.04
C GLY C 328 -46.49 -26.37 1.74
N LEU C 329 -47.20 -25.88 0.72
CA LEU C 329 -47.16 -26.52 -0.58
C LEU C 329 -45.77 -26.42 -1.20
N ILE C 330 -45.12 -25.26 -1.11
CA ILE C 330 -43.80 -25.12 -1.71
C ILE C 330 -42.76 -25.93 -0.92
N ASP C 331 -42.89 -25.96 0.41
CA ASP C 331 -41.97 -26.77 1.21
C ASP C 331 -42.20 -28.26 0.98
N MET C 332 -43.46 -28.67 0.79
CA MET C 332 -43.78 -30.04 0.45
C MET C 332 -43.19 -30.42 -0.90
N ALA C 333 -43.28 -29.52 -1.88
CA ALA C 333 -42.65 -29.77 -3.18
C ALA C 333 -41.15 -29.91 -3.04
N GLU C 334 -40.54 -29.11 -2.16
CA GLU C 334 -39.10 -29.23 -1.92
C GLU C 334 -38.76 -30.55 -1.23
N MET C 335 -39.62 -31.01 -0.32
CA MET C 335 -39.33 -32.22 0.44
C MET C 335 -39.51 -33.47 -0.42
N PHE C 336 -40.59 -33.54 -1.19
CA PHE C 336 -40.82 -34.72 -2.03
C PHE C 336 -39.76 -34.91 -3.10
N ARG C 337 -38.85 -33.94 -3.28
CA ARG C 337 -37.70 -34.17 -4.15
C ARG C 337 -36.69 -35.14 -3.54
N LEU C 338 -36.82 -35.48 -2.26
CA LEU C 338 -35.99 -36.53 -1.70
C LEU C 338 -36.48 -37.91 -2.11
N ILE C 339 -37.80 -38.07 -2.29
CA ILE C 339 -38.34 -39.35 -2.76
C ILE C 339 -38.44 -39.38 -4.28
N ASP C 340 -38.35 -38.22 -4.94
CA ASP C 340 -38.22 -38.23 -6.40
C ASP C 340 -36.94 -38.92 -6.85
N THR C 341 -35.91 -38.89 -6.00
CA THR C 341 -34.67 -39.59 -6.30
C THR C 341 -34.93 -41.08 -6.41
N HIS C 342 -34.70 -41.63 -7.60
CA HIS C 342 -34.95 -43.05 -7.86
C HIS C 342 -34.05 -43.91 -6.97
N ILE C 343 -34.59 -45.05 -6.54
CA ILE C 343 -33.84 -45.95 -5.68
C ILE C 343 -32.76 -46.69 -6.45
N GLU C 344 -32.70 -46.49 -7.76
CA GLU C 344 -31.68 -47.06 -8.64
C GLU C 344 -31.80 -48.57 -8.74
N VAL C 345 -31.92 -49.25 -7.60
CA VAL C 345 -32.13 -50.69 -7.53
C VAL C 345 -33.56 -50.94 -7.08
N ALA C 346 -34.26 -51.79 -7.83
CA ALA C 346 -35.64 -52.15 -7.49
C ALA C 346 -35.88 -53.61 -7.83
N ASP C 347 -36.82 -54.21 -7.12
CA ASP C 347 -37.13 -55.62 -7.31
C ASP C 347 -37.97 -55.83 -8.57
N VAL C 348 -37.65 -56.91 -9.29
CA VAL C 348 -38.40 -57.31 -10.49
C VAL C 348 -39.74 -57.88 -10.08
N PRO C 349 -40.74 -57.89 -10.95
CA PRO C 349 -42.06 -58.43 -10.58
C PRO C 349 -41.99 -59.89 -10.13
N ASN C 350 -42.63 -60.17 -9.00
CA ASN C 350 -42.65 -61.51 -8.41
C ASN C 350 -41.23 -62.05 -8.21
N ALA C 351 -40.40 -61.27 -7.54
CA ALA C 351 -39.03 -61.68 -7.30
C ALA C 351 -39.00 -62.81 -6.27
N PRO C 352 -38.28 -63.89 -6.54
CA PRO C 352 -38.17 -64.98 -5.57
C PRO C 352 -37.14 -64.66 -4.49
N ALA C 353 -36.99 -65.60 -3.57
CA ALA C 353 -36.03 -65.47 -2.48
C ALA C 353 -34.71 -66.15 -2.85
N LEU C 354 -33.62 -65.61 -2.32
CA LEU C 354 -32.30 -66.18 -2.60
C LEU C 354 -32.11 -67.48 -1.84
N VAL C 355 -31.71 -68.53 -2.56
CA VAL C 355 -31.48 -69.85 -1.98
C VAL C 355 -29.98 -70.09 -2.05
N VAL C 356 -29.30 -69.97 -0.92
CA VAL C 356 -27.85 -70.12 -0.84
C VAL C 356 -27.57 -71.52 -0.34
N ASN C 357 -27.53 -72.48 -1.26
CA ASN C 357 -27.12 -73.84 -0.92
C ASN C 357 -25.60 -74.00 -0.97
N ARG C 358 -24.97 -73.40 -1.98
CA ARG C 358 -23.53 -73.42 -2.13
C ARG C 358 -23.06 -71.98 -2.31
N PRO C 359 -22.43 -71.37 -1.30
CA PRO C 359 -22.14 -69.93 -1.38
C PRO C 359 -21.04 -69.57 -2.36
N SER C 360 -21.35 -69.63 -3.66
CA SER C 360 -20.42 -69.24 -4.70
C SER C 360 -20.75 -67.84 -5.21
N VAL C 361 -19.75 -67.19 -5.78
CA VAL C 361 -19.89 -65.84 -6.31
C VAL C 361 -19.38 -65.83 -7.74
N THR C 362 -20.09 -65.15 -8.63
CA THR C 362 -19.72 -65.10 -10.05
C THR C 362 -19.91 -63.68 -10.56
N PHE C 363 -18.86 -63.11 -11.13
CA PHE C 363 -18.91 -61.83 -11.83
C PHE C 363 -18.81 -62.12 -13.32
N ASP C 364 -19.91 -61.93 -14.05
CA ASP C 364 -20.00 -62.26 -15.47
C ASP C 364 -19.99 -60.97 -16.28
N ASN C 365 -18.79 -60.61 -16.76
CA ASN C 365 -18.59 -59.48 -17.67
C ASN C 365 -19.23 -58.20 -17.14
N VAL C 366 -19.01 -57.94 -15.85
CA VAL C 366 -19.58 -56.78 -15.19
C VAL C 366 -18.89 -55.52 -15.70
N VAL C 367 -19.66 -54.62 -16.29
CA VAL C 367 -19.19 -53.29 -16.68
C VAL C 367 -19.97 -52.28 -15.85
N PHE C 368 -19.25 -51.48 -15.06
CA PHE C 368 -19.94 -50.57 -14.16
C PHE C 368 -19.15 -49.29 -13.95
N GLY C 369 -19.89 -48.19 -13.81
CA GLY C 369 -19.33 -46.95 -13.32
C GLY C 369 -20.41 -46.22 -12.53
N TYR C 370 -19.97 -45.38 -11.60
CA TYR C 370 -20.94 -44.64 -10.79
C TYR C 370 -21.68 -43.62 -11.65
N ASP C 371 -20.94 -42.84 -12.42
CA ASP C 371 -21.52 -41.91 -13.39
C ASP C 371 -21.11 -42.33 -14.79
N ARG C 372 -21.96 -42.01 -15.76
CA ARG C 372 -21.75 -42.47 -17.13
C ARG C 372 -20.50 -41.86 -17.77
N ASP C 373 -19.96 -40.79 -17.21
CA ASP C 373 -18.79 -40.15 -17.81
C ASP C 373 -17.47 -40.78 -17.40
N ARG C 374 -17.48 -41.75 -16.48
CA ARG C 374 -16.24 -42.42 -16.07
C ARG C 374 -16.55 -43.88 -15.76
N GLU C 375 -15.99 -44.79 -16.55
CA GLU C 375 -16.17 -46.22 -16.37
C GLU C 375 -15.05 -46.77 -15.51
N ILE C 376 -15.42 -47.58 -14.51
CA ILE C 376 -14.47 -48.10 -13.52
C ILE C 376 -14.15 -49.56 -13.77
N LEU C 377 -15.18 -50.39 -13.98
CA LEU C 377 -15.02 -51.82 -14.24
C LEU C 377 -15.26 -52.09 -15.71
N HIS C 378 -14.26 -52.63 -16.39
CA HIS C 378 -14.30 -52.86 -17.83
C HIS C 378 -14.39 -54.37 -18.08
N GLY C 379 -15.60 -54.90 -17.96
CA GLY C 379 -15.83 -56.30 -18.23
C GLY C 379 -15.09 -57.25 -17.30
N LEU C 380 -15.44 -57.20 -16.01
CA LEU C 380 -14.79 -58.04 -15.00
C LEU C 380 -15.53 -59.36 -14.87
N SER C 381 -14.77 -60.46 -14.86
CA SER C 381 -15.36 -61.79 -14.75
C SER C 381 -14.47 -62.63 -13.84
N PHE C 382 -15.06 -63.20 -12.79
CA PHE C 382 -14.30 -64.11 -11.93
C PHE C 382 -15.27 -65.02 -11.19
N GLU C 383 -14.71 -66.10 -10.63
CA GLU C 383 -15.48 -67.15 -9.97
C GLU C 383 -14.89 -67.42 -8.60
N VAL C 384 -15.58 -66.97 -7.56
CA VAL C 384 -15.23 -67.30 -6.18
C VAL C 384 -15.96 -68.60 -5.83
N ALA C 385 -15.20 -69.67 -5.65
CA ALA C 385 -15.80 -70.98 -5.42
C ALA C 385 -16.46 -71.05 -4.05
N ALA C 386 -17.50 -71.87 -3.96
CA ALA C 386 -18.24 -72.04 -2.71
C ALA C 386 -17.36 -72.66 -1.64
N GLY C 387 -17.37 -72.06 -0.44
CA GLY C 387 -16.59 -72.54 0.67
C GLY C 387 -15.12 -72.18 0.65
N SER C 388 -14.65 -71.55 -0.41
CA SER C 388 -13.25 -71.16 -0.50
C SER C 388 -12.99 -69.88 0.28
N ARG C 389 -11.71 -69.50 0.36
CA ARG C 389 -11.26 -68.31 1.08
C ARG C 389 -10.41 -67.51 0.11
N VAL C 390 -11.06 -66.64 -0.65
CA VAL C 390 -10.46 -65.91 -1.76
C VAL C 390 -10.11 -64.49 -1.33
N ALA C 391 -9.00 -63.98 -1.83
CA ALA C 391 -8.56 -62.61 -1.60
C ALA C 391 -8.66 -61.81 -2.88
N ILE C 392 -8.77 -60.48 -2.73
CA ILE C 392 -8.83 -59.56 -3.86
C ILE C 392 -7.81 -58.45 -3.60
N VAL C 393 -6.79 -58.39 -4.43
CA VAL C 393 -5.73 -57.38 -4.29
C VAL C 393 -5.68 -56.55 -5.57
N GLY C 394 -4.97 -55.42 -5.49
CA GLY C 394 -4.84 -54.51 -6.61
C GLY C 394 -4.42 -53.13 -6.17
N PRO C 395 -4.09 -52.27 -7.13
CA PRO C 395 -3.68 -50.89 -6.79
C PRO C 395 -4.86 -50.07 -6.29
N SER C 396 -4.54 -48.90 -5.75
CA SER C 396 -5.55 -48.00 -5.22
C SER C 396 -6.35 -47.39 -6.37
N GLY C 397 -7.65 -47.68 -6.42
CA GLY C 397 -8.50 -47.22 -7.48
C GLY C 397 -8.88 -48.28 -8.50
N ALA C 398 -8.46 -49.53 -8.28
CA ALA C 398 -8.77 -50.59 -9.23
C ALA C 398 -10.25 -50.94 -9.24
N GLY C 399 -10.94 -50.70 -8.13
CA GLY C 399 -12.37 -50.96 -8.07
C GLY C 399 -12.76 -52.13 -7.19
N LYS C 400 -12.05 -52.32 -6.09
CA LYS C 400 -12.38 -53.43 -5.17
C LYS C 400 -13.59 -53.10 -4.32
N SER C 401 -13.62 -51.91 -3.71
CA SER C 401 -14.80 -51.49 -2.98
C SER C 401 -16.02 -51.38 -3.91
N THR C 402 -15.78 -51.10 -5.19
CA THR C 402 -16.89 -51.14 -6.15
C THR C 402 -17.41 -52.57 -6.31
N ILE C 403 -16.51 -53.56 -6.35
CA ILE C 403 -16.93 -54.95 -6.35
C ILE C 403 -17.76 -55.26 -5.11
N ALA C 404 -17.31 -54.79 -3.95
CA ALA C 404 -18.04 -55.04 -2.70
C ALA C 404 -19.43 -54.43 -2.74
N ARG C 405 -19.53 -53.18 -3.20
CA ARG C 405 -20.83 -52.51 -3.24
C ARG C 405 -21.76 -53.12 -4.30
N LEU C 406 -21.20 -53.58 -5.43
CA LEU C 406 -22.03 -54.20 -6.46
C LEU C 406 -22.52 -55.56 -6.00
N LEU C 407 -21.70 -56.30 -5.25
CA LEU C 407 -22.14 -57.58 -4.71
C LEU C 407 -23.31 -57.38 -3.75
N PHE C 408 -23.28 -56.30 -2.98
CA PHE C 408 -24.37 -55.94 -2.08
C PHE C 408 -25.52 -55.24 -2.80
N ARG C 409 -25.37 -54.98 -4.10
CA ARG C 409 -26.38 -54.35 -4.94
C ARG C 409 -26.79 -52.98 -4.41
N PHE C 410 -25.80 -52.17 -4.02
CA PHE C 410 -26.05 -50.75 -3.86
C PHE C 410 -26.22 -50.06 -5.20
N TYR C 411 -25.60 -50.60 -6.24
CA TYR C 411 -25.75 -50.12 -7.61
C TYR C 411 -25.97 -51.31 -8.52
N ASP C 412 -26.51 -51.04 -9.71
CA ASP C 412 -26.61 -52.10 -10.70
C ASP C 412 -25.58 -51.91 -11.81
N PRO C 413 -25.01 -53.00 -12.32
CA PRO C 413 -24.00 -52.86 -13.37
C PRO C 413 -24.63 -52.48 -14.70
N TRP C 414 -23.83 -51.81 -15.53
CA TRP C 414 -24.29 -51.45 -16.87
C TRP C 414 -24.48 -52.68 -17.74
N GLU C 415 -23.46 -53.54 -17.80
CA GLU C 415 -23.52 -54.81 -18.52
C GLU C 415 -23.02 -55.92 -17.61
N GLY C 416 -23.26 -57.15 -18.01
CA GLY C 416 -22.89 -58.30 -17.20
C GLY C 416 -23.81 -58.44 -16.01
N ARG C 417 -23.48 -59.41 -15.15
CA ARG C 417 -24.31 -59.67 -13.99
C ARG C 417 -23.48 -60.26 -12.86
N ILE C 418 -24.12 -60.40 -11.70
CA ILE C 418 -23.50 -60.97 -10.51
C ILE C 418 -24.39 -62.11 -10.03
N LEU C 419 -23.78 -63.24 -9.74
CA LEU C 419 -24.49 -64.46 -9.37
C LEU C 419 -24.02 -64.95 -8.00
N ILE C 420 -24.98 -65.38 -7.19
CA ILE C 420 -24.70 -66.07 -5.94
C ILE C 420 -25.40 -67.43 -6.03
N ASP C 421 -24.59 -68.49 -6.11
CA ASP C 421 -25.10 -69.85 -6.36
C ASP C 421 -25.92 -69.89 -7.65
N GLY C 422 -25.38 -69.27 -8.70
CA GLY C 422 -25.99 -69.32 -10.01
C GLY C 422 -27.23 -68.49 -10.21
N GLN C 423 -27.62 -67.69 -9.22
CA GLN C 423 -28.83 -66.88 -9.29
C GLN C 423 -28.47 -65.43 -9.51
N ASP C 424 -29.14 -64.79 -10.48
CA ASP C 424 -28.86 -63.40 -10.79
C ASP C 424 -29.31 -62.50 -9.64
N ILE C 425 -28.38 -61.69 -9.13
CA ILE C 425 -28.68 -60.81 -8.00
C ILE C 425 -29.79 -59.82 -8.35
N ALA C 426 -29.84 -59.37 -9.61
CA ALA C 426 -30.85 -58.40 -10.01
C ALA C 426 -32.25 -58.99 -10.08
N HIS C 427 -32.39 -60.32 -10.03
CA HIS C 427 -33.69 -60.98 -10.12
C HIS C 427 -34.13 -61.56 -8.79
N VAL C 428 -33.55 -61.10 -7.67
CA VAL C 428 -33.89 -61.58 -6.34
C VAL C 428 -34.18 -60.40 -5.44
N THR C 429 -35.03 -60.62 -4.45
CA THR C 429 -35.34 -59.59 -3.46
C THR C 429 -34.06 -59.11 -2.77
N GLN C 430 -33.96 -57.79 -2.58
CA GLN C 430 -32.80 -57.21 -1.93
C GLN C 430 -32.65 -57.68 -0.49
N THR C 431 -33.77 -57.95 0.18
CA THR C 431 -33.72 -58.34 1.59
C THR C 431 -32.98 -59.65 1.77
N SER C 432 -33.33 -60.67 0.99
CA SER C 432 -32.67 -61.97 1.12
C SER C 432 -31.20 -61.88 0.72
N LEU C 433 -30.89 -61.15 -0.35
CA LEU C 433 -29.52 -60.96 -0.77
C LEU C 433 -28.67 -60.35 0.34
N ARG C 434 -29.14 -59.23 0.90
CA ARG C 434 -28.38 -58.57 1.96
C ARG C 434 -28.38 -59.37 3.26
N ALA C 435 -29.36 -60.25 3.46
CA ALA C 435 -29.31 -61.14 4.61
C ALA C 435 -28.29 -62.25 4.44
N ALA C 436 -28.04 -62.65 3.19
CA ALA C 436 -27.05 -63.69 2.92
C ALA C 436 -25.62 -63.17 2.90
N LEU C 437 -25.44 -61.85 2.98
CA LEU C 437 -24.11 -61.24 2.93
C LEU C 437 -23.79 -60.57 4.25
N GLY C 438 -22.51 -60.62 4.63
CA GLY C 438 -22.02 -59.91 5.79
C GLY C 438 -20.74 -59.17 5.46
N ILE C 439 -20.78 -57.85 5.50
CA ILE C 439 -19.70 -57.01 4.99
C ILE C 439 -19.08 -56.24 6.15
N VAL C 440 -17.75 -56.27 6.23
CA VAL C 440 -16.99 -55.35 7.05
C VAL C 440 -16.49 -54.24 6.14
N PRO C 441 -17.03 -53.02 6.23
CA PRO C 441 -16.73 -52.01 5.21
C PRO C 441 -15.31 -51.49 5.36
N GLN C 442 -14.87 -50.79 4.31
CA GLN C 442 -13.54 -50.19 4.34
C GLN C 442 -13.45 -49.11 5.42
N ASP C 443 -14.50 -48.32 5.57
CA ASP C 443 -14.60 -47.32 6.63
C ASP C 443 -15.65 -47.80 7.62
N SER C 444 -15.21 -48.37 8.74
CA SER C 444 -16.12 -48.92 9.74
C SER C 444 -16.73 -47.79 10.57
N VAL C 445 -18.05 -47.77 10.66
CA VAL C 445 -18.79 -46.75 11.40
C VAL C 445 -19.69 -47.44 12.43
N LEU C 446 -19.62 -46.98 13.67
CA LEU C 446 -20.40 -47.53 14.76
C LEU C 446 -21.46 -46.55 15.24
N PHE C 447 -22.48 -47.08 15.90
CA PHE C 447 -23.52 -46.25 16.50
C PHE C 447 -23.01 -45.59 17.77
N ASN C 448 -23.58 -44.42 18.08
CA ASN C 448 -23.22 -43.68 19.29
C ASN C 448 -23.86 -44.37 20.50
N ASP C 449 -23.33 -45.54 20.82
CA ASP C 449 -23.86 -46.36 21.90
C ASP C 449 -22.70 -47.12 22.53
N THR C 450 -23.01 -48.24 23.18
CA THR C 450 -22.00 -49.05 23.85
C THR C 450 -21.49 -50.17 22.94
N ILE C 451 -20.39 -50.79 23.35
CA ILE C 451 -19.80 -51.89 22.60
C ILE C 451 -20.78 -53.05 22.51
N GLY C 452 -21.51 -53.33 23.60
CA GLY C 452 -22.44 -54.44 23.60
C GLY C 452 -23.54 -54.27 22.57
N TYR C 453 -24.14 -53.08 22.52
CA TYR C 453 -25.19 -52.82 21.54
C TYR C 453 -24.65 -52.94 20.12
N ASN C 454 -23.45 -52.41 19.87
CA ASN C 454 -22.87 -52.49 18.53
C ASN C 454 -22.65 -53.93 18.11
N ILE C 455 -22.06 -54.73 19.00
CA ILE C 455 -21.81 -56.14 18.66
C ILE C 455 -23.11 -56.91 18.48
N ALA C 456 -24.10 -56.63 19.33
CA ALA C 456 -25.38 -57.34 19.22
C ALA C 456 -26.20 -56.87 18.02
N TYR C 457 -25.88 -55.71 17.45
CA TYR C 457 -26.59 -55.22 16.29
C TYR C 457 -26.50 -56.15 15.09
N GLY C 458 -25.54 -57.09 15.10
CA GLY C 458 -25.39 -57.98 13.96
C GLY C 458 -26.62 -58.83 13.69
N ARG C 459 -27.30 -59.25 14.75
CA ARG C 459 -28.53 -60.02 14.61
C ARG C 459 -29.53 -59.54 15.65
N ASP C 460 -30.79 -59.38 15.23
CA ASP C 460 -31.82 -58.88 16.12
C ASP C 460 -32.09 -59.87 17.25
N GLY C 461 -31.92 -59.42 18.49
CA GLY C 461 -32.14 -60.27 19.63
C GLY C 461 -31.05 -61.29 19.88
N ALA C 462 -29.80 -60.93 19.60
CA ALA C 462 -28.70 -61.86 19.81
C ALA C 462 -28.48 -62.10 21.30
N SER C 463 -28.12 -63.32 21.64
CA SER C 463 -27.93 -63.72 23.04
C SER C 463 -26.51 -63.38 23.49
N ARG C 464 -26.32 -63.36 24.81
CA ARG C 464 -25.00 -63.09 25.36
C ARG C 464 -23.98 -64.13 24.92
N ALA C 465 -24.40 -65.37 24.70
CA ALA C 465 -23.48 -66.39 24.21
C ALA C 465 -22.97 -66.04 22.82
N GLU C 466 -23.87 -65.61 21.93
CA GLU C 466 -23.46 -65.24 20.58
C GLU C 466 -22.55 -64.02 20.60
N VAL C 467 -22.87 -63.02 21.44
CA VAL C 467 -22.04 -61.83 21.54
C VAL C 467 -20.64 -62.17 22.04
N ASP C 468 -20.57 -63.03 23.06
CA ASP C 468 -19.26 -63.43 23.59
C ASP C 468 -18.47 -64.24 22.57
N ALA C 469 -19.15 -65.15 21.85
CA ALA C 469 -18.45 -65.95 20.85
C ALA C 469 -17.91 -65.07 19.72
N ALA C 470 -18.69 -64.08 19.28
CA ALA C 470 -18.22 -63.20 18.22
C ALA C 470 -17.09 -62.30 18.70
N ALA C 471 -17.20 -61.79 19.93
CA ALA C 471 -16.13 -60.96 20.47
C ALA C 471 -14.84 -61.75 20.63
N LYS C 472 -14.94 -63.02 21.01
CA LYS C 472 -13.75 -63.86 21.11
C LYS C 472 -13.20 -64.21 19.73
N GLY C 473 -14.07 -64.43 18.76
CA GLY C 473 -13.62 -64.62 17.40
C GLY C 473 -12.99 -63.37 16.80
N ALA C 474 -13.43 -62.20 17.25
CA ALA C 474 -12.88 -60.94 16.80
C ALA C 474 -11.74 -60.43 17.68
N ALA C 475 -11.32 -61.22 18.67
CA ALA C 475 -10.17 -60.88 19.51
C ALA C 475 -10.37 -59.57 20.27
N ILE C 476 -11.58 -59.38 20.82
CA ILE C 476 -11.89 -58.26 21.70
C ILE C 476 -12.43 -58.72 23.05
N ALA C 477 -12.63 -60.03 23.25
CA ALA C 477 -13.13 -60.50 24.54
C ALA C 477 -12.22 -60.05 25.68
N ASP C 478 -10.91 -60.20 25.50
CA ASP C 478 -9.96 -59.75 26.51
C ASP C 478 -9.97 -58.23 26.65
N PHE C 479 -10.07 -57.51 25.53
CA PHE C 479 -10.11 -56.05 25.59
C PHE C 479 -11.34 -55.56 26.34
N ILE C 480 -12.51 -56.11 26.03
CA ILE C 480 -13.73 -55.72 26.74
C ILE C 480 -13.63 -56.12 28.21
N ALA C 481 -12.98 -57.26 28.48
CA ALA C 481 -12.84 -57.70 29.86
C ALA C 481 -12.03 -56.71 30.68
N ARG C 482 -10.97 -56.14 30.10
CA ARG C 482 -10.12 -55.20 30.82
C ARG C 482 -10.72 -53.80 30.90
N LEU C 483 -11.94 -53.58 30.40
CA LEU C 483 -12.52 -52.24 30.48
C LEU C 483 -13.29 -52.08 31.79
N PRO C 484 -13.18 -50.91 32.43
CA PRO C 484 -13.88 -50.71 33.71
C PRO C 484 -15.39 -50.89 33.62
N GLN C 485 -16.00 -50.49 32.50
CA GLN C 485 -17.43 -50.71 32.28
C GLN C 485 -17.69 -51.87 31.33
N GLY C 486 -16.65 -52.48 30.76
CA GLY C 486 -16.85 -53.66 29.93
C GLY C 486 -17.68 -53.35 28.69
N TYR C 487 -18.70 -54.18 28.47
CA TYR C 487 -19.58 -54.03 27.32
C TYR C 487 -20.34 -52.71 27.33
N ASP C 488 -20.40 -52.02 28.47
CA ASP C 488 -21.15 -50.78 28.59
C ASP C 488 -20.30 -49.55 28.34
N THR C 489 -19.05 -49.71 27.92
CA THR C 489 -18.21 -48.57 27.61
C THR C 489 -18.75 -47.86 26.38
N GLU C 490 -18.93 -46.55 26.48
CA GLU C 490 -19.41 -45.77 25.36
C GLU C 490 -18.30 -45.60 24.32
N VAL C 491 -18.64 -45.82 23.06
CA VAL C 491 -17.67 -45.68 21.98
C VAL C 491 -17.68 -44.30 21.38
N GLY C 492 -18.64 -43.45 21.76
CA GLY C 492 -18.74 -42.13 21.19
C GLY C 492 -19.38 -42.17 19.81
N GLU C 493 -19.45 -40.99 19.20
CA GLU C 493 -20.02 -40.89 17.87
C GLU C 493 -19.08 -41.56 16.87
N ARG C 494 -19.62 -42.53 16.12
CA ARG C 494 -18.87 -43.33 15.15
C ARG C 494 -17.76 -44.15 15.79
N GLY C 495 -17.84 -44.41 17.08
CA GLY C 495 -16.83 -45.22 17.74
C GLY C 495 -15.45 -44.62 17.81
N LEU C 496 -15.34 -43.29 17.67
CA LEU C 496 -14.03 -42.64 17.67
C LEU C 496 -13.36 -42.65 19.03
N LYS C 497 -14.08 -42.99 20.10
CA LYS C 497 -13.44 -43.21 21.39
C LYS C 497 -12.68 -44.52 21.45
N LEU C 498 -12.98 -45.45 20.55
CA LEU C 498 -12.19 -46.65 20.39
C LEU C 498 -11.06 -46.40 19.39
N SER C 499 -10.06 -47.26 19.43
CA SER C 499 -8.98 -47.17 18.47
C SER C 499 -9.44 -47.72 17.12
N GLY C 500 -8.59 -47.54 16.10
CA GLY C 500 -8.93 -48.04 14.77
C GLY C 500 -9.08 -49.54 14.74
N GLY C 501 -8.10 -50.26 15.29
CA GLY C 501 -8.17 -51.71 15.33
C GLY C 501 -9.32 -52.21 16.18
N GLU C 502 -9.59 -51.53 17.30
CA GLU C 502 -10.72 -51.92 18.14
C GLU C 502 -12.03 -51.74 17.41
N LYS C 503 -12.18 -50.63 16.68
CA LYS C 503 -13.39 -50.41 15.89
C LYS C 503 -13.54 -51.45 14.78
N GLN C 504 -12.46 -51.74 14.07
CA GLN C 504 -12.52 -52.75 13.02
C GLN C 504 -12.89 -54.11 13.58
N ARG C 505 -12.32 -54.47 14.73
CA ARG C 505 -12.66 -55.76 15.33
C ARG C 505 -14.09 -55.79 15.85
N VAL C 506 -14.62 -54.65 16.31
CA VAL C 506 -16.03 -54.58 16.69
C VAL C 506 -16.90 -54.84 15.46
N ALA C 507 -16.52 -54.26 14.32
CA ALA C 507 -17.26 -54.53 13.08
C ALA C 507 -17.19 -56.02 12.72
N ILE C 508 -16.01 -56.61 12.89
CA ILE C 508 -15.86 -58.05 12.65
C ILE C 508 -16.77 -58.84 13.57
N ALA C 509 -16.89 -58.40 14.84
CA ALA C 509 -17.76 -59.08 15.78
C ALA C 509 -19.22 -58.96 15.38
N ARG C 510 -19.62 -57.80 14.86
CA ARG C 510 -20.97 -57.65 14.33
C ARG C 510 -21.24 -58.64 13.21
N THR C 511 -20.34 -58.68 12.22
CA THR C 511 -20.54 -59.57 11.08
C THR C 511 -20.47 -61.04 11.50
N LEU C 512 -19.76 -61.35 12.59
CA LEU C 512 -19.76 -62.71 13.10
C LEU C 512 -21.06 -63.05 13.83
N VAL C 513 -21.62 -62.08 14.54
CA VAL C 513 -22.94 -62.26 15.15
C VAL C 513 -23.97 -62.55 14.07
N LYS C 514 -23.92 -61.80 12.96
CA LYS C 514 -24.83 -62.09 11.86
C LYS C 514 -24.60 -63.48 11.29
N ASN C 515 -23.33 -63.86 11.12
CA ASN C 515 -22.89 -65.17 10.64
C ASN C 515 -23.60 -65.56 9.34
N PRO C 516 -23.33 -64.90 8.23
CA PRO C 516 -23.96 -65.28 6.96
C PRO C 516 -23.10 -66.29 6.22
N PRO C 517 -23.62 -66.89 5.14
CA PRO C 517 -22.79 -67.83 4.38
C PRO C 517 -21.64 -67.18 3.64
N ILE C 518 -21.79 -65.93 3.19
CA ILE C 518 -20.76 -65.22 2.46
C ILE C 518 -20.28 -64.05 3.30
N LEU C 519 -18.96 -63.88 3.39
CA LEU C 519 -18.32 -62.86 4.21
C LEU C 519 -17.35 -62.09 3.35
N LEU C 520 -17.34 -60.76 3.49
CA LEU C 520 -16.50 -59.89 2.68
C LEU C 520 -15.77 -58.91 3.60
N PHE C 521 -14.44 -59.03 3.66
CA PHE C 521 -13.61 -58.17 4.48
C PHE C 521 -12.92 -57.15 3.58
N ASP C 522 -13.51 -55.96 3.46
CA ASP C 522 -12.92 -54.87 2.68
C ASP C 522 -12.02 -54.07 3.60
N GLU C 523 -10.73 -54.41 3.60
CA GLU C 523 -9.73 -53.74 4.43
C GLU C 523 -10.14 -53.79 5.90
N ALA C 524 -10.51 -54.98 6.36
CA ALA C 524 -11.11 -55.13 7.68
C ALA C 524 -10.10 -55.11 8.81
N THR C 525 -8.86 -55.54 8.55
CA THR C 525 -7.84 -55.64 9.58
C THR C 525 -6.63 -54.77 9.29
N SER C 526 -6.83 -53.69 8.53
CA SER C 526 -5.71 -52.82 8.18
C SER C 526 -5.16 -52.08 9.40
N ALA C 527 -6.01 -51.81 10.39
CA ALA C 527 -5.58 -51.12 11.60
C ALA C 527 -5.24 -52.08 12.72
N LEU C 528 -4.92 -53.33 12.39
CA LEU C 528 -4.55 -54.35 13.37
C LEU C 528 -3.13 -54.80 13.11
N ASP C 529 -2.40 -55.08 14.19
CA ASP C 529 -1.13 -55.75 14.05
C ASP C 529 -1.34 -57.16 13.50
N THR C 530 -0.30 -57.70 12.87
CA THR C 530 -0.43 -58.99 12.22
C THR C 530 -0.76 -60.10 13.20
N ARG C 531 -0.36 -59.94 14.47
CA ARG C 531 -0.61 -60.97 15.47
C ARG C 531 -2.11 -61.14 15.73
N THR C 532 -2.80 -60.04 16.09
CA THR C 532 -4.23 -60.11 16.34
C THR C 532 -4.98 -60.51 15.07
N GLU C 533 -4.56 -59.99 13.93
CA GLU C 533 -5.19 -60.32 12.67
C GLU C 533 -5.12 -61.82 12.39
N GLN C 534 -3.93 -62.41 12.55
CA GLN C 534 -3.79 -63.84 12.31
C GLN C 534 -4.52 -64.65 13.36
N ASP C 535 -4.62 -64.14 14.60
CA ASP C 535 -5.46 -64.80 15.59
C ASP C 535 -6.91 -64.89 15.11
N ILE C 536 -7.46 -63.77 14.65
CA ILE C 536 -8.84 -63.75 14.16
C ILE C 536 -8.98 -64.69 12.97
N LEU C 537 -8.04 -64.64 12.04
CA LEU C 537 -8.14 -65.44 10.82
C LEU C 537 -8.04 -66.93 11.13
N SER C 538 -7.15 -67.31 12.06
CA SER C 538 -7.03 -68.71 12.42
C SER C 538 -8.28 -69.21 13.13
N THR C 539 -8.84 -68.40 14.05
CA THR C 539 -10.09 -68.81 14.69
C THR C 539 -11.20 -68.99 13.67
N MET C 540 -11.31 -68.06 12.71
CA MET C 540 -12.34 -68.18 11.68
C MET C 540 -12.14 -69.43 10.83
N ARG C 541 -10.90 -69.65 10.36
CA ARG C 541 -10.64 -70.82 9.53
C ARG C 541 -10.89 -72.11 10.30
N ALA C 542 -10.63 -72.13 11.61
CA ALA C 542 -10.87 -73.33 12.39
C ALA C 542 -12.35 -73.61 12.54
N VAL C 543 -13.14 -72.62 12.96
CA VAL C 543 -14.54 -72.88 13.23
C VAL C 543 -15.42 -72.90 11.99
N ALA C 544 -14.99 -72.27 10.90
CA ALA C 544 -15.80 -72.22 9.68
C ALA C 544 -15.60 -73.48 8.85
N SER C 545 -16.68 -73.94 8.23
CA SER C 545 -16.67 -75.14 7.40
C SER C 545 -17.02 -74.83 5.96
N HIS C 546 -18.17 -74.21 5.69
CA HIS C 546 -18.61 -73.92 4.34
C HIS C 546 -18.81 -72.42 4.12
N ARG C 547 -18.05 -71.59 4.84
CA ARG C 547 -18.14 -70.14 4.68
C ARG C 547 -17.25 -69.68 3.54
N THR C 548 -17.80 -68.82 2.68
CA THR C 548 -17.02 -68.13 1.67
C THR C 548 -16.53 -66.82 2.25
N THR C 549 -15.23 -66.52 2.09
CA THR C 549 -14.60 -65.38 2.73
C THR C 549 -13.79 -64.61 1.68
N ILE C 550 -14.33 -63.48 1.24
CA ILE C 550 -13.62 -62.58 0.34
C ILE C 550 -12.92 -61.52 1.17
N SER C 551 -11.63 -61.31 0.92
CA SER C 551 -10.82 -60.39 1.70
C SER C 551 -10.11 -59.42 0.75
N ILE C 552 -10.14 -58.14 1.10
CA ILE C 552 -9.47 -57.09 0.34
C ILE C 552 -8.46 -56.42 1.28
N ALA C 553 -7.22 -56.30 0.81
CA ALA C 553 -6.17 -55.73 1.65
C ALA C 553 -5.00 -55.29 0.78
N HIS C 554 -4.39 -54.16 1.16
CA HIS C 554 -3.13 -53.76 0.56
C HIS C 554 -1.95 -54.46 1.23
N ARG C 555 -2.08 -54.79 2.51
CA ARG C 555 -1.07 -55.58 3.22
C ARG C 555 -1.19 -57.02 2.75
N LEU C 556 -0.21 -57.48 1.96
CA LEU C 556 -0.35 -58.80 1.35
C LEU C 556 -0.22 -59.92 2.38
N SER C 557 0.46 -59.66 3.50
CA SER C 557 0.62 -60.68 4.53
C SER C 557 -0.73 -61.12 5.11
N THR C 558 -1.73 -60.25 5.06
CA THR C 558 -3.06 -60.64 5.55
C THR C 558 -3.67 -61.73 4.68
N ILE C 559 -3.33 -61.76 3.40
CA ILE C 559 -4.01 -62.60 2.43
C ILE C 559 -3.06 -63.59 1.77
N ALA C 560 -1.85 -63.74 2.29
CA ALA C 560 -0.89 -64.65 1.66
C ALA C 560 -1.36 -66.09 1.74
N ASP C 561 -1.98 -66.48 2.86
CA ASP C 561 -2.45 -67.84 3.07
C ASP C 561 -3.86 -68.08 2.53
N SER C 562 -4.31 -67.26 1.58
CA SER C 562 -5.62 -67.46 0.99
C SER C 562 -5.61 -68.66 0.04
N ASP C 563 -6.80 -69.23 -0.18
CA ASP C 563 -6.91 -70.33 -1.13
C ASP C 563 -6.58 -69.86 -2.54
N THR C 564 -7.16 -68.74 -2.97
CA THR C 564 -6.86 -68.13 -4.24
C THR C 564 -6.84 -66.62 -4.08
N ILE C 565 -6.02 -65.96 -4.89
CA ILE C 565 -5.87 -64.52 -4.89
C ILE C 565 -6.23 -64.00 -6.28
N LEU C 566 -7.09 -62.98 -6.33
CA LEU C 566 -7.51 -62.33 -7.56
C LEU C 566 -6.83 -60.97 -7.65
N VAL C 567 -5.99 -60.81 -8.66
CA VAL C 567 -5.29 -59.55 -8.91
C VAL C 567 -6.15 -58.71 -9.85
N LEU C 568 -6.50 -57.51 -9.42
CA LEU C 568 -7.31 -56.59 -10.21
C LEU C 568 -6.42 -55.49 -10.76
N ASP C 569 -6.56 -55.21 -12.05
CA ASP C 569 -5.72 -54.21 -12.71
C ASP C 569 -6.58 -53.47 -13.73
N GLN C 570 -6.81 -52.17 -13.48
CA GLN C 570 -7.58 -51.31 -14.37
C GLN C 570 -8.97 -51.88 -14.63
N GLY C 571 -9.66 -52.23 -13.55
CA GLY C 571 -11.03 -52.70 -13.65
C GLY C 571 -11.20 -54.06 -14.29
N ARG C 572 -10.14 -54.84 -14.41
CA ARG C 572 -10.21 -56.18 -14.99
C ARG C 572 -9.43 -57.15 -14.13
N LEU C 573 -9.71 -58.44 -14.31
CA LEU C 573 -9.02 -59.51 -13.61
C LEU C 573 -7.74 -59.85 -14.38
N ALA C 574 -6.60 -59.50 -13.80
CA ALA C 574 -5.31 -59.73 -14.46
C ALA C 574 -4.75 -61.12 -14.16
N GLU C 575 -4.64 -61.47 -12.89
CA GLU C 575 -4.05 -62.74 -12.48
C GLU C 575 -4.93 -63.40 -11.42
N GLN C 576 -4.70 -64.70 -11.23
CA GLN C 576 -5.45 -65.47 -10.24
C GLN C 576 -4.63 -66.68 -9.84
N GLY C 577 -4.61 -66.94 -8.55
CA GLY C 577 -3.94 -68.13 -8.04
C GLY C 577 -3.42 -67.90 -6.63
N SER C 578 -2.80 -68.95 -6.09
CA SER C 578 -2.29 -68.92 -4.74
C SER C 578 -1.03 -68.07 -4.65
N HIS C 579 -0.61 -67.81 -3.41
CA HIS C 579 0.58 -66.99 -3.17
C HIS C 579 1.80 -67.62 -3.83
N LEU C 580 2.00 -68.93 -3.63
CA LEU C 580 3.14 -69.61 -4.22
C LEU C 580 3.05 -69.62 -5.75
N ASP C 581 1.86 -69.86 -6.28
CA ASP C 581 1.69 -69.86 -7.74
C ASP C 581 1.97 -68.48 -8.33
N LEU C 582 1.40 -67.44 -7.74
CA LEU C 582 1.60 -66.09 -8.28
C LEU C 582 3.05 -65.64 -8.13
N LEU C 583 3.71 -66.03 -7.05
CA LEU C 583 5.13 -65.73 -6.91
C LEU C 583 5.94 -66.48 -7.97
N ARG C 584 5.54 -67.72 -8.26
CA ARG C 584 6.26 -68.51 -9.24
C ARG C 584 6.01 -68.02 -10.67
N ARG C 585 4.83 -67.44 -10.92
CA ARG C 585 4.50 -66.91 -12.24
C ARG C 585 5.20 -65.58 -12.54
N ASP C 586 5.81 -64.96 -11.55
CA ASP C 586 6.56 -63.70 -11.72
C ASP C 586 5.71 -62.64 -12.42
N GLY C 587 4.49 -62.44 -11.93
CA GLY C 587 3.58 -61.50 -12.53
C GLY C 587 3.40 -60.21 -11.76
N LEU C 588 2.17 -59.69 -11.73
CA LEU C 588 1.90 -58.43 -11.04
C LEU C 588 1.90 -58.63 -9.52
N TYR C 589 1.27 -59.71 -9.05
CA TYR C 589 1.29 -60.01 -7.63
C TYR C 589 2.73 -60.22 -7.15
N ALA C 590 3.56 -60.84 -7.99
CA ALA C 590 4.96 -61.00 -7.65
C ALA C 590 5.65 -59.65 -7.48
N GLU C 591 5.31 -58.68 -8.34
CA GLU C 591 5.88 -57.34 -8.20
C GLU C 591 5.42 -56.69 -6.90
N MET C 592 4.13 -56.80 -6.58
CA MET C 592 3.62 -56.25 -5.33
C MET C 592 4.35 -56.86 -4.13
N TRP C 593 4.49 -58.19 -4.12
CA TRP C 593 5.12 -58.85 -2.99
C TRP C 593 6.61 -58.56 -2.91
N ALA C 594 7.28 -58.37 -4.05
CA ALA C 594 8.69 -58.03 -4.04
C ALA C 594 8.90 -56.61 -3.51
N ARG C 595 8.03 -55.68 -3.90
CA ARG C 595 8.18 -54.31 -3.39
C ARG C 595 7.77 -54.20 -1.93
N GLN C 596 6.84 -55.05 -1.47
CA GLN C 596 6.35 -54.96 -0.10
C GLN C 596 7.22 -55.74 0.90
N ALA C 597 7.85 -56.83 0.47
CA ALA C 597 8.73 -57.59 1.36
C ALA C 597 10.14 -57.01 1.46
N ALA C 598 10.31 -55.72 1.15
CA ALA C 598 11.62 -55.09 1.22
C ALA C 598 11.91 -54.59 2.62
N TRP D 28 -24.76 0.56 27.17
CA TRP D 28 -25.56 0.89 25.99
C TRP D 28 -24.79 0.56 24.71
N PRO D 29 -24.79 -0.72 24.33
CA PRO D 29 -24.10 -1.12 23.08
C PRO D 29 -24.69 -0.47 21.83
N ALA D 30 -25.85 0.19 21.94
CA ALA D 30 -26.48 0.87 20.83
C ALA D 30 -25.78 2.18 20.45
N ASP D 31 -24.66 2.51 21.10
CA ASP D 31 -23.95 3.75 20.83
C ASP D 31 -23.01 3.65 19.63
N ASN D 32 -22.74 2.44 19.14
CA ASN D 32 -21.87 2.27 17.98
C ASN D 32 -22.60 2.35 16.65
N ALA D 33 -23.90 2.07 16.64
CA ALA D 33 -24.69 2.14 15.41
C ALA D 33 -25.91 3.03 15.60
N VAL D 34 -26.77 3.09 14.58
CA VAL D 34 -27.98 3.90 14.64
C VAL D 34 -29.13 3.17 15.30
N LEU D 35 -28.96 1.89 15.65
CA LEU D 35 -30.07 1.11 16.20
C LEU D 35 -30.58 1.68 17.51
N ARG D 36 -29.78 2.53 18.19
CA ARG D 36 -30.28 3.22 19.37
C ARG D 36 -31.59 3.93 19.08
N ARG D 37 -31.71 4.54 17.90
CA ARG D 37 -32.99 5.10 17.49
C ARG D 37 -34.03 4.01 17.33
N ARG D 38 -33.71 2.99 16.52
CA ARG D 38 -34.73 2.05 16.05
C ARG D 38 -35.47 1.40 17.21
N VAL D 39 -34.75 1.05 18.29
CA VAL D 39 -35.43 0.45 19.43
C VAL D 39 -36.19 1.49 20.22
N VAL D 40 -35.55 2.64 20.50
CA VAL D 40 -36.21 3.69 21.30
C VAL D 40 -37.49 4.14 20.63
N GLY D 41 -37.39 4.54 19.36
CA GLY D 41 -38.59 4.88 18.60
C GLY D 41 -39.63 3.77 18.68
N ALA D 42 -39.18 2.52 18.53
CA ALA D 42 -40.10 1.40 18.64
C ALA D 42 -40.85 1.45 19.96
N ILE D 43 -40.11 1.58 21.07
CA ILE D 43 -40.77 1.72 22.37
C ILE D 43 -41.73 2.89 22.34
N LEU D 44 -41.27 4.04 21.83
CA LEU D 44 -42.16 5.19 21.68
C LEU D 44 -43.42 4.79 20.92
N MET D 45 -43.23 4.13 19.77
CA MET D 45 -44.36 3.66 18.99
C MET D 45 -45.29 2.82 19.87
N VAL D 46 -44.72 1.84 20.58
CA VAL D 46 -45.51 1.01 21.50
C VAL D 46 -46.30 1.87 22.47
N LEU D 47 -45.62 2.84 23.10
CA LEU D 47 -46.32 3.72 24.03
C LEU D 47 -47.46 4.42 23.31
N LEU D 48 -47.18 4.94 22.12
CA LEU D 48 -48.21 5.55 21.30
C LEU D 48 -49.32 4.54 21.02
N GLY D 49 -48.97 3.28 20.78
CA GLY D 49 -49.99 2.26 20.62
C GLY D 49 -50.95 2.24 21.79
N LYS D 50 -50.42 2.38 23.01
CA LYS D 50 -51.23 2.42 24.21
C LYS D 50 -52.20 3.59 24.14
N ALA D 51 -51.69 4.73 23.64
CA ALA D 51 -52.52 5.91 23.46
C ALA D 51 -53.72 5.59 22.58
N THR D 52 -53.52 4.79 21.53
CA THR D 52 -54.62 4.44 20.65
C THR D 52 -55.72 3.67 21.37
N THR D 53 -55.34 2.83 22.34
CA THR D 53 -56.33 2.10 23.13
C THR D 53 -57.19 3.02 23.99
N LEU D 54 -56.94 4.33 23.95
CA LEU D 54 -57.82 5.30 24.60
C LEU D 54 -59.00 5.72 23.71
N ALA D 55 -59.27 4.97 22.65
CA ALA D 55 -60.47 5.19 21.85
C ALA D 55 -61.64 4.34 22.32
N LEU D 56 -61.56 3.79 23.53
CA LEU D 56 -62.63 3.00 24.12
C LEU D 56 -63.50 3.82 25.07
N PRO D 57 -62.99 4.86 25.76
CA PRO D 57 -63.90 5.74 26.50
C PRO D 57 -64.71 6.66 25.61
N PHE D 58 -64.48 6.65 24.30
CA PHE D 58 -65.22 7.50 23.38
C PHE D 58 -66.57 6.91 23.03
N ALA D 59 -66.69 5.58 23.04
CA ALA D 59 -68.01 4.95 22.90
C ALA D 59 -68.95 5.41 23.99
N TYR D 60 -68.43 5.65 25.19
CA TYR D 60 -69.23 6.27 26.24
C TYR D 60 -69.83 7.58 25.75
N LYS D 61 -69.00 8.48 25.22
CA LYS D 61 -69.50 9.78 24.77
C LYS D 61 -70.49 9.63 23.62
N LYS D 62 -70.27 8.65 22.74
CA LYS D 62 -71.12 8.58 21.57
C LYS D 62 -72.48 8.02 21.92
N ALA D 63 -72.53 7.06 22.85
CA ALA D 63 -73.81 6.61 23.37
C ALA D 63 -74.43 7.66 24.29
N VAL D 64 -73.62 8.52 24.91
CA VAL D 64 -74.18 9.63 25.68
C VAL D 64 -74.94 10.59 24.75
N ASP D 65 -74.31 10.97 23.62
CA ASP D 65 -75.01 11.84 22.67
C ASP D 65 -76.11 11.15 21.91
N ALA D 66 -76.08 9.83 21.80
CA ALA D 66 -77.19 9.13 21.19
C ALA D 66 -78.32 8.94 22.18
N MET D 67 -77.98 8.65 23.42
CA MET D 67 -78.95 8.25 24.42
C MET D 67 -79.59 9.45 25.07
N THR D 68 -78.77 10.34 25.59
CA THR D 68 -79.28 11.39 26.41
C THR D 68 -79.72 12.54 25.51
N LEU D 69 -80.21 13.58 26.16
CA LEU D 69 -80.77 14.70 25.44
C LEU D 69 -79.79 15.23 24.40
N GLY D 70 -78.52 15.37 24.78
CA GLY D 70 -77.49 15.79 23.85
C GLY D 70 -77.77 17.11 23.18
N GLY D 71 -78.06 18.13 23.99
CA GLY D 71 -78.39 19.44 23.46
C GLY D 71 -77.23 20.37 23.23
N GLY D 72 -76.01 19.98 23.61
CA GLY D 72 -74.86 20.83 23.36
C GLY D 72 -74.63 21.06 21.89
N ALA D 73 -74.62 20.00 21.09
CA ALA D 73 -74.57 20.08 19.65
C ALA D 73 -75.55 19.07 19.08
N GLN D 74 -75.86 19.22 17.79
CA GLN D 74 -76.80 18.33 17.13
C GLN D 74 -76.24 16.91 17.09
N PRO D 75 -76.89 15.95 17.76
CA PRO D 75 -76.30 14.60 17.83
C PRO D 75 -76.22 13.90 16.50
N ALA D 76 -77.27 14.00 15.68
CA ALA D 76 -77.36 13.26 14.43
C ALA D 76 -76.30 13.67 13.41
N LEU D 77 -75.48 14.65 13.75
CA LEU D 77 -74.36 15.04 12.90
C LEU D 77 -73.01 14.79 13.54
N THR D 78 -72.84 15.21 14.81
CA THR D 78 -71.62 14.90 15.54
C THR D 78 -71.34 13.41 15.56
N VAL D 79 -72.38 12.58 15.77
CA VAL D 79 -72.16 11.15 15.95
C VAL D 79 -71.51 10.55 14.71
N ALA D 80 -72.05 10.81 13.53
CA ALA D 80 -71.50 10.22 12.31
C ALA D 80 -70.00 10.46 12.21
N LEU D 81 -69.58 11.72 12.22
CA LEU D 81 -68.17 12.03 12.00
C LEU D 81 -67.31 11.55 13.17
N ALA D 82 -67.66 11.94 14.40
CA ALA D 82 -66.83 11.63 15.55
C ALA D 82 -66.71 10.13 15.78
N PHE D 83 -67.83 9.40 15.70
CA PHE D 83 -67.83 7.98 16.01
C PHE D 83 -67.10 7.18 14.94
N VAL D 84 -67.43 7.42 13.66
CA VAL D 84 -66.74 6.74 12.57
C VAL D 84 -65.24 7.01 12.62
N LEU D 85 -64.88 8.28 12.76
CA LEU D 85 -63.46 8.64 12.78
C LEU D 85 -62.77 7.99 13.95
N ALA D 86 -63.35 8.07 15.14
CA ALA D 86 -62.63 7.61 16.31
C ALA D 86 -62.46 6.11 16.27
N TYR D 87 -63.55 5.36 16.05
CA TYR D 87 -63.42 3.90 16.06
C TYR D 87 -62.51 3.42 14.95
N ALA D 88 -62.80 3.81 13.69
CA ALA D 88 -62.00 3.32 12.56
C ALA D 88 -60.55 3.77 12.66
N LEU D 89 -60.32 5.08 12.78
CA LEU D 89 -58.96 5.60 12.80
C LEU D 89 -58.17 5.11 14.00
N GLY D 90 -58.84 4.92 15.15
CA GLY D 90 -58.13 4.40 16.31
C GLY D 90 -57.69 2.97 16.11
N ARG D 91 -58.59 2.11 15.66
CA ARG D 91 -58.20 0.72 15.47
C ARG D 91 -57.11 0.61 14.40
N PHE D 92 -57.25 1.38 13.32
CA PHE D 92 -56.25 1.36 12.26
C PHE D 92 -54.90 1.85 12.76
N SER D 93 -54.89 2.93 13.56
CA SER D 93 -53.63 3.45 14.07
C SER D 93 -52.99 2.47 15.05
N GLY D 94 -53.79 1.79 15.86
CA GLY D 94 -53.24 0.79 16.77
C GLY D 94 -52.54 -0.32 16.03
N VAL D 95 -53.24 -0.94 15.06
CA VAL D 95 -52.62 -2.03 14.31
C VAL D 95 -51.44 -1.52 13.48
N LEU D 96 -51.57 -0.33 12.91
CA LEU D 96 -50.50 0.24 12.08
C LEU D 96 -49.25 0.51 12.90
N PHE D 97 -49.41 1.02 14.12
CA PHE D 97 -48.27 1.31 14.97
C PHE D 97 -47.63 0.02 15.50
N ASP D 98 -48.44 -0.99 15.80
CA ASP D 98 -47.88 -2.30 16.14
C ASP D 98 -47.00 -2.81 15.00
N ASN D 99 -47.52 -2.78 13.77
CA ASN D 99 -46.75 -3.29 12.64
C ASN D 99 -45.58 -2.37 12.31
N LEU D 100 -45.68 -1.08 12.63
CA LEU D 100 -44.54 -0.17 12.45
C LEU D 100 -43.43 -0.53 13.42
N ARG D 101 -43.78 -0.85 14.67
CA ARG D 101 -42.77 -1.36 15.60
C ARG D 101 -42.11 -2.60 15.03
N ASN D 102 -42.93 -3.54 14.53
CA ASN D 102 -42.38 -4.76 13.94
C ASN D 102 -41.39 -4.44 12.81
N ILE D 103 -41.79 -3.55 11.90
CA ILE D 103 -40.96 -3.31 10.71
C ILE D 103 -39.68 -2.56 11.08
N VAL D 104 -39.75 -1.62 12.02
CA VAL D 104 -38.55 -0.88 12.38
C VAL D 104 -37.62 -1.69 13.28
N PHE D 105 -38.13 -2.68 14.02
CA PHE D 105 -37.28 -3.48 14.89
C PHE D 105 -36.82 -4.80 14.26
N GLU D 106 -37.38 -5.18 13.12
CA GLU D 106 -37.04 -6.48 12.54
C GLU D 106 -35.55 -6.60 12.23
N ARG D 107 -34.95 -5.54 11.69
CA ARG D 107 -33.53 -5.60 11.35
C ARG D 107 -32.68 -5.83 12.59
N VAL D 108 -32.94 -5.07 13.65
CA VAL D 108 -32.18 -5.22 14.89
C VAL D 108 -32.38 -6.61 15.48
N GLY D 109 -33.61 -7.11 15.45
CA GLY D 109 -33.88 -8.42 16.02
C GLY D 109 -33.19 -9.53 15.24
N GLN D 110 -33.25 -9.48 13.91
CA GLN D 110 -32.60 -10.50 13.10
C GLN D 110 -31.08 -10.43 13.24
N ASP D 111 -30.51 -9.23 13.33
CA ASP D 111 -29.07 -9.10 13.54
C ASP D 111 -28.66 -9.64 14.91
N ALA D 112 -29.48 -9.40 15.93
CA ALA D 112 -29.19 -9.93 17.25
C ALA D 112 -29.23 -11.46 17.24
N THR D 113 -30.26 -12.03 16.61
CA THR D 113 -30.35 -13.48 16.50
C THR D 113 -29.15 -14.04 15.74
N ARG D 114 -28.74 -13.37 14.67
CA ARG D 114 -27.61 -13.84 13.87
C ARG D 114 -26.31 -13.80 14.66
N HIS D 115 -26.07 -12.70 15.38
CA HIS D 115 -24.85 -12.62 16.19
C HIS D 115 -24.87 -13.64 17.33
N LEU D 116 -26.03 -13.87 17.93
CA LEU D 116 -26.13 -14.91 18.96
C LEU D 116 -25.79 -16.27 18.38
N ALA D 117 -26.32 -16.58 17.19
CA ALA D 117 -26.00 -17.86 16.55
C ALA D 117 -24.51 -17.95 16.22
N GLU D 118 -23.91 -16.85 15.76
CA GLU D 118 -22.49 -16.85 15.46
C GLU D 118 -21.65 -17.13 16.70
N ASN D 119 -21.98 -16.46 17.81
CA ASN D 119 -21.22 -16.69 19.05
C ASN D 119 -21.43 -18.11 19.56
N VAL D 120 -22.65 -18.64 19.45
CA VAL D 120 -22.90 -20.02 19.86
C VAL D 120 -22.07 -20.98 19.02
N PHE D 121 -22.02 -20.76 17.71
CA PHE D 121 -21.21 -21.61 16.82
C PHE D 121 -19.73 -21.52 17.19
N ALA D 122 -19.24 -20.31 17.43
CA ALA D 122 -17.82 -20.12 17.75
C ALA D 122 -17.47 -20.83 19.05
N ARG D 123 -18.28 -20.65 20.09
CA ARG D 123 -18.00 -21.31 21.37
C ARG D 123 -18.28 -22.81 21.32
N LEU D 124 -19.07 -23.26 20.34
CA LEU D 124 -19.21 -24.69 20.11
C LEU D 124 -17.93 -25.25 19.51
N HIS D 125 -17.27 -24.48 18.64
CA HIS D 125 -15.94 -24.87 18.16
C HIS D 125 -14.86 -24.67 19.21
N LYS D 126 -15.16 -23.96 20.31
CA LYS D 126 -14.19 -23.76 21.37
C LYS D 126 -14.12 -24.94 22.34
N LEU D 127 -15.08 -25.85 22.29
CA LEU D 127 -15.13 -26.95 23.25
C LEU D 127 -14.03 -27.97 22.96
N SER D 128 -13.78 -28.83 23.95
CA SER D 128 -12.69 -29.78 23.90
C SER D 128 -13.01 -30.94 22.95
N LEU D 129 -11.97 -31.70 22.61
CA LEU D 129 -12.14 -32.86 21.75
C LEU D 129 -12.97 -33.95 22.42
N ARG D 130 -12.85 -34.08 23.73
CA ARG D 130 -13.60 -35.11 24.46
C ARG D 130 -15.11 -34.94 24.25
N PHE D 131 -15.60 -33.70 24.34
CA PHE D 131 -17.02 -33.44 24.13
C PHE D 131 -17.44 -33.86 22.73
N HIS D 132 -16.71 -33.41 21.71
CA HIS D 132 -17.09 -33.70 20.33
C HIS D 132 -16.97 -35.19 20.02
N LEU D 133 -16.10 -35.90 20.71
CA LEU D 133 -16.05 -37.35 20.56
C LEU D 133 -17.23 -38.02 21.24
N ALA D 134 -17.70 -37.45 22.35
CA ALA D 134 -18.84 -37.99 23.07
C ALA D 134 -20.15 -37.27 22.74
N ARG D 135 -20.15 -36.37 21.76
CA ARG D 135 -21.32 -35.58 21.47
C ARG D 135 -22.37 -36.42 20.75
N ARG D 136 -23.58 -35.85 20.65
CA ARG D 136 -24.66 -36.42 19.84
C ARG D 136 -25.14 -35.33 18.89
N THR D 137 -24.94 -35.55 17.58
CA THR D 137 -25.14 -34.48 16.61
C THR D 137 -26.57 -33.99 16.60
N GLY D 138 -27.54 -34.91 16.59
CA GLY D 138 -28.94 -34.50 16.59
C GLY D 138 -29.33 -33.76 17.85
N GLU D 139 -28.89 -34.27 19.00
CA GLU D 139 -29.17 -33.60 20.27
C GLU D 139 -28.57 -32.21 20.30
N VAL D 140 -27.31 -32.08 19.87
CA VAL D 140 -26.66 -30.77 19.85
C VAL D 140 -27.39 -29.81 18.93
N THR D 141 -27.78 -30.28 17.74
CA THR D 141 -28.49 -29.42 16.80
C THR D 141 -29.81 -28.93 17.39
N LYS D 142 -30.62 -29.86 17.91
CA LYS D 142 -31.92 -29.49 18.45
C LYS D 142 -31.78 -28.57 19.65
N VAL D 143 -30.82 -28.86 20.53
CA VAL D 143 -30.64 -28.04 21.73
C VAL D 143 -30.17 -26.64 21.35
N ILE D 144 -29.23 -26.53 20.42
CA ILE D 144 -28.75 -25.21 20.01
C ILE D 144 -29.88 -24.40 19.40
N GLU D 145 -30.62 -24.98 18.46
CA GLU D 145 -31.71 -24.25 17.82
C GLU D 145 -32.76 -23.83 18.85
N ARG D 146 -33.20 -24.77 19.69
CA ARG D 146 -34.25 -24.47 20.66
C ARG D 146 -33.80 -23.43 21.67
N GLY D 147 -32.56 -23.54 22.17
CA GLY D 147 -32.09 -22.58 23.15
C GLY D 147 -31.89 -21.20 22.58
N THR D 148 -31.36 -21.10 21.36
CA THR D 148 -31.22 -19.78 20.74
C THR D 148 -32.57 -19.14 20.50
N LYS D 149 -33.53 -19.91 19.97
CA LYS D 149 -34.87 -19.37 19.79
C LYS D 149 -35.49 -18.96 21.12
N SER D 150 -35.29 -19.76 22.17
CA SER D 150 -35.84 -19.44 23.47
C SER D 150 -35.27 -18.15 24.02
N ILE D 151 -33.94 -17.97 23.91
CA ILE D 151 -33.32 -16.75 24.41
C ILE D 151 -33.79 -15.54 23.61
N ASP D 152 -33.91 -15.70 22.28
CA ASP D 152 -34.38 -14.60 21.45
C ASP D 152 -35.79 -14.18 21.82
N THR D 153 -36.70 -15.16 21.93
CA THR D 153 -38.07 -14.84 22.32
C THR D 153 -38.15 -14.30 23.74
N MET D 154 -37.26 -14.76 24.62
CA MET D 154 -37.22 -14.23 25.99
C MET D 154 -36.86 -12.76 25.99
N LEU D 155 -35.82 -12.37 25.25
CA LEU D 155 -35.46 -10.96 25.16
C LEU D 155 -36.57 -10.15 24.50
N TYR D 156 -37.18 -10.70 23.44
CA TYR D 156 -38.26 -10.00 22.76
C TYR D 156 -39.44 -9.73 23.68
N PHE D 157 -39.84 -10.74 24.47
CA PHE D 157 -40.98 -10.56 25.37
C PHE D 157 -40.62 -9.70 26.56
N LEU D 158 -39.38 -9.79 27.06
CA LEU D 158 -38.96 -8.95 28.18
C LEU D 158 -38.86 -7.48 27.78
N LEU D 159 -38.53 -7.20 26.52
CA LEU D 159 -38.36 -5.81 26.09
C LEU D 159 -39.66 -5.21 25.55
N PHE D 160 -40.55 -6.02 24.98
CA PHE D 160 -41.74 -5.51 24.30
C PHE D 160 -43.05 -5.95 24.94
N ASN D 161 -43.01 -6.68 26.05
CA ASN D 161 -44.26 -7.15 26.64
C ASN D 161 -44.25 -7.04 28.17
N ILE D 162 -43.38 -6.22 28.74
CA ILE D 162 -43.28 -6.07 30.18
C ILE D 162 -43.74 -4.68 30.63
N ALA D 163 -43.15 -3.63 30.06
CA ALA D 163 -43.56 -2.25 30.31
C ALA D 163 -44.93 -1.95 29.72
N PRO D 164 -45.20 -2.35 28.47
CA PRO D 164 -46.53 -2.04 27.90
C PRO D 164 -47.67 -2.62 28.69
N THR D 165 -47.54 -3.86 29.16
CA THR D 165 -48.62 -4.49 29.92
C THR D 165 -48.85 -3.77 31.25
N VAL D 166 -47.77 -3.44 31.95
CA VAL D 166 -47.90 -2.74 33.23
C VAL D 166 -48.54 -1.37 33.04
N ILE D 167 -48.09 -0.61 32.03
CA ILE D 167 -48.67 0.71 31.80
C ILE D 167 -50.16 0.59 31.49
N GLU D 168 -50.51 -0.33 30.59
CA GLU D 168 -51.90 -0.50 30.20
C GLU D 168 -52.77 -0.86 31.41
N LEU D 169 -52.31 -1.83 32.20
CA LEU D 169 -53.07 -2.30 33.35
C LEU D 169 -53.26 -1.18 34.37
N THR D 170 -52.16 -0.53 34.78
CA THR D 170 -52.24 0.50 35.81
C THR D 170 -53.03 1.72 35.34
N ALA D 171 -52.83 2.15 34.10
CA ALA D 171 -53.55 3.30 33.59
C ALA D 171 -55.05 3.02 33.49
N VAL D 172 -55.42 1.83 33.04
CA VAL D 172 -56.83 1.51 32.91
C VAL D 172 -57.48 1.38 34.29
N ILE D 173 -56.73 0.84 35.26
CA ILE D 173 -57.23 0.79 36.63
C ILE D 173 -57.43 2.19 37.20
N VAL D 174 -56.50 3.11 36.92
CA VAL D 174 -56.63 4.48 37.41
C VAL D 174 -57.84 5.15 36.77
N ILE D 175 -58.07 4.89 35.47
CA ILE D 175 -59.23 5.46 34.80
C ILE D 175 -60.51 4.92 35.45
N PHE D 176 -60.51 3.63 35.80
CA PHE D 176 -61.65 3.04 36.50
C PHE D 176 -61.85 3.72 37.85
N TRP D 177 -60.76 3.98 38.56
CA TRP D 177 -60.82 4.69 39.83
C TRP D 177 -61.50 6.05 39.69
N LEU D 178 -61.10 6.81 38.67
CA LEU D 178 -61.64 8.16 38.53
C LEU D 178 -63.10 8.14 38.08
N ASN D 179 -63.42 7.34 37.06
CA ASN D 179 -64.72 7.46 36.42
C ASN D 179 -65.75 6.44 36.92
N PHE D 180 -65.40 5.56 37.87
CA PHE D 180 -66.32 4.51 38.28
C PHE D 180 -66.24 4.18 39.77
N GLY D 181 -65.58 4.99 40.58
CA GLY D 181 -65.51 4.73 42.01
C GLY D 181 -64.51 3.67 42.41
N LEU D 182 -64.86 2.84 43.40
CA LEU D 182 -63.94 1.85 43.95
C LEU D 182 -64.45 0.41 43.89
N GLY D 183 -65.63 0.15 43.36
CA GLY D 183 -66.10 -1.22 43.25
C GLY D 183 -65.47 -1.95 42.08
N LEU D 184 -65.46 -1.29 40.93
CA LEU D 184 -64.91 -1.91 39.73
C LEU D 184 -63.41 -2.16 39.88
N VAL D 185 -62.68 -1.25 40.50
CA VAL D 185 -61.23 -1.44 40.63
C VAL D 185 -60.93 -2.61 41.55
N THR D 186 -61.71 -2.77 42.62
CA THR D 186 -61.51 -3.89 43.53
C THR D 186 -61.85 -5.21 42.86
N ALA D 187 -62.99 -5.26 42.15
CA ALA D 187 -63.34 -6.48 41.42
C ALA D 187 -62.29 -6.82 40.37
N THR D 188 -61.76 -5.81 39.68
CA THR D 188 -60.78 -6.04 38.64
C THR D 188 -59.46 -6.53 39.21
N ILE D 189 -59.00 -5.94 40.32
CA ILE D 189 -57.74 -6.42 40.90
C ILE D 189 -57.90 -7.81 41.50
N LEU D 190 -59.08 -8.12 42.06
CA LEU D 190 -59.31 -9.48 42.54
C LEU D 190 -59.30 -10.48 41.38
N ALA D 191 -59.96 -10.14 40.27
CA ALA D 191 -59.95 -11.02 39.10
C ALA D 191 -58.53 -11.18 38.55
N VAL D 192 -57.77 -10.09 38.50
CA VAL D 192 -56.42 -10.14 37.97
C VAL D 192 -55.54 -10.99 38.87
N ILE D 193 -55.74 -10.89 40.19
CA ILE D 193 -54.87 -11.61 41.11
C ILE D 193 -55.18 -13.10 41.07
N ALA D 194 -56.47 -13.45 40.99
CA ALA D 194 -56.82 -14.86 40.85
C ALA D 194 -56.41 -15.41 39.50
N TYR D 195 -56.39 -14.57 38.46
CA TYR D 195 -55.99 -14.99 37.13
C TYR D 195 -54.50 -15.31 37.12
N VAL D 196 -53.68 -14.37 37.58
CA VAL D 196 -52.24 -14.59 37.59
C VAL D 196 -51.87 -15.73 38.53
N TRP D 197 -52.60 -15.88 39.64
CA TRP D 197 -52.25 -16.94 40.59
C TRP D 197 -52.57 -18.31 40.01
N THR D 198 -53.78 -18.49 39.47
CA THR D 198 -54.13 -19.76 38.85
C THR D 198 -53.19 -20.07 37.69
N THR D 199 -52.88 -19.06 36.87
CA THR D 199 -51.96 -19.27 35.76
C THR D 199 -50.60 -19.71 36.25
N ARG D 200 -50.05 -19.04 37.25
CA ARG D 200 -48.74 -19.41 37.79
C ARG D 200 -48.74 -20.86 38.29
N THR D 201 -49.79 -21.25 39.02
CA THR D 201 -49.86 -22.62 39.53
C THR D 201 -49.88 -23.63 38.39
N ILE D 202 -50.74 -23.39 37.40
CA ILE D 202 -50.87 -24.33 36.29
C ILE D 202 -49.58 -24.41 35.49
N THR D 203 -48.95 -23.26 35.22
CA THR D 203 -47.69 -23.25 34.48
C THR D 203 -46.61 -24.01 35.23
N GLU D 204 -46.52 -23.81 36.55
CA GLU D 204 -45.51 -24.54 37.31
C GLU D 204 -45.79 -26.05 37.30
N TRP D 205 -47.06 -26.45 37.28
CA TRP D 205 -47.33 -27.89 37.22
C TRP D 205 -47.13 -28.45 35.81
N ARG D 206 -47.18 -27.62 34.77
CA ARG D 206 -46.92 -28.07 33.41
C ARG D 206 -45.44 -28.04 33.03
N THR D 207 -44.62 -27.28 33.77
CA THR D 207 -43.21 -27.14 33.44
C THR D 207 -42.48 -28.47 33.41
N HIS D 208 -42.78 -29.36 34.37
CA HIS D 208 -42.09 -30.65 34.42
C HIS D 208 -42.38 -31.48 33.17
N LEU D 209 -43.66 -31.56 32.79
CA LEU D 209 -44.03 -32.29 31.58
C LEU D 209 -43.38 -31.67 30.36
N ARG D 210 -43.29 -30.34 30.31
CA ARG D 210 -42.67 -29.69 29.17
C ARG D 210 -41.17 -30.00 29.09
N GLU D 211 -40.50 -30.02 30.24
CA GLU D 211 -39.07 -30.35 30.26
C GLU D 211 -38.83 -31.77 29.77
N LYS D 212 -39.60 -32.73 30.29
CA LYS D 212 -39.45 -34.11 29.85
C LYS D 212 -39.78 -34.24 28.35
N MET D 213 -40.79 -33.51 27.89
CA MET D 213 -41.18 -33.53 26.49
C MET D 213 -40.04 -33.03 25.60
N ASN D 214 -39.43 -31.91 25.97
CA ASN D 214 -38.30 -31.37 25.21
C ASN D 214 -37.14 -32.34 25.20
N ARG D 215 -36.83 -32.97 26.35
CA ARG D 215 -35.72 -33.91 26.37
C ARG D 215 -36.00 -35.10 25.46
N LEU D 216 -37.23 -35.62 25.48
CA LEU D 216 -37.57 -36.75 24.63
C LEU D 216 -37.48 -36.37 23.16
N ASP D 217 -37.89 -35.15 22.80
CA ASP D 217 -37.75 -34.70 21.43
C ASP D 217 -36.27 -34.66 21.02
N GLY D 218 -35.42 -34.14 21.91
CA GLY D 218 -33.99 -34.13 21.65
C GLY D 218 -33.43 -35.53 21.46
N GLN D 219 -33.85 -36.47 22.31
CA GLN D 219 -33.38 -37.85 22.20
C GLN D 219 -33.82 -38.46 20.88
N ALA D 220 -35.06 -38.20 20.46
CA ALA D 220 -35.55 -38.74 19.20
C ALA D 220 -34.77 -38.20 18.03
N LEU D 221 -34.52 -36.89 18.01
CA LEU D 221 -33.75 -36.33 16.90
C LEU D 221 -32.32 -36.84 16.90
N ALA D 222 -31.72 -37.00 18.08
CA ALA D 222 -30.37 -37.54 18.16
C ALA D 222 -30.32 -38.97 17.61
N ARG D 223 -31.31 -39.79 17.97
CA ARG D 223 -31.36 -41.15 17.46
C ARG D 223 -31.54 -41.17 15.95
N ALA D 224 -32.38 -40.27 15.42
CA ALA D 224 -32.58 -40.19 13.98
C ALA D 224 -31.30 -39.79 13.26
N VAL D 225 -30.59 -38.80 13.78
CA VAL D 225 -29.35 -38.35 13.14
C VAL D 225 -28.28 -39.44 13.21
N ASP D 226 -28.21 -40.17 14.33
CA ASP D 226 -27.25 -41.25 14.43
C ASP D 226 -27.58 -42.37 13.45
N SER D 227 -28.88 -42.65 13.25
CA SER D 227 -29.29 -43.63 12.25
C SER D 227 -28.91 -43.14 10.86
N LEU D 228 -29.02 -41.84 10.61
CA LEU D 228 -28.61 -41.28 9.32
C LEU D 228 -27.12 -41.50 9.08
N LEU D 229 -26.29 -41.25 10.10
CA LEU D 229 -24.85 -41.43 9.93
C LEU D 229 -24.49 -42.88 9.65
N ASN D 230 -25.29 -43.84 10.13
CA ASN D 230 -25.04 -45.27 9.94
C ASN D 230 -25.93 -45.89 8.88
N TYR D 231 -26.25 -45.16 7.82
CA TYR D 231 -27.09 -45.72 6.75
C TYR D 231 -26.46 -46.97 6.16
N GLU D 232 -25.15 -46.94 5.89
CA GLU D 232 -24.48 -48.10 5.34
C GLU D 232 -24.52 -49.27 6.30
N THR D 233 -24.42 -49.00 7.61
CA THR D 233 -24.50 -50.08 8.59
C THR D 233 -25.88 -50.72 8.59
N VAL D 234 -26.93 -49.91 8.62
CA VAL D 234 -28.29 -50.43 8.57
C VAL D 234 -28.51 -51.27 7.32
N LYS D 235 -27.98 -50.82 6.18
CA LYS D 235 -28.08 -51.61 4.96
C LYS D 235 -27.30 -52.91 5.08
N TYR D 236 -26.13 -52.87 5.72
CA TYR D 236 -25.30 -54.06 5.85
C TYR D 236 -25.96 -55.11 6.73
N PHE D 237 -26.75 -54.69 7.73
CA PHE D 237 -27.38 -55.65 8.63
C PHE D 237 -28.90 -55.67 8.51
N GLY D 238 -29.46 -54.97 7.51
CA GLY D 238 -30.89 -55.06 7.25
C GLY D 238 -31.77 -54.76 8.45
N ALA D 239 -31.38 -53.78 9.25
CA ALA D 239 -32.09 -53.41 10.47
C ALA D 239 -32.85 -52.11 10.31
N GLU D 240 -33.50 -51.92 9.15
CA GLU D 240 -34.29 -50.71 8.94
C GLU D 240 -35.49 -50.68 9.89
N SER D 241 -36.23 -51.78 9.97
CA SER D 241 -37.40 -51.83 10.86
C SER D 241 -36.99 -51.67 12.32
N ARG D 242 -35.83 -52.18 12.70
CA ARG D 242 -35.38 -52.04 14.08
C ARG D 242 -35.13 -50.57 14.43
N GLU D 243 -34.47 -49.83 13.52
CA GLU D 243 -34.27 -48.40 13.74
C GLU D 243 -35.59 -47.65 13.75
N GLU D 244 -36.51 -48.04 12.85
CA GLU D 244 -37.83 -47.42 12.82
C GLU D 244 -38.55 -47.59 14.16
N ALA D 245 -38.52 -48.80 14.72
CA ALA D 245 -39.19 -49.05 15.98
C ALA D 245 -38.50 -48.34 17.14
N ARG D 246 -37.16 -48.34 17.15
CA ARG D 246 -36.44 -47.66 18.22
C ARG D 246 -36.63 -46.15 18.17
N TYR D 247 -36.94 -45.59 16.99
CA TYR D 247 -37.32 -44.19 16.93
C TYR D 247 -38.77 -43.99 17.34
N ALA D 248 -39.64 -44.91 16.94
CA ALA D 248 -41.07 -44.82 17.26
C ALA D 248 -41.31 -44.88 18.76
N SER D 249 -40.44 -45.57 19.50
CA SER D 249 -40.57 -45.60 20.96
C SER D 249 -40.47 -44.19 21.55
N ALA D 250 -39.37 -43.49 21.25
CA ALA D 250 -39.24 -42.11 21.73
C ALA D 250 -40.33 -41.22 21.14
N ALA D 251 -40.76 -41.51 19.91
CA ALA D 251 -41.83 -40.73 19.30
C ALA D 251 -43.14 -40.85 20.10
N ARG D 252 -43.51 -42.07 20.48
CA ARG D 252 -44.76 -42.26 21.23
C ARG D 252 -44.65 -41.68 22.63
N ALA D 253 -43.48 -41.77 23.25
CA ALA D 253 -43.28 -41.11 24.54
C ALA D 253 -43.48 -39.60 24.42
N TYR D 254 -42.83 -39.00 23.41
CA TYR D 254 -42.99 -37.58 23.14
C TYR D 254 -44.45 -37.22 22.88
N ALA D 255 -45.18 -38.08 22.16
CA ALA D 255 -46.58 -37.81 21.87
C ALA D 255 -47.42 -37.79 23.14
N ASP D 256 -47.21 -38.78 24.01
CA ASP D 256 -47.95 -38.81 25.27
C ASP D 256 -47.65 -37.58 26.12
N ALA D 257 -46.37 -37.22 26.24
CA ALA D 257 -46.01 -36.04 27.02
C ALA D 257 -46.64 -34.77 26.45
N ALA D 258 -46.63 -34.64 25.13
CA ALA D 258 -47.21 -33.44 24.50
C ALA D 258 -48.71 -33.39 24.70
N VAL D 259 -49.39 -34.55 24.61
CA VAL D 259 -50.83 -34.58 24.85
C VAL D 259 -51.13 -34.11 26.27
N LYS D 260 -50.39 -34.62 27.25
CA LYS D 260 -50.63 -34.22 28.63
C LYS D 260 -50.39 -32.73 28.83
N SER D 261 -49.30 -32.20 28.27
CA SER D 261 -48.98 -30.78 28.45
C SER D 261 -50.03 -29.89 27.80
N GLU D 262 -50.46 -30.23 26.58
CA GLU D 262 -51.45 -29.40 25.91
C GLU D 262 -52.82 -29.51 26.57
N ASN D 263 -53.14 -30.66 27.17
CA ASN D 263 -54.37 -30.75 27.95
C ASN D 263 -54.31 -29.84 29.16
N SER D 264 -53.14 -29.77 29.82
CA SER D 264 -52.96 -28.81 30.89
C SER D 264 -53.17 -27.39 30.39
N LEU D 265 -52.66 -27.09 29.19
CA LEU D 265 -52.86 -25.77 28.59
C LEU D 265 -54.34 -25.47 28.37
N GLY D 266 -55.09 -26.45 27.87
CA GLY D 266 -56.51 -26.24 27.66
C GLY D 266 -57.27 -25.98 28.94
N LEU D 267 -56.94 -26.73 30.00
CA LEU D 267 -57.58 -26.50 31.29
C LEU D 267 -57.25 -25.11 31.83
N LEU D 268 -55.99 -24.69 31.69
CA LEU D 268 -55.63 -23.34 32.11
C LEU D 268 -56.42 -22.30 31.34
N ASN D 269 -56.58 -22.49 30.03
CA ASN D 269 -57.31 -21.53 29.22
C ASN D 269 -58.77 -21.44 29.64
N ILE D 270 -59.41 -22.59 29.92
CA ILE D 270 -60.81 -22.53 30.32
C ILE D 270 -60.97 -21.86 31.69
N ALA D 271 -60.01 -22.08 32.59
CA ALA D 271 -60.07 -21.39 33.88
C ALA D 271 -59.90 -19.89 33.72
N GLN D 272 -58.96 -19.47 32.87
CA GLN D 272 -58.76 -18.06 32.60
C GLN D 272 -60.01 -17.42 32.00
N ALA D 273 -60.65 -18.13 31.06
CA ALA D 273 -61.87 -17.59 30.46
C ALA D 273 -62.98 -17.47 31.49
N LEU D 274 -63.09 -18.46 32.39
CA LEU D 274 -64.08 -18.38 33.46
C LEU D 274 -63.87 -17.13 34.30
N ILE D 275 -62.62 -16.88 34.71
CA ILE D 275 -62.33 -15.72 35.55
C ILE D 275 -62.66 -14.42 34.82
N VAL D 276 -62.18 -14.29 33.58
CA VAL D 276 -62.38 -13.04 32.85
C VAL D 276 -63.86 -12.78 32.61
N ASN D 277 -64.63 -13.82 32.24
CA ASN D 277 -66.03 -13.58 31.93
C ASN D 277 -66.90 -13.44 33.17
N LEU D 278 -66.52 -14.04 34.30
CA LEU D 278 -67.19 -13.70 35.55
C LEU D 278 -66.97 -12.24 35.90
N LEU D 279 -65.74 -11.75 35.74
CA LEU D 279 -65.50 -10.32 35.93
C LEU D 279 -66.33 -9.49 34.95
N MET D 280 -66.44 -9.96 33.70
CA MET D 280 -67.26 -9.30 32.69
C MET D 280 -68.70 -9.17 33.16
N ALA D 281 -69.29 -10.30 33.58
CA ALA D 281 -70.66 -10.31 34.08
C ALA D 281 -70.82 -9.32 35.23
N GLY D 282 -69.92 -9.39 36.21
CA GLY D 282 -70.03 -8.49 37.35
C GLY D 282 -69.97 -7.04 36.94
N ALA D 283 -69.01 -6.68 36.09
CA ALA D 283 -68.83 -5.29 35.70
C ALA D 283 -70.04 -4.76 34.95
N MET D 284 -70.52 -5.52 33.96
CA MET D 284 -71.65 -5.01 33.18
C MET D 284 -72.92 -5.00 34.00
N ALA D 285 -73.06 -5.92 34.96
CA ALA D 285 -74.19 -5.88 35.88
C ALA D 285 -74.15 -4.63 36.75
N TRP D 286 -72.97 -4.28 37.27
CA TRP D 286 -72.85 -3.07 38.07
C TRP D 286 -73.17 -1.83 37.22
N THR D 287 -72.76 -1.84 35.96
CA THR D 287 -73.04 -0.68 35.10
C THR D 287 -74.53 -0.55 34.82
N VAL D 288 -75.21 -1.67 34.55
CA VAL D 288 -76.65 -1.57 34.30
C VAL D 288 -77.39 -1.23 35.59
N TYR D 289 -76.85 -1.66 36.74
CA TYR D 289 -77.44 -1.27 38.02
C TYR D 289 -77.30 0.23 38.26
N GLY D 290 -76.14 0.80 37.95
CA GLY D 290 -75.98 2.24 38.06
C GLY D 290 -76.82 3.03 37.07
N TRP D 291 -76.92 2.55 35.83
CA TRP D 291 -77.79 3.20 34.84
C TRP D 291 -79.24 3.16 35.28
N SER D 292 -79.70 2.02 35.77
CA SER D 292 -81.10 1.85 36.17
C SER D 292 -81.48 2.76 37.33
N GLN D 293 -80.50 3.30 38.06
CA GLN D 293 -80.74 4.27 39.10
C GLN D 293 -80.70 5.70 38.61
N GLY D 294 -80.45 5.91 37.31
CA GLY D 294 -80.35 7.24 36.75
C GLY D 294 -78.98 7.87 36.90
N LYS D 295 -78.03 7.15 37.51
CA LYS D 295 -76.70 7.69 37.78
C LYS D 295 -75.81 7.64 36.54
N LEU D 296 -75.82 6.52 35.82
CA LEU D 296 -74.90 6.28 34.71
C LEU D 296 -75.68 6.20 33.40
N THR D 297 -74.94 6.27 32.30
CA THR D 297 -75.50 6.22 30.95
C THR D 297 -75.20 4.87 30.31
N VAL D 298 -75.85 4.65 29.15
CA VAL D 298 -75.63 3.43 28.38
C VAL D 298 -74.22 3.37 27.81
N GLY D 299 -73.62 4.52 27.53
CA GLY D 299 -72.24 4.52 27.05
C GLY D 299 -71.30 3.75 27.94
N ASP D 300 -71.62 3.65 29.22
CA ASP D 300 -70.82 2.83 30.12
C ASP D 300 -70.88 1.35 29.74
N LEU D 301 -71.99 0.90 29.15
CA LEU D 301 -72.10 -0.50 28.74
C LEU D 301 -71.06 -0.88 27.68
N VAL D 302 -71.09 -0.17 26.54
CA VAL D 302 -70.12 -0.45 25.48
C VAL D 302 -68.72 -0.10 25.97
N PHE D 303 -68.61 0.89 26.84
CA PHE D 303 -67.35 1.22 27.50
C PHE D 303 -66.76 -0.02 28.17
N VAL D 304 -67.54 -0.64 29.05
CA VAL D 304 -67.06 -1.82 29.78
C VAL D 304 -66.76 -2.97 28.84
N ASN D 305 -67.60 -3.16 27.82
CA ASN D 305 -67.36 -4.24 26.88
C ASN D 305 -65.98 -4.09 26.22
N THR D 306 -65.74 -2.93 25.61
CA THR D 306 -64.51 -2.73 24.87
C THR D 306 -63.30 -2.71 25.79
N TYR D 307 -63.39 -2.04 26.95
CA TYR D 307 -62.21 -1.99 27.80
C TYR D 307 -61.91 -3.34 28.43
N LEU D 308 -62.92 -4.15 28.75
CA LEU D 308 -62.62 -5.46 29.30
C LEU D 308 -62.03 -6.39 28.25
N THR D 309 -62.44 -6.27 26.99
CA THR D 309 -61.79 -7.07 25.95
C THR D 309 -60.33 -6.63 25.76
N GLN D 310 -60.10 -5.32 25.66
CA GLN D 310 -58.75 -4.80 25.50
C GLN D 310 -57.90 -4.96 26.75
N LEU D 311 -58.51 -5.28 27.90
CA LEU D 311 -57.77 -5.64 29.09
C LEU D 311 -57.53 -7.13 29.20
N PHE D 312 -58.37 -7.93 28.54
CA PHE D 312 -58.15 -9.38 28.53
C PHE D 312 -57.03 -9.75 27.58
N ARG D 313 -56.90 -9.05 26.45
CA ARG D 313 -55.79 -9.34 25.54
C ARG D 313 -54.43 -9.28 26.22
N PRO D 314 -54.08 -8.24 26.99
CA PRO D 314 -52.77 -8.24 27.66
C PRO D 314 -52.65 -9.32 28.73
N LEU D 315 -53.73 -9.72 29.39
CA LEU D 315 -53.60 -10.78 30.39
C LEU D 315 -53.30 -12.12 29.74
N ASP D 316 -53.95 -12.43 28.62
CA ASP D 316 -53.62 -13.63 27.86
C ASP D 316 -52.19 -13.58 27.34
N MET D 317 -51.81 -12.43 26.77
CA MET D 317 -50.43 -12.25 26.30
C MET D 317 -49.43 -12.44 27.43
N LEU D 318 -49.75 -11.97 28.64
CA LEU D 318 -48.83 -12.07 29.76
C LEU D 318 -48.75 -13.50 30.28
N GLY D 319 -49.86 -14.23 30.24
CA GLY D 319 -49.80 -15.66 30.54
C GLY D 319 -48.84 -16.37 29.60
N MET D 320 -48.96 -16.06 28.31
CA MET D 320 -48.07 -16.67 27.32
C MET D 320 -46.62 -16.23 27.55
N VAL D 321 -46.41 -14.99 27.96
CA VAL D 321 -45.06 -14.49 28.24
C VAL D 321 -44.46 -15.19 29.44
N TYR D 322 -45.27 -15.45 30.47
CA TYR D 322 -44.77 -16.12 31.67
C TYR D 322 -44.37 -17.56 31.36
N ARG D 323 -45.24 -18.29 30.66
CA ARG D 323 -44.87 -19.64 30.24
C ARG D 323 -43.63 -19.62 29.36
N THR D 324 -43.55 -18.66 28.44
CA THR D 324 -42.41 -18.60 27.53
C THR D 324 -41.12 -18.28 28.28
N ILE D 325 -41.18 -17.40 29.30
CA ILE D 325 -39.97 -17.08 30.05
C ILE D 325 -39.53 -18.29 30.87
N ARG D 326 -40.47 -19.05 31.44
CA ARG D 326 -40.08 -20.27 32.16
C ARG D 326 -39.40 -21.27 31.22
N GLN D 327 -40.02 -21.55 30.08
CA GLN D 327 -39.44 -22.52 29.15
C GLN D 327 -38.12 -22.01 28.56
N GLY D 328 -38.02 -20.71 28.34
CA GLY D 328 -36.75 -20.14 27.89
C GLY D 328 -35.67 -20.26 28.93
N LEU D 329 -36.03 -20.09 30.21
CA LEU D 329 -35.04 -20.26 31.27
C LEU D 329 -34.54 -21.69 31.35
N ILE D 330 -35.44 -22.67 31.23
CA ILE D 330 -34.99 -24.06 31.33
C ILE D 330 -34.15 -24.45 30.11
N ASP D 331 -34.55 -23.97 28.91
CA ASP D 331 -33.76 -24.27 27.72
C ASP D 331 -32.42 -23.56 27.75
N MET D 332 -32.39 -22.33 28.28
CA MET D 332 -31.14 -21.60 28.47
C MET D 332 -30.22 -22.33 29.43
N ALA D 333 -30.77 -22.86 30.53
CA ALA D 333 -29.97 -23.62 31.47
C ALA D 333 -29.37 -24.85 30.82
N GLU D 334 -30.15 -25.57 30.02
CA GLU D 334 -29.62 -26.78 29.39
C GLU D 334 -28.56 -26.44 28.36
N MET D 335 -28.80 -25.42 27.52
CA MET D 335 -27.78 -24.97 26.59
C MET D 335 -26.51 -24.53 27.30
N PHE D 336 -26.66 -23.82 28.42
CA PHE D 336 -25.49 -23.36 29.17
C PHE D 336 -24.69 -24.54 29.71
N ARG D 337 -25.36 -25.52 30.30
CA ARG D 337 -24.65 -26.70 30.79
C ARG D 337 -23.98 -27.45 29.64
N LEU D 338 -24.58 -27.44 28.44
CA LEU D 338 -23.95 -28.09 27.30
C LEU D 338 -22.75 -27.30 26.78
N ILE D 339 -22.79 -25.98 26.89
CA ILE D 339 -21.69 -25.15 26.40
C ILE D 339 -20.63 -24.89 27.47
N ASP D 340 -21.02 -24.88 28.76
CA ASP D 340 -20.07 -24.60 29.82
C ASP D 340 -19.26 -25.82 30.26
N THR D 341 -19.28 -26.91 29.49
CA THR D 341 -18.39 -28.02 29.77
C THR D 341 -16.94 -27.54 29.72
N HIS D 342 -16.26 -27.63 30.87
CA HIS D 342 -14.94 -27.02 31.02
C HIS D 342 -13.98 -27.49 29.93
N ILE D 343 -13.39 -26.52 29.23
CA ILE D 343 -12.38 -26.84 28.23
C ILE D 343 -11.13 -27.35 28.95
N GLU D 344 -10.72 -28.57 28.61
CA GLU D 344 -9.58 -29.18 29.27
C GLU D 344 -8.31 -28.39 29.03
N VAL D 345 -8.03 -28.07 27.77
CA VAL D 345 -6.81 -27.36 27.40
C VAL D 345 -7.08 -25.86 27.40
N ALA D 346 -6.22 -25.12 28.10
CA ALA D 346 -6.33 -23.67 28.16
C ALA D 346 -4.93 -23.08 28.26
N ASP D 347 -4.79 -21.85 27.78
CA ASP D 347 -3.51 -21.17 27.83
C ASP D 347 -3.23 -20.67 29.24
N VAL D 348 -1.96 -20.76 29.65
CA VAL D 348 -1.52 -20.23 30.94
C VAL D 348 -1.58 -18.71 30.80
N PRO D 349 -1.67 -17.94 31.89
CA PRO D 349 -1.82 -16.49 31.74
C PRO D 349 -0.69 -15.87 30.93
N ASN D 350 -1.07 -15.10 29.90
CA ASN D 350 -0.16 -14.43 28.97
C ASN D 350 0.94 -15.37 28.49
N ALA D 351 0.50 -16.48 27.92
CA ALA D 351 1.42 -17.50 27.43
C ALA D 351 2.17 -17.01 26.20
N PRO D 352 3.47 -17.25 26.13
CA PRO D 352 4.26 -16.82 24.97
C PRO D 352 4.04 -17.73 23.77
N ALA D 353 4.68 -17.37 22.66
CA ALA D 353 4.57 -18.12 21.42
C ALA D 353 5.70 -19.14 21.27
N LEU D 354 5.40 -20.21 20.54
CA LEU D 354 6.37 -21.27 20.29
C LEU D 354 7.43 -20.81 19.28
N VAL D 355 8.69 -21.00 19.63
CA VAL D 355 9.83 -20.62 18.79
C VAL D 355 10.49 -21.91 18.32
N VAL D 356 10.31 -22.25 17.05
CA VAL D 356 10.78 -23.51 16.48
C VAL D 356 12.11 -23.23 15.77
N ASN D 357 13.21 -23.30 16.52
CA ASN D 357 14.53 -23.21 15.90
C ASN D 357 15.02 -24.57 15.41
N ARG D 358 14.87 -25.61 16.22
CA ARG D 358 15.21 -26.99 15.83
C ARG D 358 14.04 -27.89 16.21
N PRO D 359 13.30 -28.42 15.24
CA PRO D 359 12.05 -29.14 15.55
C PRO D 359 12.26 -30.49 16.22
N SER D 360 12.61 -30.48 17.50
CA SER D 360 12.75 -31.70 18.28
C SER D 360 11.50 -31.93 19.12
N VAL D 361 11.28 -33.21 19.49
CA VAL D 361 10.14 -33.61 20.30
C VAL D 361 10.64 -34.42 21.49
N THR D 362 10.07 -34.17 22.67
CA THR D 362 10.51 -34.83 23.89
C THR D 362 9.32 -35.23 24.73
N PHE D 363 9.25 -36.52 25.08
CA PHE D 363 8.27 -37.05 26.02
C PHE D 363 8.99 -37.36 27.33
N ASP D 364 8.70 -36.56 28.37
CA ASP D 364 9.38 -36.67 29.66
C ASP D 364 8.41 -37.30 30.66
N ASN D 365 8.51 -38.62 30.83
CA ASN D 365 7.76 -39.36 31.83
C ASN D 365 6.26 -39.06 31.75
N VAL D 366 5.75 -39.07 30.52
CA VAL D 366 4.34 -38.73 30.29
C VAL D 366 3.47 -39.86 30.82
N VAL D 367 2.60 -39.53 31.78
CA VAL D 367 1.59 -40.43 32.30
C VAL D 367 0.24 -39.83 31.93
N PHE D 368 -0.55 -40.58 31.17
CA PHE D 368 -1.82 -40.04 30.70
C PHE D 368 -2.85 -41.15 30.54
N GLY D 369 -4.09 -40.80 30.83
CA GLY D 369 -5.22 -41.65 30.48
C GLY D 369 -6.40 -40.77 30.16
N TYR D 370 -7.31 -41.29 29.33
CA TYR D 370 -8.49 -40.52 28.95
C TYR D 370 -9.43 -40.36 30.13
N ASP D 371 -9.72 -41.45 30.83
CA ASP D 371 -10.49 -41.42 32.06
C ASP D 371 -9.62 -41.88 33.22
N ARG D 372 -9.92 -41.36 34.41
CA ARG D 372 -9.06 -41.61 35.57
C ARG D 372 -9.08 -43.07 36.02
N ASP D 373 -10.06 -43.86 35.60
CA ASP D 373 -10.15 -45.25 36.02
C ASP D 373 -9.33 -46.19 35.16
N ARG D 374 -8.73 -45.69 34.07
CA ARG D 374 -7.88 -46.51 33.21
C ARG D 374 -6.73 -45.66 32.70
N GLU D 375 -5.52 -46.04 33.07
CA GLU D 375 -4.31 -45.34 32.63
C GLU D 375 -3.78 -45.98 31.36
N ILE D 376 -3.43 -45.15 30.38
CA ILE D 376 -3.00 -45.62 29.07
C ILE D 376 -1.49 -45.50 28.90
N LEU D 377 -0.91 -44.36 29.26
CA LEU D 377 0.53 -44.13 29.15
C LEU D 377 1.13 -44.18 30.55
N HIS D 378 2.07 -45.11 30.75
CA HIS D 378 2.68 -45.36 32.06
C HIS D 378 4.13 -44.86 32.02
N GLY D 379 4.30 -43.56 32.18
CA GLY D 379 5.62 -42.97 32.24
C GLY D 379 6.44 -43.14 30.98
N LEU D 380 5.97 -42.57 29.87
CA LEU D 380 6.64 -42.70 28.59
C LEU D 380 7.65 -41.56 28.40
N SER D 381 8.85 -41.91 27.97
CA SER D 381 9.92 -40.93 27.77
C SER D 381 10.68 -41.31 26.51
N PHE D 382 10.78 -40.38 25.56
CA PHE D 382 11.59 -40.60 24.38
C PHE D 382 11.95 -39.25 23.77
N GLU D 383 12.94 -39.27 22.87
CA GLU D 383 13.48 -38.06 22.25
C GLU D 383 13.52 -38.24 20.74
N VAL D 384 12.62 -37.57 20.05
CA VAL D 384 12.64 -37.51 18.58
C VAL D 384 13.52 -36.33 18.20
N ALA D 385 14.68 -36.63 17.61
CA ALA D 385 15.64 -35.60 17.27
C ALA D 385 15.14 -34.74 16.12
N ALA D 386 15.57 -33.47 16.11
CA ALA D 386 15.15 -32.54 15.08
C ALA D 386 15.67 -32.99 13.72
N GLY D 387 14.77 -32.98 12.72
CA GLY D 387 15.12 -33.39 11.38
C GLY D 387 15.15 -34.88 11.15
N SER D 388 14.98 -35.69 12.19
CA SER D 388 15.00 -37.13 12.03
C SER D 388 13.64 -37.62 11.51
N ARG D 389 13.59 -38.92 11.20
CA ARG D 389 12.39 -39.57 10.68
C ARG D 389 12.13 -40.80 11.54
N VAL D 390 11.37 -40.62 12.61
CA VAL D 390 11.16 -41.65 13.62
C VAL D 390 9.80 -42.31 13.38
N ALA D 391 9.73 -43.61 13.60
CA ALA D 391 8.49 -44.37 13.49
C ALA D 391 8.06 -44.86 14.85
N ILE D 392 6.75 -45.09 14.99
CA ILE D 392 6.17 -45.61 16.23
C ILE D 392 5.28 -46.80 15.84
N VAL D 393 5.69 -47.99 16.26
CA VAL D 393 4.95 -49.20 15.95
C VAL D 393 4.52 -49.87 17.25
N GLY D 394 3.61 -50.83 17.14
CA GLY D 394 3.11 -51.54 18.30
C GLY D 394 1.77 -52.20 18.00
N PRO D 395 1.29 -53.02 18.94
CA PRO D 395 -0.01 -53.67 18.74
C PRO D 395 -1.14 -52.65 18.85
N SER D 396 -2.34 -53.10 18.47
CA SER D 396 -3.51 -52.23 18.48
C SER D 396 -3.94 -51.96 19.92
N GLY D 397 -3.91 -50.69 20.31
CA GLY D 397 -4.26 -50.29 21.66
C GLY D 397 -3.08 -49.91 22.54
N ALA D 398 -1.86 -49.88 21.99
CA ALA D 398 -0.70 -49.56 22.80
C ALA D 398 -0.69 -48.09 23.23
N GLY D 399 -1.33 -47.22 22.46
CA GLY D 399 -1.40 -45.81 22.81
C GLY D 399 -0.60 -44.92 21.87
N LYS D 400 -0.59 -45.27 20.58
CA LYS D 400 0.13 -44.47 19.60
C LYS D 400 -0.66 -43.22 19.23
N SER D 401 -1.94 -43.41 18.87
CA SER D 401 -2.81 -42.26 18.63
C SER D 401 -2.96 -41.41 19.87
N THR D 402 -2.79 -42.00 21.06
CA THR D 402 -2.75 -41.20 22.28
C THR D 402 -1.53 -40.28 22.29
N ILE D 403 -0.37 -40.79 21.86
CA ILE D 403 0.80 -39.94 21.69
C ILE D 403 0.52 -38.82 20.70
N ALA D 404 -0.13 -39.17 19.58
CA ALA D 404 -0.45 -38.15 18.58
C ALA D 404 -1.37 -37.08 19.15
N ARG D 405 -2.38 -37.48 19.92
CA ARG D 405 -3.33 -36.52 20.47
C ARG D 405 -2.67 -35.65 21.54
N LEU D 406 -1.74 -36.23 22.31
CA LEU D 406 -1.06 -35.47 23.34
C LEU D 406 -0.07 -34.47 22.75
N LEU D 407 0.58 -34.83 21.63
CA LEU D 407 1.47 -33.88 20.98
C LEU D 407 0.71 -32.65 20.49
N PHE D 408 -0.52 -32.86 20.02
CA PHE D 408 -1.38 -31.78 19.57
C PHE D 408 -2.10 -31.10 20.73
N ARG D 409 -1.92 -31.59 21.95
CA ARG D 409 -2.53 -31.03 23.15
C ARG D 409 -4.06 -30.98 23.04
N PHE D 410 -4.65 -32.08 22.58
CA PHE D 410 -6.08 -32.26 22.76
C PHE D 410 -6.40 -32.55 24.22
N TYR D 411 -5.47 -33.16 24.94
CA TYR D 411 -5.58 -33.38 26.37
C TYR D 411 -4.24 -33.02 27.00
N ASP D 412 -4.26 -32.80 28.30
CA ASP D 412 -2.99 -32.59 28.98
C ASP D 412 -2.63 -33.84 29.78
N PRO D 413 -1.35 -34.20 29.86
CA PRO D 413 -0.96 -35.41 30.58
C PRO D 413 -1.10 -35.24 32.08
N TRP D 414 -1.33 -36.36 32.76
CA TRP D 414 -1.42 -36.34 34.22
C TRP D 414 -0.08 -36.01 34.85
N GLU D 415 0.97 -36.72 34.43
CA GLU D 415 2.33 -36.47 34.89
C GLU D 415 3.26 -36.39 33.67
N GLY D 416 4.46 -35.90 33.90
CA GLY D 416 5.41 -35.70 32.82
C GLY D 416 5.01 -34.52 31.95
N ARG D 417 5.75 -34.33 30.87
CA ARG D 417 5.46 -33.22 29.98
C ARG D 417 5.92 -33.55 28.57
N ILE D 418 5.55 -32.65 27.64
CA ILE D 418 5.89 -32.77 26.24
C ILE D 418 6.58 -31.48 25.82
N LEU D 419 7.71 -31.62 25.11
CA LEU D 419 8.53 -30.49 24.73
C LEU D 419 8.71 -30.46 23.22
N ILE D 420 8.62 -29.27 22.64
CA ILE D 420 8.98 -29.02 21.24
C ILE D 420 10.06 -27.96 21.26
N ASP D 421 11.29 -28.36 20.90
CA ASP D 421 12.46 -27.50 20.98
C ASP D 421 12.64 -26.96 22.41
N GLY D 422 12.50 -27.87 23.38
CA GLY D 422 12.74 -27.55 24.78
C GLY D 422 11.66 -26.74 25.47
N GLN D 423 10.55 -26.45 24.80
CA GLN D 423 9.48 -25.65 25.38
C GLN D 423 8.30 -26.53 25.75
N ASP D 424 7.77 -26.34 26.96
CA ASP D 424 6.65 -27.15 27.43
C ASP D 424 5.40 -26.83 26.63
N ILE D 425 4.78 -27.87 26.08
CA ILE D 425 3.59 -27.69 25.24
C ILE D 425 2.47 -27.05 26.04
N ALA D 426 2.35 -27.40 27.32
CA ALA D 426 1.29 -26.84 28.16
C ALA D 426 1.53 -25.39 28.52
N HIS D 427 2.73 -24.86 28.28
CA HIS D 427 3.07 -23.48 28.63
C HIS D 427 3.18 -22.57 27.42
N VAL D 428 2.59 -22.96 26.29
CA VAL D 428 2.62 -22.18 25.06
C VAL D 428 1.19 -22.06 24.54
N THR D 429 0.93 -20.94 23.86
CA THR D 429 -0.37 -20.73 23.24
C THR D 429 -0.73 -21.87 22.30
N GLN D 430 -2.00 -22.29 22.34
CA GLN D 430 -2.45 -23.39 21.49
C GLN D 430 -2.30 -23.06 20.01
N THR D 431 -2.46 -21.79 19.66
CA THR D 431 -2.43 -21.40 18.24
C THR D 431 -1.06 -21.66 17.62
N SER D 432 0.00 -21.21 18.28
CA SER D 432 1.34 -21.41 17.72
C SER D 432 1.74 -22.88 17.72
N LEU D 433 1.41 -23.59 18.80
CA LEU D 433 1.71 -25.02 18.88
C LEU D 433 1.04 -25.77 17.72
N ARG D 434 -0.27 -25.59 17.56
CA ARG D 434 -0.96 -26.31 16.50
C ARG D 434 -0.62 -25.80 15.11
N ALA D 435 -0.11 -24.57 14.99
CA ALA D 435 0.37 -24.09 13.71
C ALA D 435 1.71 -24.71 13.34
N ALA D 436 2.52 -25.05 14.36
CA ALA D 436 3.81 -25.67 14.10
C ALA D 436 3.71 -27.17 13.83
N LEU D 437 2.52 -27.76 13.97
CA LEU D 437 2.32 -29.19 13.80
C LEU D 437 1.42 -29.45 12.60
N GLY D 438 1.69 -30.54 11.90
CA GLY D 438 0.81 -30.99 10.83
C GLY D 438 0.52 -32.48 10.94
N ILE D 439 -0.74 -32.81 11.20
CA ILE D 439 -1.14 -34.18 11.53
C ILE D 439 -2.03 -34.73 10.43
N VAL D 440 -1.70 -35.93 9.95
CA VAL D 440 -2.63 -36.74 9.16
C VAL D 440 -3.23 -37.78 10.11
N PRO D 441 -4.49 -37.64 10.50
CA PRO D 441 -5.04 -38.49 11.56
C PRO D 441 -5.28 -39.91 11.09
N GLN D 442 -5.51 -40.78 12.08
CA GLN D 442 -5.82 -42.18 11.79
C GLN D 442 -7.14 -42.31 11.03
N ASP D 443 -8.12 -41.49 11.39
CA ASP D 443 -9.42 -41.44 10.73
C ASP D 443 -9.48 -40.17 9.90
N SER D 444 -9.27 -40.28 8.59
CA SER D 444 -9.28 -39.12 7.72
C SER D 444 -10.71 -38.72 7.37
N VAL D 445 -11.03 -37.45 7.63
CA VAL D 445 -12.36 -36.89 7.36
C VAL D 445 -12.20 -35.65 6.50
N LEU D 446 -12.97 -35.57 5.42
CA LEU D 446 -12.94 -34.46 4.49
C LEU D 446 -14.23 -33.65 4.55
N PHE D 447 -14.14 -32.40 4.11
CA PHE D 447 -15.31 -31.54 4.01
C PHE D 447 -16.16 -31.91 2.79
N ASN D 448 -17.46 -31.63 2.90
CA ASN D 448 -18.43 -31.92 1.83
C ASN D 448 -18.28 -30.89 0.71
N ASP D 449 -17.17 -30.99 -0.01
CA ASP D 449 -16.88 -30.04 -1.07
C ASP D 449 -16.10 -30.78 -2.16
N THR D 450 -15.33 -30.05 -2.94
CA THR D 450 -14.56 -30.64 -4.02
C THR D 450 -13.14 -30.98 -3.55
N ILE D 451 -12.43 -31.76 -4.38
CA ILE D 451 -11.07 -32.14 -4.07
C ILE D 451 -10.17 -30.90 -3.98
N GLY D 452 -10.38 -29.94 -4.88
CA GLY D 452 -9.56 -28.74 -4.87
C GLY D 452 -9.69 -27.94 -3.59
N TYR D 453 -10.93 -27.76 -3.12
CA TYR D 453 -11.15 -27.03 -1.86
C TYR D 453 -10.50 -27.76 -0.69
N ASN D 454 -10.62 -29.10 -0.67
CA ASN D 454 -10.01 -29.87 0.42
C ASN D 454 -8.50 -29.69 0.43
N ILE D 455 -7.87 -29.77 -0.76
CA ILE D 455 -6.42 -29.61 -0.81
C ILE D 455 -6.02 -28.19 -0.42
N ALA D 456 -6.80 -27.18 -0.85
CA ALA D 456 -6.47 -25.80 -0.52
C ALA D 456 -6.75 -25.46 0.93
N TYR D 457 -7.54 -26.28 1.63
CA TYR D 457 -7.82 -26.04 3.05
C TYR D 457 -6.57 -26.07 3.91
N GLY D 458 -5.46 -26.62 3.41
CA GLY D 458 -4.25 -26.72 4.21
C GLY D 458 -3.71 -25.37 4.65
N ARG D 459 -3.80 -24.36 3.79
CA ARG D 459 -3.34 -23.02 4.12
C ARG D 459 -4.33 -22.00 3.58
N ASP D 460 -4.62 -20.99 4.37
CA ASP D 460 -5.57 -19.95 3.98
C ASP D 460 -5.01 -19.17 2.79
N GLY D 461 -5.75 -19.15 1.69
CA GLY D 461 -5.31 -18.45 0.50
C GLY D 461 -4.23 -19.16 -0.28
N ALA D 462 -4.27 -20.48 -0.32
CA ALA D 462 -3.26 -21.23 -1.05
C ALA D 462 -3.39 -21.00 -2.55
N SER D 463 -2.26 -20.93 -3.24
CA SER D 463 -2.24 -20.67 -4.67
C SER D 463 -2.38 -21.98 -5.46
N ARG D 464 -2.73 -21.84 -6.74
CA ARG D 464 -2.82 -23.00 -7.62
C ARG D 464 -1.49 -23.74 -7.71
N ALA D 465 -0.37 -23.01 -7.63
CA ALA D 465 0.94 -23.66 -7.65
C ALA D 465 1.13 -24.57 -6.45
N GLU D 466 0.76 -24.10 -5.25
CA GLU D 466 0.90 -24.93 -4.06
C GLU D 466 -0.01 -26.16 -4.13
N VAL D 467 -1.24 -25.99 -4.61
CA VAL D 467 -2.15 -27.12 -4.73
C VAL D 467 -1.61 -28.15 -5.71
N ASP D 468 -1.08 -27.68 -6.85
CA ASP D 468 -0.51 -28.60 -7.83
C ASP D 468 0.71 -29.32 -7.27
N ALA D 469 1.57 -28.59 -6.53
CA ALA D 469 2.74 -29.22 -5.94
C ALA D 469 2.35 -30.27 -4.92
N ALA D 470 1.31 -30.00 -4.12
CA ALA D 470 0.86 -30.98 -3.13
C ALA D 470 0.24 -32.20 -3.81
N ALA D 471 -0.54 -31.98 -4.87
CA ALA D 471 -1.10 -33.10 -5.61
C ALA D 471 -0.01 -33.93 -6.27
N LYS D 472 1.08 -33.29 -6.71
CA LYS D 472 2.21 -34.03 -7.25
C LYS D 472 2.92 -34.83 -6.16
N GLY D 473 3.07 -34.24 -4.97
CA GLY D 473 3.75 -34.94 -3.90
C GLY D 473 2.95 -36.11 -3.34
N ALA D 474 1.63 -36.01 -3.39
CA ALA D 474 0.76 -37.09 -2.91
C ALA D 474 0.37 -38.06 -4.02
N ALA D 475 0.90 -37.88 -5.23
CA ALA D 475 0.67 -38.80 -6.34
C ALA D 475 -0.81 -38.90 -6.71
N ILE D 476 -1.49 -37.76 -6.73
CA ILE D 476 -2.87 -37.69 -7.20
C ILE D 476 -3.04 -36.69 -8.34
N ALA D 477 -1.97 -36.00 -8.74
CA ALA D 477 -2.07 -35.08 -9.87
C ALA D 477 -2.53 -35.82 -11.12
N ASP D 478 -1.98 -37.00 -11.36
CA ASP D 478 -2.40 -37.80 -12.52
C ASP D 478 -3.84 -38.25 -12.38
N PHE D 479 -4.26 -38.63 -11.17
CA PHE D 479 -5.64 -39.05 -10.95
C PHE D 479 -6.60 -37.91 -11.22
N ILE D 480 -6.30 -36.72 -10.68
CA ILE D 480 -7.16 -35.55 -10.91
C ILE D 480 -7.17 -35.20 -12.38
N ALA D 481 -6.03 -35.35 -13.06
CA ALA D 481 -5.97 -35.06 -14.49
C ALA D 481 -6.85 -36.02 -15.27
N ARG D 482 -6.89 -37.29 -14.87
CA ARG D 482 -7.70 -38.29 -15.55
C ARG D 482 -9.18 -38.19 -15.19
N LEU D 483 -9.57 -37.23 -14.36
CA LEU D 483 -10.99 -37.10 -14.03
C LEU D 483 -11.69 -36.14 -14.99
N PRO D 484 -12.89 -36.49 -15.45
CA PRO D 484 -13.63 -35.59 -16.35
C PRO D 484 -13.94 -34.25 -15.70
N GLN D 485 -14.14 -34.21 -14.39
CA GLN D 485 -14.40 -32.97 -13.66
C GLN D 485 -13.14 -32.41 -13.02
N GLY D 486 -12.03 -33.14 -13.04
CA GLY D 486 -10.78 -32.61 -12.53
C GLY D 486 -10.89 -32.25 -11.07
N TYR D 487 -10.42 -31.06 -10.74
CA TYR D 487 -10.47 -30.54 -9.38
C TYR D 487 -11.90 -30.30 -8.89
N ASP D 488 -12.88 -30.32 -9.80
CA ASP D 488 -14.26 -30.01 -9.46
C ASP D 488 -15.09 -31.23 -9.06
N THR D 489 -14.47 -32.40 -8.91
CA THR D 489 -15.21 -33.57 -8.47
C THR D 489 -15.65 -33.42 -7.03
N GLU D 490 -16.95 -33.64 -6.79
CA GLU D 490 -17.47 -33.61 -5.43
C GLU D 490 -17.07 -34.88 -4.70
N VAL D 491 -16.60 -34.73 -3.47
CA VAL D 491 -16.19 -35.90 -2.68
C VAL D 491 -17.31 -36.42 -1.80
N GLY D 492 -18.42 -35.71 -1.69
CA GLY D 492 -19.50 -36.13 -0.83
C GLY D 492 -19.19 -35.82 0.62
N GLU D 493 -20.10 -36.24 1.49
CA GLU D 493 -19.92 -36.03 2.91
C GLU D 493 -18.79 -36.93 3.40
N ARG D 494 -17.78 -36.31 4.03
CA ARG D 494 -16.61 -37.01 4.57
C ARG D 494 -15.80 -37.72 3.48
N GLY D 495 -15.91 -37.28 2.23
CA GLY D 495 -15.15 -37.88 1.16
C GLY D 495 -15.53 -39.30 0.85
N LEU D 496 -16.73 -39.73 1.25
CA LEU D 496 -17.18 -41.10 1.02
C LEU D 496 -17.34 -41.44 -0.46
N LYS D 497 -17.31 -40.45 -1.34
CA LYS D 497 -17.33 -40.72 -2.78
C LYS D 497 -15.95 -41.01 -3.34
N LEU D 498 -14.90 -40.66 -2.61
CA LEU D 498 -13.54 -41.05 -2.97
C LEU D 498 -13.19 -42.41 -2.38
N SER D 499 -12.14 -43.01 -2.92
CA SER D 499 -11.64 -44.27 -2.40
C SER D 499 -10.89 -44.02 -1.09
N GLY D 500 -10.52 -45.11 -0.42
CA GLY D 500 -9.78 -44.97 0.83
C GLY D 500 -8.41 -44.34 0.61
N GLY D 501 -7.67 -44.86 -0.36
CA GLY D 501 -6.36 -44.29 -0.65
C GLY D 501 -6.44 -42.86 -1.17
N GLU D 502 -7.45 -42.56 -1.99
CA GLU D 502 -7.62 -41.20 -2.49
C GLU D 502 -7.93 -40.24 -1.34
N LYS D 503 -8.77 -40.64 -0.40
CA LYS D 503 -9.07 -39.79 0.75
C LYS D 503 -7.82 -39.56 1.61
N GLN D 504 -7.07 -40.63 1.88
CA GLN D 504 -5.84 -40.49 2.64
C GLN D 504 -4.85 -39.57 1.93
N ARG D 505 -4.74 -39.70 0.61
CA ARG D 505 -3.82 -38.86 -0.14
C ARG D 505 -4.29 -37.41 -0.18
N VAL D 506 -5.59 -37.17 -0.18
CA VAL D 506 -6.09 -35.80 -0.07
C VAL D 506 -5.72 -35.20 1.28
N ALA D 507 -5.84 -36.00 2.35
CA ALA D 507 -5.43 -35.51 3.67
C ALA D 507 -3.93 -35.19 3.71
N ILE D 508 -3.12 -36.08 3.12
CA ILE D 508 -1.68 -35.83 3.04
C ILE D 508 -1.40 -34.56 2.24
N ALA D 509 -2.16 -34.34 1.17
CA ALA D 509 -2.00 -33.13 0.37
C ALA D 509 -2.34 -31.89 1.18
N ARG D 510 -3.38 -31.98 2.01
CA ARG D 510 -3.71 -30.87 2.91
C ARG D 510 -2.52 -30.55 3.82
N THR D 511 -1.99 -31.57 4.49
CA THR D 511 -0.89 -31.33 5.42
C THR D 511 0.38 -30.87 4.69
N LEU D 512 0.53 -31.23 3.41
CA LEU D 512 1.66 -30.74 2.64
C LEU D 512 1.47 -29.28 2.23
N VAL D 513 0.23 -28.91 1.90
CA VAL D 513 -0.08 -27.50 1.65
C VAL D 513 0.22 -26.66 2.88
N LYS D 514 -0.13 -27.17 4.06
CA LYS D 514 0.23 -26.46 5.29
C LYS D 514 1.74 -26.34 5.44
N ASN D 515 2.46 -27.42 5.13
CA ASN D 515 3.93 -27.50 5.18
C ASN D 515 4.48 -26.99 6.51
N PRO D 516 4.25 -27.71 7.60
CA PRO D 516 4.78 -27.28 8.89
C PRO D 516 6.15 -27.88 9.14
N PRO D 517 6.87 -27.42 10.18
CA PRO D 517 8.17 -28.04 10.48
C PRO D 517 8.06 -29.45 11.02
N ILE D 518 6.99 -29.77 11.74
CA ILE D 518 6.78 -31.09 12.32
C ILE D 518 5.59 -31.74 11.65
N LEU D 519 5.76 -33.01 11.25
CA LEU D 519 4.75 -33.76 10.52
C LEU D 519 4.53 -35.09 11.24
N LEU D 520 3.26 -35.47 11.39
CA LEU D 520 2.90 -36.69 12.09
C LEU D 520 1.86 -37.44 11.26
N PHE D 521 2.24 -38.61 10.76
CA PHE D 521 1.38 -39.45 9.94
C PHE D 521 0.88 -40.61 10.79
N ASP D 522 -0.31 -40.47 11.37
CA ASP D 522 -0.90 -41.55 12.18
C ASP D 522 -1.67 -42.47 11.24
N GLU D 523 -1.03 -43.55 10.80
CA GLU D 523 -1.64 -44.52 9.88
C GLU D 523 -2.13 -43.83 8.62
N ALA D 524 -1.26 -43.01 8.03
CA ALA D 524 -1.67 -42.14 6.93
C ALA D 524 -1.72 -42.86 5.60
N THR D 525 -0.92 -43.92 5.43
CA THR D 525 -0.82 -44.62 4.16
C THR D 525 -1.29 -46.07 4.26
N SER D 526 -2.14 -46.39 5.23
CA SER D 526 -2.59 -47.77 5.40
C SER D 526 -3.48 -48.21 4.25
N ALA D 527 -4.22 -47.29 3.64
CA ALA D 527 -5.10 -47.60 2.53
C ALA D 527 -4.45 -47.37 1.17
N LEU D 528 -3.12 -47.38 1.13
CA LEU D 528 -2.37 -47.18 -0.11
C LEU D 528 -1.57 -48.44 -0.43
N ASP D 529 -1.51 -48.78 -1.71
CA ASP D 529 -0.58 -49.80 -2.17
C ASP D 529 0.86 -49.33 -1.98
N THR D 530 1.77 -50.29 -1.89
CA THR D 530 3.16 -49.97 -1.60
C THR D 530 3.77 -49.09 -2.68
N ARG D 531 3.28 -49.19 -3.91
CA ARG D 531 3.83 -48.40 -5.01
C ARG D 531 3.53 -46.91 -4.82
N THR D 532 2.25 -46.57 -4.64
CA THR D 532 1.89 -45.17 -4.41
C THR D 532 2.50 -44.63 -3.12
N GLU D 533 2.51 -45.45 -2.07
CA GLU D 533 3.10 -45.03 -0.81
C GLU D 533 4.57 -44.69 -0.97
N GLN D 534 5.33 -45.57 -1.63
CA GLN D 534 6.75 -45.31 -1.83
C GLN D 534 6.98 -44.13 -2.77
N ASP D 535 6.09 -43.91 -3.75
CA ASP D 535 6.18 -42.71 -4.56
C ASP D 535 6.07 -41.46 -3.69
N ILE D 536 5.04 -41.40 -2.84
CA ILE D 536 4.84 -40.24 -1.97
C ILE D 536 6.04 -40.06 -1.04
N LEU D 537 6.50 -41.14 -0.42
CA LEU D 537 7.57 -41.04 0.57
C LEU D 537 8.89 -40.63 -0.09
N SER D 538 9.19 -41.17 -1.28
CA SER D 538 10.42 -40.78 -1.97
C SER D 538 10.36 -39.33 -2.43
N THR D 539 9.21 -38.90 -2.94
CA THR D 539 9.05 -37.49 -3.30
C THR D 539 9.27 -36.59 -2.09
N MET D 540 8.72 -36.97 -0.94
CA MET D 540 8.93 -36.16 0.26
C MET D 540 10.40 -36.12 0.66
N ARG D 541 11.05 -37.29 0.74
CA ARG D 541 12.45 -37.33 1.14
C ARG D 541 13.33 -36.55 0.17
N ALA D 542 12.92 -36.45 -1.10
CA ALA D 542 13.67 -35.64 -2.05
C ALA D 542 13.46 -34.15 -1.80
N VAL D 543 12.19 -33.73 -1.70
CA VAL D 543 11.90 -32.30 -1.60
C VAL D 543 12.07 -31.73 -0.20
N ALA D 544 12.03 -32.57 0.84
CA ALA D 544 12.12 -32.07 2.21
C ALA D 544 13.57 -31.84 2.63
N SER D 545 13.79 -30.80 3.43
CA SER D 545 15.12 -30.45 3.89
C SER D 545 15.25 -30.54 5.41
N HIS D 546 14.42 -29.82 6.17
CA HIS D 546 14.52 -29.78 7.63
C HIS D 546 13.23 -30.23 8.30
N ARG D 547 12.46 -31.12 7.66
CA ARG D 547 11.20 -31.59 8.22
C ARG D 547 11.42 -32.76 9.18
N THR D 548 10.79 -32.69 10.34
CA THR D 548 10.73 -33.80 11.29
C THR D 548 9.48 -34.63 10.97
N THR D 549 9.64 -35.95 10.93
CA THR D 549 8.59 -36.85 10.46
C THR D 549 8.38 -38.01 11.44
N ILE D 550 7.31 -37.93 12.23
CA ILE D 550 6.87 -39.03 13.09
C ILE D 550 5.82 -39.83 12.35
N SER D 551 5.99 -41.15 12.29
CA SER D 551 5.11 -42.02 11.53
C SER D 551 4.63 -43.17 12.40
N ILE D 552 3.34 -43.48 12.31
CA ILE D 552 2.71 -44.59 13.01
C ILE D 552 2.11 -45.54 11.98
N ALA D 553 2.42 -46.83 12.11
CA ALA D 553 1.93 -47.81 11.15
C ALA D 553 2.01 -49.21 11.74
N HIS D 554 1.01 -50.03 11.44
CA HIS D 554 1.08 -51.45 11.78
C HIS D 554 1.83 -52.25 10.73
N ARG D 555 1.73 -51.86 9.46
CA ARG D 555 2.49 -52.51 8.40
C ARG D 555 3.93 -52.01 8.46
N LEU D 556 4.84 -52.87 8.90
CA LEU D 556 6.20 -52.46 9.19
C LEU D 556 6.99 -52.10 7.94
N SER D 557 6.61 -52.62 6.77
CA SER D 557 7.34 -52.30 5.54
C SER D 557 7.27 -50.81 5.22
N THR D 558 6.23 -50.12 5.69
CA THR D 558 6.12 -48.69 5.48
C THR D 558 7.21 -47.91 6.19
N ILE D 559 7.70 -48.42 7.33
CA ILE D 559 8.56 -47.69 8.23
C ILE D 559 9.93 -48.35 8.39
N ALA D 560 10.26 -49.30 7.52
CA ALA D 560 11.53 -50.02 7.66
C ALA D 560 12.72 -49.08 7.50
N ASP D 561 12.61 -48.10 6.62
CA ASP D 561 13.70 -47.16 6.35
C ASP D 561 13.70 -45.95 7.29
N SER D 562 13.08 -46.08 8.46
CA SER D 562 13.09 -44.99 9.43
C SER D 562 14.44 -44.87 10.10
N ASP D 563 14.74 -43.67 10.60
CA ASP D 563 15.97 -43.46 11.36
C ASP D 563 15.96 -44.25 12.65
N THR D 564 14.85 -44.18 13.39
CA THR D 564 14.68 -44.95 14.61
C THR D 564 13.24 -45.46 14.67
N ILE D 565 13.06 -46.61 15.30
CA ILE D 565 11.74 -47.22 15.47
C ILE D 565 11.49 -47.37 16.96
N LEU D 566 10.34 -46.88 17.41
CA LEU D 566 9.91 -46.96 18.80
C LEU D 566 8.80 -47.99 18.91
N VAL D 567 9.07 -49.07 19.63
CA VAL D 567 8.06 -50.10 19.87
C VAL D 567 7.31 -49.75 21.14
N LEU D 568 6.01 -49.55 21.02
CA LEU D 568 5.14 -49.23 22.15
C LEU D 568 4.28 -50.44 22.46
N ASP D 569 4.24 -50.82 23.73
CA ASP D 569 3.45 -51.97 24.17
C ASP D 569 2.92 -51.67 25.56
N GLN D 570 1.62 -51.88 25.75
CA GLN D 570 0.96 -51.64 27.04
C GLN D 570 1.20 -50.22 27.55
N GLY D 571 1.35 -49.27 26.64
CA GLY D 571 1.61 -47.90 27.02
C GLY D 571 3.01 -47.64 27.54
N ARG D 572 3.98 -48.44 27.11
CA ARG D 572 5.37 -48.27 27.53
C ARG D 572 6.28 -48.47 26.32
N LEU D 573 7.50 -47.95 26.43
CA LEU D 573 8.49 -48.08 25.36
C LEU D 573 9.30 -49.35 25.62
N ALA D 574 9.12 -50.36 24.76
CA ALA D 574 9.79 -51.64 24.93
C ALA D 574 11.17 -51.66 24.28
N GLU D 575 11.24 -51.30 23.00
CA GLU D 575 12.49 -51.33 22.25
C GLU D 575 12.68 -50.03 21.50
N GLN D 576 13.91 -49.80 21.06
CA GLN D 576 14.24 -48.59 20.33
C GLN D 576 15.49 -48.83 19.49
N GLY D 577 15.45 -48.39 18.26
CA GLY D 577 16.60 -48.51 17.37
C GLY D 577 16.14 -48.62 15.93
N SER D 578 17.13 -48.76 15.05
CA SER D 578 16.87 -48.86 13.62
C SER D 578 16.29 -50.24 13.29
N HIS D 579 15.83 -50.37 12.04
CA HIS D 579 15.27 -51.64 11.58
C HIS D 579 16.27 -52.77 11.71
N LEU D 580 17.51 -52.53 11.24
CA LEU D 580 18.54 -53.57 11.32
C LEU D 580 18.89 -53.89 12.76
N ASP D 581 18.97 -52.86 13.62
CA ASP D 581 19.29 -53.09 15.02
C ASP D 581 18.20 -53.92 15.70
N LEU D 582 16.93 -53.57 15.48
CA LEU D 582 15.84 -54.31 16.10
C LEU D 582 15.74 -55.73 15.56
N LEU D 583 16.05 -55.92 14.28
CA LEU D 583 16.07 -57.27 13.73
C LEU D 583 17.20 -58.10 14.34
N ARG D 584 18.36 -57.47 14.57
CA ARG D 584 19.50 -58.19 15.14
C ARG D 584 19.29 -58.49 16.62
N ARG D 585 18.54 -57.65 17.33
CA ARG D 585 18.30 -57.87 18.76
C ARG D 585 17.35 -59.03 19.04
N ASP D 586 16.66 -59.55 18.03
CA ASP D 586 15.77 -60.70 18.18
C ASP D 586 14.76 -60.46 19.31
N GLY D 587 14.15 -59.28 19.30
CA GLY D 587 13.21 -58.90 20.34
C GLY D 587 11.77 -58.91 19.89
N LEU D 588 10.99 -57.94 20.37
CA LEU D 588 9.57 -57.88 20.01
C LEU D 588 9.39 -57.41 18.58
N TYR D 589 10.13 -56.38 18.17
CA TYR D 589 10.05 -55.92 16.78
C TYR D 589 10.49 -57.01 15.83
N ALA D 590 11.50 -57.80 16.21
CA ALA D 590 11.92 -58.92 15.38
C ALA D 590 10.80 -59.93 15.23
N GLU D 591 10.05 -60.20 16.30
CA GLU D 591 8.93 -61.12 16.21
C GLU D 591 7.82 -60.56 15.30
N MET D 592 7.51 -59.27 15.46
CA MET D 592 6.51 -58.64 14.60
C MET D 592 6.90 -58.73 13.14
N TRP D 593 8.16 -58.39 12.83
CA TRP D 593 8.60 -58.38 11.45
C TRP D 593 8.72 -59.78 10.89
N ALA D 594 9.04 -60.76 11.75
CA ALA D 594 9.09 -62.15 11.28
C ALA D 594 7.69 -62.67 10.98
N ARG D 595 6.70 -62.33 11.80
CA ARG D 595 5.35 -62.79 11.53
C ARG D 595 4.74 -62.06 10.33
N GLN D 596 5.15 -60.82 10.08
CA GLN D 596 4.60 -60.07 8.96
C GLN D 596 5.31 -60.34 7.63
N ALA D 597 6.63 -60.58 7.67
CA ALA D 597 7.37 -60.86 6.44
C ALA D 597 7.34 -62.33 6.05
N ALA D 598 7.29 -63.25 7.01
CA ALA D 598 7.29 -64.66 6.68
C ALA D 598 5.88 -65.11 6.34
N GLU D 599 5.78 -66.02 5.37
CA GLU D 599 4.51 -66.43 4.81
C GLU D 599 4.39 -67.96 4.85
N SER D 600 3.16 -68.44 4.78
CA SER D 600 2.90 -69.87 4.81
C SER D 600 3.40 -70.54 3.53
N VAL E 34 41.31 -35.97 -4.85
CA VAL E 34 40.40 -36.95 -5.44
C VAL E 34 40.75 -37.15 -6.90
N LEU E 35 41.58 -36.25 -7.44
CA LEU E 35 41.96 -36.33 -8.85
C LEU E 35 42.59 -37.67 -9.19
N ARG E 36 43.23 -38.33 -8.21
CA ARG E 36 43.74 -39.68 -8.43
C ARG E 36 42.66 -40.57 -9.03
N ARG E 37 41.50 -40.65 -8.37
CA ARG E 37 40.33 -41.31 -8.94
C ARG E 37 40.21 -41.00 -10.43
N ARG E 38 40.05 -39.70 -10.73
CA ARG E 38 39.80 -39.29 -12.11
C ARG E 38 40.90 -39.80 -13.04
N VAL E 39 42.15 -39.75 -12.59
CA VAL E 39 43.21 -40.28 -13.45
C VAL E 39 43.24 -41.81 -13.40
N VAL E 40 43.09 -42.40 -12.21
CA VAL E 40 43.15 -43.85 -12.09
C VAL E 40 42.09 -44.50 -12.96
N GLY E 41 40.83 -44.10 -12.78
CA GLY E 41 39.78 -44.56 -13.68
C GLY E 41 40.15 -44.32 -15.12
N ALA E 42 40.69 -43.13 -15.40
CA ALA E 42 41.17 -42.83 -16.74
C ALA E 42 42.14 -43.88 -17.22
N ILE E 43 43.17 -44.16 -16.41
CA ILE E 43 44.11 -45.24 -16.75
C ILE E 43 43.35 -46.54 -16.96
N LEU E 44 42.45 -46.86 -16.01
CA LEU E 44 41.60 -48.04 -16.17
C LEU E 44 40.91 -48.01 -17.52
N MET E 45 40.30 -46.87 -17.85
CA MET E 45 39.65 -46.72 -19.15
C MET E 45 40.59 -47.11 -20.27
N VAL E 46 41.80 -46.52 -20.26
CA VAL E 46 42.80 -46.88 -21.28
C VAL E 46 42.95 -48.39 -21.35
N LEU E 47 43.20 -49.01 -20.20
CA LEU E 47 43.39 -50.46 -20.17
C LEU E 47 42.19 -51.15 -20.77
N LEU E 48 40.98 -50.77 -20.35
CA LEU E 48 39.78 -51.38 -20.91
C LEU E 48 39.74 -51.14 -22.41
N GLY E 49 39.99 -49.91 -22.84
CA GLY E 49 40.07 -49.64 -24.26
C GLY E 49 41.13 -50.49 -24.93
N LYS E 50 42.31 -50.56 -24.32
CA LYS E 50 43.37 -51.39 -24.87
C LYS E 50 42.95 -52.85 -24.85
N ALA E 51 42.22 -53.26 -23.80
CA ALA E 51 41.73 -54.62 -23.76
C ALA E 51 40.88 -54.91 -24.98
N THR E 52 40.01 -53.96 -25.35
CA THR E 52 39.17 -54.18 -26.52
C THR E 52 40.01 -54.27 -27.78
N THR E 53 41.12 -53.51 -27.83
CA THR E 53 42.02 -53.60 -28.96
C THR E 53 42.72 -54.95 -29.03
N LEU E 54 42.98 -55.57 -27.87
CA LEU E 54 43.74 -56.81 -27.85
C LEU E 54 42.86 -58.05 -27.74
N ALA E 55 41.72 -57.95 -27.08
CA ALA E 55 40.80 -59.08 -26.95
C ALA E 55 39.80 -59.11 -28.11
N LEU E 56 40.36 -59.14 -29.33
CA LEU E 56 39.56 -59.17 -30.55
C LEU E 56 40.19 -60.12 -31.55
N PRO E 57 40.21 -61.43 -31.25
CA PRO E 57 40.68 -62.40 -32.25
C PRO E 57 39.53 -63.05 -32.98
N PHE E 58 38.35 -62.45 -32.87
CA PHE E 58 37.13 -63.06 -33.40
C PHE E 58 37.09 -63.05 -34.92
N ALA E 59 37.83 -62.16 -35.58
CA ALA E 59 37.94 -62.22 -37.03
C ALA E 59 38.50 -63.57 -37.47
N TYR E 60 39.62 -63.97 -36.89
CA TYR E 60 40.22 -65.26 -37.24
C TYR E 60 39.32 -66.42 -36.88
N LYS E 61 38.72 -66.39 -35.68
CA LYS E 61 37.91 -67.52 -35.24
C LYS E 61 36.66 -67.68 -36.09
N LYS E 62 35.97 -66.58 -36.39
CA LYS E 62 34.79 -66.69 -37.23
C LYS E 62 35.12 -66.90 -38.70
N ALA E 63 36.31 -66.53 -39.15
CA ALA E 63 36.70 -66.93 -40.49
C ALA E 63 37.05 -68.41 -40.56
N VAL E 64 37.57 -68.97 -39.45
CA VAL E 64 37.79 -70.40 -39.37
C VAL E 64 36.45 -71.14 -39.39
N ASP E 65 35.50 -70.67 -38.59
CA ASP E 65 34.19 -71.29 -38.56
C ASP E 65 33.41 -71.05 -39.85
N ALA E 66 33.83 -70.07 -40.66
CA ALA E 66 33.21 -69.85 -41.96
C ALA E 66 33.79 -70.75 -43.04
N MET E 67 35.10 -70.61 -43.33
CA MET E 67 35.74 -71.36 -44.40
C MET E 67 35.63 -72.88 -44.19
N THR E 68 35.82 -73.34 -42.96
CA THR E 68 35.79 -74.77 -42.71
C THR E 68 34.37 -75.23 -42.44
N LEU E 69 34.11 -76.51 -42.66
CA LEU E 69 32.75 -76.99 -42.69
C LEU E 69 32.07 -76.82 -41.33
N GLY E 70 30.78 -77.15 -41.32
CA GLY E 70 29.89 -76.89 -40.21
C GLY E 70 30.44 -77.14 -38.82
N GLY E 71 31.18 -78.23 -38.64
CA GLY E 71 31.70 -78.56 -37.33
C GLY E 71 30.61 -78.88 -36.34
N GLY E 72 30.29 -77.93 -35.46
CA GLY E 72 29.24 -78.14 -34.49
C GLY E 72 28.84 -76.84 -33.83
N ALA E 73 27.85 -76.95 -32.95
CA ALA E 73 27.34 -75.86 -32.12
C ALA E 73 26.85 -74.70 -32.99
N GLN E 74 25.69 -74.94 -33.62
CA GLN E 74 24.98 -73.97 -34.44
C GLN E 74 25.94 -73.27 -35.40
N PRO E 75 26.42 -73.95 -36.45
CA PRO E 75 27.50 -73.36 -37.26
C PRO E 75 27.18 -71.99 -37.82
N ALA E 76 25.98 -71.76 -38.35
CA ALA E 76 25.66 -70.47 -38.93
C ALA E 76 24.93 -69.54 -37.97
N LEU E 77 24.55 -70.02 -36.79
CA LEU E 77 23.97 -69.17 -35.77
C LEU E 77 25.02 -68.66 -34.78
N THR E 78 25.88 -69.56 -34.31
CA THR E 78 26.99 -69.18 -33.44
C THR E 78 27.84 -68.09 -34.06
N VAL E 79 28.22 -68.27 -35.33
CA VAL E 79 29.10 -67.29 -35.97
C VAL E 79 28.43 -65.93 -36.01
N ALA E 80 27.21 -65.88 -36.55
CA ALA E 80 26.48 -64.62 -36.64
C ALA E 80 26.38 -63.95 -35.28
N LEU E 81 25.85 -64.66 -34.28
CA LEU E 81 25.57 -64.03 -32.99
C LEU E 81 26.86 -63.59 -32.29
N ALA E 82 27.81 -64.51 -32.15
CA ALA E 82 29.05 -64.20 -31.45
C ALA E 82 29.79 -63.06 -32.13
N PHE E 83 29.85 -63.07 -33.46
CA PHE E 83 30.60 -62.05 -34.16
C PHE E 83 29.92 -60.69 -34.04
N VAL E 84 28.58 -60.66 -34.23
CA VAL E 84 27.84 -59.40 -34.09
C VAL E 84 28.11 -58.79 -32.72
N LEU E 85 27.97 -59.60 -31.67
CA LEU E 85 28.18 -59.05 -30.33
C LEU E 85 29.62 -58.60 -30.14
N ALA E 86 30.58 -59.46 -30.44
CA ALA E 86 31.96 -59.24 -30.02
C ALA E 86 32.62 -58.13 -30.81
N TYR E 87 32.57 -58.18 -32.15
CA TYR E 87 33.29 -57.20 -32.95
C TYR E 87 32.72 -55.80 -32.70
N ALA E 88 31.39 -55.68 -32.79
CA ALA E 88 30.73 -54.40 -32.60
C ALA E 88 31.01 -53.83 -31.22
N LEU E 89 30.78 -54.62 -30.17
CA LEU E 89 30.99 -54.11 -28.82
C LEU E 89 32.45 -53.77 -28.60
N GLY E 90 33.37 -54.50 -29.21
CA GLY E 90 34.78 -54.18 -29.02
C GLY E 90 35.15 -52.85 -29.63
N ARG E 91 34.78 -52.62 -30.89
CA ARG E 91 35.11 -51.35 -31.52
C ARG E 91 34.39 -50.17 -30.87
N PHE E 92 33.09 -50.33 -30.60
CA PHE E 92 32.33 -49.25 -29.99
C PHE E 92 32.82 -48.95 -28.58
N SER E 93 33.10 -49.98 -27.79
CA SER E 93 33.60 -49.77 -26.44
C SER E 93 35.00 -49.19 -26.46
N GLY E 94 35.82 -49.53 -27.46
CA GLY E 94 37.12 -48.90 -27.56
C GLY E 94 37.01 -47.39 -27.75
N VAL E 95 36.22 -46.96 -28.73
CA VAL E 95 36.07 -45.52 -28.95
C VAL E 95 35.38 -44.88 -27.75
N LEU E 96 34.41 -45.57 -27.16
CA LEU E 96 33.67 -45.04 -26.02
C LEU E 96 34.58 -44.86 -24.81
N PHE E 97 35.47 -45.81 -24.56
CA PHE E 97 36.40 -45.69 -23.44
C PHE E 97 37.42 -44.59 -23.71
N ASP E 98 37.88 -44.46 -24.95
CA ASP E 98 38.76 -43.35 -25.28
C ASP E 98 38.11 -42.01 -24.95
N ASN E 99 36.88 -41.81 -25.42
CA ASN E 99 36.22 -40.52 -25.19
C ASN E 99 35.79 -40.35 -23.74
N LEU E 100 35.44 -41.43 -23.04
CA LEU E 100 35.07 -41.31 -21.63
C LEU E 100 36.27 -40.94 -20.77
N ARG E 101 37.42 -41.59 -21.00
CA ARG E 101 38.64 -41.20 -20.30
C ARG E 101 38.99 -39.75 -20.60
N ASN E 102 38.97 -39.36 -21.87
CA ASN E 102 39.24 -37.98 -22.23
C ASN E 102 38.30 -37.04 -21.48
N ILE E 103 37.01 -37.38 -21.41
CA ILE E 103 36.02 -36.48 -20.84
C ILE E 103 36.22 -36.36 -19.33
N VAL E 104 36.54 -37.46 -18.66
CA VAL E 104 36.76 -37.42 -17.21
C VAL E 104 38.12 -36.82 -16.84
N PHE E 105 39.08 -36.84 -17.76
CA PHE E 105 40.40 -36.27 -17.50
C PHE E 105 40.52 -34.83 -17.97
N GLU E 106 39.54 -34.33 -18.71
CA GLU E 106 39.62 -32.96 -19.22
C GLU E 106 39.75 -31.95 -18.09
N ARG E 107 39.03 -32.16 -16.99
CA ARG E 107 39.09 -31.22 -15.87
C ARG E 107 40.48 -31.21 -15.23
N VAL E 108 41.03 -32.40 -14.97
CA VAL E 108 42.36 -32.48 -14.36
C VAL E 108 43.41 -31.87 -15.29
N GLY E 109 43.29 -32.14 -16.59
CA GLY E 109 44.25 -31.59 -17.54
C GLY E 109 44.18 -30.08 -17.64
N GLN E 110 42.96 -29.54 -17.67
CA GLN E 110 42.80 -28.09 -17.73
C GLN E 110 43.29 -27.43 -16.45
N ASP E 111 43.04 -28.06 -15.29
CA ASP E 111 43.56 -27.50 -14.05
C ASP E 111 45.08 -27.53 -14.01
N ALA E 112 45.69 -28.60 -14.55
CA ALA E 112 47.14 -28.65 -14.61
C ALA E 112 47.70 -27.57 -15.52
N THR E 113 47.10 -27.39 -16.70
CA THR E 113 47.52 -26.32 -17.61
C THR E 113 47.35 -24.95 -16.95
N ARG E 114 46.25 -24.77 -16.23
CA ARG E 114 46.00 -23.48 -15.57
C ARG E 114 47.05 -23.20 -14.50
N HIS E 115 47.38 -24.20 -13.68
CA HIS E 115 48.43 -24.00 -12.67
C HIS E 115 49.78 -23.75 -13.32
N LEU E 116 50.08 -24.44 -14.42
CA LEU E 116 51.32 -24.19 -15.13
C LEU E 116 51.39 -22.76 -15.63
N ALA E 117 50.31 -22.27 -16.23
CA ALA E 117 50.27 -20.89 -16.73
C ALA E 117 50.37 -19.90 -15.58
N GLU E 118 49.71 -20.18 -14.46
CA GLU E 118 49.77 -19.29 -13.31
C GLU E 118 51.19 -19.20 -12.76
N ASN E 119 51.87 -20.34 -12.62
CA ASN E 119 53.24 -20.32 -12.11
C ASN E 119 54.19 -19.66 -13.08
N VAL E 120 54.00 -19.87 -14.39
CA VAL E 120 54.83 -19.20 -15.38
C VAL E 120 54.65 -17.69 -15.29
N PHE E 121 53.41 -17.24 -15.17
CA PHE E 121 53.13 -15.81 -15.03
C PHE E 121 53.74 -15.26 -13.75
N ALA E 122 53.60 -15.99 -12.64
CA ALA E 122 54.13 -15.52 -11.36
C ALA E 122 55.65 -15.37 -11.40
N ARG E 123 56.35 -16.42 -11.82
CA ARG E 123 57.81 -16.33 -11.93
C ARG E 123 58.23 -15.34 -13.00
N LEU E 124 57.38 -15.06 -13.98
CA LEU E 124 57.70 -14.04 -14.97
C LEU E 124 57.75 -12.66 -14.33
N HIS E 125 56.87 -12.40 -13.35
CA HIS E 125 56.92 -11.15 -12.58
C HIS E 125 58.07 -11.13 -11.57
N LYS E 126 58.72 -12.26 -11.32
CA LYS E 126 59.86 -12.30 -10.42
C LYS E 126 61.16 -11.84 -11.08
N LEU E 127 61.18 -11.70 -12.40
CA LEU E 127 62.42 -11.35 -13.08
C LEU E 127 62.80 -9.91 -12.81
N SER E 128 64.06 -9.58 -13.10
CA SER E 128 64.60 -8.26 -12.77
C SER E 128 64.05 -7.21 -13.73
N LEU E 129 64.25 -5.95 -13.34
CA LEU E 129 63.79 -4.83 -14.18
C LEU E 129 64.54 -4.78 -15.49
N ARG E 130 65.83 -5.18 -15.50
CA ARG E 130 66.61 -5.17 -16.73
C ARG E 130 65.97 -6.04 -17.80
N PHE E 131 65.48 -7.23 -17.42
CA PHE E 131 64.84 -8.10 -18.39
C PHE E 131 63.62 -7.44 -19.02
N HIS E 132 62.72 -6.91 -18.19
CA HIS E 132 61.49 -6.32 -18.73
C HIS E 132 61.78 -5.05 -19.51
N LEU E 133 62.86 -4.34 -19.19
CA LEU E 133 63.24 -3.18 -19.98
C LEU E 133 63.83 -3.59 -21.32
N ALA E 134 64.55 -4.71 -21.38
CA ALA E 134 65.16 -5.19 -22.61
C ALA E 134 64.35 -6.28 -23.30
N ARG E 135 63.14 -6.56 -22.81
CA ARG E 135 62.36 -7.65 -23.36
C ARG E 135 61.76 -7.27 -24.72
N ARG E 136 61.21 -8.27 -25.39
CA ARG E 136 60.39 -8.08 -26.58
C ARG E 136 59.07 -8.78 -26.34
N THR E 137 57.98 -8.00 -26.27
CA THR E 137 56.71 -8.54 -25.79
C THR E 137 56.19 -9.65 -26.70
N GLY E 138 56.25 -9.45 -28.02
CA GLY E 138 55.75 -10.47 -28.92
C GLY E 138 56.57 -11.75 -28.86
N GLU E 139 57.90 -11.62 -28.80
CA GLU E 139 58.76 -12.80 -28.70
C GLU E 139 58.49 -13.56 -27.41
N VAL E 140 58.40 -12.83 -26.29
CA VAL E 140 58.13 -13.48 -25.01
C VAL E 140 56.78 -14.17 -25.03
N THR E 141 55.76 -13.50 -25.59
CA THR E 141 54.43 -14.10 -25.66
C THR E 141 54.44 -15.39 -26.47
N LYS E 142 55.04 -15.35 -27.67
CA LYS E 142 55.06 -16.53 -28.52
C LYS E 142 55.85 -17.66 -27.86
N VAL E 143 56.97 -17.33 -27.23
CA VAL E 143 57.80 -18.35 -26.59
C VAL E 143 57.04 -18.99 -25.42
N ILE E 144 56.38 -18.17 -24.60
CA ILE E 144 55.63 -18.71 -23.48
C ILE E 144 54.50 -19.61 -23.96
N GLU E 145 53.76 -19.16 -24.97
CA GLU E 145 52.65 -19.97 -25.50
C GLU E 145 53.17 -21.31 -26.03
N ARG E 146 54.20 -21.27 -26.88
CA ARG E 146 54.73 -22.48 -27.47
C ARG E 146 55.31 -23.42 -26.42
N GLY E 147 56.03 -22.87 -25.43
CA GLY E 147 56.62 -23.70 -24.41
C GLY E 147 55.59 -24.34 -23.50
N THR E 148 54.54 -23.58 -23.14
CA THR E 148 53.47 -24.16 -22.33
C THR E 148 52.74 -25.25 -23.10
N LYS E 149 52.45 -25.03 -24.38
CA LYS E 149 51.83 -26.08 -25.18
C LYS E 149 52.72 -27.31 -25.25
N SER E 150 54.02 -27.11 -25.43
CA SER E 150 54.96 -28.23 -25.51
C SER E 150 55.01 -29.01 -24.21
N ILE E 151 55.07 -28.30 -23.08
CA ILE E 151 55.13 -28.98 -21.78
C ILE E 151 53.83 -29.73 -21.52
N ASP E 152 52.68 -29.14 -21.87
CA ASP E 152 51.41 -29.81 -21.68
C ASP E 152 51.33 -31.09 -22.49
N THR E 153 51.67 -31.02 -23.79
CA THR E 153 51.64 -32.22 -24.61
C THR E 153 52.67 -33.25 -24.16
N MET E 154 53.83 -32.80 -23.67
CA MET E 154 54.85 -33.72 -23.18
C MET E 154 54.35 -34.48 -21.95
N LEU E 155 53.77 -33.76 -20.99
CA LEU E 155 53.19 -34.42 -19.81
C LEU E 155 52.05 -35.35 -20.20
N TYR E 156 51.22 -34.93 -21.16
CA TYR E 156 50.12 -35.78 -21.63
C TYR E 156 50.66 -37.08 -22.20
N PHE E 157 51.71 -37.01 -23.01
CA PHE E 157 52.28 -38.22 -23.61
C PHE E 157 53.01 -39.05 -22.56
N LEU E 158 53.64 -38.41 -21.58
CA LEU E 158 54.30 -39.12 -20.50
C LEU E 158 53.31 -39.83 -19.60
N LEU E 159 52.09 -39.32 -19.50
CA LEU E 159 51.09 -39.96 -18.64
C LEU E 159 50.27 -41.01 -19.37
N PHE E 160 50.03 -40.85 -20.68
CA PHE E 160 49.10 -41.72 -21.38
C PHE E 160 49.71 -42.50 -22.56
N ASN E 161 51.01 -42.41 -22.80
CA ASN E 161 51.57 -43.09 -23.96
C ASN E 161 52.90 -43.79 -23.68
N ILE E 162 53.22 -44.08 -22.42
CA ILE E 162 54.44 -44.79 -22.06
C ILE E 162 54.13 -46.19 -21.52
N ALA E 163 53.27 -46.27 -20.50
CA ALA E 163 52.86 -47.59 -20.00
C ALA E 163 51.98 -48.33 -21.00
N PRO E 164 50.94 -47.72 -21.59
CA PRO E 164 50.12 -48.48 -22.56
C PRO E 164 50.90 -48.96 -23.77
N THR E 165 51.80 -48.13 -24.30
CA THR E 165 52.58 -48.53 -25.47
C THR E 165 53.50 -49.70 -25.16
N VAL E 166 54.21 -49.64 -24.02
CA VAL E 166 55.09 -50.74 -23.64
C VAL E 166 54.29 -52.01 -23.40
N ILE E 167 53.15 -51.90 -22.70
CA ILE E 167 52.34 -53.07 -22.41
C ILE E 167 51.84 -53.70 -23.71
N GLU E 168 51.29 -52.88 -24.61
CA GLU E 168 50.81 -53.41 -25.89
C GLU E 168 51.94 -54.04 -26.69
N LEU E 169 53.10 -53.39 -26.74
CA LEU E 169 54.23 -53.91 -27.50
C LEU E 169 54.64 -55.29 -26.99
N THR E 170 54.83 -55.41 -25.67
CA THR E 170 55.26 -56.70 -25.12
C THR E 170 54.19 -57.77 -25.27
N ALA E 171 52.92 -57.41 -25.06
CA ALA E 171 51.85 -58.38 -25.19
C ALA E 171 51.71 -58.88 -26.63
N VAL E 172 51.82 -57.97 -27.59
CA VAL E 172 51.70 -58.37 -28.99
C VAL E 172 52.91 -59.18 -29.41
N ILE E 173 54.09 -58.87 -28.89
CA ILE E 173 55.27 -59.70 -29.15
C ILE E 173 55.05 -61.10 -28.62
N VAL E 174 54.47 -61.23 -27.43
CA VAL E 174 54.20 -62.54 -26.86
C VAL E 174 53.17 -63.30 -27.69
N ILE E 175 52.15 -62.60 -28.18
CA ILE E 175 51.12 -63.26 -28.99
C ILE E 175 51.69 -63.78 -30.30
N PHE E 176 52.51 -62.96 -30.97
CA PHE E 176 53.16 -63.43 -32.20
C PHE E 176 54.14 -64.56 -31.91
N TRP E 177 54.85 -64.49 -30.79
CA TRP E 177 55.72 -65.59 -30.37
C TRP E 177 54.92 -66.88 -30.26
N LEU E 178 53.73 -66.81 -29.67
CA LEU E 178 52.94 -68.01 -29.42
C LEU E 178 52.34 -68.58 -30.70
N ASN E 179 51.73 -67.72 -31.53
CA ASN E 179 50.90 -68.21 -32.63
C ASN E 179 51.62 -68.31 -33.97
N PHE E 180 52.90 -67.92 -34.06
CA PHE E 180 53.57 -67.95 -35.35
C PHE E 180 55.06 -68.30 -35.27
N GLY E 181 55.53 -68.84 -34.15
CA GLY E 181 56.92 -69.25 -34.04
C GLY E 181 57.90 -68.12 -33.77
N LEU E 182 59.07 -68.18 -34.42
CA LEU E 182 60.14 -67.24 -34.15
C LEU E 182 60.59 -66.44 -35.36
N GLY E 183 60.00 -66.65 -36.54
CA GLY E 183 60.35 -65.87 -37.70
C GLY E 183 59.66 -64.51 -37.73
N LEU E 184 58.37 -64.52 -37.44
CA LEU E 184 57.59 -63.29 -37.48
C LEU E 184 58.07 -62.30 -36.43
N VAL E 185 58.39 -62.80 -35.22
CA VAL E 185 58.83 -61.89 -34.15
C VAL E 185 60.19 -61.29 -34.48
N THR E 186 61.09 -62.07 -35.10
CA THR E 186 62.39 -61.52 -35.48
C THR E 186 62.24 -60.49 -36.59
N ALA E 187 61.41 -60.77 -37.60
CA ALA E 187 61.17 -59.77 -38.63
C ALA E 187 60.54 -58.51 -38.03
N THR E 188 59.64 -58.68 -37.07
CA THR E 188 58.96 -57.55 -36.45
C THR E 188 59.93 -56.71 -35.63
N ILE E 189 60.82 -57.34 -34.86
CA ILE E 189 61.78 -56.56 -34.09
C ILE E 189 62.78 -55.89 -35.01
N LEU E 190 63.12 -56.51 -36.15
CA LEU E 190 63.96 -55.83 -37.12
C LEU E 190 63.27 -54.59 -37.67
N ALA E 191 61.98 -54.70 -37.99
CA ALA E 191 61.22 -53.56 -38.46
C ALA E 191 61.14 -52.48 -37.40
N VAL E 192 60.92 -52.87 -36.14
CA VAL E 192 60.80 -51.90 -35.05
C VAL E 192 62.13 -51.19 -34.83
N ILE E 193 63.24 -51.91 -34.95
CA ILE E 193 64.54 -51.29 -34.70
C ILE E 193 64.90 -50.36 -35.85
N ALA E 194 64.56 -50.76 -37.08
CA ALA E 194 64.78 -49.85 -38.22
C ALA E 194 63.86 -48.64 -38.13
N TYR E 195 62.69 -48.80 -37.53
CA TYR E 195 61.79 -47.67 -37.35
C TYR E 195 62.35 -46.69 -36.34
N VAL E 196 62.80 -47.20 -35.19
CA VAL E 196 63.37 -46.33 -34.17
C VAL E 196 64.65 -45.66 -34.68
N TRP E 197 65.42 -46.38 -35.50
CA TRP E 197 66.66 -45.82 -36.04
C TRP E 197 66.37 -44.71 -37.03
N THR E 198 65.48 -44.98 -38.00
CA THR E 198 65.09 -43.95 -38.96
C THR E 198 64.48 -42.75 -38.26
N THR E 199 63.64 -43.00 -37.25
CA THR E 199 63.02 -41.93 -36.49
C THR E 199 64.06 -41.05 -35.81
N ARG E 200 65.01 -41.68 -35.11
CA ARG E 200 66.06 -40.92 -34.43
C ARG E 200 66.84 -40.07 -35.43
N THR E 201 67.25 -40.69 -36.55
CA THR E 201 68.03 -39.98 -37.55
C THR E 201 67.26 -38.78 -38.12
N ILE E 202 66.01 -39.02 -38.53
CA ILE E 202 65.22 -37.96 -39.13
C ILE E 202 64.92 -36.85 -38.14
N THR E 203 64.60 -37.21 -36.89
CA THR E 203 64.35 -36.19 -35.87
C THR E 203 65.60 -35.34 -35.63
N GLU E 204 66.77 -35.97 -35.56
CA GLU E 204 67.98 -35.19 -35.37
C GLU E 204 68.27 -34.30 -36.57
N TRP E 205 67.86 -34.72 -37.77
CA TRP E 205 68.03 -33.84 -38.93
C TRP E 205 67.02 -32.70 -38.91
N ARG E 206 65.80 -32.96 -38.45
CA ARG E 206 64.72 -31.98 -38.48
C ARG E 206 64.80 -30.98 -37.33
N THR E 207 65.54 -31.32 -36.27
CA THR E 207 65.64 -30.42 -35.12
C THR E 207 66.19 -29.05 -35.52
N HIS E 208 67.19 -29.02 -36.40
CA HIS E 208 67.81 -27.76 -36.81
C HIS E 208 66.80 -26.86 -37.51
N LEU E 209 66.09 -27.42 -38.50
CA LEU E 209 65.09 -26.66 -39.24
C LEU E 209 63.96 -26.21 -38.32
N ARG E 210 63.54 -27.06 -37.39
CA ARG E 210 62.44 -26.70 -36.50
C ARG E 210 62.86 -25.59 -35.54
N GLU E 211 64.09 -25.64 -35.03
CA GLU E 211 64.58 -24.59 -34.15
C GLU E 211 64.66 -23.26 -34.90
N LYS E 212 65.20 -23.28 -36.11
CA LYS E 212 65.25 -22.05 -36.90
C LYS E 212 63.85 -21.51 -37.18
N MET E 213 62.92 -22.40 -37.47
CA MET E 213 61.54 -22.00 -37.74
C MET E 213 60.91 -21.34 -36.52
N ASN E 214 61.05 -21.96 -35.35
CA ASN E 214 60.49 -21.39 -34.13
C ASN E 214 61.11 -20.04 -33.79
N ARG E 215 62.44 -19.92 -33.90
CA ARG E 215 63.07 -18.65 -33.58
C ARG E 215 62.64 -17.56 -34.55
N LEU E 216 62.56 -17.86 -35.85
CA LEU E 216 62.14 -16.86 -36.81
C LEU E 216 60.69 -16.45 -36.58
N ASP E 217 59.83 -17.40 -36.21
CA ASP E 217 58.44 -17.06 -35.90
C ASP E 217 58.37 -16.14 -34.69
N GLY E 218 59.14 -16.44 -33.64
CA GLY E 218 59.17 -15.57 -32.48
C GLY E 218 59.65 -14.18 -32.82
N GLN E 219 60.72 -14.07 -33.62
CA GLN E 219 61.23 -12.75 -34.00
C GLN E 219 60.20 -11.98 -34.81
N ALA E 220 59.50 -12.67 -35.71
CA ALA E 220 58.49 -12.01 -36.53
C ALA E 220 57.35 -11.48 -35.68
N LEU E 221 56.87 -12.29 -34.73
CA LEU E 221 55.79 -11.82 -33.86
C LEU E 221 56.26 -10.66 -32.98
N ALA E 222 57.51 -10.71 -32.52
CA ALA E 222 58.05 -9.60 -31.73
C ALA E 222 58.09 -8.32 -32.53
N ARG E 223 58.55 -8.40 -33.79
CA ARG E 223 58.59 -7.22 -34.64
C ARG E 223 57.20 -6.68 -34.92
N ALA E 224 56.23 -7.58 -35.15
CA ALA E 224 54.86 -7.14 -35.37
C ALA E 224 54.29 -6.43 -34.15
N VAL E 225 54.52 -6.98 -32.95
CA VAL E 225 54.00 -6.37 -31.73
C VAL E 225 54.68 -5.03 -31.48
N ASP E 226 55.99 -4.93 -31.76
CA ASP E 226 56.68 -3.65 -31.59
C ASP E 226 56.15 -2.61 -32.56
N SER E 227 55.85 -3.01 -33.80
CA SER E 227 55.22 -2.10 -34.75
C SER E 227 53.85 -1.66 -34.27
N LEU E 228 53.10 -2.59 -33.65
CA LEU E 228 51.80 -2.23 -33.09
C LEU E 228 51.94 -1.21 -31.98
N LEU E 229 52.92 -1.39 -31.09
CA LEU E 229 53.11 -0.45 -29.99
C LEU E 229 53.47 0.95 -30.48
N ASN E 230 54.11 1.03 -31.64
CA ASN E 230 54.50 2.31 -32.24
C ASN E 230 53.58 2.71 -33.38
N TYR E 231 52.29 2.39 -33.27
CA TYR E 231 51.33 2.77 -34.30
C TYR E 231 51.32 4.29 -34.52
N GLU E 232 51.33 5.06 -33.44
CA GLU E 232 51.33 6.50 -33.56
C GLU E 232 52.61 7.00 -34.25
N THR E 233 53.75 6.38 -33.95
CA THR E 233 55.00 6.77 -34.59
C THR E 233 54.95 6.50 -36.10
N VAL E 234 54.56 5.28 -36.48
CA VAL E 234 54.46 4.93 -37.89
C VAL E 234 53.52 5.88 -38.61
N LYS E 235 52.40 6.24 -37.98
CA LYS E 235 51.49 7.20 -38.59
C LYS E 235 52.14 8.58 -38.68
N TYR E 236 52.93 8.96 -37.68
CA TYR E 236 53.59 10.27 -37.71
C TYR E 236 54.60 10.37 -38.84
N PHE E 237 55.25 9.27 -39.20
CA PHE E 237 56.27 9.31 -40.24
C PHE E 237 55.88 8.56 -41.51
N GLY E 238 54.62 8.13 -41.62
CA GLY E 238 54.14 7.51 -42.85
C GLY E 238 54.96 6.34 -43.33
N ALA E 239 55.41 5.49 -42.41
CA ALA E 239 56.25 4.35 -42.73
C ALA E 239 55.46 3.03 -42.64
N GLU E 240 54.24 3.03 -43.15
CA GLU E 240 53.44 1.82 -43.17
C GLU E 240 54.08 0.76 -44.06
N SER E 241 54.45 1.15 -45.29
CA SER E 241 55.07 0.20 -46.22
C SER E 241 56.41 -0.29 -45.70
N ARG E 242 57.16 0.55 -44.99
CA ARG E 242 58.44 0.13 -44.44
C ARG E 242 58.25 -0.98 -43.39
N GLU E 243 57.28 -0.79 -42.50
CA GLU E 243 56.98 -1.83 -41.51
C GLU E 243 56.45 -3.09 -42.19
N GLU E 244 55.62 -2.93 -43.22
CA GLU E 244 55.13 -4.09 -43.96
C GLU E 244 56.27 -4.90 -44.55
N ALA E 245 57.25 -4.22 -45.16
CA ALA E 245 58.37 -4.94 -45.76
C ALA E 245 59.26 -5.58 -44.71
N ARG E 246 59.52 -4.86 -43.61
CA ARG E 246 60.36 -5.41 -42.55
C ARG E 246 59.70 -6.59 -41.86
N TYR E 247 58.36 -6.65 -41.89
CA TYR E 247 57.67 -7.86 -41.41
C TYR E 247 57.69 -8.96 -42.45
N ALA E 248 57.52 -8.61 -43.73
CA ALA E 248 57.51 -9.62 -44.79
C ALA E 248 58.83 -10.34 -44.91
N SER E 249 59.94 -9.68 -44.55
CA SER E 249 61.24 -10.36 -44.57
C SER E 249 61.24 -11.55 -43.62
N ALA E 250 60.91 -11.31 -42.34
CA ALA E 250 60.84 -12.39 -41.38
C ALA E 250 59.75 -13.39 -41.76
N ALA E 251 58.66 -12.93 -42.38
CA ALA E 251 57.61 -13.83 -42.81
C ALA E 251 58.12 -14.83 -43.84
N ARG E 252 58.86 -14.36 -44.84
CA ARG E 252 59.36 -15.28 -45.86
C ARG E 252 60.46 -16.17 -45.31
N ALA E 253 61.27 -15.67 -44.37
CA ALA E 253 62.24 -16.53 -43.70
C ALA E 253 61.54 -17.68 -42.97
N TYR E 254 60.53 -17.35 -42.18
CA TYR E 254 59.74 -18.39 -41.50
C TYR E 254 59.10 -19.34 -42.51
N ALA E 255 58.64 -18.82 -43.64
CA ALA E 255 58.00 -19.67 -44.64
C ALA E 255 58.99 -20.68 -45.20
N ASP E 256 60.20 -20.23 -45.53
CA ASP E 256 61.22 -21.15 -46.04
C ASP E 256 61.58 -22.21 -45.02
N ALA E 257 61.80 -21.79 -43.76
CA ALA E 257 62.13 -22.76 -42.71
C ALA E 257 61.02 -23.79 -42.55
N ALA E 258 59.77 -23.34 -42.55
CA ALA E 258 58.64 -24.24 -42.41
C ALA E 258 58.52 -25.18 -43.59
N VAL E 259 58.81 -24.68 -44.80
CA VAL E 259 58.79 -25.55 -45.98
C VAL E 259 59.77 -26.68 -45.83
N LYS E 260 61.01 -26.37 -45.43
CA LYS E 260 61.98 -27.46 -45.23
C LYS E 260 61.53 -28.42 -44.13
N SER E 261 61.00 -27.90 -43.02
CA SER E 261 60.60 -28.78 -41.93
C SER E 261 59.47 -29.72 -42.34
N GLU E 262 58.44 -29.19 -43.02
CA GLU E 262 57.31 -30.03 -43.41
C GLU E 262 57.68 -31.00 -44.53
N ASN E 263 58.59 -30.61 -45.43
CA ASN E 263 59.07 -31.58 -46.42
C ASN E 263 59.84 -32.71 -45.75
N SER E 264 60.63 -32.39 -44.73
CA SER E 264 61.28 -33.43 -43.94
C SER E 264 60.25 -34.35 -43.30
N LEU E 265 59.16 -33.77 -42.77
CA LEU E 265 58.10 -34.58 -42.18
C LEU E 265 57.49 -35.54 -43.20
N GLY E 266 57.23 -35.05 -44.41
CA GLY E 266 56.66 -35.91 -45.44
C GLY E 266 57.60 -37.04 -45.84
N LEU E 267 58.90 -36.72 -45.96
CA LEU E 267 59.87 -37.76 -46.29
C LEU E 267 59.97 -38.81 -45.18
N LEU E 268 59.94 -38.38 -43.92
CA LEU E 268 59.93 -39.34 -42.82
C LEU E 268 58.69 -40.22 -42.89
N ASN E 269 57.54 -39.65 -43.22
CA ASN E 269 56.32 -40.45 -43.30
C ASN E 269 56.43 -41.50 -44.40
N ILE E 270 56.98 -41.13 -45.57
CA ILE E 270 57.09 -42.12 -46.64
C ILE E 270 58.09 -43.20 -46.26
N ALA E 271 59.16 -42.84 -45.54
CA ALA E 271 60.11 -43.86 -45.09
C ALA E 271 59.46 -44.83 -44.10
N GLN E 272 58.66 -44.28 -43.17
CA GLN E 272 57.95 -45.12 -42.22
C GLN E 272 57.01 -46.08 -42.95
N ALA E 273 56.32 -45.59 -43.98
CA ALA E 273 55.42 -46.45 -44.74
C ALA E 273 56.19 -47.54 -45.46
N LEU E 274 57.35 -47.20 -46.02
CA LEU E 274 58.19 -48.20 -46.68
C LEU E 274 58.56 -49.33 -45.72
N ILE E 275 59.04 -48.96 -44.52
CA ILE E 275 59.45 -49.96 -43.54
C ILE E 275 58.27 -50.84 -43.14
N VAL E 276 57.15 -50.20 -42.80
CA VAL E 276 55.98 -50.94 -42.32
C VAL E 276 55.48 -51.90 -43.40
N ASN E 277 55.48 -51.48 -44.66
CA ASN E 277 54.94 -52.33 -45.71
C ASN E 277 55.89 -53.43 -46.12
N LEU E 278 57.21 -53.20 -46.01
CA LEU E 278 58.14 -54.31 -46.16
C LEU E 278 57.88 -55.39 -45.13
N LEU E 279 57.69 -54.98 -43.87
CA LEU E 279 57.34 -55.95 -42.83
C LEU E 279 56.01 -56.65 -43.13
N MET E 280 55.02 -55.88 -43.60
CA MET E 280 53.71 -56.44 -43.94
C MET E 280 53.85 -57.56 -44.98
N ALA E 281 54.51 -57.25 -46.10
CA ALA E 281 54.71 -58.24 -47.15
C ALA E 281 55.43 -59.47 -46.61
N GLY E 282 56.52 -59.25 -45.88
CA GLY E 282 57.30 -60.38 -45.38
C GLY E 282 56.47 -61.33 -44.52
N ALA E 283 55.70 -60.78 -43.58
CA ALA E 283 54.92 -61.64 -42.69
C ALA E 283 53.80 -62.37 -43.45
N MET E 284 53.01 -61.62 -44.22
CA MET E 284 51.85 -62.23 -44.86
C MET E 284 52.24 -63.23 -45.94
N ALA E 285 53.40 -63.05 -46.58
CA ALA E 285 53.84 -64.04 -47.56
C ALA E 285 54.08 -65.39 -46.90
N TRP E 286 54.75 -65.42 -45.75
CA TRP E 286 54.95 -66.69 -45.05
C TRP E 286 53.63 -67.27 -44.60
N THR E 287 52.69 -66.41 -44.17
CA THR E 287 51.41 -66.96 -43.71
C THR E 287 50.64 -67.62 -44.86
N VAL E 288 50.58 -66.99 -46.03
CA VAL E 288 49.82 -67.58 -47.13
C VAL E 288 50.55 -68.80 -47.70
N TYR E 289 51.90 -68.78 -47.70
CA TYR E 289 52.63 -69.96 -48.14
C TYR E 289 52.41 -71.12 -47.19
N GLY E 290 52.34 -70.83 -45.88
CA GLY E 290 51.99 -71.88 -44.92
C GLY E 290 50.60 -72.43 -45.13
N TRP E 291 49.64 -71.55 -45.47
CA TRP E 291 48.30 -72.05 -45.77
C TRP E 291 48.34 -73.02 -46.94
N SER E 292 49.04 -72.64 -48.02
CA SER E 292 49.15 -73.53 -49.18
C SER E 292 50.00 -74.75 -48.90
N GLN E 293 50.81 -74.73 -47.84
CA GLN E 293 51.54 -75.90 -47.40
C GLN E 293 50.76 -76.72 -46.39
N GLY E 294 49.53 -76.30 -46.06
CA GLY E 294 48.67 -77.02 -45.15
C GLY E 294 48.82 -76.73 -43.67
N LYS E 295 49.68 -75.79 -43.26
CA LYS E 295 49.86 -75.62 -41.83
C LYS E 295 48.74 -74.79 -41.20
N LEU E 296 48.43 -73.62 -41.76
CA LEU E 296 47.47 -72.70 -41.16
C LEU E 296 46.31 -72.41 -42.11
N THR E 297 45.30 -71.72 -41.57
CA THR E 297 44.06 -71.41 -42.28
C THR E 297 44.04 -69.97 -42.77
N VAL E 298 43.02 -69.67 -43.60
CA VAL E 298 42.82 -68.32 -44.11
C VAL E 298 42.41 -67.36 -43.01
N GLY E 299 41.71 -67.85 -41.98
CA GLY E 299 41.41 -67.00 -40.85
C GLY E 299 42.66 -66.37 -40.27
N ASP E 300 43.81 -67.03 -40.43
CA ASP E 300 45.09 -66.44 -40.05
C ASP E 300 45.44 -65.25 -40.92
N LEU E 301 44.96 -65.21 -42.17
CA LEU E 301 45.21 -64.03 -43.01
C LEU E 301 44.59 -62.78 -42.38
N VAL E 302 43.29 -62.84 -42.10
CA VAL E 302 42.62 -61.72 -41.44
C VAL E 302 43.19 -61.51 -40.04
N PHE E 303 43.60 -62.60 -39.38
CA PHE E 303 44.27 -62.52 -38.09
C PHE E 303 45.48 -61.59 -38.15
N VAL E 304 46.44 -61.92 -39.01
CA VAL E 304 47.66 -61.13 -39.11
C VAL E 304 47.34 -59.73 -39.62
N ASN E 305 46.38 -59.60 -40.54
CA ASN E 305 46.00 -58.28 -41.04
C ASN E 305 45.54 -57.38 -39.90
N THR E 306 44.54 -57.83 -39.13
CA THR E 306 43.98 -57.02 -38.07
C THR E 306 44.99 -56.79 -36.96
N TYR E 307 45.79 -57.81 -36.61
CA TYR E 307 46.77 -57.64 -35.55
C TYR E 307 47.86 -56.67 -35.96
N LEU E 308 48.25 -56.70 -37.24
CA LEU E 308 49.28 -55.81 -37.73
C LEU E 308 48.78 -54.38 -37.81
N THR E 309 47.50 -54.19 -38.15
CA THR E 309 46.95 -52.83 -38.10
C THR E 309 46.84 -52.31 -36.67
N GLN E 310 46.36 -53.14 -35.75
CA GLN E 310 46.20 -52.74 -34.36
C GLN E 310 47.55 -52.54 -33.67
N LEU E 311 48.63 -53.07 -34.23
CA LEU E 311 49.97 -52.76 -33.74
C LEU E 311 50.63 -51.62 -34.53
N PHE E 312 50.20 -51.39 -35.78
CA PHE E 312 50.77 -50.34 -36.60
C PHE E 312 50.28 -48.96 -36.20
N ARG E 313 49.04 -48.87 -35.69
CA ARG E 313 48.62 -47.57 -35.15
C ARG E 313 49.53 -47.10 -34.03
N PRO E 314 49.85 -47.91 -33.00
CA PRO E 314 50.70 -47.40 -31.93
C PRO E 314 52.13 -47.08 -32.35
N LEU E 315 52.71 -47.81 -33.31
CA LEU E 315 54.07 -47.48 -33.74
C LEU E 315 54.11 -46.18 -34.53
N ASP E 316 53.12 -45.97 -35.41
CA ASP E 316 53.02 -44.71 -36.13
C ASP E 316 52.79 -43.55 -35.17
N MET E 317 51.97 -43.77 -34.14
CA MET E 317 51.78 -42.73 -33.14
C MET E 317 53.03 -42.50 -32.30
N LEU E 318 53.81 -43.56 -32.05
CA LEU E 318 55.02 -43.43 -31.25
C LEU E 318 56.09 -42.64 -31.98
N GLY E 319 56.14 -42.75 -33.30
CA GLY E 319 57.04 -41.89 -34.06
C GLY E 319 56.78 -40.42 -33.82
N MET E 320 55.51 -40.01 -33.95
CA MET E 320 55.15 -38.62 -33.67
C MET E 320 55.30 -38.28 -32.20
N VAL E 321 55.12 -39.26 -31.31
CA VAL E 321 55.33 -39.00 -29.88
C VAL E 321 56.78 -38.64 -29.62
N TYR E 322 57.71 -39.35 -30.26
CA TYR E 322 59.12 -39.02 -30.08
C TYR E 322 59.47 -37.68 -30.72
N ARG E 323 58.96 -37.42 -31.93
CA ARG E 323 59.20 -36.11 -32.53
C ARG E 323 58.68 -34.98 -31.65
N THR E 324 57.47 -35.16 -31.10
CA THR E 324 56.86 -34.14 -30.26
C THR E 324 57.62 -33.98 -28.96
N ILE E 325 58.11 -35.07 -28.37
CA ILE E 325 58.86 -34.95 -27.13
C ILE E 325 60.19 -34.23 -27.38
N ARG E 326 60.84 -34.50 -28.52
CA ARG E 326 62.08 -33.80 -28.86
C ARG E 326 61.82 -32.31 -29.03
N GLN E 327 60.82 -31.96 -29.83
CA GLN E 327 60.52 -30.54 -30.07
C GLN E 327 60.03 -29.86 -28.79
N GLY E 328 59.30 -30.60 -27.94
CA GLY E 328 58.90 -30.06 -26.66
C GLY E 328 60.06 -29.81 -25.74
N LEU E 329 61.06 -30.70 -25.77
CA LEU E 329 62.26 -30.49 -24.96
C LEU E 329 63.02 -29.27 -25.43
N ILE E 330 63.17 -29.08 -26.74
CA ILE E 330 63.93 -27.91 -27.20
C ILE E 330 63.15 -26.62 -26.92
N ASP E 331 61.82 -26.64 -27.07
CA ASP E 331 61.02 -25.45 -26.76
C ASP E 331 61.01 -25.19 -25.26
N MET E 332 60.99 -26.24 -24.45
CA MET E 332 61.08 -26.12 -23.01
C MET E 332 62.40 -25.49 -22.59
N ALA E 333 63.50 -25.93 -23.21
CA ALA E 333 64.80 -25.33 -22.92
C ALA E 333 64.81 -23.86 -23.31
N GLU E 334 64.25 -23.53 -24.48
CA GLU E 334 64.14 -22.13 -24.88
C GLU E 334 63.36 -21.31 -23.84
N MET E 335 62.20 -21.80 -23.43
CA MET E 335 61.36 -21.05 -22.51
C MET E 335 62.03 -20.88 -21.16
N PHE E 336 62.65 -21.94 -20.64
CA PHE E 336 63.35 -21.83 -19.37
C PHE E 336 64.52 -20.86 -19.46
N ARG E 337 65.26 -20.90 -20.57
CA ARG E 337 66.32 -19.90 -20.77
C ARG E 337 65.74 -18.49 -20.79
N LEU E 338 64.52 -18.33 -21.29
CA LEU E 338 63.87 -17.02 -21.24
C LEU E 338 63.47 -16.64 -19.83
N ILE E 339 63.11 -17.63 -19.00
CA ILE E 339 62.71 -17.36 -17.62
C ILE E 339 63.88 -17.42 -16.64
N ASP E 340 64.87 -18.28 -16.89
CA ASP E 340 65.96 -18.49 -15.94
C ASP E 340 67.08 -17.47 -16.08
N THR E 341 66.77 -16.23 -16.45
CA THR E 341 67.76 -15.17 -16.34
C THR E 341 68.01 -14.90 -14.86
N HIS E 342 69.23 -15.19 -14.41
CA HIS E 342 69.63 -14.98 -13.03
C HIS E 342 69.24 -13.60 -12.55
N ILE E 343 68.29 -13.51 -11.61
CA ILE E 343 67.81 -12.22 -11.15
C ILE E 343 68.91 -11.54 -10.32
N GLU E 344 68.97 -10.22 -10.41
CA GLU E 344 70.08 -9.48 -9.79
C GLU E 344 69.88 -9.32 -8.29
N VAL E 345 68.69 -8.90 -7.88
CA VAL E 345 68.41 -8.60 -6.48
C VAL E 345 67.62 -9.74 -5.86
N ALA E 346 68.07 -10.22 -4.70
CA ALA E 346 67.42 -11.29 -3.99
C ALA E 346 67.56 -11.05 -2.49
N ASP E 347 66.64 -11.60 -1.72
CA ASP E 347 66.68 -11.44 -0.27
C ASP E 347 67.80 -12.30 0.32
N VAL E 348 68.48 -11.74 1.32
CA VAL E 348 69.54 -12.46 2.02
C VAL E 348 68.92 -13.55 2.89
N PRO E 349 69.64 -14.61 3.23
CA PRO E 349 69.06 -15.66 4.07
C PRO E 349 68.62 -15.11 5.41
N ASN E 350 67.40 -15.46 5.80
CA ASN E 350 66.78 -14.98 7.04
C ASN E 350 66.83 -13.45 7.13
N ALA E 351 66.36 -12.80 6.08
CA ALA E 351 66.34 -11.35 6.04
C ALA E 351 65.25 -10.81 6.95
N PRO E 352 65.55 -9.80 7.76
CA PRO E 352 64.52 -9.20 8.63
C PRO E 352 63.63 -8.25 7.83
N ALA E 353 62.65 -7.70 8.53
CA ALA E 353 61.72 -6.76 7.93
C ALA E 353 62.20 -5.33 8.16
N LEU E 354 61.85 -4.44 7.24
CA LEU E 354 62.24 -3.04 7.36
C LEU E 354 61.41 -2.36 8.45
N VAL E 355 62.09 -1.72 9.39
CA VAL E 355 61.45 -1.02 10.50
C VAL E 355 61.67 0.47 10.27
N VAL E 356 60.63 1.17 9.83
CA VAL E 356 60.71 2.58 9.49
C VAL E 356 60.18 3.35 10.70
N ASN E 357 61.07 3.60 11.67
CA ASN E 357 60.73 4.45 12.81
C ASN E 357 60.94 5.92 12.49
N ARG E 358 62.02 6.25 11.82
CA ARG E 358 62.31 7.62 11.39
C ARG E 358 62.65 7.58 9.90
N PRO E 359 61.76 8.03 9.02
CA PRO E 359 61.97 7.81 7.58
C PRO E 359 63.08 8.68 6.99
N SER E 360 64.32 8.35 7.31
CA SER E 360 65.48 9.02 6.74
C SER E 360 66.07 8.16 5.63
N VAL E 361 66.78 8.81 4.71
CA VAL E 361 67.40 8.13 3.57
C VAL E 361 68.87 8.52 3.52
N THR E 362 69.74 7.56 3.24
CA THR E 362 71.18 7.81 3.21
C THR E 362 71.78 7.07 2.02
N PHE E 363 72.48 7.82 1.16
CA PHE E 363 73.26 7.23 0.07
C PHE E 363 74.73 7.33 0.46
N ASP E 364 75.34 6.19 0.77
CA ASP E 364 76.71 6.14 1.27
C ASP E 364 77.61 5.62 0.15
N ASN E 365 78.22 6.57 -0.57
CA ASN E 365 79.21 6.29 -1.61
C ASN E 365 78.71 5.27 -2.62
N VAL E 366 77.48 5.46 -3.08
CA VAL E 366 76.88 4.55 -4.04
C VAL E 366 77.56 4.74 -5.39
N VAL E 367 78.15 3.67 -5.92
CA VAL E 367 78.72 3.63 -7.25
C VAL E 367 77.90 2.63 -8.05
N PHE E 368 77.29 3.09 -9.14
CA PHE E 368 76.42 2.21 -9.91
C PHE E 368 76.44 2.58 -11.38
N GLY E 369 76.31 1.56 -12.22
CA GLY E 369 76.03 1.74 -13.63
C GLY E 369 75.20 0.57 -14.10
N TYR E 370 74.41 0.80 -15.15
CA TYR E 370 73.58 -0.27 -15.68
C TYR E 370 74.42 -1.36 -16.33
N ASP E 371 75.35 -0.95 -17.20
CA ASP E 371 76.31 -1.87 -17.80
C ASP E 371 77.71 -1.49 -17.32
N ARG E 372 78.59 -2.49 -17.26
CA ARG E 372 79.92 -2.28 -16.69
C ARG E 372 80.79 -1.35 -17.52
N ASP E 373 80.45 -1.11 -18.79
CA ASP E 373 81.26 -0.27 -19.64
C ASP E 373 80.95 1.22 -19.50
N ARG E 374 79.92 1.58 -18.75
CA ARG E 374 79.58 2.99 -18.52
C ARG E 374 79.04 3.15 -17.11
N GLU E 375 79.76 3.90 -16.28
CA GLU E 375 79.36 4.16 -14.91
C GLU E 375 78.57 5.47 -14.87
N ILE E 376 77.46 5.46 -14.14
CA ILE E 376 76.54 6.59 -14.10
C ILE E 376 76.68 7.38 -12.79
N LEU E 377 76.69 6.68 -11.65
CA LEU E 377 76.84 7.30 -10.35
C LEU E 377 78.25 7.01 -9.84
N HIS E 378 79.01 8.06 -9.59
CA HIS E 378 80.42 7.96 -9.20
C HIS E 378 80.56 8.35 -7.73
N GLY E 379 80.25 7.41 -6.84
CA GLY E 379 80.39 7.62 -5.42
C GLY E 379 79.51 8.73 -4.88
N LEU E 380 78.20 8.54 -4.98
CA LEU E 380 77.24 9.55 -4.55
C LEU E 380 76.88 9.32 -3.09
N SER E 381 76.90 10.39 -2.28
CA SER E 381 76.61 10.31 -0.87
C SER E 381 75.78 11.52 -0.46
N PHE E 382 74.61 11.27 0.14
CA PHE E 382 73.80 12.36 0.67
C PHE E 382 72.90 11.83 1.77
N GLU E 383 72.35 12.76 2.55
CA GLU E 383 71.55 12.42 3.72
C GLU E 383 70.25 13.20 3.67
N VAL E 384 69.16 12.52 3.34
CA VAL E 384 67.82 13.09 3.40
C VAL E 384 67.28 12.83 4.80
N ALA E 385 67.12 13.90 5.57
CA ALA E 385 66.70 13.77 6.96
C ALA E 385 65.25 13.30 7.05
N ALA E 386 64.96 12.57 8.13
CA ALA E 386 63.62 12.04 8.34
C ALA E 386 62.61 13.17 8.50
N GLY E 387 61.49 13.07 7.77
CA GLY E 387 60.44 14.07 7.81
C GLY E 387 60.70 15.31 7.00
N SER E 388 61.89 15.46 6.41
CA SER E 388 62.21 16.62 5.60
C SER E 388 61.62 16.47 4.20
N ARG E 389 61.75 17.53 3.40
CA ARG E 389 61.23 17.58 2.04
C ARG E 389 62.38 18.03 1.14
N VAL E 390 63.16 17.08 0.64
CA VAL E 390 64.38 17.36 -0.10
C VAL E 390 64.11 17.22 -1.59
N ALA E 391 64.73 18.08 -2.39
CA ALA E 391 64.62 18.04 -3.83
C ALA E 391 65.94 17.61 -4.45
N ILE E 392 65.85 17.04 -5.66
CA ILE E 392 67.02 16.60 -6.42
C ILE E 392 66.90 17.17 -7.82
N VAL E 393 67.81 18.07 -8.18
CA VAL E 393 67.79 18.72 -9.49
C VAL E 393 69.12 18.43 -10.20
N GLY E 394 69.14 18.71 -11.49
CA GLY E 394 70.31 18.49 -12.31
C GLY E 394 69.98 18.43 -13.78
N PRO E 395 71.01 18.41 -14.64
CA PRO E 395 70.76 18.34 -16.08
C PRO E 395 70.26 16.97 -16.50
N SER E 396 69.81 16.90 -17.76
CA SER E 396 69.28 15.66 -18.31
C SER E 396 70.40 14.65 -18.52
N GLY E 397 70.30 13.51 -17.83
CA GLY E 397 71.32 12.48 -17.87
C GLY E 397 72.19 12.40 -16.64
N ALA E 398 71.91 13.22 -15.61
CA ALA E 398 72.74 13.21 -14.41
C ALA E 398 72.57 11.94 -13.60
N GLY E 399 71.41 11.29 -13.68
CA GLY E 399 71.21 10.05 -12.95
C GLY E 399 70.25 10.14 -11.80
N LYS E 400 69.18 10.93 -11.95
CA LYS E 400 68.19 11.06 -10.89
C LYS E 400 67.24 9.87 -10.84
N SER E 401 66.69 9.47 -11.99
CA SER E 401 65.88 8.26 -12.04
C SER E 401 66.71 7.04 -11.65
N THR E 402 68.04 7.09 -11.83
CA THR E 402 68.87 6.01 -11.30
C THR E 402 68.84 6.00 -9.77
N ILE E 403 68.86 7.18 -9.15
CA ILE E 403 68.69 7.25 -7.71
C ILE E 403 67.34 6.65 -7.31
N ALA E 404 66.29 6.99 -8.06
CA ALA E 404 64.97 6.46 -7.76
C ALA E 404 64.93 4.94 -7.87
N ARG E 405 65.54 4.39 -8.93
CA ARG E 405 65.53 2.95 -9.13
C ARG E 405 66.39 2.23 -8.10
N LEU E 406 67.50 2.84 -7.67
CA LEU E 406 68.35 2.23 -6.66
C LEU E 406 67.68 2.26 -5.28
N LEU E 407 66.95 3.33 -4.99
CA LEU E 407 66.23 3.39 -3.72
C LEU E 407 65.16 2.31 -3.65
N PHE E 408 64.53 2.01 -4.78
CA PHE E 408 63.55 0.94 -4.85
C PHE E 408 64.20 -0.43 -5.03
N ARG E 409 65.53 -0.47 -5.17
CA ARG E 409 66.30 -1.71 -5.31
C ARG E 409 65.85 -2.54 -6.50
N PHE E 410 65.67 -1.87 -7.65
CA PHE E 410 65.55 -2.61 -8.91
C PHE E 410 66.89 -3.18 -9.34
N TYR E 411 67.99 -2.53 -8.94
CA TYR E 411 69.34 -3.03 -9.18
C TYR E 411 70.15 -2.91 -7.90
N ASP E 412 71.26 -3.64 -7.87
CA ASP E 412 72.15 -3.48 -6.72
C ASP E 412 73.35 -2.63 -7.10
N PRO E 413 73.82 -1.78 -6.19
CA PRO E 413 74.95 -0.91 -6.51
C PRO E 413 76.26 -1.70 -6.57
N TRP E 414 77.20 -1.18 -7.36
CA TRP E 414 78.52 -1.78 -7.42
C TRP E 414 79.27 -1.61 -6.10
N GLU E 415 79.33 -0.37 -5.61
CA GLU E 415 79.94 -0.04 -4.33
C GLU E 415 79.01 0.86 -3.54
N GLY E 416 79.31 1.03 -2.26
CA GLY E 416 78.48 1.83 -1.38
C GLY E 416 77.18 1.12 -1.01
N ARG E 417 76.33 1.84 -0.28
CA ARG E 417 75.08 1.25 0.16
C ARG E 417 74.02 2.32 0.33
N ILE E 418 72.79 1.88 0.59
CA ILE E 418 71.64 2.74 0.79
C ILE E 418 70.99 2.35 2.11
N LEU E 419 70.67 3.36 2.93
CA LEU E 419 70.13 3.15 4.27
C LEU E 419 68.77 3.84 4.40
N ILE E 420 67.83 3.15 5.03
CA ILE E 420 66.56 3.73 5.44
C ILE E 420 66.44 3.54 6.94
N ASP E 421 66.53 4.65 7.68
CA ASP E 421 66.57 4.62 9.15
C ASP E 421 67.72 3.74 9.65
N GLY E 422 68.88 3.92 9.05
CA GLY E 422 70.09 3.24 9.47
C GLY E 422 70.18 1.77 9.09
N GLN E 423 69.23 1.24 8.33
CA GLN E 423 69.22 -0.17 7.94
C GLN E 423 69.60 -0.30 6.48
N ASP E 424 70.53 -1.21 6.18
CA ASP E 424 70.99 -1.40 4.82
C ASP E 424 69.88 -2.00 3.96
N ILE E 425 69.59 -1.33 2.85
CA ILE E 425 68.53 -1.79 1.95
C ILE E 425 68.82 -3.18 1.41
N ALA E 426 70.10 -3.49 1.18
CA ALA E 426 70.48 -4.79 0.66
C ALA E 426 70.32 -5.90 1.68
N HIS E 427 70.12 -5.56 2.96
CA HIS E 427 70.01 -6.54 4.03
C HIS E 427 68.59 -6.69 4.55
N VAL E 428 67.59 -6.27 3.76
CA VAL E 428 66.18 -6.36 4.12
C VAL E 428 65.41 -6.99 2.98
N THR E 429 64.33 -7.69 3.32
CA THR E 429 63.44 -8.26 2.33
C THR E 429 62.93 -7.17 1.39
N GLN E 430 62.87 -7.51 0.10
CA GLN E 430 62.40 -6.54 -0.89
C GLN E 430 60.96 -6.11 -0.62
N THR E 431 60.14 -7.00 -0.07
CA THR E 431 58.72 -6.70 0.13
C THR E 431 58.55 -5.53 1.10
N SER E 432 59.19 -5.58 2.27
CA SER E 432 59.04 -4.50 3.24
C SER E 432 59.63 -3.20 2.73
N LEU E 433 60.79 -3.27 2.08
CA LEU E 433 61.40 -2.08 1.50
C LEU E 433 60.46 -1.40 0.51
N ARG E 434 59.94 -2.17 -0.45
CA ARG E 434 59.06 -1.60 -1.47
C ARG E 434 57.70 -1.21 -0.90
N ALA E 435 57.30 -1.79 0.23
CA ALA E 435 56.09 -1.35 0.90
C ALA E 435 56.30 -0.02 1.63
N ALA E 436 57.53 0.24 2.08
CA ALA E 436 57.82 1.49 2.76
C ALA E 436 58.05 2.66 1.82
N LEU E 437 58.12 2.43 0.51
CA LEU E 437 58.39 3.47 -0.46
C LEU E 437 57.19 3.67 -1.37
N GLY E 438 56.94 4.93 -1.75
CA GLY E 438 55.93 5.24 -2.73
C GLY E 438 56.43 6.24 -3.75
N ILE E 439 56.59 5.80 -5.00
CA ILE E 439 57.21 6.60 -6.04
C ILE E 439 56.21 6.88 -7.14
N VAL E 440 56.16 8.14 -7.58
CA VAL E 440 55.48 8.51 -8.82
C VAL E 440 56.55 8.57 -9.92
N PRO E 441 56.58 7.61 -10.84
CA PRO E 441 57.69 7.50 -11.77
C PRO E 441 57.64 8.56 -12.86
N GLN E 442 58.78 8.71 -13.54
CA GLN E 442 58.85 9.62 -14.69
C GLN E 442 57.96 9.13 -15.83
N ASP E 443 57.91 7.82 -16.04
CA ASP E 443 57.05 7.20 -17.05
C ASP E 443 55.89 6.55 -16.32
N SER E 444 54.76 7.26 -16.26
CA SER E 444 53.57 6.75 -15.58
C SER E 444 52.81 5.83 -16.53
N VAL E 445 52.53 4.61 -16.09
CA VAL E 445 51.80 3.63 -16.87
C VAL E 445 50.62 3.14 -16.06
N LEU E 446 49.44 3.16 -16.67
CA LEU E 446 48.19 2.75 -16.04
C LEU E 446 47.68 1.47 -16.67
N PHE E 447 46.84 0.77 -15.91
CA PHE E 447 46.21 -0.45 -16.41
C PHE E 447 45.09 -0.11 -17.40
N ASN E 448 44.86 -1.04 -18.33
CA ASN E 448 43.78 -0.90 -19.31
C ASN E 448 42.45 -1.15 -18.60
N ASP E 449 42.09 -0.22 -17.73
CA ASP E 449 40.93 -0.35 -16.87
C ASP E 449 40.33 1.04 -16.68
N THR E 450 39.58 1.21 -15.60
CA THR E 450 38.94 2.48 -15.30
C THR E 450 39.81 3.34 -14.39
N ILE E 451 39.46 4.62 -14.28
CA ILE E 451 40.18 5.54 -13.42
C ILE E 451 40.08 5.07 -11.96
N GLY E 452 38.90 4.59 -11.56
CA GLY E 452 38.72 4.16 -10.19
C GLY E 452 39.62 3.00 -9.81
N TYR E 453 39.69 1.99 -10.69
CA TYR E 453 40.56 0.84 -10.42
C TYR E 453 42.03 1.27 -10.33
N ASN E 454 42.45 2.15 -11.23
CA ASN E 454 43.84 2.62 -11.23
C ASN E 454 44.16 3.37 -9.94
N ILE E 455 43.27 4.27 -9.53
CA ILE E 455 43.51 5.03 -8.30
C ILE E 455 43.48 4.11 -7.08
N ALA E 456 42.58 3.13 -7.07
CA ALA E 456 42.48 2.21 -5.95
C ALA E 456 43.62 1.20 -5.92
N TYR E 457 44.35 1.05 -7.02
CA TYR E 457 45.48 0.11 -7.07
C TYR E 457 46.56 0.46 -6.06
N GLY E 458 46.56 1.68 -5.53
CA GLY E 458 47.59 2.09 -4.59
C GLY E 458 47.64 1.24 -3.34
N ARG E 459 46.49 0.78 -2.87
CA ARG E 459 46.40 -0.07 -1.70
C ARG E 459 45.40 -1.19 -1.94
N ASP E 460 45.77 -2.40 -1.52
CA ASP E 460 44.88 -3.55 -1.69
C ASP E 460 43.64 -3.37 -0.82
N GLY E 461 42.48 -3.38 -1.46
CA GLY E 461 41.23 -3.21 -0.73
C GLY E 461 40.98 -1.79 -0.28
N ALA E 462 41.37 -0.80 -1.09
CA ALA E 462 41.16 0.59 -0.72
C ALA E 462 39.68 0.94 -0.72
N SER E 463 39.27 1.77 0.22
CA SER E 463 37.88 2.18 0.37
C SER E 463 37.59 3.41 -0.49
N ARG E 464 36.29 3.66 -0.69
CA ARG E 464 35.87 4.86 -1.42
C ARG E 464 36.35 6.13 -0.75
N ALA E 465 36.47 6.13 0.59
CA ALA E 465 36.98 7.29 1.29
C ALA E 465 38.42 7.57 0.90
N GLU E 466 39.26 6.53 0.86
CA GLU E 466 40.65 6.70 0.50
C GLU E 466 40.81 7.16 -0.95
N VAL E 467 40.03 6.57 -1.86
CA VAL E 467 40.10 6.93 -3.27
C VAL E 467 39.68 8.38 -3.48
N ASP E 468 38.57 8.78 -2.83
CA ASP E 468 38.09 10.15 -2.98
C ASP E 468 39.07 11.14 -2.37
N ALA E 469 39.63 10.83 -1.20
CA ALA E 469 40.58 11.73 -0.57
C ALA E 469 41.85 11.88 -1.42
N ALA E 470 42.33 10.78 -1.99
CA ALA E 470 43.53 10.86 -2.83
C ALA E 470 43.25 11.62 -4.12
N ALA E 471 42.09 11.38 -4.74
CA ALA E 471 41.74 12.13 -5.94
C ALA E 471 41.59 13.61 -5.65
N LYS E 472 41.10 13.96 -4.45
CA LYS E 472 41.06 15.36 -4.05
C LYS E 472 42.47 15.90 -3.85
N GLY E 473 43.37 15.09 -3.30
CA GLY E 473 44.74 15.52 -3.11
C GLY E 473 45.51 15.62 -4.41
N ALA E 474 45.15 14.81 -5.41
CA ALA E 474 45.80 14.84 -6.71
C ALA E 474 45.12 15.76 -7.70
N ALA E 475 44.09 16.50 -7.29
CA ALA E 475 43.43 17.51 -8.11
C ALA E 475 42.82 16.93 -9.37
N ILE E 476 42.15 15.79 -9.25
CA ILE E 476 41.36 15.22 -10.33
C ILE E 476 39.92 14.95 -9.94
N ALA E 477 39.53 15.28 -8.71
CA ALA E 477 38.13 15.11 -8.33
C ALA E 477 37.22 15.90 -9.26
N ASP E 478 37.61 17.13 -9.60
CA ASP E 478 36.81 17.94 -10.51
C ASP E 478 36.79 17.34 -11.92
N PHE E 479 37.93 16.82 -12.38
CA PHE E 479 37.97 16.19 -13.70
C PHE E 479 37.09 14.96 -13.75
N ILE E 480 37.20 14.09 -12.75
CA ILE E 480 36.39 12.87 -12.71
C ILE E 480 34.91 13.21 -12.59
N ALA E 481 34.59 14.27 -11.85
CA ALA E 481 33.20 14.67 -11.69
C ALA E 481 32.57 15.06 -13.01
N ARG E 482 33.32 15.78 -13.85
CA ARG E 482 32.81 16.19 -15.16
C ARG E 482 32.85 15.07 -16.19
N LEU E 483 33.23 13.86 -15.79
CA LEU E 483 33.27 12.78 -16.77
C LEU E 483 31.90 12.11 -16.87
N PRO E 484 31.45 11.79 -18.08
CA PRO E 484 30.14 11.15 -18.23
C PRO E 484 30.00 9.83 -17.48
N GLN E 485 31.07 9.05 -17.38
CA GLN E 485 31.05 7.80 -16.62
C GLN E 485 31.75 7.92 -15.27
N GLY E 486 32.38 9.07 -14.98
CA GLY E 486 33.01 9.26 -13.69
C GLY E 486 34.16 8.30 -13.46
N TYR E 487 34.15 7.63 -12.29
CA TYR E 487 35.20 6.67 -11.97
C TYR E 487 35.24 5.49 -12.93
N ASP E 488 34.18 5.28 -13.71
CA ASP E 488 34.11 4.14 -14.61
C ASP E 488 34.60 4.45 -16.02
N THR E 489 35.16 5.64 -16.24
CA THR E 489 35.71 5.98 -17.55
C THR E 489 36.95 5.13 -17.82
N GLU E 490 36.97 4.48 -18.98
CA GLU E 490 38.12 3.68 -19.37
C GLU E 490 39.27 4.57 -19.83
N VAL E 491 40.47 4.27 -19.35
CA VAL E 491 41.66 5.07 -19.69
C VAL E 491 42.41 4.52 -20.89
N GLY E 492 42.06 3.34 -21.38
CA GLY E 492 42.78 2.73 -22.49
C GLY E 492 44.07 2.08 -22.05
N GLU E 493 44.79 1.56 -23.05
CA GLU E 493 46.06 0.89 -22.79
C GLU E 493 47.11 1.92 -22.36
N ARG E 494 47.71 1.69 -21.19
CA ARG E 494 48.71 2.57 -20.60
C ARG E 494 48.17 3.98 -20.34
N GLY E 495 46.85 4.11 -20.22
CA GLY E 495 46.25 5.39 -19.91
C GLY E 495 46.39 6.44 -21.00
N LEU E 496 46.40 6.03 -22.27
CA LEU E 496 46.58 6.97 -23.37
C LEU E 496 45.31 7.71 -23.74
N LYS E 497 44.16 7.32 -23.18
CA LYS E 497 42.94 8.08 -23.41
C LYS E 497 42.82 9.27 -22.47
N LEU E 498 43.60 9.30 -21.39
CA LEU E 498 43.71 10.47 -20.54
C LEU E 498 44.83 11.38 -21.06
N SER E 499 44.80 12.63 -20.59
CA SER E 499 45.86 13.55 -20.93
C SER E 499 47.12 13.24 -20.10
N GLY E 500 48.21 13.92 -20.44
CA GLY E 500 49.45 13.73 -19.70
C GLY E 500 49.33 14.14 -18.24
N GLY E 501 48.78 15.34 -18.01
CA GLY E 501 48.59 15.80 -16.65
C GLY E 501 47.60 14.94 -15.88
N GLU E 502 46.55 14.49 -16.55
CA GLU E 502 45.58 13.60 -15.90
C GLU E 502 46.22 12.28 -15.53
N LYS E 503 47.06 11.73 -16.41
CA LYS E 503 47.77 10.49 -16.09
C LYS E 503 48.71 10.68 -14.91
N GLN E 504 49.48 11.78 -14.90
CA GLN E 504 50.36 12.06 -13.78
C GLN E 504 49.59 12.21 -12.48
N ARG E 505 48.45 12.89 -12.53
CA ARG E 505 47.65 13.08 -11.32
C ARG E 505 47.00 11.78 -10.86
N VAL E 506 46.63 10.89 -11.79
CA VAL E 506 46.14 9.58 -11.39
C VAL E 506 47.24 8.80 -10.69
N ALA E 507 48.47 8.91 -11.20
CA ALA E 507 49.61 8.26 -10.53
C ALA E 507 49.84 8.84 -9.14
N ILE E 508 49.74 10.17 -9.01
CA ILE E 508 49.89 10.79 -7.69
C ILE E 508 48.80 10.31 -6.75
N ALA E 509 47.56 10.20 -7.24
CA ALA E 509 46.46 9.75 -6.39
C ALA E 509 46.64 8.31 -5.94
N ARG E 510 47.05 7.42 -6.86
CA ARG E 510 47.32 6.03 -6.46
C ARG E 510 48.43 5.97 -5.41
N THR E 511 49.54 6.68 -5.64
CA THR E 511 50.62 6.65 -4.67
C THR E 511 50.21 7.26 -3.34
N LEU E 512 49.24 8.18 -3.35
CA LEU E 512 48.71 8.72 -2.11
C LEU E 512 47.81 7.72 -1.39
N VAL E 513 47.07 6.91 -2.15
CA VAL E 513 46.26 5.85 -1.55
C VAL E 513 47.14 4.90 -0.75
N LYS E 514 48.31 4.56 -1.29
CA LYS E 514 49.26 3.72 -0.56
C LYS E 514 49.71 4.40 0.74
N ASN E 515 50.00 5.70 0.66
CA ASN E 515 50.42 6.53 1.79
C ASN E 515 51.57 5.89 2.55
N PRO E 516 52.77 5.83 1.96
CA PRO E 516 53.91 5.25 2.65
C PRO E 516 54.67 6.29 3.43
N PRO E 517 55.61 5.90 4.28
CA PRO E 517 56.39 6.90 5.03
C PRO E 517 57.35 7.70 4.14
N ILE E 518 57.88 7.10 3.09
CA ILE E 518 58.81 7.76 2.18
C ILE E 518 58.15 7.88 0.81
N LEU E 519 58.24 9.07 0.23
CA LEU E 519 57.61 9.38 -1.04
C LEU E 519 58.65 9.98 -1.98
N LEU E 520 58.64 9.54 -3.24
CA LEU E 520 59.60 9.98 -4.24
C LEU E 520 58.85 10.33 -5.52
N PHE E 521 58.86 11.61 -5.89
CA PHE E 521 58.19 12.09 -7.08
C PHE E 521 59.23 12.34 -8.16
N ASP E 522 59.42 11.38 -9.06
CA ASP E 522 60.38 11.53 -10.16
C ASP E 522 59.66 12.20 -11.32
N GLU E 523 59.80 13.53 -11.41
CA GLU E 523 59.19 14.32 -12.49
C GLU E 523 57.67 14.11 -12.53
N ALA E 524 57.04 14.25 -11.36
CA ALA E 524 55.63 13.89 -11.20
C ALA E 524 54.68 14.94 -11.75
N THR E 525 55.10 16.21 -11.80
CA THR E 525 54.20 17.28 -12.22
C THR E 525 54.70 17.98 -13.49
N SER E 526 55.47 17.28 -14.32
CA SER E 526 56.01 17.90 -15.53
C SER E 526 54.92 18.21 -16.55
N ALA E 527 53.86 17.40 -16.57
CA ALA E 527 52.75 17.61 -17.51
C ALA E 527 51.59 18.36 -16.88
N LEU E 528 51.85 19.15 -15.83
CA LEU E 528 50.81 19.91 -15.15
C LEU E 528 51.06 21.40 -15.28
N ASP E 529 49.99 22.17 -15.43
CA ASP E 529 50.08 23.61 -15.30
C ASP E 529 50.46 23.99 -13.88
N THR E 530 51.03 25.18 -13.73
CA THR E 530 51.55 25.60 -12.42
C THR E 530 50.45 25.68 -11.37
N ARG E 531 49.21 25.99 -11.78
CA ARG E 531 48.12 26.10 -10.82
C ARG E 531 47.80 24.76 -10.18
N THR E 532 47.54 23.74 -11.00
CA THR E 532 47.26 22.41 -10.48
C THR E 532 48.44 21.87 -9.69
N GLU E 533 49.66 22.11 -10.18
CA GLU E 533 50.85 21.65 -9.47
C GLU E 533 50.93 22.25 -8.08
N GLN E 534 50.75 23.57 -7.97
CA GLN E 534 50.83 24.19 -6.65
C GLN E 534 49.67 23.79 -5.76
N ASP E 535 48.49 23.55 -6.34
CA ASP E 535 47.38 23.01 -5.55
C ASP E 535 47.77 21.67 -4.93
N ILE E 536 48.31 20.77 -5.75
CA ILE E 536 48.73 19.45 -5.24
C ILE E 536 49.79 19.62 -4.17
N LEU E 537 50.77 20.50 -4.40
CA LEU E 537 51.86 20.65 -3.44
C LEU E 537 51.36 21.22 -2.12
N SER E 538 50.44 22.19 -2.16
CA SER E 538 49.88 22.75 -0.94
C SER E 538 49.05 21.71 -0.19
N THR E 539 48.25 20.92 -0.93
CA THR E 539 47.49 19.85 -0.29
C THR E 539 48.42 18.86 0.40
N MET E 540 49.52 18.51 -0.25
CA MET E 540 50.49 17.59 0.37
C MET E 540 51.10 18.20 1.62
N ARG E 541 51.54 19.46 1.54
CA ARG E 541 52.10 20.13 2.71
C ARG E 541 51.09 20.18 3.85
N ALA E 542 49.80 20.29 3.53
CA ALA E 542 48.78 20.38 4.57
C ALA E 542 48.51 19.03 5.22
N VAL E 543 48.26 17.99 4.40
CA VAL E 543 47.85 16.71 4.97
C VAL E 543 49.02 15.90 5.50
N ALA E 544 50.24 16.12 5.01
CA ALA E 544 51.40 15.36 5.48
C ALA E 544 51.97 16.01 6.72
N SER E 545 52.42 15.16 7.65
CA SER E 545 53.02 15.63 8.90
C SER E 545 54.46 15.16 9.05
N HIS E 546 54.71 13.86 8.98
CA HIS E 546 56.05 13.30 9.17
C HIS E 546 56.49 12.52 7.93
N ARG E 547 56.03 12.93 6.75
CA ARG E 547 56.40 12.28 5.51
C ARG E 547 57.72 12.83 4.98
N THR E 548 58.60 11.92 4.57
CA THR E 548 59.81 12.30 3.84
C THR E 548 59.50 12.33 2.36
N THR E 549 59.89 13.41 1.68
CA THR E 549 59.50 13.66 0.31
C THR E 549 60.72 14.04 -0.53
N ILE E 550 61.16 13.12 -1.37
CA ILE E 550 62.22 13.37 -2.35
C ILE E 550 61.55 13.74 -3.66
N SER E 551 61.99 14.84 -4.26
CA SER E 551 61.37 15.36 -5.48
C SER E 551 62.42 15.58 -6.56
N ILE E 552 62.09 15.17 -7.78
CA ILE E 552 62.93 15.37 -8.95
C ILE E 552 62.15 16.22 -9.93
N ALA E 553 62.76 17.29 -10.42
CA ALA E 553 62.06 18.20 -11.31
C ALA E 553 63.06 19.06 -12.06
N HIS E 554 62.76 19.31 -13.34
CA HIS E 554 63.51 20.30 -14.11
C HIS E 554 62.95 21.69 -13.89
N ARG E 555 61.65 21.81 -13.62
CA ARG E 555 61.03 23.08 -13.27
C ARG E 555 61.42 23.45 -11.84
N LEU E 556 62.29 24.44 -11.69
CA LEU E 556 62.84 24.75 -10.37
C LEU E 556 61.79 25.40 -9.47
N SER E 557 60.78 26.06 -10.04
CA SER E 557 59.75 26.68 -9.22
C SER E 557 58.96 25.64 -8.42
N THR E 558 58.93 24.40 -8.89
CA THR E 558 58.24 23.33 -8.17
C THR E 558 58.91 23.04 -6.83
N ILE E 559 60.24 23.21 -6.76
CA ILE E 559 61.03 22.73 -5.64
C ILE E 559 61.76 23.86 -4.92
N ALA E 560 61.40 25.11 -5.20
CA ALA E 560 62.12 26.24 -4.60
C ALA E 560 61.95 26.26 -3.09
N ASP E 561 60.76 25.92 -2.60
CA ASP E 561 60.48 25.93 -1.17
C ASP E 561 60.85 24.63 -0.48
N SER E 562 61.77 23.86 -1.05
CA SER E 562 62.20 22.62 -0.43
C SER E 562 63.09 22.91 0.78
N ASP E 563 63.16 21.94 1.69
CA ASP E 563 64.03 22.08 2.85
C ASP E 563 65.50 22.14 2.43
N THR E 564 65.91 21.21 1.57
CA THR E 564 67.25 21.21 1.00
C THR E 564 67.16 20.79 -0.46
N ILE E 565 68.09 21.29 -1.27
CA ILE E 565 68.16 20.97 -2.69
C ILE E 565 69.52 20.32 -2.97
N LEU E 566 69.49 19.18 -3.65
CA LEU E 566 70.69 18.44 -4.03
C LEU E 566 70.91 18.61 -5.53
N VAL E 567 72.03 19.23 -5.87
CA VAL E 567 72.42 19.42 -7.26
C VAL E 567 73.27 18.23 -7.70
N LEU E 568 72.81 17.53 -8.73
CA LEU E 568 73.49 16.37 -9.28
C LEU E 568 74.11 16.74 -10.62
N ASP E 569 75.36 16.35 -10.83
CA ASP E 569 76.08 16.68 -12.06
C ASP E 569 76.92 15.47 -12.45
N GLN E 570 76.54 14.82 -13.55
CA GLN E 570 77.22 13.65 -14.09
C GLN E 570 77.58 12.65 -12.99
N GLY E 571 76.59 12.34 -12.17
CA GLY E 571 76.74 11.33 -11.14
C GLY E 571 77.48 11.76 -9.90
N ARG E 572 77.69 13.05 -9.68
CA ARG E 572 78.35 13.53 -8.47
C ARG E 572 77.56 14.68 -7.86
N LEU E 573 77.56 14.74 -6.53
CA LEU E 573 76.84 15.77 -5.80
C LEU E 573 77.65 17.06 -5.82
N ALA E 574 77.14 18.08 -6.54
CA ALA E 574 77.84 19.34 -6.70
C ALA E 574 77.55 20.32 -5.57
N GLU E 575 76.28 20.59 -5.29
CA GLU E 575 75.89 21.56 -4.29
C GLU E 575 74.81 20.97 -3.38
N GLN E 576 74.61 21.63 -2.23
CA GLN E 576 73.62 21.21 -1.26
C GLN E 576 73.26 22.41 -0.40
N GLY E 577 71.98 22.61 -0.16
CA GLY E 577 71.52 23.69 0.68
C GLY E 577 70.15 24.17 0.26
N SER E 578 69.68 25.20 0.95
CA SER E 578 68.38 25.76 0.65
C SER E 578 68.44 26.57 -0.66
N HIS E 579 67.25 26.96 -1.14
CA HIS E 579 67.16 27.72 -2.39
C HIS E 579 67.90 29.05 -2.28
N LEU E 580 67.67 29.79 -1.19
CA LEU E 580 68.32 31.08 -1.01
C LEU E 580 69.83 30.93 -0.85
N ASP E 581 70.27 29.91 -0.11
CA ASP E 581 71.70 29.69 0.07
C ASP E 581 72.37 29.40 -1.26
N LEU E 582 71.78 28.51 -2.05
CA LEU E 582 72.36 28.18 -3.35
C LEU E 582 72.33 29.36 -4.30
N LEU E 583 71.29 30.19 -4.22
CA LEU E 583 71.26 31.41 -5.03
C LEU E 583 72.36 32.38 -4.62
N ARG E 584 72.66 32.47 -3.32
CA ARG E 584 73.68 33.38 -2.86
C ARG E 584 75.08 32.92 -3.27
N ARG E 585 75.29 31.61 -3.38
CA ARG E 585 76.59 31.09 -3.77
C ARG E 585 76.92 31.31 -5.24
N ASP E 586 75.94 31.70 -6.06
CA ASP E 586 76.15 31.94 -7.49
C ASP E 586 76.82 30.73 -8.14
N GLY E 587 76.27 29.56 -7.85
CA GLY E 587 76.83 28.32 -8.34
C GLY E 587 76.06 27.67 -9.46
N LEU E 588 75.97 26.34 -9.43
CA LEU E 588 75.28 25.62 -10.50
C LEU E 588 73.77 25.77 -10.38
N TYR E 589 73.23 25.63 -9.16
CA TYR E 589 71.79 25.84 -8.98
C TYR E 589 71.41 27.28 -9.33
N ALA E 590 72.25 28.24 -8.94
CA ALA E 590 72.00 29.63 -9.28
C ALA E 590 72.05 29.84 -10.78
N GLU E 591 72.96 29.15 -11.47
CA GLU E 591 73.03 29.25 -12.93
C GLU E 591 71.77 28.68 -13.58
N MET E 592 71.32 27.52 -13.12
CA MET E 592 70.08 26.94 -13.63
C MET E 592 68.92 27.90 -13.43
N TRP E 593 68.82 28.47 -12.23
CA TRP E 593 67.69 29.34 -11.91
C TRP E 593 67.76 30.66 -12.68
N ALA E 594 68.96 31.17 -12.95
CA ALA E 594 69.10 32.38 -13.74
C ALA E 594 68.74 32.12 -15.20
N ARG E 595 69.16 30.96 -15.74
CA ARG E 595 68.84 30.66 -17.12
C ARG E 595 67.36 30.32 -17.30
N GLN E 596 66.71 29.81 -16.25
CA GLN E 596 65.30 29.45 -16.36
C GLN E 596 64.39 30.65 -16.14
N ALA E 597 64.78 31.60 -15.28
CA ALA E 597 64.03 32.82 -15.08
C ALA E 597 64.35 33.90 -16.10
N ALA E 598 64.88 33.54 -17.26
CA ALA E 598 65.24 34.51 -18.29
C ALA E 598 64.03 34.87 -19.14
N ARG F 22 34.13 -11.84 -51.78
CA ARG F 22 34.99 -10.72 -51.44
C ARG F 22 36.42 -11.17 -51.17
N PHE F 23 36.67 -12.47 -51.35
CA PHE F 23 37.97 -13.04 -51.03
C PHE F 23 38.75 -13.52 -52.26
N LEU F 24 38.09 -13.78 -53.38
CA LEU F 24 38.79 -14.17 -54.59
C LEU F 24 39.76 -13.11 -55.11
N PRO F 25 39.54 -11.80 -54.95
CA PRO F 25 40.57 -10.83 -55.32
C PRO F 25 41.91 -11.03 -54.61
N TYR F 26 41.95 -11.81 -53.53
CA TYR F 26 43.21 -12.12 -52.86
C TYR F 26 43.87 -13.36 -53.43
N LEU F 27 43.09 -14.38 -53.78
CA LEU F 27 43.60 -15.64 -54.29
C LEU F 27 43.80 -15.64 -55.81
N TRP F 28 43.36 -14.59 -56.50
CA TRP F 28 43.53 -14.52 -57.94
C TRP F 28 44.98 -14.22 -58.34
N PRO F 29 45.69 -13.30 -57.66
CA PRO F 29 47.12 -13.12 -57.97
C PRO F 29 47.96 -14.36 -57.72
N ALA F 30 47.43 -15.40 -57.09
CA ALA F 30 48.17 -16.64 -56.94
C ALA F 30 48.12 -17.50 -58.20
N ASP F 31 47.06 -17.38 -58.99
CA ASP F 31 46.97 -18.10 -60.25
C ASP F 31 47.88 -17.53 -61.32
N ASN F 32 48.42 -16.33 -61.12
CA ASN F 32 49.25 -15.70 -62.14
C ASN F 32 50.53 -16.48 -62.39
N ALA F 33 51.31 -16.70 -61.33
CA ALA F 33 52.62 -17.31 -61.47
C ALA F 33 52.50 -18.79 -61.82
N VAL F 34 53.66 -19.44 -61.97
CA VAL F 34 53.72 -20.87 -62.30
C VAL F 34 53.08 -21.72 -61.20
N LEU F 35 52.86 -21.15 -60.01
CA LEU F 35 52.28 -21.88 -58.90
C LEU F 35 51.03 -22.65 -59.28
N ARG F 36 50.28 -22.17 -60.28
CA ARG F 36 49.11 -22.87 -60.78
C ARG F 36 49.40 -24.34 -61.01
N ARG F 37 50.46 -24.64 -61.76
CA ARG F 37 50.89 -26.01 -61.99
C ARG F 37 50.97 -26.81 -60.70
N ARG F 38 51.68 -26.26 -59.70
CA ARG F 38 51.86 -26.96 -58.43
C ARG F 38 50.53 -27.40 -57.82
N VAL F 39 49.47 -26.60 -58.00
CA VAL F 39 48.19 -26.99 -57.42
C VAL F 39 47.59 -28.16 -58.19
N VAL F 40 47.63 -28.08 -59.53
CA VAL F 40 47.04 -29.14 -60.35
C VAL F 40 47.67 -30.49 -60.02
N GLY F 41 49.01 -30.55 -60.09
CA GLY F 41 49.71 -31.76 -59.71
C GLY F 41 49.29 -32.28 -58.35
N ALA F 42 49.14 -31.39 -57.38
CA ALA F 42 48.70 -31.80 -56.05
C ALA F 42 47.39 -32.59 -56.15
N ILE F 43 46.40 -32.02 -56.84
CA ILE F 43 45.14 -32.73 -57.03
C ILE F 43 45.39 -34.09 -57.66
N LEU F 44 46.23 -34.11 -58.71
CA LEU F 44 46.58 -35.37 -59.36
C LEU F 44 47.08 -36.38 -58.33
N MET F 45 48.01 -35.95 -57.47
CA MET F 45 48.52 -36.85 -56.44
C MET F 45 47.38 -37.48 -55.67
N VAL F 46 46.45 -36.64 -55.19
CA VAL F 46 45.28 -37.13 -54.46
C VAL F 46 44.60 -38.25 -55.25
N LEU F 47 44.30 -37.98 -56.52
CA LEU F 47 43.61 -38.97 -57.33
C LEU F 47 44.37 -40.28 -57.37
N LEU F 48 45.68 -40.20 -57.62
CA LEU F 48 46.48 -41.43 -57.64
C LEU F 48 46.43 -42.12 -56.29
N GLY F 49 46.63 -41.35 -55.22
CA GLY F 49 46.51 -41.91 -53.89
C GLY F 49 45.12 -42.50 -53.68
N LYS F 50 44.10 -41.80 -54.16
CA LYS F 50 42.73 -42.30 -54.06
C LYS F 50 42.53 -43.55 -54.91
N ALA F 51 43.18 -43.60 -56.08
CA ALA F 51 43.03 -44.77 -56.96
C ALA F 51 43.45 -46.06 -56.27
N THR F 52 44.57 -46.01 -55.53
CA THR F 52 45.03 -47.17 -54.80
C THR F 52 44.03 -47.59 -53.73
N THR F 53 43.32 -46.61 -53.14
CA THR F 53 42.29 -46.91 -52.15
C THR F 53 41.15 -47.68 -52.79
N LEU F 54 40.88 -47.45 -54.08
CA LEU F 54 39.86 -48.19 -54.79
C LEU F 54 40.41 -49.47 -55.41
N ALA F 55 41.73 -49.60 -55.52
CA ALA F 55 42.42 -50.79 -55.99
C ALA F 55 42.53 -51.88 -54.91
N LEU F 56 41.63 -51.87 -53.93
CA LEU F 56 41.65 -52.80 -52.81
C LEU F 56 40.87 -54.11 -52.91
N PRO F 57 40.02 -54.37 -53.92
CA PRO F 57 39.32 -55.66 -53.94
C PRO F 57 40.25 -56.85 -54.10
N PHE F 58 41.52 -56.60 -54.42
CA PHE F 58 42.46 -57.69 -54.69
C PHE F 58 42.59 -58.63 -53.50
N ALA F 59 42.70 -58.08 -52.29
CA ALA F 59 42.83 -58.93 -51.10
C ALA F 59 41.66 -59.88 -50.96
N TYR F 60 40.48 -59.49 -51.46
CA TYR F 60 39.35 -60.42 -51.52
C TYR F 60 39.62 -61.52 -52.53
N LYS F 61 40.00 -61.14 -53.75
CA LYS F 61 40.15 -62.10 -54.84
C LYS F 61 41.29 -63.07 -54.64
N LYS F 62 42.10 -62.92 -53.59
CA LYS F 62 43.05 -63.98 -53.26
C LYS F 62 42.59 -64.89 -52.14
N ALA F 63 41.73 -64.38 -51.24
CA ALA F 63 41.10 -65.29 -50.29
C ALA F 63 40.10 -66.17 -51.02
N VAL F 64 39.55 -65.65 -52.12
CA VAL F 64 38.75 -66.45 -53.02
C VAL F 64 39.57 -67.60 -53.58
N ASP F 65 40.85 -67.35 -53.85
CA ASP F 65 41.71 -68.42 -54.36
C ASP F 65 41.88 -69.52 -53.32
N ALA F 66 41.47 -69.28 -52.07
CA ALA F 66 41.50 -70.28 -51.01
C ALA F 66 40.27 -71.18 -51.01
N MET F 67 39.71 -71.40 -49.82
CA MET F 67 38.55 -72.25 -49.54
C MET F 67 38.36 -73.36 -50.58
N THR F 68 37.51 -73.17 -51.58
CA THR F 68 37.25 -74.22 -52.58
C THR F 68 36.96 -73.55 -53.91
N LEU F 69 36.81 -72.24 -53.88
CA LEU F 69 36.51 -71.52 -55.10
C LEU F 69 37.75 -71.44 -55.99
N GLY F 70 37.50 -71.25 -57.29
CA GLY F 70 38.56 -71.22 -58.29
C GLY F 70 39.70 -70.27 -58.02
N GLY F 71 40.92 -70.81 -57.90
CA GLY F 71 42.09 -70.02 -57.60
C GLY F 71 43.05 -69.90 -58.76
N GLY F 72 42.91 -70.75 -59.77
CA GLY F 72 43.78 -70.69 -60.93
C GLY F 72 44.49 -71.99 -61.22
N ALA F 73 45.80 -71.92 -61.44
CA ALA F 73 46.57 -73.11 -61.76
C ALA F 73 46.91 -73.92 -60.51
N GLN F 74 47.45 -73.27 -59.50
CA GLN F 74 47.84 -73.90 -58.24
C GLN F 74 47.26 -73.09 -57.10
N PRO F 75 47.17 -73.66 -55.89
CA PRO F 75 46.44 -72.97 -54.81
C PRO F 75 46.88 -71.55 -54.52
N ALA F 76 48.17 -71.27 -54.50
CA ALA F 76 48.55 -69.90 -54.14
C ALA F 76 49.95 -69.45 -54.57
N LEU F 77 50.42 -69.84 -55.75
CA LEU F 77 51.66 -69.27 -56.23
C LEU F 77 51.37 -67.90 -56.81
N THR F 78 50.32 -67.84 -57.65
CA THR F 78 49.77 -66.56 -58.07
C THR F 78 49.42 -65.73 -56.86
N VAL F 79 48.82 -66.34 -55.83
CA VAL F 79 48.42 -65.59 -54.65
C VAL F 79 49.63 -64.98 -53.98
N ALA F 80 50.65 -65.79 -53.68
CA ALA F 80 51.85 -65.27 -53.03
C ALA F 80 52.42 -64.08 -53.80
N LEU F 81 52.75 -64.28 -55.07
CA LEU F 81 53.46 -63.22 -55.81
C LEU F 81 52.56 -62.00 -56.01
N ALA F 82 51.37 -62.21 -56.57
CA ALA F 82 50.45 -61.13 -56.86
C ALA F 82 50.05 -60.39 -55.59
N PHE F 83 49.82 -61.11 -54.50
CA PHE F 83 49.39 -60.51 -53.25
C PHE F 83 50.50 -59.67 -52.62
N VAL F 84 51.71 -60.20 -52.56
CA VAL F 84 52.82 -59.40 -52.03
C VAL F 84 52.93 -58.11 -52.84
N LEU F 85 52.96 -58.23 -54.16
CA LEU F 85 53.14 -57.06 -55.02
C LEU F 85 51.99 -56.07 -54.81
N ALA F 86 50.75 -56.56 -54.88
CA ALA F 86 49.60 -55.67 -54.92
C ALA F 86 49.39 -54.99 -53.58
N TYR F 87 49.37 -55.78 -52.50
CA TYR F 87 49.11 -55.21 -51.18
C TYR F 87 50.22 -54.22 -50.80
N ALA F 88 51.49 -54.66 -50.89
CA ALA F 88 52.59 -53.79 -50.50
C ALA F 88 52.60 -52.51 -51.34
N LEU F 89 52.59 -52.65 -52.67
CA LEU F 89 52.65 -51.48 -53.53
C LEU F 89 51.45 -50.58 -53.36
N GLY F 90 50.26 -51.14 -53.13
CA GLY F 90 49.08 -50.31 -52.98
C GLY F 90 49.12 -49.46 -51.72
N ARG F 91 49.40 -50.09 -50.58
CA ARG F 91 49.44 -49.31 -49.34
C ARG F 91 50.59 -48.31 -49.37
N PHE F 92 51.77 -48.73 -49.85
CA PHE F 92 52.91 -47.84 -49.89
C PHE F 92 52.67 -46.67 -50.84
N SER F 93 52.09 -46.94 -52.01
CA SER F 93 51.81 -45.87 -52.96
C SER F 93 50.73 -44.94 -52.45
N GLY F 94 49.75 -45.45 -51.71
CA GLY F 94 48.76 -44.57 -51.11
C GLY F 94 49.37 -43.58 -50.14
N VAL F 95 50.14 -44.09 -49.17
CA VAL F 95 50.76 -43.19 -48.19
C VAL F 95 51.78 -42.28 -48.88
N LEU F 96 52.51 -42.81 -49.86
CA LEU F 96 53.50 -42.04 -50.59
C LEU F 96 52.86 -40.92 -51.38
N PHE F 97 51.70 -41.17 -51.99
CA PHE F 97 51.01 -40.14 -52.75
C PHE F 97 50.44 -39.07 -51.83
N ASP F 98 49.92 -39.49 -50.67
CA ASP F 98 49.46 -38.50 -49.68
C ASP F 98 50.59 -37.56 -49.28
N ASN F 99 51.74 -38.13 -48.90
CA ASN F 99 52.84 -37.27 -48.45
C ASN F 99 53.48 -36.50 -49.61
N LEU F 100 53.44 -37.04 -50.83
CA LEU F 100 53.92 -36.28 -51.98
C LEU F 100 53.02 -35.08 -52.24
N ARG F 101 51.71 -35.25 -52.10
CA ARG F 101 50.78 -34.13 -52.16
C ARG F 101 51.15 -33.08 -51.13
N ASN F 102 51.36 -33.50 -49.87
CA ASN F 102 51.77 -32.57 -48.82
C ASN F 102 53.04 -31.83 -49.21
N ILE F 103 54.04 -32.54 -49.72
CA ILE F 103 55.35 -31.96 -49.97
C ILE F 103 55.29 -30.98 -51.14
N VAL F 104 54.52 -31.32 -52.18
CA VAL F 104 54.42 -30.42 -53.33
C VAL F 104 53.53 -29.22 -53.06
N PHE F 105 52.60 -29.31 -52.10
CA PHE F 105 51.75 -28.17 -51.79
C PHE F 105 52.27 -27.31 -50.65
N GLU F 106 53.28 -27.77 -49.91
CA GLU F 106 53.75 -27.03 -48.74
C GLU F 106 54.20 -25.61 -49.08
N ARG F 107 54.93 -25.46 -50.19
CA ARG F 107 55.48 -24.14 -50.52
C ARG F 107 54.37 -23.15 -50.86
N VAL F 108 53.42 -23.56 -51.70
CA VAL F 108 52.28 -22.71 -52.02
C VAL F 108 51.49 -22.39 -50.77
N GLY F 109 51.31 -23.37 -49.88
CA GLY F 109 50.56 -23.12 -48.66
C GLY F 109 51.23 -22.11 -47.75
N GLN F 110 52.56 -22.24 -47.59
CA GLN F 110 53.28 -21.29 -46.76
C GLN F 110 53.29 -19.89 -47.38
N ASP F 111 53.39 -19.80 -48.70
CA ASP F 111 53.32 -18.48 -49.34
C ASP F 111 51.94 -17.87 -49.16
N ALA F 112 50.88 -18.69 -49.22
CA ALA F 112 49.54 -18.17 -48.98
C ALA F 112 49.38 -17.68 -47.54
N THR F 113 49.88 -18.47 -46.58
CA THR F 113 49.85 -18.02 -45.18
C THR F 113 50.63 -16.72 -45.00
N ARG F 114 51.77 -16.60 -45.68
CA ARG F 114 52.57 -15.38 -45.57
C ARG F 114 51.82 -14.19 -46.13
N HIS F 115 51.15 -14.36 -47.29
CA HIS F 115 50.38 -13.27 -47.86
C HIS F 115 49.22 -12.88 -46.94
N LEU F 116 48.58 -13.88 -46.34
CA LEU F 116 47.50 -13.59 -45.38
C LEU F 116 48.01 -12.80 -44.19
N ALA F 117 49.17 -13.21 -43.64
CA ALA F 117 49.74 -12.50 -42.51
C ALA F 117 50.14 -11.09 -42.88
N GLU F 118 50.71 -10.90 -44.07
CA GLU F 118 51.08 -9.56 -44.51
C GLU F 118 49.85 -8.67 -44.64
N ASN F 119 48.78 -9.18 -45.25
CA ASN F 119 47.57 -8.38 -45.40
C ASN F 119 46.93 -8.08 -44.06
N VAL F 120 46.96 -9.04 -43.13
CA VAL F 120 46.41 -8.81 -41.80
C VAL F 120 47.20 -7.72 -41.08
N PHE F 121 48.53 -7.77 -41.15
CA PHE F 121 49.36 -6.75 -40.52
C PHE F 121 49.11 -5.38 -41.15
N ALA F 122 49.05 -5.31 -42.48
CA ALA F 122 48.85 -4.05 -43.17
C ALA F 122 47.51 -3.43 -42.81
N ARG F 123 46.43 -4.21 -42.87
CA ARG F 123 45.12 -3.69 -42.51
C ARG F 123 44.97 -3.44 -41.02
N LEU F 124 45.79 -4.09 -40.19
CA LEU F 124 45.83 -3.76 -38.78
C LEU F 124 46.43 -2.37 -38.57
N HIS F 125 47.44 -2.03 -39.36
CA HIS F 125 47.95 -0.65 -39.31
C HIS F 125 47.02 0.34 -39.99
N LYS F 126 46.03 -0.13 -40.75
CA LYS F 126 45.06 0.75 -41.39
C LYS F 126 43.94 1.19 -40.45
N LEU F 127 43.80 0.58 -39.28
CA LEU F 127 42.69 0.91 -38.39
C LEU F 127 42.90 2.28 -37.76
N SER F 128 41.83 2.82 -37.18
CA SER F 128 41.83 4.17 -36.65
C SER F 128 42.61 4.25 -35.34
N LEU F 129 42.92 5.48 -34.94
CA LEU F 129 43.63 5.70 -33.69
C LEU F 129 42.79 5.32 -32.48
N ARG F 130 41.47 5.52 -32.54
CA ARG F 130 40.60 5.17 -31.42
C ARG F 130 40.72 3.69 -31.06
N PHE F 131 40.75 2.82 -32.08
CA PHE F 131 40.88 1.39 -31.83
C PHE F 131 42.17 1.07 -31.08
N HIS F 132 43.31 1.57 -31.58
CA HIS F 132 44.59 1.26 -30.95
C HIS F 132 44.71 1.90 -29.58
N LEU F 133 44.01 3.01 -29.34
CA LEU F 133 44.01 3.58 -28.00
C LEU F 133 43.15 2.76 -27.04
N ALA F 134 42.08 2.15 -27.55
CA ALA F 134 41.19 1.33 -26.73
C ALA F 134 41.48 -0.16 -26.87
N ARG F 135 42.55 -0.54 -27.55
CA ARG F 135 42.83 -1.94 -27.83
C ARG F 135 43.33 -2.67 -26.58
N ARG F 136 43.36 -4.01 -26.70
CA ARG F 136 44.00 -4.88 -25.74
C ARG F 136 44.97 -5.78 -26.50
N THR F 137 46.27 -5.63 -26.22
CA THR F 137 47.30 -6.25 -27.05
C THR F 137 47.18 -7.77 -27.07
N GLY F 138 47.03 -8.38 -25.90
CA GLY F 138 46.94 -9.84 -25.84
C GLY F 138 45.71 -10.39 -26.54
N GLU F 139 44.57 -9.74 -26.33
CA GLU F 139 43.34 -10.18 -27.01
C GLU F 139 43.49 -10.08 -28.52
N VAL F 140 44.05 -8.97 -29.01
CA VAL F 140 44.26 -8.82 -30.45
C VAL F 140 45.20 -9.89 -30.97
N THR F 141 46.28 -10.16 -30.23
CA THR F 141 47.24 -11.17 -30.67
C THR F 141 46.58 -12.54 -30.79
N LYS F 142 45.86 -12.97 -29.75
CA LYS F 142 45.24 -14.29 -29.80
C LYS F 142 44.16 -14.36 -30.88
N VAL F 143 43.39 -13.28 -31.04
CA VAL F 143 42.33 -13.30 -32.06
C VAL F 143 42.93 -13.41 -33.45
N ILE F 144 44.01 -12.65 -33.71
CA ILE F 144 44.66 -12.72 -35.01
C ILE F 144 45.22 -14.12 -35.24
N GLU F 145 45.84 -14.71 -34.22
CA GLU F 145 46.36 -16.07 -34.33
C GLU F 145 45.26 -17.05 -34.72
N ARG F 146 44.15 -17.02 -33.97
CA ARG F 146 43.08 -17.98 -34.21
C ARG F 146 42.46 -17.76 -35.58
N GLY F 147 42.27 -16.51 -35.99
CA GLY F 147 41.66 -16.25 -37.28
C GLY F 147 42.55 -16.66 -38.43
N THR F 148 43.86 -16.43 -38.32
CA THR F 148 44.78 -16.88 -39.35
C THR F 148 44.79 -18.41 -39.45
N LYS F 149 44.82 -19.09 -38.29
CA LYS F 149 44.74 -20.54 -38.31
C LYS F 149 43.45 -21.03 -38.96
N SER F 150 42.34 -20.37 -38.65
CA SER F 150 41.05 -20.78 -39.20
C SER F 150 41.01 -20.60 -40.70
N ILE F 151 41.48 -19.46 -41.20
CA ILE F 151 41.45 -19.21 -42.65
C ILE F 151 42.40 -20.17 -43.37
N ASP F 152 43.58 -20.43 -42.79
CA ASP F 152 44.52 -21.35 -43.42
C ASP F 152 43.94 -22.75 -43.50
N THR F 153 43.39 -23.26 -42.39
CA THR F 153 42.78 -24.58 -42.42
C THR F 153 41.55 -24.63 -43.33
N MET F 154 40.82 -23.52 -43.44
CA MET F 154 39.67 -23.48 -44.35
C MET F 154 40.11 -23.64 -45.80
N LEU F 155 41.14 -22.91 -46.21
CA LEU F 155 41.66 -23.07 -47.57
C LEU F 155 42.21 -24.48 -47.77
N TYR F 156 42.89 -25.02 -46.75
CA TYR F 156 43.43 -26.37 -46.81
C TYR F 156 42.30 -27.38 -47.06
N PHE F 157 41.19 -27.23 -46.36
CA PHE F 157 40.07 -28.15 -46.53
C PHE F 157 39.34 -27.94 -47.85
N LEU F 158 39.27 -26.69 -48.34
CA LEU F 158 38.65 -26.46 -49.64
C LEU F 158 39.45 -27.10 -50.76
N LEU F 159 40.78 -27.16 -50.62
CA LEU F 159 41.56 -27.73 -51.69
C LEU F 159 41.74 -29.23 -51.55
N PHE F 160 41.73 -29.78 -50.33
CA PHE F 160 42.08 -31.18 -50.15
C PHE F 160 40.99 -32.04 -49.53
N ASN F 161 39.78 -31.51 -49.30
CA ASN F 161 38.74 -32.30 -48.65
C ASN F 161 37.36 -32.11 -49.27
N ILE F 162 37.26 -31.58 -50.49
CA ILE F 162 35.97 -31.36 -51.15
C ILE F 162 35.82 -32.25 -52.39
N ALA F 163 36.77 -32.15 -53.33
CA ALA F 163 36.74 -33.03 -54.50
C ALA F 163 37.05 -34.49 -54.15
N PRO F 164 38.07 -34.80 -53.34
CA PRO F 164 38.33 -36.21 -53.05
C PRO F 164 37.15 -36.90 -52.40
N THR F 165 36.43 -36.19 -51.53
CA THR F 165 35.28 -36.79 -50.88
C THR F 165 34.19 -37.17 -51.89
N VAL F 166 33.90 -36.26 -52.82
CA VAL F 166 32.87 -36.55 -53.84
C VAL F 166 33.28 -37.75 -54.68
N ILE F 167 34.54 -37.74 -55.16
CA ILE F 167 35.01 -38.81 -56.04
C ILE F 167 34.99 -40.15 -55.31
N GLU F 168 35.59 -40.18 -54.12
CA GLU F 168 35.68 -41.40 -53.33
C GLU F 168 34.30 -41.92 -52.93
N LEU F 169 33.42 -41.02 -52.49
CA LEU F 169 32.08 -41.41 -52.06
C LEU F 169 31.31 -42.08 -53.20
N THR F 170 31.28 -41.44 -54.37
CA THR F 170 30.55 -42.03 -55.49
C THR F 170 31.18 -43.33 -55.94
N ALA F 171 32.52 -43.40 -55.96
CA ALA F 171 33.18 -44.63 -56.40
C ALA F 171 32.88 -45.80 -55.45
N VAL F 172 32.92 -45.54 -54.14
CA VAL F 172 32.67 -46.62 -53.19
C VAL F 172 31.20 -47.04 -53.25
N ILE F 173 30.29 -46.09 -53.49
CA ILE F 173 28.89 -46.46 -53.67
C ILE F 173 28.73 -47.38 -54.87
N VAL F 174 29.41 -47.07 -55.98
CA VAL F 174 29.30 -47.91 -57.17
C VAL F 174 29.89 -49.29 -56.92
N ILE F 175 31.03 -49.36 -56.23
CA ILE F 175 31.64 -50.66 -55.97
C ILE F 175 30.76 -51.51 -55.06
N PHE F 176 30.20 -50.91 -54.01
CA PHE F 176 29.32 -51.65 -53.12
C PHE F 176 28.06 -52.11 -53.84
N TRP F 177 27.47 -51.25 -54.67
CA TRP F 177 26.31 -51.64 -55.45
C TRP F 177 26.62 -52.84 -56.33
N LEU F 178 27.78 -52.83 -56.99
CA LEU F 178 28.11 -53.91 -57.92
C LEU F 178 28.37 -55.22 -57.18
N ASN F 179 29.16 -55.18 -56.12
CA ASN F 179 29.66 -56.39 -55.47
C ASN F 179 28.84 -56.83 -54.28
N PHE F 180 27.74 -56.14 -53.94
CA PHE F 180 27.03 -56.46 -52.72
C PHE F 180 25.51 -56.36 -52.81
N GLY F 181 24.94 -56.22 -54.00
CA GLY F 181 23.49 -56.20 -54.10
C GLY F 181 22.94 -54.87 -53.61
N LEU F 182 21.83 -54.96 -52.87
CA LEU F 182 21.16 -53.77 -52.35
C LEU F 182 21.01 -53.81 -50.84
N GLY F 183 21.49 -54.85 -50.17
CA GLY F 183 21.43 -54.90 -48.72
C GLY F 183 22.54 -54.11 -48.05
N LEU F 184 23.78 -54.29 -48.53
CA LEU F 184 24.90 -53.58 -47.93
C LEU F 184 24.82 -52.08 -48.20
N VAL F 185 24.42 -51.69 -49.41
CA VAL F 185 24.41 -50.27 -49.77
C VAL F 185 23.37 -49.53 -48.95
N THR F 186 22.22 -50.15 -48.69
CA THR F 186 21.18 -49.48 -47.89
C THR F 186 21.64 -49.28 -46.46
N ALA F 187 22.21 -50.31 -45.84
CA ALA F 187 22.73 -50.18 -44.48
C ALA F 187 23.85 -49.14 -44.43
N THR F 188 24.72 -49.11 -45.44
CA THR F 188 25.84 -48.19 -45.44
C THR F 188 25.37 -46.74 -45.59
N ILE F 189 24.40 -46.50 -46.48
CA ILE F 189 23.89 -45.15 -46.63
C ILE F 189 23.07 -44.75 -45.41
N LEU F 190 22.40 -45.70 -44.76
CA LEU F 190 21.71 -45.39 -43.52
C LEU F 190 22.70 -44.92 -42.45
N ALA F 191 23.83 -45.61 -42.33
CA ALA F 191 24.85 -45.17 -41.39
C ALA F 191 25.41 -43.80 -41.80
N VAL F 192 25.72 -43.63 -43.09
CA VAL F 192 26.32 -42.39 -43.59
C VAL F 192 25.34 -41.21 -43.51
N ILE F 193 24.07 -41.45 -43.81
CA ILE F 193 23.11 -40.35 -43.84
C ILE F 193 22.76 -39.91 -42.43
N ALA F 194 22.85 -40.81 -41.45
CA ALA F 194 22.56 -40.48 -40.05
C ALA F 194 23.47 -39.39 -39.49
N TYR F 195 24.61 -39.13 -40.13
CA TYR F 195 25.50 -38.05 -39.65
C TYR F 195 24.91 -36.66 -39.86
N VAL F 196 24.32 -36.41 -41.03
CA VAL F 196 24.06 -35.05 -41.48
C VAL F 196 23.25 -34.28 -40.45
N TRP F 197 22.32 -34.96 -39.78
CA TRP F 197 21.52 -34.33 -38.74
C TRP F 197 22.32 -34.11 -37.45
N THR F 198 22.98 -35.17 -36.97
CA THR F 198 23.69 -35.11 -35.69
C THR F 198 24.81 -34.07 -35.68
N THR F 199 25.63 -34.06 -36.74
CA THR F 199 26.75 -33.11 -36.79
C THR F 199 26.23 -31.67 -36.79
N ARG F 200 25.23 -31.39 -37.63
CA ARG F 200 24.63 -30.06 -37.69
C ARG F 200 24.12 -29.63 -36.32
N THR F 201 23.35 -30.51 -35.67
CA THR F 201 22.76 -30.16 -34.38
C THR F 201 23.83 -29.86 -33.33
N ILE F 202 24.82 -30.74 -33.21
CA ILE F 202 25.84 -30.56 -32.19
C ILE F 202 26.68 -29.32 -32.46
N THR F 203 27.03 -29.06 -33.73
CA THR F 203 27.78 -27.85 -34.05
C THR F 203 26.99 -26.59 -33.71
N GLU F 204 25.68 -26.59 -34.01
CA GLU F 204 24.87 -25.42 -33.68
C GLU F 204 24.77 -25.22 -32.17
N TRP F 205 24.68 -26.30 -31.40
CA TRP F 205 24.65 -26.14 -29.95
C TRP F 205 26.01 -25.75 -29.38
N ARG F 206 27.09 -26.07 -30.08
CA ARG F 206 28.44 -25.84 -29.59
C ARG F 206 29.01 -24.48 -29.99
N THR F 207 28.43 -23.83 -30.99
CA THR F 207 28.96 -22.55 -31.46
C THR F 207 29.03 -21.51 -30.35
N HIS F 208 27.99 -21.43 -29.53
CA HIS F 208 27.96 -20.43 -28.45
C HIS F 208 29.07 -20.68 -27.44
N LEU F 209 29.21 -21.93 -27.00
CA LEU F 209 30.26 -22.28 -26.04
C LEU F 209 31.64 -22.02 -26.63
N ARG F 210 31.82 -22.29 -27.93
CA ARG F 210 33.13 -22.05 -28.55
C ARG F 210 33.44 -20.56 -28.61
N GLU F 211 32.44 -19.74 -28.93
CA GLU F 211 32.65 -18.29 -28.94
C GLU F 211 33.01 -17.79 -27.55
N LYS F 212 32.27 -18.25 -26.53
CA LYS F 212 32.57 -17.82 -25.16
C LYS F 212 33.97 -18.28 -24.73
N MET F 213 34.38 -19.49 -25.14
CA MET F 213 35.71 -19.99 -24.81
C MET F 213 36.79 -19.13 -25.45
N ASN F 214 36.61 -18.80 -26.74
CA ASN F 214 37.57 -17.94 -27.43
C ASN F 214 37.66 -16.58 -26.76
N ARG F 215 36.50 -16.04 -26.37
CA ARG F 215 36.47 -14.74 -25.69
C ARG F 215 37.20 -14.79 -24.36
N LEU F 216 36.99 -15.85 -23.57
CA LEU F 216 37.67 -15.96 -22.29
C LEU F 216 39.18 -16.13 -22.47
N ASP F 217 39.60 -16.90 -23.48
CA ASP F 217 41.03 -17.04 -23.75
C ASP F 217 41.64 -15.70 -24.14
N GLY F 218 40.95 -14.94 -25.00
CA GLY F 218 41.43 -13.62 -25.35
C GLY F 218 41.53 -12.70 -24.15
N GLN F 219 40.53 -12.73 -23.27
CA GLN F 219 40.56 -11.90 -22.07
C GLN F 219 41.72 -12.28 -21.16
N ALA F 220 41.98 -13.58 -21.01
CA ALA F 220 43.08 -14.02 -20.15
C ALA F 220 44.42 -13.57 -20.71
N LEU F 221 44.63 -13.75 -22.02
CA LEU F 221 45.89 -13.31 -22.61
C LEU F 221 46.03 -11.79 -22.56
N ALA F 222 44.94 -11.07 -22.75
CA ALA F 222 44.99 -9.61 -22.67
C ALA F 222 45.36 -9.15 -21.26
N ARG F 223 44.76 -9.77 -20.24
CA ARG F 223 45.10 -9.40 -18.87
C ARG F 223 46.56 -9.73 -18.55
N ALA F 224 47.05 -10.88 -19.05
CA ALA F 224 48.45 -11.22 -18.82
C ALA F 224 49.37 -10.20 -19.48
N VAL F 225 49.07 -9.80 -20.72
CA VAL F 225 49.91 -8.84 -21.42
C VAL F 225 49.84 -7.47 -20.73
N ASP F 226 48.66 -7.09 -20.25
CA ASP F 226 48.52 -5.81 -19.55
C ASP F 226 49.30 -5.82 -18.24
N SER F 227 49.29 -6.94 -17.51
CA SER F 227 50.10 -7.04 -16.31
C SER F 227 51.59 -6.99 -16.65
N LEU F 228 51.98 -7.58 -17.77
CA LEU F 228 53.37 -7.50 -18.21
C LEU F 228 53.77 -6.06 -18.51
N LEU F 229 52.90 -5.32 -19.20
CA LEU F 229 53.21 -3.93 -19.55
C LEU F 229 53.34 -3.06 -18.30
N ASN F 230 52.66 -3.42 -17.22
CA ASN F 230 52.73 -2.66 -15.97
C ASN F 230 53.60 -3.35 -14.93
N TYR F 231 54.67 -4.01 -15.37
CA TYR F 231 55.58 -4.66 -14.43
C TYR F 231 56.12 -3.66 -13.42
N GLU F 232 56.53 -2.47 -13.90
CA GLU F 232 57.05 -1.46 -12.99
C GLU F 232 55.98 -0.99 -12.01
N THR F 233 54.73 -0.87 -12.46
CA THR F 233 53.65 -0.47 -11.57
C THR F 233 53.41 -1.52 -10.49
N VAL F 234 53.28 -2.79 -10.91
CA VAL F 234 53.08 -3.87 -9.95
C VAL F 234 54.21 -3.91 -8.93
N LYS F 235 55.44 -3.70 -9.38
CA LYS F 235 56.56 -3.63 -8.44
C LYS F 235 56.45 -2.42 -7.53
N TYR F 236 55.95 -1.30 -8.06
CA TYR F 236 55.84 -0.08 -7.26
C TYR F 236 54.83 -0.23 -6.14
N PHE F 237 53.79 -1.04 -6.35
CA PHE F 237 52.75 -1.19 -5.34
C PHE F 237 52.71 -2.58 -4.73
N GLY F 238 53.70 -3.42 -4.99
CA GLY F 238 53.79 -4.72 -4.36
C GLY F 238 52.56 -5.59 -4.54
N ALA F 239 51.96 -5.54 -5.71
CA ALA F 239 50.74 -6.28 -6.01
C ALA F 239 51.02 -7.48 -6.91
N GLU F 240 52.09 -8.20 -6.62
CA GLU F 240 52.41 -9.40 -7.41
C GLU F 240 51.33 -10.46 -7.22
N SER F 241 50.99 -10.77 -5.97
CA SER F 241 49.96 -11.77 -5.70
C SER F 241 48.60 -11.31 -6.21
N ARG F 242 48.32 -10.01 -6.16
CA ARG F 242 47.04 -9.51 -6.67
C ARG F 242 46.92 -9.74 -8.18
N GLU F 243 47.98 -9.45 -8.92
CA GLU F 243 47.97 -9.72 -10.36
C GLU F 243 47.89 -11.22 -10.63
N GLU F 244 48.59 -12.02 -9.83
CA GLU F 244 48.50 -13.48 -9.98
C GLU F 244 47.06 -13.96 -9.84
N ALA F 245 46.36 -13.46 -8.82
CA ALA F 245 44.98 -13.89 -8.59
C ALA F 245 44.05 -13.36 -9.68
N ARG F 246 44.23 -12.10 -10.10
CA ARG F 246 43.37 -11.55 -11.14
C ARG F 246 43.60 -12.22 -12.49
N TYR F 247 44.79 -12.80 -12.70
CA TYR F 247 44.97 -13.61 -13.90
C TYR F 247 44.37 -15.00 -13.71
N ALA F 248 44.50 -15.57 -12.50
CA ALA F 248 43.96 -16.90 -12.24
C ALA F 248 42.45 -16.92 -12.39
N SER F 249 41.78 -15.79 -12.12
CA SER F 249 40.34 -15.72 -12.32
C SER F 249 39.97 -15.99 -13.78
N ALA F 250 40.54 -15.21 -14.71
CA ALA F 250 40.29 -15.45 -16.12
C ALA F 250 40.79 -16.81 -16.56
N ALA F 251 41.88 -17.29 -15.94
CA ALA F 251 42.40 -18.61 -16.28
C ALA F 251 41.38 -19.70 -15.96
N ARG F 252 40.77 -19.65 -14.78
CA ARG F 252 39.78 -20.67 -14.44
C ARG F 252 38.50 -20.51 -15.24
N ALA F 253 38.15 -19.27 -15.60
CA ALA F 253 37.01 -19.09 -16.51
C ALA F 253 37.26 -19.79 -17.83
N TYR F 254 38.44 -19.55 -18.43
CA TYR F 254 38.81 -20.25 -19.65
C TYR F 254 38.83 -21.76 -19.44
N ALA F 255 39.29 -22.20 -18.27
CA ALA F 255 39.37 -23.64 -18.00
C ALA F 255 37.99 -24.28 -18.00
N ASP F 256 37.03 -23.63 -17.33
CA ASP F 256 35.66 -24.15 -17.33
C ASP F 256 35.08 -24.18 -18.74
N ALA F 257 35.26 -23.09 -19.49
CA ALA F 257 34.75 -23.04 -20.86
C ALA F 257 35.36 -24.14 -21.72
N ALA F 258 36.67 -24.36 -21.59
CA ALA F 258 37.35 -25.37 -22.39
C ALA F 258 36.92 -26.78 -22.00
N VAL F 259 36.73 -27.02 -20.69
CA VAL F 259 36.23 -28.33 -20.25
C VAL F 259 34.87 -28.61 -20.87
N LYS F 260 33.97 -27.62 -20.81
CA LYS F 260 32.64 -27.80 -21.39
C LYS F 260 32.72 -28.06 -22.89
N SER F 261 33.55 -27.30 -23.60
CA SER F 261 33.66 -27.44 -25.05
C SER F 261 34.23 -28.81 -25.43
N GLU F 262 35.26 -29.27 -24.72
CA GLU F 262 35.86 -30.55 -25.05
C GLU F 262 34.94 -31.71 -24.67
N ASN F 263 34.14 -31.56 -23.62
CA ASN F 263 33.13 -32.58 -23.33
C ASN F 263 32.08 -32.65 -24.44
N SER F 264 31.67 -31.49 -24.96
CA SER F 264 30.77 -31.49 -26.11
C SER F 264 31.42 -32.19 -27.31
N LEU F 265 32.70 -31.93 -27.55
CA LEU F 265 33.41 -32.58 -28.65
C LEU F 265 33.46 -34.10 -28.45
N GLY F 266 33.71 -34.55 -27.22
CA GLY F 266 33.73 -35.98 -26.95
C GLY F 266 32.38 -36.63 -27.17
N LEU F 267 31.31 -35.97 -26.76
CA LEU F 267 29.98 -36.50 -27.01
C LEU F 267 29.70 -36.59 -28.51
N LEU F 268 30.12 -35.58 -29.27
CA LEU F 268 29.98 -35.64 -30.72
C LEU F 268 30.75 -36.85 -31.28
N ASN F 269 31.95 -37.10 -30.76
CA ASN F 269 32.75 -38.21 -31.24
C ASN F 269 32.09 -39.56 -30.95
N ILE F 270 31.52 -39.73 -29.75
CA ILE F 270 30.89 -41.01 -29.43
C ILE F 270 29.64 -41.20 -30.29
N ALA F 271 28.92 -40.11 -30.57
CA ALA F 271 27.76 -40.22 -31.46
C ALA F 271 28.19 -40.64 -32.86
N GLN F 272 29.29 -40.08 -33.35
CA GLN F 272 29.81 -40.46 -34.66
C GLN F 272 30.21 -41.93 -34.70
N ALA F 273 30.89 -42.41 -33.65
CA ALA F 273 31.40 -43.78 -33.62
C ALA F 273 30.30 -44.84 -33.51
N LEU F 274 29.25 -44.58 -32.72
CA LEU F 274 28.22 -45.59 -32.47
C LEU F 274 27.60 -46.13 -33.76
N ILE F 275 27.19 -45.21 -34.64
CA ILE F 275 26.54 -45.62 -35.89
C ILE F 275 27.49 -46.47 -36.74
N VAL F 276 28.75 -46.04 -36.85
CA VAL F 276 29.72 -46.76 -37.67
C VAL F 276 29.87 -48.18 -37.18
N ASN F 277 29.95 -48.35 -35.86
CA ASN F 277 30.28 -49.67 -35.34
C ASN F 277 29.07 -50.60 -35.38
N LEU F 278 27.87 -50.05 -35.21
CA LEU F 278 26.66 -50.85 -35.44
C LEU F 278 26.60 -51.31 -36.90
N LEU F 279 26.91 -50.41 -37.84
CA LEU F 279 26.98 -50.80 -39.25
C LEU F 279 28.02 -51.87 -39.48
N MET F 280 29.17 -51.76 -38.81
CA MET F 280 30.21 -52.79 -38.93
C MET F 280 29.66 -54.16 -38.59
N ALA F 281 29.05 -54.28 -37.41
CA ALA F 281 28.47 -55.55 -37.01
C ALA F 281 27.46 -56.06 -38.03
N GLY F 282 26.50 -55.20 -38.40
CA GLY F 282 25.46 -55.64 -39.32
C GLY F 282 26.01 -56.11 -40.66
N ALA F 283 26.92 -55.31 -41.23
CA ALA F 283 27.45 -55.61 -42.56
C ALA F 283 28.23 -56.92 -42.59
N MET F 284 29.20 -57.06 -41.67
CA MET F 284 29.99 -58.29 -41.73
C MET F 284 29.19 -59.51 -41.31
N ALA F 285 28.21 -59.35 -40.42
CA ALA F 285 27.33 -60.47 -40.09
C ALA F 285 26.52 -60.90 -41.31
N TRP F 286 25.99 -59.94 -42.05
CA TRP F 286 25.25 -60.26 -43.26
C TRP F 286 26.17 -60.97 -44.27
N THR F 287 27.42 -60.55 -44.33
CA THR F 287 28.36 -61.19 -45.26
C THR F 287 28.66 -62.63 -44.87
N VAL F 288 28.89 -62.89 -43.58
CA VAL F 288 29.21 -64.26 -43.18
C VAL F 288 27.97 -65.16 -43.27
N TYR F 289 26.78 -64.61 -43.02
CA TYR F 289 25.58 -65.40 -43.24
C TYR F 289 25.39 -65.70 -44.73
N GLY F 290 25.74 -64.74 -45.58
CA GLY F 290 25.70 -65.00 -47.01
C GLY F 290 26.65 -66.11 -47.41
N TRP F 291 27.83 -66.18 -46.78
CA TRP F 291 28.70 -67.33 -47.02
C TRP F 291 27.99 -68.61 -46.57
N SER F 292 27.38 -68.57 -45.38
CA SER F 292 26.73 -69.76 -44.84
C SER F 292 25.56 -70.21 -45.69
N GLN F 293 25.03 -69.35 -46.55
CA GLN F 293 24.03 -69.76 -47.52
C GLN F 293 24.65 -70.18 -48.84
N GLY F 294 25.97 -70.12 -48.97
CA GLY F 294 26.66 -70.47 -50.20
C GLY F 294 26.72 -69.37 -51.23
N LYS F 295 26.19 -68.19 -50.93
CA LYS F 295 26.15 -67.09 -51.90
C LYS F 295 27.49 -66.39 -51.99
N LEU F 296 28.10 -66.07 -50.85
CA LEU F 296 29.29 -65.26 -50.78
C LEU F 296 30.46 -66.10 -50.26
N THR F 297 31.67 -65.53 -50.40
CA THR F 297 32.90 -66.19 -49.99
C THR F 297 33.43 -65.58 -48.70
N VAL F 298 34.43 -66.26 -48.13
CA VAL F 298 35.11 -65.75 -46.94
C VAL F 298 35.93 -64.50 -47.28
N GLY F 299 36.46 -64.43 -48.51
CA GLY F 299 37.14 -63.22 -48.93
C GLY F 299 36.29 -61.97 -48.81
N ASP F 300 34.97 -62.12 -48.94
CA ASP F 300 34.08 -60.98 -48.75
C ASP F 300 34.13 -60.48 -47.31
N LEU F 301 34.44 -61.36 -46.34
CA LEU F 301 34.56 -60.93 -44.96
C LEU F 301 35.67 -59.90 -44.80
N VAL F 302 36.90 -60.25 -45.20
CA VAL F 302 38.00 -59.30 -45.10
C VAL F 302 37.77 -58.11 -46.03
N PHE F 303 37.11 -58.33 -47.18
CA PHE F 303 36.74 -57.23 -48.06
C PHE F 303 35.94 -56.18 -47.30
N VAL F 304 34.82 -56.59 -46.71
CA VAL F 304 33.96 -55.65 -45.99
C VAL F 304 34.70 -55.06 -44.80
N ASN F 305 35.53 -55.85 -44.11
CA ASN F 305 36.29 -55.32 -42.98
C ASN F 305 37.15 -54.14 -43.40
N THR F 306 38.04 -54.37 -44.38
CA THR F 306 38.98 -53.33 -44.77
C THR F 306 38.26 -52.16 -45.43
N TYR F 307 37.24 -52.43 -46.24
CA TYR F 307 36.51 -51.36 -46.90
C TYR F 307 35.74 -50.52 -45.90
N LEU F 308 35.19 -51.15 -44.86
CA LEU F 308 34.45 -50.39 -43.85
C LEU F 308 35.39 -49.54 -43.00
N THR F 309 36.59 -50.04 -42.70
CA THR F 309 37.54 -49.19 -41.98
C THR F 309 37.99 -48.00 -42.83
N GLN F 310 38.37 -48.26 -44.09
CA GLN F 310 38.79 -47.21 -44.99
C GLN F 310 37.65 -46.29 -45.43
N LEU F 311 36.40 -46.68 -45.20
CA LEU F 311 35.26 -45.80 -45.38
C LEU F 311 34.86 -45.08 -44.10
N PHE F 312 35.23 -45.64 -42.95
CA PHE F 312 34.94 -45.00 -41.68
C PHE F 312 35.88 -43.83 -41.43
N ARG F 313 37.14 -43.96 -41.82
CA ARG F 313 38.05 -42.83 -41.63
C ARG F 313 37.63 -41.56 -42.39
N PRO F 314 37.13 -41.62 -43.63
CA PRO F 314 36.67 -40.39 -44.29
C PRO F 314 35.52 -39.71 -43.57
N LEU F 315 34.63 -40.45 -42.89
CA LEU F 315 33.56 -39.81 -42.15
C LEU F 315 34.10 -39.08 -40.92
N ASP F 316 35.06 -39.71 -40.22
CA ASP F 316 35.75 -39.06 -39.12
C ASP F 316 36.48 -37.81 -39.60
N MET F 317 37.01 -37.84 -40.82
CA MET F 317 37.66 -36.66 -41.38
C MET F 317 36.64 -35.60 -41.75
N LEU F 318 35.49 -36.00 -42.28
CA LEU F 318 34.49 -35.04 -42.72
C LEU F 318 33.84 -34.31 -41.55
N GLY F 319 33.69 -34.98 -40.41
CA GLY F 319 33.20 -34.28 -39.23
C GLY F 319 34.06 -33.08 -38.85
N MET F 320 35.38 -33.31 -38.73
CA MET F 320 36.29 -32.21 -38.41
C MET F 320 36.38 -31.23 -39.57
N VAL F 321 36.21 -31.71 -40.80
CA VAL F 321 36.21 -30.80 -41.95
C VAL F 321 35.07 -29.81 -41.83
N TYR F 322 33.86 -30.30 -41.57
CA TYR F 322 32.72 -29.38 -41.43
C TYR F 322 32.89 -28.45 -40.22
N ARG F 323 33.37 -28.99 -39.10
CA ARG F 323 33.55 -28.14 -37.91
C ARG F 323 34.54 -27.01 -38.21
N THR F 324 35.67 -27.35 -38.84
CA THR F 324 36.69 -26.34 -39.12
C THR F 324 36.21 -25.35 -40.16
N ILE F 325 35.44 -25.80 -41.16
CA ILE F 325 34.95 -24.87 -42.17
C ILE F 325 33.95 -23.90 -41.56
N ARG F 326 33.09 -24.40 -40.67
CA ARG F 326 32.13 -23.53 -39.99
C ARG F 326 32.85 -22.47 -39.16
N GLN F 327 33.79 -22.91 -38.30
CA GLN F 327 34.48 -21.94 -37.45
C GLN F 327 35.37 -21.01 -38.26
N GLY F 328 35.97 -21.49 -39.35
CA GLY F 328 36.76 -20.61 -40.19
C GLY F 328 35.94 -19.54 -40.88
N LEU F 329 34.74 -19.90 -41.35
CA LEU F 329 33.87 -18.89 -41.95
C LEU F 329 33.40 -17.87 -40.91
N ILE F 330 33.03 -18.32 -39.71
CA ILE F 330 32.56 -17.36 -38.71
C ILE F 330 33.71 -16.47 -38.23
N ASP F 331 34.92 -17.03 -38.11
CA ASP F 331 36.07 -16.22 -37.73
C ASP F 331 36.42 -15.24 -38.83
N MET F 332 36.29 -15.66 -40.09
CA MET F 332 36.50 -14.73 -41.20
C MET F 332 35.52 -13.57 -41.13
N ALA F 333 34.25 -13.87 -40.87
CA ALA F 333 33.24 -12.81 -40.76
C ALA F 333 33.58 -11.84 -39.63
N GLU F 334 33.84 -12.37 -38.42
CA GLU F 334 34.04 -11.48 -37.29
C GLU F 334 35.35 -10.71 -37.38
N MET F 335 36.43 -11.37 -37.79
CA MET F 335 37.69 -10.67 -38.03
C MET F 335 37.51 -9.61 -39.11
N PHE F 336 36.77 -9.93 -40.17
CA PHE F 336 36.52 -8.97 -41.23
C PHE F 336 35.78 -7.76 -40.69
N ARG F 337 34.89 -7.97 -39.71
CA ARG F 337 34.27 -6.84 -39.05
C ARG F 337 35.19 -6.19 -38.03
N LEU F 338 36.14 -6.94 -37.45
CA LEU F 338 37.15 -6.33 -36.59
C LEU F 338 38.11 -5.47 -37.40
N ILE F 339 38.40 -5.87 -38.63
CA ILE F 339 39.21 -5.07 -39.53
C ILE F 339 38.28 -4.18 -40.37
N ASP F 340 37.04 -4.06 -39.94
CA ASP F 340 36.11 -3.08 -40.49
C ASP F 340 35.31 -2.44 -39.35
N THR F 341 36.02 -2.00 -38.31
CA THR F 341 35.36 -1.37 -37.17
C THR F 341 35.02 0.06 -37.51
N HIS F 342 34.66 0.32 -38.78
CA HIS F 342 34.31 1.64 -39.28
C HIS F 342 35.45 2.63 -39.01
N ILE F 343 36.52 2.49 -39.80
CA ILE F 343 37.63 3.41 -39.68
C ILE F 343 37.15 4.82 -39.99
N GLU F 344 37.40 5.73 -39.06
CA GLU F 344 36.76 7.05 -39.10
C GLU F 344 37.22 7.86 -40.30
N VAL F 345 38.51 8.14 -40.37
CA VAL F 345 39.07 9.01 -41.39
C VAL F 345 39.37 8.20 -42.64
N ALA F 346 38.89 8.68 -43.79
CA ALA F 346 39.13 8.03 -45.07
C ALA F 346 39.26 9.11 -46.13
N ASP F 347 39.98 8.80 -47.20
CA ASP F 347 40.16 9.75 -48.28
C ASP F 347 38.87 9.87 -49.09
N VAL F 348 38.55 11.09 -49.50
CA VAL F 348 37.37 11.33 -50.32
C VAL F 348 37.67 10.79 -51.72
N PRO F 349 36.64 10.43 -52.50
CA PRO F 349 36.89 9.88 -53.84
C PRO F 349 37.65 10.85 -54.73
N ASN F 350 38.70 10.35 -55.37
CA ASN F 350 39.57 11.14 -56.24
C ASN F 350 40.10 12.38 -55.54
N ALA F 351 40.66 12.17 -54.35
CA ALA F 351 41.20 13.28 -53.58
C ALA F 351 42.52 13.74 -54.19
N PRO F 352 42.73 15.04 -54.36
CA PRO F 352 44.01 15.53 -54.88
C PRO F 352 45.05 15.53 -53.76
N ALA F 353 46.27 15.93 -54.13
CA ALA F 353 47.37 15.98 -53.18
C ALA F 353 47.49 17.37 -52.58
N LEU F 354 47.97 17.43 -51.34
CA LEU F 354 48.15 18.71 -50.68
C LEU F 354 49.34 19.45 -51.28
N VAL F 355 49.12 20.69 -51.67
CA VAL F 355 50.17 21.52 -52.25
C VAL F 355 50.51 22.57 -51.20
N VAL F 356 51.63 22.36 -50.52
CA VAL F 356 52.03 23.27 -49.45
C VAL F 356 53.05 24.26 -50.00
N ASN F 357 52.56 25.34 -50.60
CA ASN F 357 53.44 26.41 -51.03
C ASN F 357 53.70 27.38 -49.88
N ARG F 358 52.67 27.68 -49.09
CA ARG F 358 52.78 28.58 -47.95
C ARG F 358 52.20 27.88 -46.73
N PRO F 359 53.04 27.40 -45.80
CA PRO F 359 52.54 26.54 -44.72
C PRO F 359 51.74 27.26 -43.64
N SER F 360 50.52 27.68 -43.94
CA SER F 360 49.65 28.31 -42.96
C SER F 360 48.65 27.29 -42.41
N VAL F 361 48.16 27.57 -41.21
CA VAL F 361 47.21 26.70 -40.52
C VAL F 361 46.02 27.53 -40.07
N THR F 362 44.82 26.98 -40.24
CA THR F 362 43.59 27.69 -39.92
C THR F 362 42.61 26.73 -39.25
N PHE F 363 42.13 27.10 -38.06
CA PHE F 363 41.07 26.39 -37.36
C PHE F 363 39.81 27.23 -37.49
N ASP F 364 38.84 26.75 -38.29
CA ASP F 364 37.62 27.49 -38.60
C ASP F 364 36.45 26.85 -37.83
N ASN F 365 36.13 27.42 -36.68
CA ASN F 365 34.97 27.04 -35.87
C ASN F 365 34.92 25.53 -35.63
N VAL F 366 36.07 24.97 -35.26
CA VAL F 366 36.18 23.53 -35.06
C VAL F 366 35.43 23.15 -33.79
N VAL F 367 34.44 22.26 -33.94
CA VAL F 367 33.72 21.67 -32.82
C VAL F 367 34.03 20.18 -32.85
N PHE F 368 34.64 19.68 -31.77
CA PHE F 368 35.05 18.29 -31.75
C PHE F 368 35.00 17.73 -30.33
N GLY F 369 34.66 16.46 -30.26
CA GLY F 369 34.82 15.69 -29.04
C GLY F 369 35.14 14.26 -29.41
N TYR F 370 35.84 13.56 -28.51
CA TYR F 370 36.19 12.18 -28.78
C TYR F 370 34.95 11.28 -28.76
N ASP F 371 34.14 11.41 -27.71
CA ASP F 371 32.87 10.70 -27.61
C ASP F 371 31.73 11.71 -27.62
N ARG F 372 30.57 11.27 -28.12
CA ARG F 372 29.45 12.18 -28.28
C ARG F 372 28.89 12.67 -26.95
N ASP F 373 29.20 12.00 -25.84
CA ASP F 373 28.67 12.41 -24.54
C ASP F 373 29.52 13.50 -23.90
N ARG F 374 30.66 13.85 -24.48
CA ARG F 374 31.52 14.91 -23.97
C ARG F 374 32.16 15.66 -25.12
N GLU F 375 31.84 16.94 -25.26
CA GLU F 375 32.43 17.78 -26.29
C GLU F 375 33.65 18.47 -25.71
N ILE F 376 34.75 18.45 -26.46
CA ILE F 376 36.03 18.96 -25.97
C ILE F 376 36.36 20.33 -26.55
N LEU F 377 36.20 20.48 -27.87
CA LEU F 377 36.46 21.74 -28.55
C LEU F 377 35.13 22.39 -28.90
N HIS F 378 34.90 23.60 -28.39
CA HIS F 378 33.64 24.32 -28.56
C HIS F 378 33.86 25.49 -29.51
N GLY F 379 33.88 25.20 -30.80
CA GLY F 379 34.01 26.24 -31.81
C GLY F 379 35.31 27.00 -31.74
N LEU F 380 36.42 26.31 -31.97
CA LEU F 380 37.74 26.92 -31.90
C LEU F 380 38.14 27.47 -33.26
N SER F 381 38.63 28.71 -33.29
CA SER F 381 39.04 29.36 -34.53
C SER F 381 40.31 30.16 -34.27
N PHE F 382 41.36 29.88 -35.05
CA PHE F 382 42.58 30.68 -34.97
C PHE F 382 43.36 30.53 -36.26
N GLU F 383 44.33 31.42 -36.45
CA GLU F 383 45.11 31.48 -37.69
C GLU F 383 46.59 31.52 -37.35
N VAL F 384 47.28 30.40 -37.56
CA VAL F 384 48.73 30.33 -37.44
C VAL F 384 49.33 30.66 -38.80
N ALA F 385 50.00 31.81 -38.89
CA ALA F 385 50.54 32.27 -40.16
C ALA F 385 51.73 31.42 -40.59
N ALA F 386 51.91 31.31 -41.91
CA ALA F 386 53.00 30.52 -42.46
C ALA F 386 54.35 31.10 -42.06
N GLY F 387 55.25 30.24 -41.59
CA GLY F 387 56.56 30.66 -41.16
C GLY F 387 56.61 31.26 -39.77
N SER F 388 55.46 31.46 -39.12
CA SER F 388 55.45 32.02 -37.78
C SER F 388 55.76 30.92 -36.76
N ARG F 389 55.92 31.35 -35.50
CA ARG F 389 56.26 30.45 -34.40
C ARG F 389 55.27 30.70 -33.27
N VAL F 390 54.16 29.97 -33.31
CA VAL F 390 53.03 30.18 -32.41
C VAL F 390 53.09 29.16 -31.28
N ALA F 391 52.70 29.59 -30.08
CA ALA F 391 52.64 28.71 -28.92
C ALA F 391 51.20 28.49 -28.50
N ILE F 392 50.95 27.36 -27.84
CA ILE F 392 49.64 26.99 -27.33
C ILE F 392 49.81 26.59 -25.87
N VAL F 393 49.27 27.38 -24.96
CA VAL F 393 49.37 27.11 -23.53
C VAL F 393 47.97 27.00 -22.95
N GLY F 394 47.90 26.47 -21.73
CA GLY F 394 46.64 26.31 -21.03
C GLY F 394 46.72 25.29 -19.92
N PRO F 395 45.68 25.21 -19.10
CA PRO F 395 45.67 24.23 -18.01
C PRO F 395 45.52 22.82 -18.54
N SER F 396 45.72 21.86 -17.63
CA SER F 396 45.66 20.45 -17.99
C SER F 396 44.22 20.05 -18.30
N GLY F 397 43.99 19.63 -19.55
CA GLY F 397 42.67 19.26 -20.01
C GLY F 397 42.00 20.26 -20.92
N ALA F 398 42.69 21.35 -21.28
CA ALA F 398 42.06 22.36 -22.13
C ALA F 398 41.85 21.86 -23.55
N GLY F 399 42.68 20.92 -24.00
CA GLY F 399 42.51 20.36 -25.34
C GLY F 399 43.58 20.76 -26.33
N LYS F 400 44.83 20.90 -25.88
CA LYS F 400 45.92 21.25 -26.78
C LYS F 400 46.39 20.04 -27.59
N SER F 401 46.64 18.92 -26.93
CA SER F 401 46.96 17.69 -27.66
C SER F 401 45.81 17.28 -28.57
N THR F 402 44.57 17.67 -28.23
CA THR F 402 43.46 17.46 -29.17
C THR F 402 43.65 18.27 -30.43
N ILE F 403 44.12 19.52 -30.29
CA ILE F 403 44.47 20.33 -31.46
C ILE F 403 45.54 19.61 -32.27
N ALA F 404 46.55 19.07 -31.60
CA ALA F 404 47.62 18.37 -32.31
C ALA F 404 47.09 17.17 -33.08
N ARG F 405 46.21 16.38 -32.45
CA ARG F 405 45.68 15.20 -33.11
C ARG F 405 44.72 15.56 -34.25
N LEU F 406 43.97 16.65 -34.11
CA LEU F 406 43.07 17.07 -35.18
C LEU F 406 43.86 17.62 -36.37
N LEU F 407 44.98 18.32 -36.11
CA LEU F 407 45.79 18.81 -37.22
C LEU F 407 46.34 17.66 -38.05
N PHE F 408 46.69 16.56 -37.40
CA PHE F 408 47.16 15.36 -38.10
C PHE F 408 46.03 14.51 -38.65
N ARG F 409 44.79 14.91 -38.41
CA ARG F 409 43.59 14.20 -38.88
C ARG F 409 43.58 12.74 -38.39
N PHE F 410 43.86 12.56 -37.10
CA PHE F 410 43.53 11.29 -36.46
C PHE F 410 42.03 11.16 -36.26
N TYR F 411 41.34 12.29 -36.10
CA TYR F 411 39.89 12.33 -36.03
C TYR F 411 39.40 13.48 -36.90
N ASP F 412 38.12 13.42 -37.27
CA ASP F 412 37.52 14.54 -37.98
C ASP F 412 36.61 15.35 -37.07
N PRO F 413 36.58 16.67 -37.20
CA PRO F 413 35.75 17.48 -36.33
C PRO F 413 34.27 17.32 -36.64
N TRP F 414 33.44 17.55 -35.62
CA TRP F 414 32.00 17.51 -35.81
C TRP F 414 31.54 18.67 -36.69
N GLU F 415 31.96 19.89 -36.35
CA GLU F 415 31.64 21.08 -37.11
C GLU F 415 32.93 21.86 -37.35
N GLY F 416 32.87 22.81 -38.28
CA GLY F 416 34.04 23.58 -38.65
C GLY F 416 35.01 22.75 -39.47
N ARG F 417 36.16 23.35 -39.77
CA ARG F 417 37.16 22.65 -40.58
C ARG F 417 38.54 23.17 -40.24
N ILE F 418 39.54 22.50 -40.82
CA ILE F 418 40.94 22.85 -40.64
C ILE F 418 41.57 23.01 -42.02
N LEU F 419 42.34 24.08 -42.20
CA LEU F 419 42.94 24.41 -43.49
C LEU F 419 44.45 24.49 -43.36
N ILE F 420 45.14 23.94 -44.36
CA ILE F 420 46.59 24.10 -44.51
C ILE F 420 46.84 24.71 -45.88
N ASP F 421 47.31 25.95 -45.90
CA ASP F 421 47.48 26.73 -47.13
C ASP F 421 46.17 26.82 -47.90
N GLY F 422 45.09 27.12 -47.18
CA GLY F 422 43.79 27.31 -47.78
C GLY F 422 43.09 26.06 -48.27
N GLN F 423 43.66 24.89 -48.04
CA GLN F 423 43.09 23.62 -48.49
C GLN F 423 42.54 22.86 -47.30
N ASP F 424 41.31 22.37 -47.43
CA ASP F 424 40.66 21.64 -46.35
C ASP F 424 41.35 20.30 -46.13
N ILE F 425 41.74 20.03 -44.88
CA ILE F 425 42.42 18.78 -44.54
C ILE F 425 41.55 17.58 -44.90
N ALA F 426 40.23 17.71 -44.76
CA ALA F 426 39.32 16.61 -45.07
C ALA F 426 39.20 16.35 -46.56
N HIS F 427 39.69 17.27 -47.41
CA HIS F 427 39.59 17.14 -48.86
C HIS F 427 40.92 16.78 -49.50
N VAL F 428 41.88 16.29 -48.72
CA VAL F 428 43.20 15.94 -49.22
C VAL F 428 43.57 14.54 -48.77
N THR F 429 44.36 13.85 -49.59
CA THR F 429 44.87 12.54 -49.22
C THR F 429 45.66 12.61 -47.93
N GLN F 430 45.47 11.61 -47.07
CA GLN F 430 46.17 11.60 -45.78
C GLN F 430 47.68 11.53 -45.96
N THR F 431 48.15 10.89 -47.03
CA THR F 431 49.59 10.71 -47.21
C THR F 431 50.30 12.05 -47.36
N SER F 432 49.82 12.91 -48.26
CA SER F 432 50.46 14.20 -48.47
C SER F 432 50.31 15.10 -47.24
N LEU F 433 49.14 15.09 -46.63
CA LEU F 433 48.92 15.88 -45.41
C LEU F 433 49.91 15.52 -44.33
N ARG F 434 50.01 14.22 -44.02
CA ARG F 434 50.91 13.76 -42.96
C ARG F 434 52.38 13.88 -43.38
N ALA F 435 52.66 13.92 -44.68
CA ALA F 435 54.03 14.19 -45.12
C ALA F 435 54.38 15.66 -44.92
N ALA F 436 53.39 16.55 -44.97
CA ALA F 436 53.63 17.97 -44.74
C ALA F 436 53.72 18.33 -43.26
N LEU F 437 53.41 17.39 -42.36
CA LEU F 437 53.40 17.64 -40.93
C LEU F 437 54.49 16.83 -40.23
N GLY F 438 55.07 17.43 -39.19
CA GLY F 438 56.01 16.74 -38.33
C GLY F 438 55.70 16.97 -36.87
N ILE F 439 55.34 15.90 -36.16
CA ILE F 439 54.82 16.00 -34.81
C ILE F 439 55.80 15.36 -33.84
N VAL F 440 56.12 16.09 -32.77
CA VAL F 440 56.79 15.51 -31.60
C VAL F 440 55.70 15.24 -30.56
N PRO F 441 55.32 13.99 -30.33
CA PRO F 441 54.14 13.73 -29.50
C PRO F 441 54.41 13.99 -28.02
N GLN F 442 53.33 14.12 -27.27
CA GLN F 442 53.45 14.30 -25.82
C GLN F 442 53.99 13.02 -25.17
N ASP F 443 53.56 11.86 -25.65
CA ASP F 443 54.04 10.57 -25.18
C ASP F 443 54.98 10.01 -26.24
N SER F 444 56.28 10.16 -26.04
CA SER F 444 57.26 9.69 -27.00
C SER F 444 57.49 8.19 -26.82
N VAL F 445 57.33 7.44 -27.90
CA VAL F 445 57.51 5.99 -27.91
C VAL F 445 58.53 5.65 -28.97
N LEU F 446 59.53 4.85 -28.60
CA LEU F 446 60.62 4.49 -29.49
C LEU F 446 60.53 3.01 -29.85
N PHE F 447 61.15 2.67 -30.97
CA PHE F 447 61.23 1.28 -31.39
C PHE F 447 62.28 0.55 -30.56
N ASN F 448 62.06 -0.77 -30.38
CA ASN F 448 63.00 -1.60 -29.64
C ASN F 448 64.21 -1.88 -30.52
N ASP F 449 65.00 -0.83 -30.74
CA ASP F 449 66.14 -0.88 -31.64
C ASP F 449 67.23 0.03 -31.07
N THR F 450 68.12 0.49 -31.94
CA THR F 450 69.21 1.37 -31.54
C THR F 450 68.82 2.84 -31.72
N ILE F 451 69.62 3.72 -31.12
CA ILE F 451 69.38 5.16 -31.24
C ILE F 451 69.48 5.58 -32.71
N GLY F 452 70.45 5.02 -33.43
CA GLY F 452 70.62 5.39 -34.83
C GLY F 452 69.42 5.06 -35.69
N TYR F 453 68.88 3.85 -35.51
CA TYR F 453 67.71 3.46 -36.29
C TYR F 453 66.52 4.37 -35.97
N ASN F 454 66.32 4.69 -34.69
CA ASN F 454 65.21 5.56 -34.32
C ASN F 454 65.36 6.94 -34.95
N ILE F 455 66.55 7.52 -34.87
CA ILE F 455 66.76 8.86 -35.43
C ILE F 455 66.62 8.82 -36.95
N ALA F 456 67.12 7.77 -37.60
CA ALA F 456 67.03 7.68 -39.04
C ALA F 456 65.62 7.33 -39.51
N TYR F 457 64.75 6.86 -38.61
CA TYR F 457 63.38 6.53 -38.97
C TYR F 457 62.61 7.75 -39.48
N GLY F 458 63.13 8.96 -39.27
CA GLY F 458 62.41 10.15 -39.71
C GLY F 458 62.17 10.19 -41.21
N ARG F 459 63.10 9.66 -41.99
CA ARG F 459 62.96 9.58 -43.43
C ARG F 459 63.46 8.24 -43.91
N ASP F 460 62.74 7.63 -44.85
CA ASP F 460 63.13 6.34 -45.39
C ASP F 460 64.45 6.49 -46.15
N GLY F 461 65.46 5.75 -45.74
CA GLY F 461 66.76 5.84 -46.38
C GLY F 461 67.54 7.08 -46.03
N ALA F 462 67.43 7.56 -44.79
CA ALA F 462 68.16 8.75 -44.38
C ALA F 462 69.66 8.47 -44.33
N SER F 463 70.45 9.46 -44.71
CA SER F 463 71.90 9.33 -44.75
C SER F 463 72.51 9.64 -43.40
N ARG F 464 73.77 9.22 -43.23
CA ARG F 464 74.50 9.53 -42.00
C ARG F 464 74.63 11.02 -41.77
N ALA F 465 74.74 11.79 -42.86
CA ALA F 465 74.82 13.25 -42.71
C ALA F 465 73.53 13.81 -42.09
N GLU F 466 72.38 13.34 -42.57
CA GLU F 466 71.10 13.82 -42.02
C GLU F 466 70.95 13.42 -40.57
N VAL F 467 71.32 12.18 -40.23
CA VAL F 467 71.21 11.71 -38.85
C VAL F 467 72.11 12.52 -37.93
N ASP F 468 73.35 12.78 -38.37
CA ASP F 468 74.27 13.56 -37.56
C ASP F 468 73.79 15.00 -37.39
N ALA F 469 73.25 15.60 -38.47
CA ALA F 469 72.75 16.96 -38.38
C ALA F 469 71.56 17.05 -37.43
N ALA F 470 70.66 16.06 -37.48
CA ALA F 470 69.52 16.08 -36.57
C ALA F 470 69.93 15.84 -35.13
N ALA F 471 70.88 14.92 -34.91
CA ALA F 471 71.38 14.69 -33.56
C ALA F 471 72.08 15.92 -33.01
N LYS F 472 72.77 16.68 -33.87
CA LYS F 472 73.35 17.94 -33.44
C LYS F 472 72.27 18.97 -33.16
N GLY F 473 71.17 18.94 -33.90
CA GLY F 473 70.06 19.85 -33.64
C GLY F 473 69.25 19.48 -32.42
N ALA F 474 69.22 18.19 -32.07
CA ALA F 474 68.48 17.72 -30.91
C ALA F 474 69.33 17.65 -29.64
N ALA F 475 70.58 18.10 -29.69
CA ALA F 475 71.45 18.20 -28.51
C ALA F 475 71.71 16.84 -27.86
N ILE F 476 71.94 15.81 -28.68
CA ILE F 476 72.37 14.51 -28.20
C ILE F 476 73.65 14.02 -28.86
N ALA F 477 74.26 14.81 -29.75
CA ALA F 477 75.48 14.39 -30.41
C ALA F 477 76.58 14.04 -29.40
N ASP F 478 76.73 14.87 -28.36
CA ASP F 478 77.74 14.59 -27.34
C ASP F 478 77.39 13.34 -26.54
N PHE F 479 76.10 13.17 -26.21
CA PHE F 479 75.67 11.99 -25.48
C PHE F 479 75.94 10.72 -26.27
N ILE F 480 75.54 10.70 -27.55
CA ILE F 480 75.78 9.53 -28.38
C ILE F 480 77.27 9.30 -28.56
N ALA F 481 78.05 10.39 -28.67
CA ALA F 481 79.48 10.26 -28.83
C ALA F 481 80.14 9.60 -27.62
N ARG F 482 79.68 9.95 -26.41
CA ARG F 482 80.24 9.36 -25.21
C ARG F 482 79.72 7.95 -24.92
N LEU F 483 78.91 7.37 -25.80
CA LEU F 483 78.39 6.03 -25.61
C LEU F 483 79.35 4.98 -26.19
N PRO F 484 79.55 3.86 -25.48
CA PRO F 484 80.48 2.84 -25.98
C PRO F 484 80.09 2.27 -27.35
N GLN F 485 78.80 2.12 -27.62
CA GLN F 485 78.34 1.67 -28.94
C GLN F 485 77.80 2.81 -29.79
N GLY F 486 77.72 4.02 -29.25
CA GLY F 486 77.30 5.16 -30.07
C GLY F 486 75.87 4.97 -30.56
N TYR F 487 75.70 5.14 -31.88
CA TYR F 487 74.38 4.99 -32.49
C TYR F 487 73.83 3.57 -32.36
N ASP F 488 74.65 2.60 -32.01
CA ASP F 488 74.22 1.20 -31.90
C ASP F 488 73.79 0.81 -30.48
N THR F 489 73.71 1.77 -29.56
CA THR F 489 73.24 1.48 -28.21
C THR F 489 71.77 1.12 -28.23
N GLU F 490 71.42 0.02 -27.57
CA GLU F 490 70.03 -0.41 -27.51
C GLU F 490 69.23 0.47 -26.56
N VAL F 491 68.04 0.90 -27.01
CA VAL F 491 67.18 1.76 -26.21
C VAL F 491 66.13 0.99 -25.42
N GLY F 492 65.97 -0.31 -25.67
CA GLY F 492 64.95 -1.08 -25.01
C GLY F 492 63.56 -0.88 -25.59
N GLU F 493 62.59 -1.55 -24.96
CA GLU F 493 61.20 -1.44 -25.40
C GLU F 493 60.64 -0.07 -25.06
N ARG F 494 60.11 0.62 -26.08
CA ARG F 494 59.56 1.97 -25.95
C ARG F 494 60.60 2.98 -25.48
N GLY F 495 61.89 2.68 -25.69
CA GLY F 495 62.94 3.59 -25.31
C GLY F 495 63.09 3.79 -23.82
N LEU F 496 62.74 2.77 -23.02
CA LEU F 496 62.80 2.90 -21.57
C LEU F 496 64.23 2.94 -21.04
N LYS F 497 65.19 2.38 -21.78
CA LYS F 497 66.58 2.42 -21.33
C LYS F 497 67.19 3.82 -21.46
N LEU F 498 66.57 4.70 -22.24
CA LEU F 498 66.99 6.09 -22.27
C LEU F 498 66.28 6.88 -21.18
N SER F 499 66.84 8.03 -20.86
CA SER F 499 66.19 8.94 -19.93
C SER F 499 65.05 9.67 -20.62
N GLY F 500 64.28 10.42 -19.81
CA GLY F 500 63.19 11.19 -20.38
C GLY F 500 63.66 12.24 -21.37
N GLY F 501 64.68 13.01 -20.97
CA GLY F 501 65.21 14.02 -21.86
C GLY F 501 65.85 13.42 -23.10
N GLU F 502 66.56 12.29 -22.94
CA GLU F 502 67.16 11.63 -24.10
C GLU F 502 66.08 11.11 -25.05
N LYS F 503 65.01 10.54 -24.51
CA LYS F 503 63.92 10.05 -25.34
C LYS F 503 63.25 11.21 -26.10
N GLN F 504 62.98 12.32 -25.40
CA GLN F 504 62.40 13.48 -26.06
C GLN F 504 63.31 14.01 -27.14
N ARG F 505 64.61 14.08 -26.89
CA ARG F 505 65.54 14.59 -27.88
C ARG F 505 65.68 13.63 -29.06
N VAL F 506 65.57 12.33 -28.83
CA VAL F 506 65.55 11.38 -29.94
C VAL F 506 64.32 11.61 -30.82
N ALA F 507 63.17 11.87 -30.19
CA ALA F 507 61.96 12.17 -30.96
C ALA F 507 62.14 13.46 -31.77
N ILE F 508 62.73 14.48 -31.16
CA ILE F 508 63.01 15.73 -31.88
C ILE F 508 63.94 15.47 -33.04
N ALA F 509 64.95 14.61 -32.85
CA ALA F 509 65.87 14.28 -33.93
C ALA F 509 65.16 13.55 -35.06
N ARG F 510 64.23 12.66 -34.73
CA ARG F 510 63.43 12.01 -35.77
C ARG F 510 62.68 13.05 -36.59
N THR F 511 61.96 13.95 -35.91
CA THR F 511 61.18 14.95 -36.62
C THR F 511 62.06 15.91 -37.42
N LEU F 512 63.32 16.10 -36.99
CA LEU F 512 64.24 16.92 -37.75
C LEU F 512 64.73 16.18 -38.99
N VAL F 513 64.97 14.87 -38.87
CA VAL F 513 65.30 14.06 -40.04
C VAL F 513 64.19 14.12 -41.06
N LYS F 514 62.93 14.04 -40.60
CA LYS F 514 61.81 14.16 -41.52
C LYS F 514 61.80 15.52 -42.21
N ASN F 515 62.07 16.59 -41.46
CA ASN F 515 62.16 17.96 -41.95
C ASN F 515 60.94 18.36 -42.78
N PRO F 516 59.77 18.50 -42.16
CA PRO F 516 58.58 18.91 -42.90
C PRO F 516 58.42 20.42 -42.89
N PRO F 517 57.50 20.96 -43.69
CA PRO F 517 57.27 22.41 -43.65
C PRO F 517 56.60 22.89 -42.37
N ILE F 518 55.75 22.06 -41.76
CA ILE F 518 55.02 22.41 -40.55
C ILE F 518 55.52 21.52 -39.42
N LEU F 519 55.80 22.12 -38.27
CA LEU F 519 56.37 21.43 -37.12
C LEU F 519 55.52 21.71 -35.88
N LEU F 520 55.26 20.66 -35.10
CA LEU F 520 54.42 20.77 -33.91
C LEU F 520 55.10 20.07 -32.73
N PHE F 521 55.46 20.85 -31.71
CA PHE F 521 56.11 20.35 -30.50
C PHE F 521 55.08 20.28 -29.38
N ASP F 522 54.50 19.09 -29.18
CA ASP F 522 53.53 18.87 -28.11
C ASP F 522 54.29 18.46 -26.86
N GLU F 523 54.59 19.44 -26.01
CA GLU F 523 55.30 19.21 -24.74
C GLU F 523 56.61 18.47 -24.99
N ALA F 524 57.39 18.98 -25.94
CA ALA F 524 58.56 18.27 -26.42
C ALA F 524 59.76 18.40 -25.49
N THR F 525 59.84 19.46 -24.70
CA THR F 525 60.99 19.71 -23.84
C THR F 525 60.63 19.69 -22.36
N SER F 526 59.55 19.01 -22.00
CA SER F 526 59.14 18.99 -20.59
C SER F 526 60.11 18.19 -19.73
N ALA F 527 60.75 17.17 -20.30
CA ALA F 527 61.71 16.34 -19.58
C ALA F 527 63.15 16.79 -19.81
N LEU F 528 63.35 18.05 -20.19
CA LEU F 528 64.68 18.59 -20.46
C LEU F 528 64.98 19.72 -19.47
N ASP F 529 66.25 19.79 -19.04
CA ASP F 529 66.68 20.96 -18.31
C ASP F 529 66.62 22.18 -19.23
N THR F 530 66.49 23.36 -18.61
CA THR F 530 66.29 24.57 -19.40
C THR F 530 67.47 24.86 -20.33
N ARG F 531 68.67 24.43 -19.94
CA ARG F 531 69.85 24.69 -20.76
C ARG F 531 69.80 23.93 -22.07
N THR F 532 69.58 22.61 -21.99
CA THR F 532 69.46 21.80 -23.21
C THR F 532 68.29 22.27 -24.07
N GLU F 533 67.17 22.63 -23.42
CA GLU F 533 66.02 23.13 -24.15
C GLU F 533 66.38 24.39 -24.94
N GLN F 534 67.05 25.33 -24.31
CA GLN F 534 67.41 26.57 -25.01
C GLN F 534 68.46 26.32 -26.08
N ASP F 535 69.36 25.35 -25.87
CA ASP F 535 70.28 24.94 -26.94
C ASP F 535 69.52 24.46 -28.16
N ILE F 536 68.55 23.55 -27.95
CA ILE F 536 67.76 23.03 -29.05
C ILE F 536 67.01 24.16 -29.76
N LEU F 537 66.40 25.06 -28.99
CA LEU F 537 65.62 26.13 -29.59
C LEU F 537 66.51 27.09 -30.38
N SER F 538 67.70 27.39 -29.86
CA SER F 538 68.61 28.28 -30.60
C SER F 538 69.10 27.63 -31.88
N THR F 539 69.43 26.33 -31.83
CA THR F 539 69.84 25.63 -33.04
C THR F 539 68.72 25.63 -34.07
N MET F 540 67.48 25.41 -33.64
CA MET F 540 66.35 25.43 -34.57
C MET F 540 66.17 26.81 -35.18
N ARG F 541 66.14 27.85 -34.34
CA ARG F 541 65.97 29.21 -34.86
C ARG F 541 67.12 29.58 -35.81
N ALA F 542 68.30 29.01 -35.62
CA ALA F 542 69.40 29.28 -36.53
C ALA F 542 69.20 28.58 -37.87
N VAL F 543 68.94 27.28 -37.85
CA VAL F 543 68.86 26.53 -39.10
C VAL F 543 67.51 26.66 -39.80
N ALA F 544 66.43 26.95 -39.08
CA ALA F 544 65.12 27.08 -39.71
C ALA F 544 64.92 28.48 -40.25
N SER F 545 64.29 28.56 -41.43
CA SER F 545 64.03 29.84 -42.08
C SER F 545 62.55 30.09 -42.30
N HIS F 546 61.85 29.18 -43.00
CA HIS F 546 60.45 29.37 -43.35
C HIS F 546 59.57 28.27 -42.77
N ARG F 547 59.97 27.71 -41.63
CA ARG F 547 59.21 26.66 -40.97
C ARG F 547 58.13 27.25 -40.08
N THR F 548 56.94 26.67 -40.13
CA THR F 548 55.88 26.98 -39.19
C THR F 548 56.04 26.08 -37.98
N THR F 549 56.00 26.66 -36.79
CA THR F 549 56.32 25.95 -35.55
C THR F 549 55.25 26.21 -34.50
N ILE F 550 54.39 25.21 -34.28
CA ILE F 550 53.42 25.25 -33.21
C ILE F 550 54.01 24.52 -32.00
N SER F 551 53.98 25.17 -30.84
CA SER F 551 54.60 24.62 -29.64
C SER F 551 53.59 24.61 -28.50
N ILE F 552 53.55 23.50 -27.76
CA ILE F 552 52.70 23.34 -26.60
C ILE F 552 53.60 23.08 -25.40
N ALA F 553 53.40 23.82 -24.31
CA ALA F 553 54.26 23.68 -23.15
C ALA F 553 53.56 24.27 -21.94
N HIS F 554 53.73 23.62 -20.78
CA HIS F 554 53.28 24.20 -19.53
C HIS F 554 54.33 25.14 -18.94
N ARG F 555 55.61 24.84 -19.14
CA ARG F 555 56.69 25.71 -18.72
C ARG F 555 56.78 26.89 -19.69
N LEU F 556 56.36 28.06 -19.23
CA LEU F 556 56.18 29.21 -20.10
C LEU F 556 57.49 29.80 -20.62
N SER F 557 58.60 29.60 -19.90
CA SER F 557 59.88 30.11 -20.37
C SER F 557 60.26 29.54 -21.72
N THR F 558 59.75 28.35 -22.06
CA THR F 558 60.01 27.76 -23.36
C THR F 558 59.39 28.57 -24.49
N ILE F 559 58.26 29.24 -24.23
CA ILE F 559 57.44 29.84 -25.27
C ILE F 559 57.31 31.34 -25.11
N ALA F 560 58.13 31.97 -24.27
CA ALA F 560 58.01 33.41 -24.03
C ALA F 560 58.30 34.20 -25.29
N ASP F 561 59.26 33.76 -26.10
CA ASP F 561 59.67 34.47 -27.31
C ASP F 561 58.86 34.07 -28.54
N SER F 562 57.65 33.55 -28.35
CA SER F 562 56.83 33.17 -29.49
C SER F 562 56.27 34.40 -30.20
N ASP F 563 55.97 34.23 -31.49
CA ASP F 563 55.33 35.30 -32.25
C ASP F 563 53.94 35.60 -31.70
N THR F 564 53.15 34.54 -31.47
CA THR F 564 51.83 34.66 -30.89
C THR F 564 51.62 33.51 -29.92
N ILE F 565 50.84 33.76 -28.88
CA ILE F 565 50.48 32.77 -27.87
C ILE F 565 48.97 32.67 -27.84
N LEU F 566 48.45 31.44 -27.93
CA LEU F 566 47.03 31.13 -27.86
C LEU F 566 46.75 30.47 -26.52
N VAL F 567 45.94 31.13 -25.70
CA VAL F 567 45.54 30.58 -24.41
C VAL F 567 44.27 29.76 -24.60
N LEU F 568 44.34 28.47 -24.29
CA LEU F 568 43.22 27.55 -24.41
C LEU F 568 42.71 27.20 -23.03
N ASP F 569 41.40 27.27 -22.84
CA ASP F 569 40.78 26.97 -21.55
C ASP F 569 39.43 26.31 -21.78
N GLN F 570 39.28 25.08 -21.29
CA GLN F 570 38.03 24.32 -21.39
C GLN F 570 37.57 24.18 -22.84
N GLY F 571 38.50 24.15 -23.78
CA GLY F 571 38.16 23.98 -25.17
C GLY F 571 37.73 25.24 -25.90
N ARG F 572 38.08 26.42 -25.38
CA ARG F 572 37.76 27.68 -26.01
C ARG F 572 38.97 28.59 -25.97
N LEU F 573 39.21 29.30 -27.07
CA LEU F 573 40.32 30.25 -27.15
C LEU F 573 40.02 31.45 -26.26
N ALA F 574 40.77 31.58 -25.16
CA ALA F 574 40.52 32.66 -24.21
C ALA F 574 41.27 33.93 -24.59
N GLU F 575 42.58 33.84 -24.79
CA GLU F 575 43.40 34.99 -25.11
C GLU F 575 44.32 34.67 -26.28
N GLN F 576 44.86 35.72 -26.88
CA GLN F 576 45.76 35.58 -28.02
C GLN F 576 46.63 36.83 -28.11
N GLY F 577 47.91 36.63 -28.32
CA GLY F 577 48.81 37.75 -28.49
C GLY F 577 50.22 37.42 -28.03
N SER F 578 51.08 38.43 -28.11
CA SER F 578 52.47 38.22 -27.71
C SER F 578 52.57 38.12 -26.18
N HIS F 579 53.75 37.70 -25.72
CA HIS F 579 53.98 37.57 -24.28
C HIS F 579 53.81 38.90 -23.56
N LEU F 580 54.42 39.95 -24.11
CA LEU F 580 54.31 41.27 -23.48
C LEU F 580 52.88 41.77 -23.51
N ASP F 581 52.17 41.55 -24.62
CA ASP F 581 50.77 41.95 -24.71
C ASP F 581 49.93 41.21 -23.68
N LEU F 582 50.10 39.90 -23.57
CA LEU F 582 49.30 39.12 -22.63
C LEU F 582 49.61 39.48 -21.19
N LEU F 583 50.87 39.77 -20.88
CA LEU F 583 51.21 40.21 -19.53
C LEU F 583 50.62 41.58 -19.23
N ARG F 584 50.66 42.49 -20.21
CA ARG F 584 50.13 43.83 -19.99
C ARG F 584 48.60 43.83 -19.95
N ARG F 585 47.96 42.90 -20.64
CA ARG F 585 46.50 42.81 -20.57
C ARG F 585 46.02 42.26 -19.23
N ASP F 586 46.92 41.71 -18.41
CA ASP F 586 46.63 41.23 -17.06
C ASP F 586 45.46 40.24 -17.06
N GLY F 587 45.54 39.26 -17.94
CA GLY F 587 44.48 38.26 -18.08
C GLY F 587 44.86 36.93 -17.47
N LEU F 588 44.46 35.84 -18.14
CA LEU F 588 44.74 34.50 -17.62
C LEU F 588 46.20 34.13 -17.80
N TYR F 589 46.78 34.45 -18.96
CA TYR F 589 48.19 34.16 -19.18
C TYR F 589 49.06 34.93 -18.19
N ALA F 590 48.66 36.16 -17.86
CA ALA F 590 49.41 36.91 -16.85
C ALA F 590 49.37 36.21 -15.50
N GLU F 591 48.21 35.64 -15.13
CA GLU F 591 48.13 34.91 -13.87
C GLU F 591 49.01 33.66 -13.90
N MET F 592 48.97 32.92 -15.01
CA MET F 592 49.84 31.75 -15.14
C MET F 592 51.31 32.12 -15.00
N TRP F 593 51.73 33.19 -15.70
CA TRP F 593 53.13 33.57 -15.69
C TRP F 593 53.55 34.13 -14.34
N ALA F 594 52.63 34.80 -13.63
CA ALA F 594 52.96 35.28 -12.28
C ALA F 594 53.07 34.12 -11.30
N ARG F 595 52.19 33.12 -11.41
CA ARG F 595 52.26 31.99 -10.50
C ARG F 595 53.44 31.08 -10.80
N GLN F 596 53.87 31.02 -12.06
CA GLN F 596 55.00 30.15 -12.39
C GLN F 596 56.33 30.85 -12.13
N ALA F 597 56.39 32.16 -12.34
CA ALA F 597 57.58 32.92 -11.99
C ALA F 597 57.59 33.32 -10.53
N ALA F 598 56.79 32.65 -9.71
CA ALA F 598 56.72 32.90 -8.28
C ALA F 598 57.77 32.04 -7.59
N GLU F 599 58.42 32.61 -6.58
CA GLU F 599 59.52 31.91 -5.92
C GLU F 599 59.43 32.09 -4.41
N SER F 600 59.89 31.07 -3.69
CA SER F 600 59.83 31.05 -2.24
C SER F 600 61.05 30.36 -1.65
PG ANP G . -42.18 59.40 30.65
O1G ANP G . -43.64 59.53 30.34
O2G ANP G . -41.64 60.58 31.54
O3G ANP G . -41.44 59.47 29.26
PB ANP G . -42.28 57.88 32.98
O1B ANP G . -42.88 59.19 33.35
O2B ANP G . -43.36 56.77 33.14
N3B ANP G . -41.81 57.90 31.35
PA ANP G . -40.11 56.37 33.88
O1A ANP G . -39.90 55.92 32.49
O2A ANP G . -40.70 55.24 34.73
O3A ANP G . -41.15 57.57 34.01
O5' ANP G . -38.78 56.88 34.55
C5' ANP G . -38.88 57.40 35.89
C4' ANP G . -37.56 57.97 36.32
O4' ANP G . -36.60 56.91 36.44
C3' ANP G . -36.93 59.00 35.38
O3' ANP G . -36.31 60.05 36.11
C2' ANP G . -35.91 58.17 34.59
O2' ANP G . -34.82 58.97 34.13
C1' ANP G . -35.45 57.19 35.66
N9 ANP G . -34.96 55.92 35.11
C8 ANP G . -35.68 55.00 34.39
N7 ANP G . -35.00 53.94 34.05
C5 ANP G . -33.75 54.14 34.63
C6 ANP G . -32.58 53.38 34.65
N6 ANP G . -32.45 52.20 34.04
N1 ANP G . -31.52 53.88 35.31
C2 ANP G . -31.63 55.07 35.92
N3 ANP G . -32.68 55.88 35.96
C4 ANP G . -33.73 55.36 35.30
MG MG H . -42.55 56.21 30.23
PG ANP I . -46.95 58.87 11.32
O1G ANP I . -45.74 59.57 11.84
O2G ANP I . -47.06 57.47 12.03
O3G ANP I . -48.24 59.72 11.65
PB ANP I . -46.14 59.84 8.75
O1B ANP I . -44.97 60.42 9.48
O2B ANP I . -47.18 60.96 8.50
N3B ANP I . -46.86 58.61 9.64
PA ANP I . -44.17 58.86 7.06
O1A ANP I . -43.47 58.42 8.29
O2A ANP I . -43.49 60.05 6.37
O3A ANP I . -45.66 59.34 7.36
O5' ANP I . -44.29 57.68 6.02
C5' ANP I . -45.50 57.59 5.26
C4' ANP I . -45.54 56.33 4.45
O4' ANP I . -44.27 56.07 3.81
C3' ANP I . -45.84 55.07 5.28
O3' ANP I . -46.73 54.19 4.62
C2' ANP I . -44.45 54.45 5.49
O2' ANP I . -44.52 53.04 5.68
C1' ANP I . -43.79 54.79 4.16
N9 ANP I . -42.32 54.83 4.20
C8 ANP I . -41.54 55.72 4.88
N7 ANP I . -40.25 55.53 4.71
C5 ANP I . -40.19 54.46 3.83
C6 ANP I . -39.10 53.76 3.25
N6 ANP I . -37.83 54.07 3.48
N1 ANP I . -39.39 52.73 2.43
C2 ANP I . -40.67 52.43 2.20
N3 ANP I . -41.77 53.01 2.68
C4 ANP I . -41.46 54.02 3.50
MG MG J . -43.89 60.31 11.32
PG ANP K . -9.16 -48.12 -2.11
O1G ANP K . -10.54 -47.60 -1.89
O2G ANP K . -8.32 -47.12 -3.01
O3G ANP K . -8.45 -48.30 -0.71
PB ANP K . -9.96 -49.55 -4.40
O1B ANP K . -10.91 -50.68 -4.54
O2B ANP K . -8.85 -49.74 -5.47
N3B ANP K . -9.26 -49.63 -2.88
PA ANP K . -12.27 -48.01 -4.62
O1A ANP K . -13.02 -49.24 -5.03
O2A ANP K . -12.64 -47.51 -3.23
O3A ANP K . -10.69 -48.18 -4.65
O5' ANP K . -12.60 -46.97 -5.75
C5' ANP K . -12.61 -47.36 -7.13
C4' ANP K . -12.78 -46.15 -8.01
O4' ANP K . -14.17 -45.73 -8.00
C3' ANP K . -11.97 -44.91 -7.64
O3' ANP K . -11.48 -44.26 -8.80
C2' ANP K . -12.97 -44.05 -6.88
O2' ANP K . -12.67 -42.66 -6.97
C1' ANP K . -14.27 -44.37 -7.64
N9 ANP K . -15.47 -44.20 -6.83
C8 ANP K . -15.83 -44.91 -5.73
N7 ANP K . -16.99 -44.54 -5.21
C5 ANP K . -17.43 -43.55 -6.07
C6 ANP K . -18.59 -42.76 -6.09
N6 ANP K . -19.57 -42.86 -5.18
N1 ANP K . -18.72 -41.86 -7.08
C2 ANP K . -17.75 -41.75 -7.99
N3 ANP K . -16.61 -42.44 -8.08
C4 ANP K . -16.51 -43.33 -7.08
MG MG L . -11.37 -50.80 -1.83
PG ANP M . -4.63 -48.64 17.19
O1G ANP M . -4.36 -49.12 15.80
O2G ANP M . -5.35 -47.23 17.11
O3G ANP M . -5.53 -49.72 17.92
PB ANP M . -3.21 -47.21 19.13
O1B ANP M . -2.30 -47.52 20.27
O2B ANP M . -2.73 -45.90 18.43
N3B ANP M . -3.16 -48.48 18.02
PA ANP M . -5.07 -45.60 20.32
O1A ANP M . -6.10 -44.91 19.49
O2A ANP M . -3.81 -44.78 20.56
O3A ANP M . -4.66 -47.00 19.66
O5' ANP M . -5.77 -45.98 21.68
C5' ANP M . -5.00 -46.35 22.84
C4' ANP M . -5.93 -46.83 23.93
O4' ANP M . -6.66 -45.71 24.48
C3' ANP M . -6.97 -47.86 23.51
O3' ANP M . -7.14 -48.85 24.52
C2' ANP M . -8.23 -47.02 23.32
O2' ANP M . -9.43 -47.76 23.52
C1' ANP M . -8.05 -45.97 24.41
N9 ANP M . -8.73 -44.70 24.14
C8 ANP M . -8.46 -43.82 23.12
N7 ANP M . -9.22 -42.76 23.13
C5 ANP M . -10.04 -42.94 24.23
C6 ANP M . -11.07 -42.15 24.79
N6 ANP M . -11.46 -40.98 24.29
N1 ANP M . -11.68 -42.62 25.90
C2 ANP M . -11.28 -43.79 26.41
N3 ANP M . -10.33 -44.62 25.97
C4 ANP M . -9.74 -44.13 24.87
MG MG N . -3.97 -45.55 16.55
PG ANP O . 66.20 12.61 -17.37
O1G ANP O . 64.85 12.19 -17.86
O2G ANP O . 67.10 12.96 -18.61
O3G ANP O . 66.04 13.89 -16.47
PB ANP O . 67.89 11.81 -15.26
O1B ANP O . 69.04 12.57 -15.81
O2B ANP O . 67.11 12.79 -14.31
N3B ANP O . 66.86 11.31 -16.48
PA ANP O . 68.33 9.11 -15.04
O1A ANP O . 67.18 8.96 -15.98
O2A ANP O . 68.28 8.18 -13.85
O3A ANP O . 68.41 10.59 -14.44
O5' ANP O . 69.64 8.75 -15.83
C5' ANP O . 69.81 9.20 -17.15
C4' ANP O . 71.00 8.48 -17.75
O4' ANP O . 70.98 7.09 -17.34
C3' ANP O . 70.97 8.48 -19.27
O3' ANP O . 72.28 8.57 -19.82
C2' ANP O . 70.29 7.15 -19.59
O2' ANP O . 70.68 6.66 -20.87
C1' ANP O . 70.86 6.27 -18.49
N9 ANP O . 70.05 5.10 -18.17
C8 ANP O . 68.86 5.07 -17.48
N7 ANP O . 68.33 3.89 -17.39
C5 ANP O . 69.18 3.08 -18.14
C6 ANP O . 69.15 1.71 -18.47
N6 ANP O . 68.20 0.87 -18.05
N1 ANP O . 70.16 1.23 -19.24
C2 ANP O . 71.10 2.08 -19.66
N3 ANP O . 71.24 3.38 -19.42
C4 ANP O . 70.22 3.83 -18.65
MG MG P . 64.65 10.80 -15.15
PG ANP Q . 47.72 18.20 -20.97
O1G ANP Q . 47.92 16.79 -21.41
O2G ANP Q . 48.78 19.15 -21.66
O3G ANP Q . 47.93 18.28 -19.40
PB ANP Q . 45.88 19.22 -22.88
O1B ANP Q . 47.11 19.07 -23.71
O2B ANP Q . 45.58 20.74 -22.82
N3B ANP Q . 46.14 18.73 -21.30
PA ANP Q . 44.45 17.30 -24.35
O1A ANP Q . 45.49 16.31 -24.00
O2A ANP Q . 44.52 17.75 -25.81
O3A ANP Q . 44.59 18.65 -23.54
O5' ANP Q . 43.00 16.82 -23.97
C5' ANP Q . 42.67 16.62 -22.58
C4' ANP Q . 41.27 16.08 -22.42
O4' ANP Q . 40.89 15.26 -23.56
C3' ANP Q . 41.06 15.21 -21.18
O3' ANP Q . 39.81 15.49 -20.56
C2' ANP Q . 41.13 13.79 -21.74
O2' ANP Q . 40.37 12.87 -20.96
C1' ANP Q . 40.48 13.99 -23.10
N9 ANP Q . 40.83 12.98 -24.10
C8 ANP Q . 42.02 12.82 -24.76
N7 ANP Q . 42.05 11.80 -25.59
C5 ANP Q . 40.80 11.22 -25.42
C6 ANP Q . 40.20 10.08 -26.00
N6 ANP Q . 40.80 9.31 -26.91
N1 ANP Q . 38.94 9.77 -25.63
C2 ANP Q . 38.34 10.54 -24.72
N3 ANP Q . 38.80 11.63 -24.10
C4 ANP Q . 40.04 11.93 -24.50
MG MG R . 48.53 17.25 -23.88
#